data_6Y64
#
_entry.id   6Y64
#
_cell.length_a   129.620
_cell.length_b   81.260
_cell.length_c   146.660
_cell.angle_alpha   90.00
_cell.angle_beta   115.52
_cell.angle_gamma   90.00
#
_symmetry.space_group_name_H-M   'P 1 21 1'
#
loop_
_entity.id
_entity.type
_entity.pdbx_description
1 polymer 'Capsid protein VP1'
2 branched 'N-acetyl-alpha-neuraminic acid-(2-6)-beta-D-galactopyranose'
3 branched 'N-acetyl-alpha-neuraminic acid-(2-6)-beta-D-galactopyranose-(1-4)-2-acetamido-2-deoxy-beta-D-glucopyranose'
4 non-polymer GLYCEROL
5 non-polymer 1,2-ETHANEDIOL
6 non-polymer 'MAGNESIUM ION'
7 non-polymer 'N-acetyl-alpha-neuraminic acid'
8 water water
#
_entity_poly.entity_id   1
_entity_poly.type   'polypeptide(L)'
_entity_poly.pdbx_seq_one_letter_code
;MGSSHHHHHHSSGLVPRGSHMGGIEVLAVRTGPDSITEIEAYLNPRMGQPQNEDFYGFSDNVTVSDDFGSDAPPWKQFPC
YSTARISLPMLNQDMTSDTILMWEAISCRTEVMGVNMLTNVHSAQKRVYENDREGTGIGVEGMGYHMFAIGGEPLELQFM
VFNHRATYPAEATVIKNPGASSQVFDPNLKGTLTADGVFPVEAWGPDPFKNENTRYFGQYTGGTQTPPVLTFTNTQTTIL
LDENGVGPLCKGDGLFLSCADIVGFFTQHNKKMSFRGLPRYFRVTLRKRVVKN
;
_entity_poly.pdbx_strand_id   A,B,C,D,E,F,G,H,I,J
#
loop_
_chem_comp.id
_chem_comp.type
_chem_comp.name
_chem_comp.formula
EDO non-polymer 1,2-ETHANEDIOL 'C2 H6 O2'
GAL D-saccharide, beta linking beta-D-galactopyranose 'C6 H12 O6'
GOL non-polymer GLYCEROL 'C3 H8 O3'
MG non-polymer 'MAGNESIUM ION' 'Mg 2'
NAG D-saccharide, beta linking 2-acetamido-2-deoxy-beta-D-glucopyranose 'C8 H15 N O6'
SIA D-saccharide, alpha linking 'N-acetyl-alpha-neuraminic acid' 'C11 H19 N O9'
#
# COMPACT_ATOMS: atom_id res chain seq x y z
N ILE A 36 17.84 15.83 16.24
CA ILE A 36 18.15 16.64 15.01
C ILE A 36 18.50 18.07 15.44
N THR A 37 19.39 18.73 14.69
CA THR A 37 19.76 20.16 14.85
C THR A 37 19.39 20.88 13.55
N GLU A 38 18.86 22.11 13.65
CA GLU A 38 18.50 22.89 12.43
C GLU A 38 19.42 24.11 12.39
N ILE A 39 19.95 24.44 11.21
CA ILE A 39 20.66 25.74 11.07
C ILE A 39 19.90 26.54 10.03
N GLU A 40 19.88 27.85 10.20
CA GLU A 40 19.32 28.81 9.23
C GLU A 40 20.45 29.74 8.82
N ALA A 41 20.52 30.10 7.55
CA ALA A 41 21.58 30.96 7.03
C ALA A 41 21.05 31.70 5.81
N TYR A 42 21.72 32.78 5.42
CA TYR A 42 21.42 33.45 4.14
C TYR A 42 22.71 33.61 3.34
N LEU A 43 22.54 33.73 2.03
CA LEU A 43 23.62 34.21 1.14
C LEU A 43 23.10 35.42 0.38
N ASN A 44 23.77 36.56 0.54
CA ASN A 44 23.52 37.75 -0.29
C ASN A 44 24.13 37.54 -1.67
N PRO A 45 23.48 38.09 -2.69
CA PRO A 45 23.97 37.99 -4.05
C PRO A 45 25.28 38.77 -4.23
N ARG A 46 26.06 38.36 -5.23
CA ARG A 46 27.33 39.04 -5.60
C ARG A 46 27.26 39.38 -7.09
N MET A 47 26.42 40.35 -7.44
CA MET A 47 26.15 40.71 -8.85
C MET A 47 27.24 41.63 -9.41
N GLY A 48 28.04 42.27 -8.55
CA GLY A 48 29.24 43.00 -8.99
C GLY A 48 29.48 44.29 -8.25
N GLN A 49 28.45 45.08 -7.96
CA GLN A 49 28.65 46.37 -7.25
C GLN A 49 28.95 46.08 -5.77
N PRO A 50 29.79 46.90 -5.12
CA PRO A 50 30.18 46.66 -3.74
C PRO A 50 29.06 46.73 -2.70
N GLN A 51 29.28 45.99 -1.61
CA GLN A 51 28.39 45.98 -0.43
C GLN A 51 28.32 47.39 0.16
N ASN A 52 27.21 47.73 0.80
CA ASN A 52 27.11 48.93 1.68
C ASN A 52 27.17 50.20 0.83
N GLU A 53 27.01 50.10 -0.49
CA GLU A 53 26.96 51.27 -1.41
C GLU A 53 25.67 51.20 -2.22
N ASP A 54 25.37 52.25 -2.99
CA ASP A 54 23.98 52.54 -3.44
C ASP A 54 23.48 51.47 -4.41
N PHE A 55 24.35 50.69 -5.05
CA PHE A 55 23.91 49.71 -6.09
C PHE A 55 24.16 48.28 -5.62
N TYR A 56 24.26 48.08 -4.32
CA TYR A 56 24.38 46.73 -3.72
C TYR A 56 23.17 45.89 -4.18
N GLY A 57 23.45 44.74 -4.75
CA GLY A 57 22.43 43.87 -5.33
C GLY A 57 22.43 43.91 -6.85
N PHE A 58 23.12 44.88 -7.44
CA PHE A 58 23.17 45.09 -8.91
C PHE A 58 24.62 44.85 -9.38
N SER A 59 24.77 44.54 -10.67
CA SER A 59 26.06 44.71 -11.36
C SER A 59 26.20 46.18 -11.75
N ASP A 60 27.41 46.56 -12.15
CA ASP A 60 27.60 47.79 -12.95
C ASP A 60 26.96 47.59 -14.32
N ASN A 61 26.74 48.68 -15.04
CA ASN A 61 26.11 48.63 -16.38
C ASN A 61 26.95 47.75 -17.29
N VAL A 62 26.31 46.88 -18.04
CA VAL A 62 27.04 45.87 -18.84
C VAL A 62 27.52 46.50 -20.15
N THR A 63 28.78 46.31 -20.50
CA THR A 63 29.34 46.68 -21.81
C THR A 63 29.56 45.41 -22.62
N VAL A 64 29.46 45.52 -23.93
CA VAL A 64 29.55 44.35 -24.82
C VAL A 64 30.72 44.54 -25.79
N SER A 65 31.53 43.50 -25.96
CA SER A 65 32.70 43.54 -26.86
C SER A 65 32.24 43.46 -28.32
N ASP A 66 33.11 43.89 -29.23
CA ASP A 66 32.85 43.84 -30.68
C ASP A 66 33.25 42.47 -31.22
N ASP A 67 34.17 41.77 -30.56
CA ASP A 67 34.78 40.52 -31.08
C ASP A 67 35.21 39.65 -29.90
N PHE A 68 35.20 38.33 -30.08
CA PHE A 68 35.74 37.36 -29.10
C PHE A 68 37.22 37.65 -28.82
N GLY A 69 37.93 38.23 -29.79
CA GLY A 69 39.37 38.49 -29.65
C GLY A 69 39.68 39.78 -28.88
N SER A 70 38.67 40.59 -28.59
N SER A 70 38.68 40.59 -28.55
CA SER A 70 38.81 41.87 -27.83
CA SER A 70 38.82 41.86 -27.80
C SER A 70 37.71 41.91 -26.77
C SER A 70 37.76 41.95 -26.71
N ASP A 71 37.72 40.93 -25.86
CA ASP A 71 36.62 40.69 -24.91
C ASP A 71 37.20 40.66 -23.50
N ALA A 72 36.97 41.69 -22.72
CA ALA A 72 37.48 41.80 -21.34
C ALA A 72 36.40 42.42 -20.46
N PRO A 73 35.52 41.60 -19.85
CA PRO A 73 34.44 42.15 -19.05
C PRO A 73 35.03 42.77 -17.80
N PRO A 74 34.85 44.09 -17.59
CA PRO A 74 35.45 44.74 -16.42
C PRO A 74 34.87 44.21 -15.12
N TRP A 75 35.70 44.23 -14.08
CA TRP A 75 35.25 43.94 -12.71
C TRP A 75 34.02 44.81 -12.39
N LYS A 76 33.03 44.18 -11.74
CA LYS A 76 31.72 44.74 -11.30
C LYS A 76 30.64 44.51 -12.36
N GLN A 77 30.99 44.14 -13.60
CA GLN A 77 29.97 44.06 -14.68
C GLN A 77 29.39 42.66 -14.79
N PHE A 78 29.85 41.70 -13.99
CA PHE A 78 29.32 40.31 -14.09
C PHE A 78 29.14 39.72 -12.69
N PRO A 79 28.14 38.82 -12.56
CA PRO A 79 27.89 38.15 -11.30
C PRO A 79 28.87 37.01 -10.97
N CYS A 80 29.10 36.83 -9.68
CA CYS A 80 29.91 35.74 -9.12
C CYS A 80 29.05 34.90 -8.18
N TYR A 81 29.49 33.69 -7.90
CA TYR A 81 28.83 32.79 -6.93
C TYR A 81 28.95 33.34 -5.52
N SER A 82 27.91 33.13 -4.72
CA SER A 82 27.91 33.29 -3.26
C SER A 82 28.24 31.95 -2.60
N THR A 83 28.96 31.97 -1.50
CA THR A 83 29.24 30.75 -0.71
C THR A 83 29.55 31.15 0.74
N ALA A 84 29.20 30.26 1.66
CA ALA A 84 29.56 30.37 3.08
C ALA A 84 29.75 28.97 3.65
N ARG A 85 30.68 28.85 4.59
CA ARG A 85 30.83 27.68 5.44
C ARG A 85 30.21 27.98 6.80
N ILE A 86 29.26 27.17 7.21
CA ILE A 86 28.62 27.27 8.54
C ILE A 86 29.37 26.35 9.50
N SER A 87 29.84 26.88 10.62
CA SER A 87 30.47 26.11 11.72
C SER A 87 29.38 25.37 12.52
N LEU A 88 29.40 24.05 12.47
CA LEU A 88 28.46 23.19 13.23
C LEU A 88 29.06 22.92 14.61
N PRO A 89 28.22 22.53 15.59
CA PRO A 89 28.74 22.18 16.92
C PRO A 89 29.86 21.14 16.77
N MET A 90 30.98 21.34 17.45
CA MET A 90 32.14 20.43 17.40
C MET A 90 31.71 19.04 17.88
N LEU A 91 32.04 18.01 17.11
CA LEU A 91 31.87 16.59 17.53
C LEU A 91 33.24 16.07 17.97
N ASN A 92 33.48 15.98 19.28
CA ASN A 92 34.76 15.49 19.87
C ASN A 92 34.85 13.99 19.59
N GLN A 93 35.94 13.54 18.96
CA GLN A 93 36.15 12.12 18.54
C GLN A 93 37.05 11.43 19.57
N ASP A 94 36.60 10.28 20.09
CA ASP A 94 37.29 9.49 21.14
C ASP A 94 38.39 8.64 20.50
N MET A 95 38.07 7.99 19.38
CA MET A 95 38.86 6.88 18.78
C MET A 95 38.91 5.71 19.78
N THR A 96 37.97 5.66 20.73
CA THR A 96 37.78 4.57 21.73
C THR A 96 36.96 3.45 21.10
N SER A 97 36.32 3.74 19.96
CA SER A 97 35.55 2.80 19.10
C SER A 97 36.05 2.88 17.66
N ASP A 98 35.59 1.96 16.80
CA ASP A 98 36.00 1.82 15.38
C ASP A 98 35.20 2.75 14.45
N THR A 99 34.37 3.65 15.00
CA THR A 99 33.53 4.59 14.18
C THR A 99 33.65 6.03 14.71
N ILE A 100 33.33 7.00 13.85
CA ILE A 100 33.33 8.44 14.22
C ILE A 100 31.93 8.99 13.96
N LEU A 101 31.64 10.17 14.53
CA LEU A 101 30.37 10.90 14.33
C LEU A 101 30.59 12.02 13.33
N MET A 102 29.68 12.17 12.38
CA MET A 102 29.65 13.36 11.50
C MET A 102 28.22 13.89 11.48
N TRP A 103 28.08 15.20 11.34
CA TRP A 103 26.77 15.82 11.04
C TRP A 103 26.38 15.43 9.62
N GLU A 104 25.16 14.95 9.46
CA GLU A 104 24.59 14.53 8.17
C GLU A 104 23.44 15.49 7.83
N ALA A 105 23.52 16.17 6.70
CA ALA A 105 22.40 17.01 6.21
C ALA A 105 21.33 16.10 5.60
N ILE A 106 20.16 15.97 6.24
CA ILE A 106 19.10 15.04 5.76
C ILE A 106 18.04 15.75 4.91
N SER A 107 17.88 17.04 5.06
CA SER A 107 16.84 17.77 4.31
C SER A 107 17.08 19.26 4.45
N CYS A 108 16.43 20.02 3.60
CA CYS A 108 16.59 21.49 3.67
C CYS A 108 15.29 22.14 3.18
N ARG A 109 15.13 23.38 3.53
CA ARG A 109 14.22 24.31 2.82
C ARG A 109 15.11 25.45 2.33
N THR A 110 14.81 25.92 1.15
CA THR A 110 15.50 27.11 0.61
C THR A 110 14.47 27.97 -0.09
N GLU A 111 14.63 29.27 0.03
CA GLU A 111 13.69 30.28 -0.51
C GLU A 111 14.52 31.43 -1.08
N VAL A 112 14.17 31.93 -2.25
CA VAL A 112 14.66 33.26 -2.71
C VAL A 112 13.90 34.33 -1.92
N MET A 113 14.61 35.21 -1.22
CA MET A 113 13.99 36.28 -0.42
C MET A 113 13.91 37.56 -1.24
N GLY A 114 12.97 38.45 -0.88
CA GLY A 114 12.85 39.78 -1.49
C GLY A 114 12.16 39.74 -2.84
N VAL A 115 11.47 38.64 -3.17
CA VAL A 115 10.71 38.57 -4.44
C VAL A 115 9.73 39.75 -4.51
N ASN A 116 9.21 40.15 -3.35
CA ASN A 116 8.27 41.28 -3.22
C ASN A 116 8.82 42.52 -3.93
N MET A 117 10.15 42.74 -3.94
CA MET A 117 10.68 44.05 -4.39
C MET A 117 10.47 44.22 -5.88
N LEU A 118 10.20 43.12 -6.60
CA LEU A 118 10.09 43.13 -8.06
C LEU A 118 8.73 43.70 -8.48
N THR A 119 7.87 44.06 -7.53
CA THR A 119 6.62 44.79 -7.82
C THR A 119 6.86 46.29 -7.96
N ASN A 120 8.11 46.72 -7.78
CA ASN A 120 8.52 48.14 -7.96
C ASN A 120 8.68 48.42 -9.46
N VAL A 121 7.80 49.26 -10.00
CA VAL A 121 7.90 49.70 -11.43
C VAL A 121 7.97 51.24 -11.46
N HIS A 122 8.55 51.86 -10.44
CA HIS A 122 8.65 53.35 -10.38
C HIS A 122 10.09 53.84 -10.30
N SER A 123 11.04 53.00 -9.89
CA SER A 123 12.44 53.43 -9.59
C SER A 123 13.31 53.51 -10.85
N ALA A 124 13.36 54.70 -11.46
CA ALA A 124 14.34 55.05 -12.51
C ALA A 124 14.44 53.97 -13.58
N GLN A 125 13.32 53.44 -14.06
CA GLN A 125 13.30 52.34 -15.06
C GLN A 125 12.91 52.90 -16.42
N LYS A 126 13.49 52.38 -17.49
CA LYS A 126 12.91 52.53 -18.85
C LYS A 126 11.41 52.20 -18.77
N ARG A 127 10.56 53.05 -19.34
CA ARG A 127 9.09 52.91 -19.25
C ARG A 127 8.56 52.05 -20.40
N VAL A 128 7.36 51.51 -20.22
CA VAL A 128 6.73 50.64 -21.25
C VAL A 128 6.59 51.44 -22.54
N TYR A 129 6.24 52.72 -22.43
CA TYR A 129 6.10 53.66 -23.58
C TYR A 129 7.16 54.76 -23.43
N GLU A 130 8.45 54.37 -23.48
CA GLU A 130 9.62 55.22 -23.07
C GLU A 130 9.75 56.38 -24.07
N ASN A 131 9.58 56.13 -25.38
CA ASN A 131 9.55 57.20 -26.41
C ASN A 131 8.41 58.20 -26.08
N ASP A 132 7.37 57.78 -25.34
CA ASP A 132 6.22 58.65 -24.95
C ASP A 132 6.27 59.11 -23.49
N ARG A 133 7.34 58.80 -22.74
CA ARG A 133 7.49 59.21 -21.31
C ARG A 133 6.25 58.79 -20.53
N GLU A 134 5.71 57.58 -20.79
CA GLU A 134 4.45 57.14 -20.15
C GLU A 134 4.48 55.64 -19.88
N GLY A 135 3.62 55.23 -18.96
CA GLY A 135 3.48 53.84 -18.51
C GLY A 135 4.30 53.54 -17.26
N THR A 136 4.22 52.31 -16.76
CA THR A 136 5.08 51.84 -15.67
C THR A 136 6.51 51.69 -16.17
N GLY A 137 7.46 51.57 -15.25
CA GLY A 137 8.76 50.98 -15.60
C GLY A 137 8.55 49.59 -16.18
N ILE A 138 9.49 49.09 -16.96
CA ILE A 138 9.40 47.70 -17.47
C ILE A 138 9.76 46.69 -16.38
N GLY A 139 10.31 47.15 -15.26
CA GLY A 139 10.76 46.30 -14.15
C GLY A 139 11.96 45.43 -14.56
N VAL A 140 12.21 44.41 -13.79
CA VAL A 140 13.32 43.46 -14.05
C VAL A 140 12.84 42.41 -15.04
N GLU A 141 13.61 42.19 -16.10
CA GLU A 141 13.29 41.11 -17.05
C GLU A 141 14.57 40.60 -17.68
N GLY A 142 14.47 39.43 -18.28
CA GLY A 142 15.59 38.78 -18.98
C GLY A 142 15.92 37.48 -18.28
N MET A 143 17.17 37.07 -18.40
CA MET A 143 17.62 35.73 -17.96
C MET A 143 17.44 35.58 -16.44
N GLY A 144 17.00 34.40 -16.05
CA GLY A 144 17.01 33.91 -14.66
C GLY A 144 18.02 32.79 -14.55
N TYR A 145 18.91 32.88 -13.58
CA TYR A 145 19.83 31.76 -13.25
C TYR A 145 19.75 31.57 -11.75
N HIS A 146 19.18 30.45 -11.33
CA HIS A 146 18.95 30.15 -9.91
C HIS A 146 19.54 28.78 -9.63
N MET A 147 20.54 28.72 -8.78
N MET A 147 20.54 28.75 -8.78
CA MET A 147 21.13 27.43 -8.38
CA MET A 147 21.30 27.53 -8.39
C MET A 147 21.57 27.53 -6.93
C MET A 147 21.50 27.57 -6.88
N PHE A 148 21.43 26.42 -6.22
CA PHE A 148 21.94 26.32 -4.84
C PHE A 148 22.58 24.96 -4.71
N ALA A 149 23.47 24.90 -3.73
CA ALA A 149 24.17 23.65 -3.39
C ALA A 149 24.36 23.60 -1.88
N ILE A 150 24.18 22.41 -1.35
CA ILE A 150 24.38 22.11 0.09
C ILE A 150 25.29 20.90 0.18
N GLY A 151 26.42 21.03 0.86
CA GLY A 151 27.35 19.90 0.96
C GLY A 151 28.17 19.90 2.21
N GLY A 152 28.94 18.82 2.40
CA GLY A 152 29.85 18.63 3.54
C GLY A 152 31.29 18.99 3.19
N GLU A 153 31.48 19.72 2.11
CA GLU A 153 32.79 20.21 1.60
C GLU A 153 32.50 21.21 0.50
N PRO A 154 33.49 22.03 0.09
CA PRO A 154 33.25 23.03 -0.95
C PRO A 154 32.69 22.40 -2.23
N LEU A 155 31.84 23.14 -2.88
CA LEU A 155 31.28 22.76 -4.20
C LEU A 155 32.42 22.54 -5.19
N GLU A 156 32.41 21.42 -5.89
CA GLU A 156 33.42 21.11 -6.93
C GLU A 156 32.93 21.65 -8.25
N LEU A 157 33.82 22.35 -8.96
CA LEU A 157 33.45 23.16 -10.15
C LEU A 157 34.13 22.61 -11.40
N GLN A 158 33.43 22.78 -12.51
CA GLN A 158 33.94 22.58 -13.87
C GLN A 158 34.07 23.97 -14.50
N PHE A 159 35.24 24.31 -15.01
CA PHE A 159 35.43 25.58 -15.75
C PHE A 159 34.83 25.41 -17.13
N MET A 160 33.98 26.35 -17.55
CA MET A 160 33.39 26.33 -18.90
C MET A 160 32.86 27.71 -19.24
N VAL A 161 33.31 28.23 -20.38
CA VAL A 161 33.05 29.63 -20.79
C VAL A 161 32.46 29.65 -22.20
N PHE A 162 31.72 30.70 -22.50
CA PHE A 162 31.13 30.95 -23.83
C PHE A 162 32.24 31.25 -24.86
N ASN A 163 33.23 32.04 -24.46
CA ASN A 163 34.36 32.54 -25.29
C ASN A 163 35.65 32.35 -24.50
N HIS A 164 36.50 31.41 -24.91
CA HIS A 164 37.75 31.08 -24.17
C HIS A 164 38.69 32.29 -24.17
N ARG A 165 38.55 33.22 -25.11
CA ARG A 165 39.53 34.34 -25.24
C ARG A 165 39.10 35.52 -24.37
N ALA A 166 38.00 35.41 -23.63
CA ALA A 166 37.61 36.45 -22.67
C ALA A 166 38.74 36.61 -21.65
N THR A 167 39.16 37.84 -21.41
CA THR A 167 40.15 38.11 -20.35
C THR A 167 39.41 38.62 -19.13
N TYR A 168 39.34 37.79 -18.10
CA TYR A 168 38.68 38.14 -16.83
C TYR A 168 39.60 39.04 -16.04
N PRO A 169 39.03 39.89 -15.19
CA PRO A 169 39.85 40.82 -14.40
C PRO A 169 40.56 40.13 -13.24
N ALA A 170 41.57 40.81 -12.68
CA ALA A 170 42.49 40.29 -11.65
C ALA A 170 41.69 39.89 -10.41
N GLU A 171 40.58 40.59 -10.15
CA GLU A 171 39.75 40.39 -8.93
C GLU A 171 39.07 39.00 -8.98
N ALA A 172 38.87 38.46 -10.17
CA ALA A 172 38.06 37.24 -10.36
C ALA A 172 39.00 36.02 -10.27
N THR A 173 38.46 34.90 -9.81
CA THR A 173 39.17 33.60 -9.82
C THR A 173 38.72 32.81 -11.05
N VAL A 174 39.63 32.59 -11.99
CA VAL A 174 39.37 31.83 -13.23
C VAL A 174 40.61 30.98 -13.52
N ILE A 175 40.51 30.13 -14.51
CA ILE A 175 41.68 29.47 -15.16
C ILE A 175 42.15 30.41 -16.27
N LYS A 176 43.36 30.94 -16.15
CA LYS A 176 43.92 31.87 -17.17
C LYS A 176 44.37 31.08 -18.40
N ASN A 177 44.27 31.69 -19.57
CA ASN A 177 44.67 31.11 -20.88
C ASN A 177 44.13 29.69 -20.95
N PRO A 178 42.80 29.48 -20.80
CA PRO A 178 42.23 28.14 -20.68
C PRO A 178 42.19 27.29 -21.98
N GLY A 179 42.23 27.94 -23.13
CA GLY A 179 42.27 27.26 -24.43
C GLY A 179 40.89 27.00 -24.97
N ALA A 180 40.81 26.62 -26.25
CA ALA A 180 39.56 26.44 -27.02
C ALA A 180 38.68 25.36 -26.37
N SER A 181 39.30 24.37 -25.73
CA SER A 181 38.67 23.19 -25.08
C SER A 181 37.66 23.66 -24.02
N SER A 182 37.89 24.84 -23.42
CA SER A 182 37.12 25.36 -22.26
C SER A 182 35.75 25.88 -22.73
N GLN A 183 35.50 25.95 -24.03
CA GLN A 183 34.19 26.33 -24.60
C GLN A 183 33.25 25.13 -24.49
N VAL A 184 33.81 23.95 -24.27
CA VAL A 184 33.00 22.71 -24.02
C VAL A 184 33.64 21.99 -22.84
N PHE A 185 33.48 20.68 -22.72
CA PHE A 185 34.03 19.95 -21.56
C PHE A 185 35.50 19.61 -21.78
N ASP A 186 36.35 20.01 -20.84
CA ASP A 186 37.78 19.63 -20.76
C ASP A 186 38.03 19.09 -19.36
N PRO A 187 38.35 17.79 -19.22
CA PRO A 187 38.51 17.18 -17.91
C PRO A 187 39.64 17.80 -17.08
N ASN A 188 40.54 18.59 -17.69
CA ASN A 188 41.68 19.19 -16.96
C ASN A 188 41.25 20.45 -16.20
N LEU A 189 40.08 21.01 -16.50
CA LEU A 189 39.74 22.39 -16.07
C LEU A 189 38.78 22.35 -14.88
N LYS A 190 39.33 22.08 -13.70
CA LYS A 190 38.57 21.88 -12.44
C LYS A 190 38.85 23.04 -11.49
N GLY A 191 37.95 23.23 -10.54
CA GLY A 191 38.14 24.16 -9.41
C GLY A 191 37.24 23.75 -8.26
N THR A 192 37.36 24.48 -7.16
CA THR A 192 36.49 24.32 -5.98
C THR A 192 36.08 25.71 -5.51
N LEU A 193 34.84 25.83 -5.07
CA LEU A 193 34.27 27.13 -4.72
C LEU A 193 34.71 27.48 -3.31
N THR A 194 35.86 28.12 -3.20
CA THR A 194 36.54 28.36 -1.91
C THR A 194 36.42 29.81 -1.46
N ALA A 195 35.79 30.68 -2.25
CA ALA A 195 35.68 32.10 -1.88
C ALA A 195 34.39 32.69 -2.42
N ASP A 196 33.82 33.59 -1.63
CA ASP A 196 32.57 34.30 -1.94
C ASP A 196 32.85 35.48 -2.87
N GLY A 197 32.00 35.69 -3.87
CA GLY A 197 31.98 36.92 -4.69
C GLY A 197 33.11 37.03 -5.69
N VAL A 198 33.82 35.95 -6.04
CA VAL A 198 34.99 36.08 -6.96
C VAL A 198 34.99 35.05 -8.09
N PHE A 199 34.22 33.98 -8.01
CA PHE A 199 34.17 32.95 -9.08
C PHE A 199 33.07 33.40 -10.02
N PRO A 200 33.37 33.84 -11.25
CA PRO A 200 32.31 34.27 -12.17
C PRO A 200 31.33 33.13 -12.47
N VAL A 201 30.05 33.46 -12.40
CA VAL A 201 28.97 32.49 -12.76
C VAL A 201 29.22 32.05 -14.20
N GLU A 202 29.59 32.97 -15.10
CA GLU A 202 29.68 32.63 -16.54
C GLU A 202 30.92 31.77 -16.83
N ALA A 203 31.77 31.46 -15.85
CA ALA A 203 33.01 30.69 -16.10
C ALA A 203 33.05 29.37 -15.31
N TRP A 204 32.13 29.16 -14.38
CA TRP A 204 32.17 27.96 -13.51
C TRP A 204 30.77 27.41 -13.32
N GLY A 205 30.67 26.09 -13.31
CA GLY A 205 29.41 25.42 -12.94
C GLY A 205 29.73 24.17 -12.13
N PRO A 206 28.72 23.55 -11.52
CA PRO A 206 28.94 22.35 -10.74
C PRO A 206 29.50 21.23 -11.61
N ASP A 207 30.48 20.50 -11.07
CA ASP A 207 31.12 19.36 -11.76
C ASP A 207 30.36 18.07 -11.47
N PRO A 208 29.64 17.50 -12.46
CA PRO A 208 28.88 16.27 -12.24
C PRO A 208 29.77 15.04 -12.05
N PHE A 209 31.06 15.12 -12.40
CA PHE A 209 32.01 14.01 -12.19
C PHE A 209 32.43 13.96 -10.72
N LYS A 210 32.15 14.98 -9.92
CA LYS A 210 32.51 14.94 -8.48
C LYS A 210 31.25 15.26 -7.67
N ASN A 211 31.40 16.03 -6.60
CA ASN A 211 30.23 16.43 -5.76
C ASN A 211 29.48 15.20 -5.23
N GLU A 212 30.20 14.14 -4.87
CA GLU A 212 29.61 12.97 -4.19
C GLU A 212 28.97 13.40 -2.86
N ASN A 213 29.48 14.46 -2.24
CA ASN A 213 29.12 14.85 -0.85
C ASN A 213 28.42 16.20 -0.85
N THR A 214 27.84 16.56 -2.00
CA THR A 214 27.10 17.83 -2.21
C THR A 214 25.89 17.54 -3.08
N ARG A 215 24.76 18.15 -2.79
CA ARG A 215 23.58 18.13 -3.68
C ARG A 215 23.45 19.52 -4.29
N TYR A 216 23.32 19.60 -5.60
CA TYR A 216 23.14 20.90 -6.30
C TYR A 216 21.94 20.81 -7.24
N PHE A 217 21.30 21.96 -7.40
CA PHE A 217 20.06 22.15 -8.16
C PHE A 217 20.17 23.47 -8.87
N GLY A 218 19.83 23.49 -10.16
CA GLY A 218 19.92 24.74 -10.93
C GLY A 218 18.89 24.82 -12.02
N GLN A 219 18.47 26.04 -12.31
CA GLN A 219 17.59 26.33 -13.45
C GLN A 219 18.03 27.62 -14.14
N TYR A 220 18.06 27.59 -15.46
CA TYR A 220 18.38 28.76 -16.30
C TYR A 220 17.20 28.98 -17.23
N THR A 221 16.71 30.21 -17.29
CA THR A 221 15.78 30.64 -18.36
C THR A 221 16.42 31.86 -18.99
N GLY A 222 16.69 31.83 -20.29
CA GLY A 222 17.43 32.91 -20.95
C GLY A 222 16.52 34.00 -21.47
N GLY A 223 17.06 34.90 -22.31
N GLY A 223 17.05 34.78 -22.40
CA GLY A 223 16.26 35.86 -23.11
CA GLY A 223 16.33 35.90 -23.01
C GLY A 223 15.97 37.16 -22.37
C GLY A 223 16.73 37.20 -22.33
N THR A 224 16.35 38.32 -22.94
CA THR A 224 16.50 39.63 -22.26
C THR A 224 15.13 40.31 -22.00
N GLN A 225 14.02 39.80 -22.57
CA GLN A 225 12.63 40.30 -22.29
C GLN A 225 11.79 39.23 -21.57
N THR A 226 12.39 38.12 -21.17
CA THR A 226 11.68 37.04 -20.44
C THR A 226 11.19 37.57 -19.10
N PRO A 227 9.91 37.33 -18.71
CA PRO A 227 9.49 37.71 -17.36
C PRO A 227 10.12 36.77 -16.34
N PRO A 228 10.64 37.28 -15.21
CA PRO A 228 11.06 36.42 -14.12
C PRO A 228 9.86 35.64 -13.57
N VAL A 229 10.13 34.41 -13.18
CA VAL A 229 9.13 33.55 -12.52
C VAL A 229 9.73 33.01 -11.24
N LEU A 230 9.18 33.39 -10.10
CA LEU A 230 9.74 33.03 -8.79
C LEU A 230 8.61 32.56 -7.89
N THR A 231 8.90 31.58 -7.04
CA THR A 231 7.92 31.12 -6.03
C THR A 231 8.57 31.29 -4.67
N PHE A 232 7.78 31.32 -3.62
CA PHE A 232 8.29 31.40 -2.24
C PHE A 232 7.25 30.82 -1.32
N THR A 233 7.68 29.92 -0.45
CA THR A 233 6.79 29.29 0.55
C THR A 233 7.68 28.75 1.66
N ASN A 234 7.17 28.73 2.88
CA ASN A 234 7.88 28.08 4.02
C ASN A 234 7.39 26.64 4.20
N THR A 235 6.75 26.01 3.20
CA THR A 235 6.13 24.69 3.38
C THR A 235 6.83 23.61 2.54
N GLN A 236 7.88 23.93 1.79
CA GLN A 236 8.48 22.96 0.84
C GLN A 236 9.81 22.44 1.41
N THR A 237 9.95 21.12 1.54
CA THR A 237 11.20 20.48 2.02
C THR A 237 11.84 19.73 0.85
N THR A 238 13.16 19.81 0.75
CA THR A 238 13.99 19.05 -0.21
C THR A 238 14.77 18.01 0.58
N ILE A 239 14.55 16.73 0.31
CA ILE A 239 15.29 15.60 0.95
C ILE A 239 16.69 15.55 0.32
N LEU A 240 17.72 15.36 1.16
CA LEU A 240 19.12 15.45 0.70
C LEU A 240 19.77 14.07 0.73
N LEU A 241 19.03 13.05 1.14
CA LEU A 241 19.53 11.65 1.16
C LEU A 241 19.77 11.20 -0.29
N ASP A 242 20.87 10.48 -0.52
CA ASP A 242 21.25 9.93 -1.85
C ASP A 242 20.52 8.60 -2.03
N GLU A 243 20.86 7.84 -3.08
CA GLU A 243 20.23 6.53 -3.41
C GLU A 243 20.38 5.56 -2.23
N ASN A 244 21.46 5.70 -1.45
CA ASN A 244 21.77 4.80 -0.30
C ASN A 244 21.17 5.31 1.01
N GLY A 245 20.35 6.37 1.02
CA GLY A 245 19.76 6.93 2.24
C GLY A 245 20.77 7.70 3.08
N VAL A 246 21.80 8.25 2.47
CA VAL A 246 22.84 9.05 3.18
C VAL A 246 22.83 10.49 2.65
N GLY A 247 22.80 11.47 3.55
CA GLY A 247 22.91 12.89 3.20
C GLY A 247 24.38 13.32 3.16
N PRO A 248 24.65 14.56 2.71
CA PRO A 248 25.98 15.12 2.82
C PRO A 248 26.52 15.02 4.25
N LEU A 249 27.77 14.58 4.40
CA LEU A 249 28.48 14.39 5.68
C LEU A 249 29.48 15.54 5.86
N CYS A 250 29.36 16.29 6.94
CA CYS A 250 30.04 17.60 7.07
C CYS A 250 31.47 17.39 7.57
N LYS A 251 32.43 17.43 6.66
CA LYS A 251 33.86 17.21 7.00
C LYS A 251 34.35 18.41 7.82
N GLY A 252 35.07 18.12 8.90
CA GLY A 252 35.53 19.13 9.87
C GLY A 252 34.40 19.95 10.46
N ASP A 253 33.18 19.39 10.53
CA ASP A 253 31.98 19.99 11.17
C ASP A 253 31.64 21.30 10.44
N GLY A 254 31.85 21.31 9.12
CA GLY A 254 31.51 22.46 8.28
C GLY A 254 30.38 22.12 7.33
N LEU A 255 29.40 23.01 7.24
CA LEU A 255 28.28 22.87 6.27
C LEU A 255 28.47 23.92 5.19
N PHE A 256 28.54 23.51 3.92
CA PHE A 256 28.89 24.42 2.80
C PHE A 256 27.64 24.76 2.00
N LEU A 257 27.36 26.06 1.92
CA LEU A 257 26.17 26.58 1.20
C LEU A 257 26.69 27.42 0.04
N SER A 258 26.13 27.23 -1.13
CA SER A 258 26.53 27.98 -2.35
C SER A 258 25.29 28.32 -3.16
N CYS A 259 25.29 29.44 -3.84
CA CYS A 259 24.15 29.80 -4.73
C CYS A 259 24.54 30.91 -5.70
N ALA A 260 23.70 31.05 -6.70
CA ALA A 260 23.62 32.24 -7.57
C ALA A 260 22.15 32.42 -7.87
N ASP A 261 21.67 33.65 -7.74
CA ASP A 261 20.24 33.99 -7.96
C ASP A 261 20.16 35.27 -8.77
N ILE A 262 20.46 35.16 -10.06
CA ILE A 262 20.30 36.25 -11.04
C ILE A 262 18.81 36.28 -11.38
N VAL A 263 18.14 37.39 -11.10
CA VAL A 263 16.70 37.53 -11.37
C VAL A 263 16.47 38.06 -12.78
N GLY A 264 17.34 38.88 -13.32
CA GLY A 264 17.10 39.50 -14.62
C GLY A 264 17.91 40.77 -14.70
N PHE A 265 17.54 41.64 -15.61
CA PHE A 265 18.25 42.92 -15.84
C PHE A 265 17.37 44.08 -15.42
N PHE A 266 18.03 45.11 -14.87
CA PHE A 266 17.47 46.45 -14.65
C PHE A 266 17.86 47.32 -15.85
N THR A 267 16.89 47.97 -16.47
CA THR A 267 17.11 48.86 -17.64
C THR A 267 16.80 50.30 -17.21
N GLN A 268 17.82 51.14 -17.30
CA GLN A 268 17.70 52.61 -17.05
C GLN A 268 16.99 53.30 -18.23
N HIS A 269 16.60 54.56 -18.03
CA HIS A 269 15.95 55.38 -19.10
C HIS A 269 16.88 55.47 -20.32
N ASN A 270 18.19 55.52 -20.11
CA ASN A 270 19.18 55.68 -21.20
C ASN A 270 19.56 54.32 -21.80
N LYS A 271 18.83 53.25 -21.42
CA LYS A 271 18.92 51.88 -21.99
C LYS A 271 20.14 51.10 -21.45
N LYS A 272 20.91 51.65 -20.51
CA LYS A 272 21.99 50.86 -19.86
C LYS A 272 21.35 49.78 -18.98
N MET A 273 21.96 48.61 -18.94
CA MET A 273 21.36 47.41 -18.31
C MET A 273 22.34 46.84 -17.32
N SER A 274 21.82 46.33 -16.21
CA SER A 274 22.64 45.75 -15.15
C SER A 274 21.93 44.52 -14.61
N PHE A 275 22.71 43.54 -14.17
CA PHE A 275 22.19 42.37 -13.44
C PHE A 275 21.56 42.82 -12.11
N ARG A 276 20.45 42.18 -11.74
CA ARG A 276 19.85 42.29 -10.40
C ARG A 276 19.76 40.89 -9.80
N GLY A 277 20.21 40.78 -8.57
CA GLY A 277 20.22 39.53 -7.79
C GLY A 277 19.36 39.64 -6.56
N LEU A 278 18.98 38.49 -6.02
CA LEU A 278 18.28 38.41 -4.72
C LEU A 278 19.01 37.44 -3.80
N PRO A 279 18.86 37.67 -2.49
CA PRO A 279 19.42 36.80 -1.48
C PRO A 279 18.62 35.50 -1.34
N ARG A 280 19.27 34.49 -0.81
CA ARG A 280 18.67 33.15 -0.62
C ARG A 280 18.78 32.73 0.84
N TYR A 281 17.67 32.20 1.33
CA TYR A 281 17.52 31.59 2.66
C TYR A 281 17.77 30.09 2.58
N PHE A 282 18.45 29.57 3.60
CA PHE A 282 18.66 28.13 3.81
C PHE A 282 18.23 27.73 5.21
N ARG A 283 17.47 26.66 5.30
CA ARG A 283 17.24 25.94 6.56
C ARG A 283 17.74 24.52 6.32
N VAL A 284 18.73 24.07 7.08
CA VAL A 284 19.24 22.68 6.88
C VAL A 284 19.03 21.91 8.17
N THR A 285 18.45 20.72 8.03
CA THR A 285 18.21 19.80 9.17
C THR A 285 19.34 18.78 9.16
N LEU A 286 20.03 18.64 10.27
CA LEU A 286 21.18 17.71 10.37
C LEU A 286 20.94 16.74 11.53
N ARG A 287 21.51 15.55 11.41
CA ARG A 287 21.55 14.59 12.55
C ARG A 287 22.99 14.10 12.69
N LYS A 288 23.36 13.68 13.90
CA LYS A 288 24.67 13.04 14.15
C LYS A 288 24.58 11.63 13.58
N ARG A 289 25.50 11.27 12.68
CA ARG A 289 25.52 9.92 12.08
C ARG A 289 26.82 9.21 12.47
N VAL A 290 26.72 7.93 12.83
CA VAL A 290 27.90 7.04 13.02
C VAL A 290 28.43 6.67 11.63
N VAL A 291 29.69 6.97 11.36
CA VAL A 291 30.39 6.70 10.07
C VAL A 291 31.53 5.69 10.30
N LYS A 292 31.69 4.72 9.39
CA LYS A 292 32.77 3.69 9.41
C LYS A 292 34.11 4.36 9.12
N ILE B 36 -15.04 19.84 13.95
CA ILE B 36 -14.25 20.99 13.37
C ILE B 36 -15.14 22.24 13.32
N THR B 37 -14.53 23.42 13.26
CA THR B 37 -15.20 24.69 12.92
C THR B 37 -14.62 25.18 11.60
N GLU B 38 -15.46 25.71 10.71
CA GLU B 38 -15.02 26.31 9.42
C GLU B 38 -15.22 27.83 9.51
N ILE B 39 -14.22 28.58 9.06
CA ILE B 39 -14.30 30.04 8.89
C ILE B 39 -14.22 30.33 7.40
N GLU B 40 -15.09 31.21 6.89
CA GLU B 40 -14.99 31.71 5.51
C GLU B 40 -14.83 33.24 5.59
N ALA B 41 -13.83 33.78 4.90
CA ALA B 41 -13.55 35.22 4.94
C ALA B 41 -13.04 35.67 3.58
N TYR B 42 -13.12 36.97 3.33
CA TYR B 42 -12.52 37.56 2.12
C TYR B 42 -11.50 38.60 2.57
N LEU B 43 -10.58 38.89 1.66
CA LEU B 43 -9.75 40.11 1.74
C LEU B 43 -9.82 40.83 0.40
N ASN B 44 -10.25 42.09 0.43
CA ASN B 44 -10.20 42.92 -0.77
C ASN B 44 -8.78 43.40 -1.00
N PRO B 45 -8.42 43.66 -2.25
CA PRO B 45 -7.07 44.13 -2.57
C PRO B 45 -6.91 45.59 -2.12
N ARG B 46 -5.66 45.99 -1.94
CA ARG B 46 -5.26 47.35 -1.54
C ARG B 46 -4.26 47.87 -2.57
N MET B 47 -4.73 48.11 -3.78
CA MET B 47 -3.87 48.49 -4.94
C MET B 47 -3.49 49.98 -4.90
N GLY B 48 -4.20 50.81 -4.11
CA GLY B 48 -3.83 52.23 -3.88
C GLY B 48 -5.03 53.17 -3.87
N GLN B 49 -5.99 53.04 -4.78
CA GLN B 49 -7.19 53.92 -4.77
C GLN B 49 -8.11 53.54 -3.61
N PRO B 50 -8.62 54.50 -2.83
CA PRO B 50 -9.47 54.20 -1.69
C PRO B 50 -10.81 53.56 -2.06
N GLN B 51 -11.40 52.89 -1.07
CA GLN B 51 -12.63 52.07 -1.17
C GLN B 51 -13.79 52.91 -1.73
N ASN B 52 -13.83 54.22 -1.48
CA ASN B 52 -14.99 55.08 -1.87
C ASN B 52 -14.93 55.48 -3.35
N GLU B 53 -13.76 55.37 -4.00
CA GLU B 53 -13.52 56.03 -5.29
C GLU B 53 -13.86 55.10 -6.46
N ASP B 54 -14.08 55.71 -7.62
CA ASP B 54 -14.57 54.98 -8.83
C ASP B 54 -13.54 53.95 -9.27
N PHE B 55 -12.28 54.10 -8.88
CA PHE B 55 -11.19 53.19 -9.32
C PHE B 55 -10.76 52.29 -8.17
N TYR B 56 -11.67 51.99 -7.25
CA TYR B 56 -11.43 50.95 -6.21
C TYR B 56 -11.05 49.63 -6.90
N GLY B 57 -9.98 48.98 -6.44
CA GLY B 57 -9.45 47.79 -7.12
C GLY B 57 -8.22 48.09 -7.97
N PHE B 58 -7.97 49.38 -8.24
CA PHE B 58 -6.85 49.86 -9.07
C PHE B 58 -5.91 50.70 -8.20
N SER B 59 -4.68 50.86 -8.64
CA SER B 59 -3.78 51.94 -8.16
C SER B 59 -4.15 53.21 -8.93
N ASP B 60 -3.65 54.34 -8.45
CA ASP B 60 -3.57 55.57 -9.26
C ASP B 60 -2.56 55.30 -10.38
N ASN B 61 -2.55 56.11 -11.42
CA ASN B 61 -1.61 55.97 -12.55
C ASN B 61 -0.18 56.11 -12.02
N VAL B 62 0.67 55.18 -12.45
CA VAL B 62 2.06 55.04 -11.96
C VAL B 62 2.96 56.09 -12.61
N THR B 63 3.68 56.85 -11.79
CA THR B 63 4.76 57.74 -12.25
C THR B 63 6.09 57.02 -12.04
N VAL B 64 7.08 57.42 -12.81
CA VAL B 64 8.42 56.81 -12.76
C VAL B 64 9.45 57.92 -12.55
N SER B 65 10.37 57.70 -11.64
CA SER B 65 11.45 58.66 -11.31
C SER B 65 12.53 58.64 -12.42
N ASP B 66 13.36 59.69 -12.51
CA ASP B 66 14.48 59.75 -13.48
C ASP B 66 15.73 59.10 -12.89
N ASP B 67 15.83 59.01 -11.56
CA ASP B 67 17.07 58.59 -10.86
C ASP B 67 16.69 57.93 -9.53
N PHE B 68 17.50 57.02 -9.02
CA PHE B 68 17.28 56.39 -7.70
C PHE B 68 17.35 57.46 -6.60
N GLY B 69 18.09 58.55 -6.82
CA GLY B 69 18.28 59.58 -5.78
C GLY B 69 17.12 60.58 -5.73
N SER B 70 16.20 60.53 -6.67
CA SER B 70 15.04 61.45 -6.74
C SER B 70 13.78 60.61 -6.96
N ASP B 71 13.60 59.59 -6.14
CA ASP B 71 12.54 58.56 -6.33
C ASP B 71 11.59 58.63 -5.14
N ALA B 72 10.32 58.94 -5.38
CA ALA B 72 9.33 59.11 -4.31
C ALA B 72 7.99 58.66 -4.89
N PRO B 73 7.61 57.39 -4.72
CA PRO B 73 6.35 56.92 -5.27
C PRO B 73 5.22 57.57 -4.47
N PRO B 74 4.36 58.38 -5.12
CA PRO B 74 3.27 59.01 -4.39
C PRO B 74 2.27 57.99 -3.84
N TRP B 75 1.69 58.31 -2.70
CA TRP B 75 0.56 57.53 -2.12
C TRP B 75 -0.50 57.28 -3.19
N LYS B 76 -0.99 56.02 -3.23
CA LYS B 76 -2.05 55.49 -4.13
C LYS B 76 -1.43 54.88 -5.38
N GLN B 77 -0.15 55.08 -5.66
CA GLN B 77 0.45 54.59 -6.94
C GLN B 77 1.09 53.22 -6.76
N PHE B 78 0.99 52.61 -5.58
CA PHE B 78 1.60 51.28 -5.36
C PHE B 78 0.72 50.44 -4.46
N PRO B 79 0.72 49.11 -4.68
CA PRO B 79 -0.06 48.20 -3.86
C PRO B 79 0.55 47.96 -2.48
N CYS B 80 -0.34 47.68 -1.54
CA CYS B 80 -0.01 47.31 -0.13
C CYS B 80 -0.64 45.96 0.16
N TYR B 81 -0.12 45.27 1.16
CA TYR B 81 -0.69 43.99 1.62
C TYR B 81 -2.07 44.21 2.23
N SER B 82 -2.93 43.21 2.05
CA SER B 82 -4.21 43.05 2.75
C SER B 82 -4.04 42.12 3.96
N THR B 83 -4.70 42.42 5.07
CA THR B 83 -4.65 41.54 6.25
C THR B 83 -5.93 41.73 7.07
N ALA B 84 -6.32 40.67 7.75
CA ALA B 84 -7.38 40.70 8.77
C ALA B 84 -7.11 39.66 9.85
N ARG B 85 -7.60 39.97 11.05
CA ARG B 85 -7.61 39.04 12.19
C ARG B 85 -9.05 38.60 12.38
N ILE B 86 -9.32 37.31 12.32
CA ILE B 86 -10.67 36.74 12.59
C ILE B 86 -10.70 36.36 14.07
N SER B 87 -11.61 36.94 14.86
CA SER B 87 -11.90 36.51 16.25
C SER B 87 -12.52 35.13 16.18
N LEU B 88 -11.96 34.16 16.88
CA LEU B 88 -12.56 32.80 16.97
C LEU B 88 -13.28 32.69 18.31
N PRO B 89 -14.18 31.69 18.45
CA PRO B 89 -14.89 31.50 19.71
C PRO B 89 -13.90 31.33 20.87
N MET B 90 -14.16 32.04 21.97
CA MET B 90 -13.41 31.94 23.24
C MET B 90 -13.38 30.48 23.67
N LEU B 91 -12.22 29.91 24.02
CA LEU B 91 -12.09 28.48 24.40
C LEU B 91 -11.84 28.33 25.91
N ASN B 92 -11.42 29.42 26.58
CA ASN B 92 -10.97 29.44 27.98
C ASN B 92 -11.54 30.68 28.69
N THR B 99 -5.63 22.53 31.92
CA THR B 99 -5.97 22.27 30.50
C THR B 99 -6.28 23.59 29.78
N ILE B 100 -5.46 23.98 28.80
CA ILE B 100 -5.72 25.12 27.88
C ILE B 100 -5.97 24.58 26.46
N LEU B 101 -7.06 25.00 25.83
CA LEU B 101 -7.38 24.69 24.41
C LEU B 101 -6.92 25.85 23.51
N MET B 102 -6.44 25.55 22.31
CA MET B 102 -6.21 26.56 21.24
C MET B 102 -6.85 26.03 19.96
N TRP B 103 -7.35 26.93 19.12
CA TRP B 103 -7.78 26.61 17.74
C TRP B 103 -6.54 26.32 16.90
N GLU B 104 -6.58 25.21 16.20
CA GLU B 104 -5.52 24.72 15.29
C GLU B 104 -6.09 24.73 13.88
N ALA B 105 -5.47 25.49 12.98
CA ALA B 105 -5.84 25.52 11.54
C ALA B 105 -5.22 24.30 10.89
N ILE B 106 -6.02 23.33 10.47
CA ILE B 106 -5.51 22.04 9.96
C ILE B 106 -5.46 22.06 8.43
N SER B 107 -6.32 22.86 7.80
CA SER B 107 -6.38 22.91 6.33
C SER B 107 -7.09 24.18 5.89
N CYS B 108 -6.98 24.48 4.62
CA CYS B 108 -7.64 25.66 4.04
C CYS B 108 -7.97 25.39 2.58
N ARG B 109 -8.86 26.22 2.06
CA ARG B 109 -9.05 26.42 0.63
C ARG B 109 -8.93 27.92 0.43
N THR B 110 -8.36 28.32 -0.67
CA THR B 110 -8.30 29.75 -1.02
C THR B 110 -8.50 29.88 -2.53
N GLU B 111 -9.18 30.94 -2.93
CA GLU B 111 -9.53 31.20 -4.34
C GLU B 111 -9.37 32.70 -4.59
N VAL B 112 -8.83 33.05 -5.74
CA VAL B 112 -8.91 34.45 -6.22
C VAL B 112 -10.30 34.60 -6.82
N MET B 113 -11.02 35.63 -6.41
CA MET B 113 -12.41 35.87 -6.87
C MET B 113 -12.39 36.93 -7.97
N GLY B 114 -13.38 36.89 -8.84
CA GLY B 114 -13.60 37.92 -9.87
C GLY B 114 -12.69 37.73 -11.07
N VAL B 115 -12.12 36.54 -11.26
CA VAL B 115 -11.34 36.27 -12.50
C VAL B 115 -12.19 36.57 -13.73
N ASN B 116 -13.49 36.29 -13.65
CA ASN B 116 -14.46 36.52 -14.74
C ASN B 116 -14.35 37.94 -15.29
N MET B 117 -14.02 38.93 -14.46
CA MET B 117 -14.05 40.35 -14.91
C MET B 117 -12.99 40.63 -15.98
N LEU B 118 -11.95 39.80 -16.05
CA LEU B 118 -10.81 40.04 -16.96
C LEU B 118 -11.20 39.70 -18.40
N THR B 119 -12.41 39.22 -18.63
CA THR B 119 -12.95 38.99 -19.99
C THR B 119 -13.53 40.30 -20.55
N ASN B 120 -13.46 41.37 -19.78
CA ASN B 120 -13.91 42.72 -20.25
C ASN B 120 -12.78 43.34 -21.09
N VAL B 121 -13.00 43.53 -22.39
CA VAL B 121 -12.03 44.25 -23.27
C VAL B 121 -12.73 45.42 -23.96
N HIS B 122 -13.78 45.98 -23.33
CA HIS B 122 -14.52 47.16 -23.86
C HIS B 122 -14.29 48.42 -23.01
N SER B 123 -13.92 48.30 -21.75
CA SER B 123 -13.86 49.46 -20.81
C SER B 123 -12.60 50.31 -21.06
N ALA B 124 -12.78 51.46 -21.73
CA ALA B 124 -11.77 52.50 -21.99
C ALA B 124 -10.34 51.98 -21.77
N GLN B 125 -9.84 51.17 -22.69
CA GLN B 125 -8.54 50.43 -22.66
C GLN B 125 -7.75 50.89 -23.89
N LYS B 126 -6.41 50.99 -23.83
CA LYS B 126 -5.60 51.01 -25.07
C LYS B 126 -6.06 49.83 -25.95
N ARG B 127 -6.17 50.06 -27.26
CA ARG B 127 -6.70 49.02 -28.18
C ARG B 127 -5.55 48.27 -28.84
N VAL B 128 -5.85 47.07 -29.31
CA VAL B 128 -4.84 46.20 -29.98
C VAL B 128 -4.22 46.97 -31.15
N TYR B 129 -5.03 47.68 -31.93
CA TYR B 129 -4.60 48.49 -33.09
C TYR B 129 -4.90 49.96 -32.78
N GLU B 130 -4.24 50.51 -31.78
CA GLU B 130 -4.63 51.81 -31.16
C GLU B 130 -4.42 52.93 -32.21
N ASN B 131 -3.38 52.82 -33.03
CA ASN B 131 -3.09 53.87 -34.06
C ASN B 131 -4.17 53.82 -35.15
N ASP B 132 -4.86 52.68 -35.34
CA ASP B 132 -5.98 52.54 -36.30
C ASP B 132 -7.32 52.70 -35.57
N ARG B 133 -7.30 53.00 -34.26
CA ARG B 133 -8.47 53.06 -33.35
C ARG B 133 -9.35 51.81 -33.54
N GLU B 134 -8.74 50.63 -33.49
CA GLU B 134 -9.50 49.42 -33.80
C GLU B 134 -9.02 48.27 -32.93
N GLY B 135 -9.88 47.26 -32.81
CA GLY B 135 -9.61 46.02 -32.09
C GLY B 135 -10.20 46.08 -30.70
N THR B 136 -10.05 45.01 -29.94
CA THR B 136 -10.48 44.97 -28.52
C THR B 136 -9.54 45.86 -27.72
N GLY B 137 -9.94 46.14 -26.50
CA GLY B 137 -8.97 46.61 -25.49
C GLY B 137 -7.89 45.56 -25.33
N ILE B 138 -6.70 45.95 -24.89
CA ILE B 138 -5.61 44.95 -24.64
C ILE B 138 -5.90 44.18 -23.37
N GLY B 139 -6.81 44.67 -22.54
CA GLY B 139 -7.12 44.09 -21.23
C GLY B 139 -5.95 44.18 -20.26
N VAL B 140 -6.06 43.46 -19.15
CA VAL B 140 -5.00 43.46 -18.12
C VAL B 140 -3.84 42.59 -18.59
N GLU B 141 -2.61 43.09 -18.48
CA GLU B 141 -1.40 42.34 -18.85
C GLU B 141 -0.30 42.74 -17.88
N GLY B 142 0.72 41.90 -17.80
CA GLY B 142 1.91 42.20 -16.99
C GLY B 142 1.99 41.34 -15.75
N MET B 143 2.64 41.88 -14.74
CA MET B 143 3.12 41.08 -13.59
C MET B 143 1.93 40.55 -12.80
N GLY B 144 2.10 39.35 -12.32
CA GLY B 144 1.19 38.79 -11.33
C GLY B 144 1.96 38.51 -10.07
N TYR B 145 1.48 38.99 -8.96
CA TYR B 145 2.09 38.71 -7.64
C TYR B 145 0.96 38.23 -6.76
N HIS B 146 0.99 36.95 -6.43
CA HIS B 146 -0.11 36.28 -5.69
C HIS B 146 0.51 35.61 -4.48
N MET B 147 0.20 36.09 -3.29
N MET B 147 0.18 36.12 -3.30
CA MET B 147 0.70 35.41 -2.07
CA MET B 147 0.68 35.60 -2.00
C MET B 147 -0.40 35.46 -1.01
C MET B 147 -0.53 35.43 -1.09
N PHE B 148 -0.52 34.39 -0.25
CA PHE B 148 -1.45 34.34 0.89
C PHE B 148 -0.72 33.70 2.04
N ALA B 149 -1.14 34.07 3.23
CA ALA B 149 -0.63 33.52 4.49
C ALA B 149 -1.77 33.28 5.46
N ILE B 150 -1.69 32.15 6.14
CA ILE B 150 -2.66 31.78 7.21
C ILE B 150 -1.86 31.48 8.46
N GLY B 151 -2.14 32.18 9.55
CA GLY B 151 -1.35 31.95 10.76
C GLY B 151 -2.09 32.23 12.04
N GLY B 152 -1.44 31.89 13.15
CA GLY B 152 -2.02 32.05 14.51
C GLY B 152 -1.50 33.32 15.17
N GLU B 153 -0.80 34.16 14.40
CA GLU B 153 -0.27 35.47 14.86
C GLU B 153 0.02 36.26 13.60
N PRO B 154 0.32 37.56 13.73
CA PRO B 154 0.64 38.38 12.56
C PRO B 154 1.79 37.80 11.74
N LEU B 155 1.65 37.93 10.42
CA LEU B 155 2.72 37.54 9.46
C LEU B 155 3.98 38.35 9.78
N GLU B 156 5.10 37.64 9.90
CA GLU B 156 6.39 38.25 10.20
C GLU B 156 7.05 38.63 8.87
N LEU B 157 7.54 39.85 8.77
CA LEU B 157 8.04 40.42 7.50
C LEU B 157 9.54 40.67 7.54
N GLN B 158 10.13 40.60 6.36
CA GLN B 158 11.50 41.07 6.07
C GLN B 158 11.39 42.29 5.16
N PHE B 159 11.99 43.39 5.58
CA PHE B 159 12.05 44.63 4.76
C PHE B 159 13.10 44.43 3.66
N MET B 160 12.72 44.65 2.41
CA MET B 160 13.67 44.59 1.28
C MET B 160 13.08 45.40 0.13
N VAL B 161 13.91 46.26 -0.46
CA VAL B 161 13.47 47.20 -1.52
C VAL B 161 14.42 47.12 -2.72
N PHE B 162 13.91 47.54 -3.85
CA PHE B 162 14.66 47.58 -5.12
C PHE B 162 15.72 48.69 -5.05
N ASN B 163 15.31 49.83 -4.51
CA ASN B 163 16.12 51.08 -4.40
C ASN B 163 15.96 51.64 -2.99
N HIS B 164 16.99 51.50 -2.15
CA HIS B 164 16.98 51.96 -0.74
C HIS B 164 16.71 53.47 -0.62
N ARG B 165 17.05 54.27 -1.64
CA ARG B 165 16.85 55.74 -1.58
C ARG B 165 15.42 56.18 -1.93
N ALA B 166 14.52 55.27 -2.29
CA ALA B 166 13.10 55.64 -2.47
C ALA B 166 12.59 56.28 -1.18
N THR B 167 11.85 57.38 -1.28
CA THR B 167 11.15 57.99 -0.12
C THR B 167 9.66 57.63 -0.21
N TYR B 168 9.21 56.77 0.68
CA TYR B 168 7.81 56.31 0.71
C TYR B 168 6.97 57.38 1.38
N PRO B 169 5.68 57.49 1.02
CA PRO B 169 4.80 58.48 1.62
C PRO B 169 4.48 58.19 3.09
N ALA B 170 4.10 59.26 3.82
CA ALA B 170 3.83 59.19 5.27
C ALA B 170 2.72 58.19 5.56
N GLU B 171 1.77 57.99 4.64
CA GLU B 171 0.63 57.06 4.80
C GLU B 171 1.12 55.61 4.86
N ALA B 172 2.31 55.32 4.33
CA ALA B 172 2.84 53.94 4.22
C ALA B 172 3.66 53.58 5.45
N THR B 173 3.61 52.32 5.86
CA THR B 173 4.48 51.79 6.93
C THR B 173 5.71 51.16 6.28
N VAL B 174 6.87 51.75 6.52
CA VAL B 174 8.17 51.25 6.01
C VAL B 174 9.22 51.44 7.10
N ILE B 175 10.41 50.95 6.86
CA ILE B 175 11.62 51.41 7.57
C ILE B 175 12.16 52.62 6.80
N LYS B 176 12.10 53.81 7.42
CA LYS B 176 12.60 55.06 6.77
C LYS B 176 14.13 55.00 6.69
N ASN B 177 14.69 55.57 5.63
CA ASN B 177 16.16 55.71 5.45
C ASN B 177 16.84 54.40 5.77
N PRO B 178 16.40 53.31 5.11
CA PRO B 178 16.83 51.96 5.51
C PRO B 178 18.30 51.64 5.21
N GLY B 179 18.91 52.33 4.24
CA GLY B 179 20.32 52.17 3.88
C GLY B 179 20.53 51.08 2.84
N ALA B 180 21.72 51.03 2.25
CA ALA B 180 22.02 50.23 1.05
C ALA B 180 21.80 48.73 1.32
N SER B 181 22.02 48.26 2.55
CA SER B 181 21.88 46.85 2.92
C SER B 181 20.45 46.39 2.66
N SER B 182 19.47 47.30 2.67
CA SER B 182 18.03 46.93 2.52
C SER B 182 17.75 46.56 1.06
N GLN B 183 18.71 46.68 0.15
CA GLN B 183 18.54 46.21 -1.26
C GLN B 183 18.77 44.70 -1.35
N VAL B 184 19.31 44.11 -0.30
CA VAL B 184 19.44 42.63 -0.19
C VAL B 184 19.04 42.27 1.23
N PHE B 185 19.52 41.15 1.75
CA PHE B 185 19.09 40.72 3.10
C PHE B 185 19.92 41.42 4.17
N ASP B 186 19.22 42.08 5.09
CA ASP B 186 19.81 42.67 6.33
C ASP B 186 19.02 42.11 7.50
N PRO B 187 19.63 41.31 8.39
CA PRO B 187 18.88 40.69 9.49
C PRO B 187 18.29 41.71 10.48
N ASN B 188 18.69 42.97 10.42
CA ASN B 188 18.16 44.02 11.34
C ASN B 188 16.84 44.61 10.84
N LEU B 189 16.39 44.30 9.63
CA LEU B 189 15.28 45.07 8.99
C LEU B 189 14.01 44.22 8.97
N LYS B 190 13.33 44.20 10.10
CA LYS B 190 12.20 43.29 10.37
C LYS B 190 10.92 44.12 10.57
N GLY B 191 9.79 43.46 10.39
CA GLY B 191 8.49 44.03 10.77
C GLY B 191 7.48 42.94 10.92
N THR B 192 6.26 43.34 11.24
CA THR B 192 5.10 42.41 11.34
C THR B 192 3.92 43.10 10.67
N LEU B 193 3.09 42.32 9.98
CA LEU B 193 1.97 42.85 9.18
C LEU B 193 0.80 43.11 10.14
N THR B 194 0.81 44.29 10.74
CA THR B 194 -0.11 44.68 11.83
C THR B 194 -1.26 45.55 11.31
N ALA B 195 -1.28 45.93 10.04
CA ALA B 195 -2.34 46.81 9.53
C ALA B 195 -2.58 46.56 8.04
N ASP B 196 -3.85 46.66 7.67
CA ASP B 196 -4.33 46.45 6.29
C ASP B 196 -4.03 47.70 5.46
N GLY B 197 -3.57 47.53 4.23
CA GLY B 197 -3.56 48.61 3.22
C GLY B 197 -2.46 49.63 3.40
N VAL B 198 -1.41 49.39 4.21
CA VAL B 198 -0.35 50.43 4.41
C VAL B 198 1.07 49.88 4.30
N PHE B 199 1.28 48.57 4.29
CA PHE B 199 2.63 47.98 4.11
C PHE B 199 2.85 47.75 2.62
N PRO B 200 3.72 48.53 1.96
CA PRO B 200 3.91 48.36 0.52
C PRO B 200 4.43 46.96 0.15
N VAL B 201 3.79 46.36 -0.85
CA VAL B 201 4.26 45.06 -1.37
C VAL B 201 5.72 45.17 -1.77
N GLU B 202 6.13 46.26 -2.43
CA GLU B 202 7.50 46.37 -2.98
C GLU B 202 8.51 46.61 -1.84
N ALA B 203 8.10 46.70 -0.56
CA ALA B 203 9.06 46.98 0.53
C ALA B 203 9.10 45.86 1.58
N TRP B 204 8.12 44.97 1.58
CA TRP B 204 8.05 43.89 2.59
C TRP B 204 7.75 42.55 1.91
N GLY B 205 8.35 41.49 2.44
CA GLY B 205 7.98 40.10 2.10
C GLY B 205 7.97 39.23 3.35
N PRO B 206 7.44 38.01 3.25
CA PRO B 206 7.48 37.09 4.38
C PRO B 206 8.90 36.74 4.79
N ASP B 207 9.13 36.72 6.10
CA ASP B 207 10.45 36.46 6.70
C ASP B 207 10.63 34.96 6.90
N PRO B 208 11.47 34.26 6.12
CA PRO B 208 11.60 32.81 6.26
C PRO B 208 12.32 32.41 7.55
N PHE B 209 13.01 33.37 8.20
CA PHE B 209 13.69 33.15 9.50
C PHE B 209 12.69 33.05 10.63
N LYS B 210 11.44 33.49 10.42
CA LYS B 210 10.42 33.45 11.49
C LYS B 210 9.22 32.69 10.93
N ASN B 211 8.00 33.14 11.23
CA ASN B 211 6.76 32.51 10.71
C ASN B 211 6.71 31.01 11.05
N GLU B 212 7.08 30.63 12.27
CA GLU B 212 6.94 29.21 12.72
C GLU B 212 5.46 28.86 12.85
N ASN B 213 4.60 29.88 13.03
CA ASN B 213 3.17 29.70 13.36
C ASN B 213 2.30 30.28 12.25
N THR B 214 2.84 30.39 11.03
CA THR B 214 2.12 30.88 9.84
C THR B 214 2.58 30.07 8.64
N ARG B 215 1.66 29.69 7.74
CA ARG B 215 2.05 29.11 6.45
C ARG B 215 1.88 30.20 5.42
N TYR B 216 2.88 30.44 4.58
CA TYR B 216 2.74 31.40 3.46
C TYR B 216 3.14 30.74 2.15
N PHE B 217 2.55 31.27 1.08
CA PHE B 217 2.66 30.73 -0.30
C PHE B 217 2.65 31.92 -1.25
N GLY B 218 3.60 32.01 -2.18
CA GLY B 218 3.71 33.15 -3.08
C GLY B 218 4.19 32.72 -4.45
N GLN B 219 3.65 33.37 -5.47
CA GLN B 219 4.06 33.16 -6.87
C GLN B 219 4.18 34.54 -7.51
N TYR B 220 5.27 34.77 -8.22
CA TYR B 220 5.51 36.03 -8.97
C TYR B 220 5.86 35.66 -10.41
N THR B 221 5.16 36.26 -11.35
CA THR B 221 5.60 36.34 -12.76
C THR B 221 5.71 37.81 -13.11
N GLY B 222 6.85 38.24 -13.63
CA GLY B 222 7.04 39.68 -13.89
C GLY B 222 6.59 40.11 -15.27
N GLY B 223 7.13 41.26 -15.68
CA GLY B 223 6.85 41.85 -16.98
C GLY B 223 5.70 42.85 -16.94
N THR B 224 5.46 43.48 -18.09
CA THR B 224 4.42 44.49 -18.29
C THR B 224 3.46 44.09 -19.41
N GLN B 225 3.82 43.15 -20.29
CA GLN B 225 2.98 42.65 -21.41
C GLN B 225 2.64 41.16 -21.20
N THR B 226 3.07 40.58 -20.08
CA THR B 226 2.90 39.14 -19.80
C THR B 226 1.43 38.79 -19.82
N PRO B 227 1.00 37.67 -20.46
CA PRO B 227 -0.39 37.25 -20.35
C PRO B 227 -0.72 36.80 -18.95
N PRO B 228 -1.77 37.28 -18.28
CA PRO B 228 -2.14 36.79 -16.94
C PRO B 228 -2.66 35.36 -17.04
N VAL B 229 -2.33 34.55 -16.04
CA VAL B 229 -2.85 33.16 -15.95
C VAL B 229 -3.45 32.97 -14.56
N LEU B 230 -4.74 32.68 -14.49
CA LEU B 230 -5.41 32.49 -13.19
C LEU B 230 -6.32 31.28 -13.29
N THR B 231 -6.38 30.52 -12.22
CA THR B 231 -7.33 29.37 -12.13
C THR B 231 -8.23 29.58 -10.92
N PHE B 232 -9.34 28.87 -10.90
CA PHE B 232 -10.28 28.96 -9.77
C PHE B 232 -11.08 27.66 -9.74
N THR B 233 -11.19 27.11 -8.56
CA THR B 233 -12.03 25.91 -8.32
C THR B 233 -12.39 25.90 -6.84
N ASN B 234 -13.48 25.23 -6.48
CA ASN B 234 -13.87 25.02 -5.08
C ASN B 234 -13.47 23.60 -4.61
N THR B 235 -12.56 22.91 -5.33
CA THR B 235 -12.25 21.48 -5.11
C THR B 235 -10.85 21.25 -4.53
N GLN B 236 -10.07 22.28 -4.25
CA GLN B 236 -8.64 22.11 -3.87
C GLN B 236 -8.42 22.50 -2.41
N THR B 237 -7.82 21.60 -1.64
CA THR B 237 -7.53 21.82 -0.21
C THR B 237 -6.02 21.84 -0.02
N THR B 238 -5.55 22.79 0.75
CA THR B 238 -4.15 22.85 1.21
C THR B 238 -4.09 22.46 2.67
N ILE B 239 -3.27 21.45 2.99
CA ILE B 239 -3.02 20.97 4.37
C ILE B 239 -2.06 21.97 5.02
N LEU B 240 -2.35 22.38 6.25
CA LEU B 240 -1.56 23.40 6.98
C LEU B 240 -0.73 22.77 8.10
N LEU B 241 -0.83 21.46 8.27
CA LEU B 241 -0.01 20.74 9.29
C LEU B 241 1.46 20.82 8.87
N ASP B 242 2.34 21.05 9.84
CA ASP B 242 3.81 21.00 9.61
C ASP B 242 4.28 19.53 9.66
N GLU B 243 5.60 19.33 9.64
CA GLU B 243 6.27 18.00 9.64
C GLU B 243 5.81 17.19 10.86
N ASN B 244 5.44 17.85 11.96
CA ASN B 244 5.06 17.21 13.25
C ASN B 244 3.55 16.98 13.37
N GLY B 245 2.77 17.29 12.34
CA GLY B 245 1.31 17.04 12.31
C GLY B 245 0.53 18.14 13.03
N VAL B 246 1.14 19.31 13.19
CA VAL B 246 0.55 20.45 13.95
C VAL B 246 0.36 21.63 13.00
N GLY B 247 -0.86 22.16 12.95
CA GLY B 247 -1.17 23.37 12.18
C GLY B 247 -0.87 24.62 12.99
N PRO B 248 -0.99 25.81 12.38
CA PRO B 248 -0.93 27.07 13.12
C PRO B 248 -1.90 27.05 14.32
N LEU B 249 -1.40 27.52 15.46
CA LEU B 249 -2.17 27.59 16.73
C LEU B 249 -2.55 29.05 16.98
N CYS B 250 -3.85 29.33 17.12
CA CYS B 250 -4.38 30.70 17.15
C CYS B 250 -4.21 31.33 18.54
N LYS B 251 -3.20 32.17 18.66
CA LYS B 251 -2.90 32.88 19.94
C LYS B 251 -3.98 33.94 20.17
N GLY B 252 -4.47 34.01 21.41
CA GLY B 252 -5.56 34.94 21.76
C GLY B 252 -6.81 34.65 20.96
N ASP B 253 -6.95 33.42 20.43
CA ASP B 253 -8.12 32.98 19.63
C ASP B 253 -8.27 33.88 18.40
N GLY B 254 -7.14 34.30 17.81
CA GLY B 254 -7.14 35.08 16.57
C GLY B 254 -6.57 34.26 15.42
N LEU B 255 -7.28 34.24 14.30
CA LEU B 255 -6.79 33.65 13.02
C LEU B 255 -6.36 34.79 12.10
N PHE B 256 -5.13 34.77 11.60
CA PHE B 256 -4.55 35.89 10.81
C PHE B 256 -4.50 35.48 9.34
N LEU B 257 -5.18 36.25 8.50
CA LEU B 257 -5.22 36.08 7.04
C LEU B 257 -4.50 37.27 6.41
N SER B 258 -3.64 37.01 5.44
CA SER B 258 -2.89 38.05 4.72
C SER B 258 -2.79 37.67 3.25
N CYS B 259 -2.77 38.66 2.37
CA CYS B 259 -2.55 38.36 0.95
C CYS B 259 -2.15 39.61 0.17
N ALA B 260 -1.69 39.36 -1.05
CA ALA B 260 -1.61 40.35 -2.12
C ALA B 260 -1.89 39.61 -3.41
N ASP B 261 -2.71 40.21 -4.25
CA ASP B 261 -3.15 39.62 -5.54
C ASP B 261 -3.14 40.71 -6.60
N ILE B 262 -1.93 41.08 -7.03
CA ILE B 262 -1.71 41.94 -8.20
C ILE B 262 -1.94 41.06 -9.42
N VAL B 263 -2.91 41.40 -10.25
CA VAL B 263 -3.21 40.53 -11.41
CA VAL B 263 -3.31 40.62 -11.44
C VAL B 263 -2.47 41.07 -12.64
N GLY B 264 -2.19 42.37 -12.71
CA GLY B 264 -1.46 42.97 -13.82
C GLY B 264 -1.75 44.46 -13.89
N PHE B 265 -1.51 45.05 -15.04
CA PHE B 265 -1.66 46.49 -15.26
C PHE B 265 -2.83 46.73 -16.20
N PHE B 266 -3.51 47.82 -15.94
CA PHE B 266 -4.57 48.42 -16.79
C PHE B 266 -3.93 49.57 -17.55
N THR B 267 -4.14 49.63 -18.86
CA THR B 267 -3.54 50.66 -19.75
C THR B 267 -4.66 51.48 -20.40
N GLN B 268 -4.64 52.78 -20.12
CA GLN B 268 -5.58 53.79 -20.67
C GLN B 268 -5.24 54.03 -22.14
N HIS B 269 -6.17 54.62 -22.89
CA HIS B 269 -5.90 55.07 -24.27
C HIS B 269 -4.63 55.95 -24.30
N ASN B 270 -4.43 56.81 -23.31
CA ASN B 270 -3.27 57.75 -23.27
C ASN B 270 -2.02 57.08 -22.67
N LYS B 271 -2.05 55.75 -22.49
CA LYS B 271 -0.87 54.91 -22.14
C LYS B 271 -0.54 55.01 -20.65
N LYS B 272 -1.28 55.79 -19.87
CA LYS B 272 -1.15 55.73 -18.38
C LYS B 272 -1.55 54.34 -17.88
N MET B 273 -0.77 53.82 -16.94
CA MET B 273 -0.89 52.42 -16.47
C MET B 273 -1.09 52.41 -14.96
N SER B 274 -1.92 51.48 -14.51
CA SER B 274 -2.24 51.30 -13.07
C SER B 274 -2.26 49.82 -12.73
N PHE B 275 -1.94 49.50 -11.49
CA PHE B 275 -2.10 48.12 -10.96
C PHE B 275 -3.59 47.81 -10.91
N ARG B 276 -3.96 46.57 -11.19
CA ARG B 276 -5.31 46.02 -10.92
C ARG B 276 -5.17 44.80 -10.05
N GLY B 277 -5.98 44.72 -9.01
CA GLY B 277 -5.97 43.60 -8.05
C GLY B 277 -7.33 42.93 -7.99
N LEU B 278 -7.36 41.75 -7.37
CA LEU B 278 -8.61 40.99 -7.15
C LEU B 278 -8.66 40.54 -5.70
N PRO B 279 -9.89 40.34 -5.19
CA PRO B 279 -10.07 39.90 -3.82
C PRO B 279 -9.81 38.40 -3.73
N ARG B 280 -9.59 37.96 -2.50
CA ARG B 280 -9.25 36.55 -2.18
C ARG B 280 -10.22 36.01 -1.14
N TYR B 281 -10.71 34.81 -1.41
CA TYR B 281 -11.53 33.96 -0.53
C TYR B 281 -10.65 33.03 0.28
N PHE B 282 -10.96 32.91 1.58
CA PHE B 282 -10.30 31.95 2.51
C PHE B 282 -11.37 31.07 3.13
N ARG B 283 -11.15 29.77 3.11
CA ARG B 283 -11.89 28.82 3.98
C ARG B 283 -10.85 28.15 4.86
N VAL B 284 -10.98 28.30 6.17
CA VAL B 284 -10.01 27.68 7.11
C VAL B 284 -10.80 26.71 7.99
N THR B 285 -10.31 25.47 8.05
CA THR B 285 -10.86 24.43 8.93
C THR B 285 -10.03 24.34 10.21
N LEU B 286 -10.68 24.45 11.35
CA LEU B 286 -9.95 24.51 12.65
C LEU B 286 -10.49 23.42 13.58
N ARG B 287 -9.64 22.92 14.45
CA ARG B 287 -10.08 21.99 15.50
C ARG B 287 -9.55 22.51 16.83
N LYS B 288 -10.19 22.15 17.94
CA LYS B 288 -9.70 22.49 19.29
C LYS B 288 -8.57 21.53 19.63
N ARG B 289 -7.44 22.05 20.07
CA ARG B 289 -6.25 21.25 20.41
C ARG B 289 -5.86 21.55 21.85
N VAL B 290 -5.63 20.50 22.64
CA VAL B 290 -5.07 20.64 24.02
C VAL B 290 -3.58 20.92 23.86
N VAL B 291 -3.08 22.02 24.44
CA VAL B 291 -1.67 22.48 24.24
C VAL B 291 -0.87 22.34 25.54
N ILE C 36 -26.30 2.38 -11.61
CA ILE C 36 -25.54 3.58 -12.14
C ILE C 36 -26.23 4.06 -13.43
N THR C 37 -26.46 5.37 -13.54
CA THR C 37 -27.10 6.02 -14.71
C THR C 37 -26.12 7.05 -15.29
N GLU C 38 -25.96 7.08 -16.60
CA GLU C 38 -25.08 8.05 -17.30
C GLU C 38 -25.96 9.03 -18.08
N ILE C 39 -25.71 10.34 -17.97
CA ILE C 39 -26.34 11.33 -18.89
C ILE C 39 -25.24 11.96 -19.73
N GLU C 40 -25.58 12.29 -20.97
CA GLU C 40 -24.69 13.06 -21.89
C GLU C 40 -25.45 14.33 -22.27
N ALA C 41 -24.75 15.45 -22.39
CA ALA C 41 -25.33 16.75 -22.77
C ALA C 41 -24.27 17.62 -23.42
N TYR C 42 -24.71 18.66 -24.11
CA TYR C 42 -23.80 19.71 -24.62
C TYR C 42 -24.36 21.06 -24.22
N LEU C 43 -23.48 22.04 -24.09
CA LEU C 43 -23.88 23.46 -24.04
C LEU C 43 -23.18 24.15 -25.21
N ASN C 44 -23.95 24.79 -26.06
CA ASN C 44 -23.41 25.67 -27.11
C ASN C 44 -23.00 27.00 -26.48
N PRO C 45 -21.95 27.64 -27.04
CA PRO C 45 -21.46 28.89 -26.47
C PRO C 45 -22.45 30.03 -26.74
N ARG C 46 -22.39 31.09 -25.92
CA ARG C 46 -23.27 32.27 -26.04
C ARG C 46 -22.39 33.51 -26.14
N MET C 47 -21.68 33.63 -27.25
CA MET C 47 -20.65 34.67 -27.45
C MET C 47 -21.29 36.01 -27.84
N GLY C 48 -22.57 36.03 -28.24
CA GLY C 48 -23.30 37.29 -28.51
C GLY C 48 -24.18 37.24 -29.76
N GLN C 49 -23.66 36.76 -30.89
CA GLN C 49 -24.43 36.79 -32.16
C GLN C 49 -25.52 35.73 -32.08
N PRO C 50 -26.70 35.95 -32.69
CA PRO C 50 -27.82 35.01 -32.57
C PRO C 50 -27.65 33.64 -33.24
N GLN C 51 -28.35 32.65 -32.69
CA GLN C 51 -28.44 31.26 -33.20
C GLN C 51 -28.96 31.26 -34.64
N ASN C 52 -28.56 30.28 -35.44
CA ASN C 52 -29.18 29.99 -36.76
C ASN C 52 -28.94 31.16 -37.72
N GLU C 53 -27.95 32.01 -37.42
CA GLU C 53 -27.53 33.13 -38.31
C GLU C 53 -26.01 33.04 -38.51
N ASP C 54 -25.47 33.80 -39.47
CA ASP C 54 -24.18 33.48 -40.12
C ASP C 54 -23.02 33.56 -39.12
N PHE C 55 -23.17 34.27 -37.99
CA PHE C 55 -22.03 34.48 -37.04
C PHE C 55 -22.29 33.77 -35.71
N TYR C 56 -23.11 32.72 -35.72
CA TYR C 56 -23.35 31.87 -34.53
C TYR C 56 -22.03 31.27 -34.08
N GLY C 57 -21.66 31.49 -32.82
CA GLY C 57 -20.38 31.07 -32.23
C GLY C 57 -19.47 32.25 -31.98
N PHE C 58 -19.75 33.41 -32.59
CA PHE C 58 -18.94 34.64 -32.47
C PHE C 58 -19.73 35.68 -31.67
N SER C 59 -19.03 36.66 -31.14
CA SER C 59 -19.66 37.95 -30.77
C SER C 59 -19.76 38.83 -32.03
N ASP C 60 -20.51 39.93 -31.90
CA ASP C 60 -20.39 41.07 -32.82
C ASP C 60 -19.02 41.73 -32.58
N ASN C 61 -18.61 42.59 -33.50
CA ASN C 61 -17.29 43.25 -33.41
C ASN C 61 -17.28 44.12 -32.16
N VAL C 62 -16.18 44.05 -31.41
CA VAL C 62 -16.08 44.70 -30.08
C VAL C 62 -15.81 46.19 -30.26
N THR C 63 -16.62 47.03 -29.62
CA THR C 63 -16.34 48.48 -29.49
C THR C 63 -15.73 48.76 -28.13
N VAL C 64 -14.91 49.81 -28.07
CA VAL C 64 -14.17 50.21 -26.84
C VAL C 64 -14.57 51.64 -26.48
N SER C 65 -14.96 51.86 -25.23
CA SER C 65 -15.40 53.17 -24.70
C SER C 65 -14.20 54.12 -24.57
N ASP C 66 -14.50 55.42 -24.53
CA ASP C 66 -13.47 56.50 -24.40
C ASP C 66 -13.08 56.67 -22.92
N ASP C 67 -13.99 56.37 -22.00
CA ASP C 67 -13.74 56.49 -20.54
C ASP C 67 -14.71 55.58 -19.80
N PHE C 68 -14.45 55.34 -18.52
CA PHE C 68 -15.27 54.42 -17.68
C PHE C 68 -16.68 54.99 -17.52
N GLY C 69 -16.81 56.32 -17.46
CA GLY C 69 -18.09 56.99 -17.19
C GLY C 69 -19.09 56.78 -18.32
N SER C 70 -18.62 56.71 -19.56
CA SER C 70 -19.47 56.62 -20.79
C SER C 70 -19.27 55.25 -21.44
N ASP C 71 -19.25 54.20 -20.63
CA ASP C 71 -18.97 52.80 -21.05
C ASP C 71 -20.29 52.05 -21.11
N ALA C 72 -20.66 51.61 -22.30
CA ALA C 72 -21.94 50.93 -22.56
C ALA C 72 -21.68 49.84 -23.60
N PRO C 73 -21.34 48.61 -23.18
CA PRO C 73 -21.08 47.54 -24.13
C PRO C 73 -22.39 47.14 -24.81
N PRO C 74 -22.53 47.29 -26.15
CA PRO C 74 -23.79 46.94 -26.81
C PRO C 74 -24.05 45.44 -26.76
N TRP C 75 -25.32 45.08 -26.65
CA TRP C 75 -25.78 43.67 -26.75
C TRP C 75 -25.15 43.05 -28.00
N LYS C 76 -24.71 41.79 -27.85
CA LYS C 76 -24.07 40.91 -28.89
C LYS C 76 -22.54 41.07 -28.89
N GLN C 77 -21.98 42.09 -28.22
CA GLN C 77 -20.52 42.35 -28.28
C GLN C 77 -19.78 41.66 -27.11
N PHE C 78 -20.46 40.90 -26.26
CA PHE C 78 -19.78 40.25 -25.11
C PHE C 78 -20.45 38.93 -24.83
N PRO C 79 -19.64 37.97 -24.34
CA PRO C 79 -20.15 36.63 -24.05
C PRO C 79 -20.92 36.57 -22.73
N CYS C 80 -21.84 35.62 -22.66
CA CYS C 80 -22.63 35.24 -21.48
C CYS C 80 -22.39 33.75 -21.17
N TYR C 81 -22.69 33.36 -19.95
CA TYR C 81 -22.64 31.95 -19.50
C TYR C 81 -23.69 31.12 -20.21
N SER C 82 -23.33 29.88 -20.49
CA SER C 82 -24.25 28.80 -20.93
C SER C 82 -24.72 28.01 -19.72
N THR C 83 -25.97 27.58 -19.68
CA THR C 83 -26.45 26.72 -18.58
C THR C 83 -27.68 25.94 -19.05
N ALA C 84 -27.87 24.79 -18.43
CA ALA C 84 -29.03 23.90 -18.65
C ALA C 84 -29.28 23.10 -17.38
N ARG C 85 -30.53 22.78 -17.14
CA ARG C 85 -30.93 21.79 -16.12
C ARG C 85 -31.35 20.55 -16.89
N ILE C 86 -30.72 19.41 -16.59
CA ILE C 86 -31.07 18.09 -17.16
C ILE C 86 -32.08 17.45 -16.21
N SER C 87 -33.24 17.07 -16.73
CA SER C 87 -34.29 16.36 -15.96
C SER C 87 -33.82 14.91 -15.77
N LEU C 88 -33.68 14.47 -14.54
CA LEU C 88 -33.29 13.08 -14.21
C LEU C 88 -34.54 12.25 -13.97
N PRO C 89 -34.45 10.90 -14.00
CA PRO C 89 -35.62 10.07 -13.76
C PRO C 89 -36.22 10.40 -12.40
N MET C 90 -37.54 10.55 -12.39
CA MET C 90 -38.38 10.89 -11.22
C MET C 90 -38.09 9.92 -10.07
N LEU C 91 -37.79 10.43 -8.88
CA LEU C 91 -37.62 9.61 -7.65
C LEU C 91 -38.83 9.84 -6.74
N ASN C 92 -39.46 8.77 -6.30
CA ASN C 92 -40.64 8.87 -5.41
C ASN C 92 -40.08 9.13 -4.01
N GLN C 93 -40.63 10.13 -3.31
CA GLN C 93 -40.28 10.47 -1.91
C GLN C 93 -41.25 9.78 -0.94
N ASP C 94 -40.74 9.26 0.19
CA ASP C 94 -41.54 8.85 1.37
C ASP C 94 -41.55 10.03 2.34
N MET C 95 -42.67 10.78 2.36
CA MET C 95 -42.79 12.09 3.07
C MET C 95 -42.85 11.89 4.58
N THR C 96 -43.03 10.64 5.06
CA THR C 96 -42.99 10.26 6.50
C THR C 96 -41.59 9.76 6.91
N SER C 97 -40.66 9.61 5.96
CA SER C 97 -39.31 9.03 6.18
C SER C 97 -38.32 10.14 6.55
N ASP C 98 -37.39 9.84 7.49
CA ASP C 98 -36.26 10.74 7.86
C ASP C 98 -35.10 10.54 6.89
N THR C 99 -35.32 9.83 5.78
CA THR C 99 -34.36 9.70 4.65
C THR C 99 -35.12 9.98 3.35
N ILE C 100 -34.45 10.57 2.34
CA ILE C 100 -35.02 10.67 0.98
C ILE C 100 -34.00 10.16 -0.05
N LEU C 101 -34.52 9.79 -1.22
CA LEU C 101 -33.73 9.31 -2.38
C LEU C 101 -33.35 10.52 -3.23
N MET C 102 -32.06 10.62 -3.58
CA MET C 102 -31.58 11.66 -4.50
C MET C 102 -30.59 11.02 -5.45
N TRP C 103 -30.58 11.52 -6.68
CA TRP C 103 -29.47 11.28 -7.63
C TRP C 103 -28.21 12.00 -7.14
N GLU C 104 -27.11 11.25 -7.05
CA GLU C 104 -25.79 11.79 -6.62
C GLU C 104 -24.88 11.75 -7.85
N ALA C 105 -24.30 12.89 -8.27
CA ALA C 105 -23.31 12.92 -9.37
C ALA C 105 -21.96 12.53 -8.77
N ILE C 106 -21.44 11.36 -9.16
CA ILE C 106 -20.21 10.78 -8.53
C ILE C 106 -19.00 11.13 -9.40
N SER C 107 -19.17 11.30 -10.70
CA SER C 107 -18.03 11.59 -11.61
C SER C 107 -18.54 12.16 -12.92
N CYS C 108 -17.64 12.74 -13.68
CA CYS C 108 -17.99 13.29 -15.01
C CYS C 108 -16.80 13.20 -15.95
N ARG C 109 -17.10 13.31 -17.23
CA ARG C 109 -16.10 13.69 -18.25
C ARG C 109 -16.63 14.95 -18.90
N THR C 110 -15.75 15.88 -19.24
CA THR C 110 -16.16 17.07 -20.01
C THR C 110 -15.07 17.33 -21.05
N GLU C 111 -15.49 17.72 -22.25
CA GLU C 111 -14.59 17.97 -23.39
C GLU C 111 -15.04 19.26 -24.08
N VAL C 112 -14.09 20.10 -24.45
CA VAL C 112 -14.37 21.20 -25.41
C VAL C 112 -14.44 20.54 -26.79
N MET C 113 -15.50 20.78 -27.53
CA MET C 113 -15.71 20.19 -28.86
C MET C 113 -15.36 21.22 -29.92
N GLY C 114 -15.02 20.75 -31.12
CA GLY C 114 -14.73 21.64 -32.24
C GLY C 114 -13.34 22.27 -32.19
N VAL C 115 -12.43 21.76 -31.37
CA VAL C 115 -11.05 22.30 -31.34
C VAL C 115 -10.46 22.22 -32.75
N ASN C 116 -10.81 21.19 -33.51
CA ASN C 116 -10.36 20.98 -34.90
C ASN C 116 -10.54 22.25 -35.74
N MET C 117 -11.58 23.07 -35.49
CA MET C 117 -11.94 24.14 -36.44
C MET C 117 -10.88 25.24 -36.41
N LEU C 118 -10.07 25.28 -35.33
CA LEU C 118 -9.08 26.33 -35.10
C LEU C 118 -7.86 26.11 -36.00
N THR C 119 -7.81 25.03 -36.79
CA THR C 119 -6.74 24.85 -37.79
C THR C 119 -7.07 25.60 -39.08
N ASN C 120 -8.22 26.27 -39.12
CA ASN C 120 -8.65 27.13 -40.25
C ASN C 120 -7.90 28.46 -40.18
N VAL C 121 -7.04 28.72 -41.15
CA VAL C 121 -6.34 30.04 -41.27
C VAL C 121 -6.59 30.62 -42.66
N HIS C 122 -7.73 30.29 -43.28
CA HIS C 122 -8.12 30.84 -44.61
C HIS C 122 -9.39 31.71 -44.57
N SER C 123 -10.24 31.64 -43.54
CA SER C 123 -11.57 32.30 -43.53
C SER C 123 -11.46 33.79 -43.10
N ALA C 124 -11.25 34.68 -44.07
CA ALA C 124 -11.43 36.14 -43.91
C ALA C 124 -10.67 36.66 -42.69
N GLN C 125 -9.43 36.23 -42.49
CA GLN C 125 -8.63 36.60 -41.31
C GLN C 125 -7.58 37.65 -41.71
N LYS C 126 -7.29 38.60 -40.83
CA LYS C 126 -6.05 39.40 -40.93
C LYS C 126 -4.88 38.43 -41.15
N ARG C 127 -4.00 38.75 -42.10
CA ARG C 127 -2.90 37.87 -42.51
C ARG C 127 -1.68 38.13 -41.65
N VAL C 128 -0.78 37.14 -41.56
CA VAL C 128 0.50 37.28 -40.83
C VAL C 128 1.28 38.47 -41.41
N TYR C 129 1.30 38.62 -42.73
CA TYR C 129 2.03 39.73 -43.43
C TYR C 129 1.00 40.56 -44.17
N GLU C 130 0.06 41.18 -43.45
CA GLU C 130 -1.14 41.84 -44.04
C GLU C 130 -0.64 42.99 -44.93
N ASN C 131 0.51 43.59 -44.60
CA ASN C 131 1.13 44.69 -45.38
C ASN C 131 1.54 44.21 -46.78
N ASP C 132 1.92 42.94 -46.90
CA ASP C 132 2.39 42.30 -48.16
C ASP C 132 1.23 41.51 -48.78
N ARG C 133 0.04 41.58 -48.18
CA ARG C 133 -1.14 40.77 -48.54
C ARG C 133 -0.70 39.30 -48.66
N GLU C 134 0.05 38.80 -47.67
CA GLU C 134 0.64 37.44 -47.75
C GLU C 134 0.63 36.74 -46.39
N GLY C 135 0.76 35.41 -46.46
CA GLY C 135 0.84 34.52 -45.30
C GLY C 135 -0.52 33.94 -44.98
N THR C 136 -0.57 33.07 -43.97
CA THR C 136 -1.85 32.54 -43.48
C THR C 136 -2.63 33.65 -42.78
N GLY C 137 -3.91 33.38 -42.50
CA GLY C 137 -4.64 34.12 -41.46
C GLY C 137 -3.92 33.97 -40.14
N ILE C 138 -4.09 34.92 -39.24
CA ILE C 138 -3.48 34.78 -37.88
C ILE C 138 -4.26 33.78 -37.03
N GLY C 139 -5.44 33.35 -37.48
CA GLY C 139 -6.33 32.45 -36.71
C GLY C 139 -6.88 33.12 -35.46
N VAL C 140 -7.45 32.31 -34.57
CA VAL C 140 -7.99 32.79 -33.28
C VAL C 140 -6.81 32.93 -32.32
N GLU C 141 -6.69 34.11 -31.68
CA GLU C 141 -5.67 34.33 -30.63
C GLU C 141 -6.26 35.24 -29.57
N GLY C 142 -5.61 35.26 -28.42
CA GLY C 142 -5.91 36.18 -27.33
C GLY C 142 -6.49 35.40 -26.18
N MET C 143 -7.37 36.01 -25.41
CA MET C 143 -7.75 35.45 -24.08
C MET C 143 -8.50 34.13 -24.25
N GLY C 144 -8.24 33.23 -23.32
CA GLY C 144 -8.96 31.97 -23.12
C GLY C 144 -9.67 32.04 -21.79
N TYR C 145 -10.96 31.79 -21.76
CA TYR C 145 -11.68 31.66 -20.47
C TYR C 145 -12.49 30.38 -20.56
N HIS C 146 -12.12 29.38 -19.79
CA HIS C 146 -12.77 28.06 -19.82
C HIS C 146 -13.19 27.71 -18.41
N MET C 147 -14.48 27.54 -18.20
CA MET C 147 -14.98 27.13 -16.88
C MET C 147 -16.18 26.23 -17.09
N PHE C 148 -16.32 25.24 -16.21
CA PHE C 148 -17.56 24.44 -16.19
C PHE C 148 -17.93 24.25 -14.73
N ALA C 149 -19.22 23.97 -14.52
CA ALA C 149 -19.76 23.66 -13.19
C ALA C 149 -20.79 22.55 -13.33
N ILE C 150 -20.79 21.65 -12.37
CA ILE C 150 -21.76 20.52 -12.31
C ILE C 150 -22.32 20.50 -10.90
N GLY C 151 -23.65 20.58 -10.76
CA GLY C 151 -24.25 20.77 -9.44
C GLY C 151 -25.65 20.19 -9.34
N GLY C 152 -26.15 20.11 -8.12
CA GLY C 152 -27.53 19.66 -7.86
C GLY C 152 -28.51 20.82 -7.67
N GLU C 153 -28.11 22.03 -8.05
CA GLU C 153 -28.90 23.27 -7.97
C GLU C 153 -28.18 24.31 -8.82
N PRO C 154 -28.80 25.47 -9.14
CA PRO C 154 -28.15 26.46 -9.96
C PRO C 154 -26.82 26.93 -9.35
N LEU C 155 -25.88 27.22 -10.24
CA LEU C 155 -24.56 27.80 -9.85
C LEU C 155 -24.80 29.10 -9.11
N GLU C 156 -24.26 29.25 -7.92
CA GLU C 156 -24.35 30.51 -7.15
C GLU C 156 -23.24 31.44 -7.60
N LEU C 157 -23.61 32.70 -7.86
CA LEU C 157 -22.73 33.69 -8.50
C LEU C 157 -22.40 34.83 -7.55
N GLN C 158 -21.22 35.38 -7.76
CA GLN C 158 -20.78 36.66 -7.17
C GLN C 158 -20.71 37.64 -8.31
N PHE C 159 -21.38 38.78 -8.18
CA PHE C 159 -21.30 39.88 -9.14
C PHE C 159 -19.96 40.59 -8.95
N MET C 160 -19.18 40.74 -10.02
CA MET C 160 -17.92 41.50 -9.95
C MET C 160 -17.56 41.95 -11.35
N VAL C 161 -17.29 43.24 -11.51
CA VAL C 161 -17.05 43.88 -12.82
C VAL C 161 -15.75 44.68 -12.80
N PHE C 162 -15.16 44.86 -13.97
CA PHE C 162 -13.93 45.64 -14.14
C PHE C 162 -14.21 47.13 -13.85
N ASN C 163 -15.35 47.60 -14.36
CA ASN C 163 -15.78 49.01 -14.28
C ASN C 163 -17.24 49.06 -13.82
N HIS C 164 -17.48 49.53 -12.59
CA HIS C 164 -18.84 49.54 -12.01
C HIS C 164 -19.78 50.46 -12.80
N ARG C 165 -19.23 51.44 -13.50
CA ARG C 165 -20.04 52.48 -14.21
C ARG C 165 -20.47 52.00 -15.60
N ALA C 166 -20.09 50.79 -16.00
CA ALA C 166 -20.56 50.22 -17.27
C ALA C 166 -22.09 50.12 -17.23
N THR C 167 -22.75 50.55 -18.29
CA THR C 167 -24.21 50.32 -18.46
C THR C 167 -24.40 49.11 -19.36
N TYR C 168 -24.91 48.02 -18.79
CA TYR C 168 -25.17 46.79 -19.56
C TYR C 168 -26.51 46.96 -20.27
N PRO C 169 -26.69 46.30 -21.42
CA PRO C 169 -27.93 46.43 -22.17
C PRO C 169 -29.08 45.67 -21.49
N ALA C 170 -30.32 46.01 -21.86
CA ALA C 170 -31.53 45.47 -21.22
C ALA C 170 -31.61 43.95 -21.38
N GLU C 171 -31.01 43.41 -22.43
CA GLU C 171 -31.02 41.95 -22.73
C GLU C 171 -30.23 41.19 -21.65
N ALA C 172 -29.29 41.85 -20.99
CA ALA C 172 -28.36 41.17 -20.04
C ALA C 172 -28.95 41.18 -18.64
N THR C 173 -28.66 40.16 -17.84
CA THR C 173 -29.00 40.08 -16.40
C THR C 173 -27.77 40.52 -15.61
N VAL C 174 -27.89 41.63 -14.88
CA VAL C 174 -26.81 42.23 -14.07
C VAL C 174 -27.46 42.84 -12.84
N ILE C 175 -26.64 43.35 -11.95
CA ILE C 175 -27.07 44.26 -10.84
C ILE C 175 -26.86 45.69 -11.35
N LYS C 176 -27.95 46.46 -11.43
CA LYS C 176 -27.91 47.85 -11.94
C LYS C 176 -27.34 48.74 -10.84
N ASN C 177 -26.61 49.78 -11.24
CA ASN C 177 -25.94 50.77 -10.36
C ASN C 177 -25.27 50.08 -9.18
N PRO C 178 -24.37 49.10 -9.43
CA PRO C 178 -23.82 48.28 -8.36
C PRO C 178 -22.84 49.01 -7.42
N GLY C 179 -22.22 50.10 -7.88
CA GLY C 179 -21.33 50.92 -7.03
C GLY C 179 -19.91 50.42 -7.08
N ALA C 180 -18.97 51.23 -6.61
CA ALA C 180 -17.52 51.01 -6.70
C ALA C 180 -17.13 49.67 -6.05
N SER C 181 -17.82 49.23 -5.00
CA SER C 181 -17.52 47.97 -4.27
CA SER C 181 -17.43 47.98 -4.30
C SER C 181 -17.63 46.75 -5.20
N SER C 182 -18.37 46.88 -6.30
CA SER C 182 -18.60 45.77 -7.25
C SER C 182 -17.34 45.53 -8.09
N GLN C 183 -16.34 46.41 -7.99
CA GLN C 183 -15.04 46.25 -8.69
C GLN C 183 -14.15 45.29 -7.90
N VAL C 184 -14.54 45.00 -6.66
CA VAL C 184 -13.86 44.00 -5.79
C VAL C 184 -14.98 43.18 -5.14
N PHE C 185 -14.77 42.62 -3.97
CA PHE C 185 -15.81 41.77 -3.33
C PHE C 185 -16.73 42.61 -2.47
N ASP C 186 -18.02 42.47 -2.71
CA ASP C 186 -19.10 43.05 -1.86
C ASP C 186 -20.07 41.93 -1.53
N PRO C 187 -20.24 41.57 -0.24
CA PRO C 187 -21.03 40.40 0.12
C PRO C 187 -22.52 40.52 -0.24
N ASN C 188 -22.96 41.71 -0.61
CA ASN C 188 -24.42 41.90 -0.86
C ASN C 188 -24.70 41.70 -2.36
N LEU C 189 -23.68 41.48 -3.21
CA LEU C 189 -23.88 41.45 -4.70
C LEU C 189 -23.85 40.00 -5.21
N LYS C 190 -24.96 39.30 -4.97
CA LYS C 190 -25.12 37.86 -5.22
C LYS C 190 -26.12 37.61 -6.35
N GLY C 191 -26.01 36.44 -6.97
CA GLY C 191 -27.05 35.97 -7.90
C GLY C 191 -26.95 34.48 -8.10
N THR C 192 -27.79 33.95 -8.96
CA THR C 192 -27.79 32.51 -9.29
C THR C 192 -27.98 32.41 -10.79
N LEU C 193 -27.28 31.46 -11.40
CA LEU C 193 -27.26 31.31 -12.88
C LEU C 193 -28.51 30.53 -13.28
N THR C 194 -29.58 31.26 -13.56
CA THR C 194 -30.94 30.69 -13.76
C THR C 194 -31.42 30.88 -15.20
N ALA C 195 -30.58 31.39 -16.09
CA ALA C 195 -30.93 31.58 -17.50
C ALA C 195 -29.69 31.46 -18.38
N ASP C 196 -29.87 30.86 -19.53
CA ASP C 196 -28.82 30.66 -20.57
C ASP C 196 -28.66 31.93 -21.40
N GLY C 197 -27.42 32.30 -21.72
CA GLY C 197 -27.08 33.31 -22.73
C GLY C 197 -27.39 34.75 -22.32
N VAL C 198 -27.52 35.05 -21.03
CA VAL C 198 -27.88 36.44 -20.61
C VAL C 198 -27.04 36.96 -19.43
N PHE C 199 -26.34 36.12 -18.67
CA PHE C 199 -25.49 36.58 -17.54
C PHE C 199 -24.11 36.85 -18.13
N PRO C 200 -23.65 38.11 -18.23
CA PRO C 200 -22.37 38.38 -18.88
C PRO C 200 -21.24 37.70 -18.11
N VAL C 201 -20.34 37.08 -18.84
CA VAL C 201 -19.13 36.45 -18.22
C VAL C 201 -18.38 37.54 -17.45
N GLU C 202 -18.26 38.74 -18.02
CA GLU C 202 -17.44 39.82 -17.41
C GLU C 202 -18.11 40.41 -16.17
N ALA C 203 -19.33 39.98 -15.81
CA ALA C 203 -20.03 40.57 -14.64
C ALA C 203 -20.31 39.55 -13.54
N TRP C 204 -20.15 38.25 -13.79
CA TRP C 204 -20.50 37.21 -12.79
C TRP C 204 -19.42 36.13 -12.76
N GLY C 205 -19.08 35.67 -11.57
CA GLY C 205 -18.25 34.46 -11.43
C GLY C 205 -18.83 33.57 -10.36
N PRO C 206 -18.31 32.33 -10.22
CA PRO C 206 -18.74 31.45 -9.15
C PRO C 206 -18.46 32.07 -7.78
N ASP C 207 -19.42 31.92 -6.86
CA ASP C 207 -19.34 32.42 -5.48
C ASP C 207 -18.70 31.34 -4.60
N PRO C 208 -17.46 31.52 -4.13
CA PRO C 208 -16.85 30.47 -3.29
C PRO C 208 -17.44 30.37 -1.87
N PHE C 209 -18.20 31.39 -1.44
CA PHE C 209 -18.89 31.37 -0.12
C PHE C 209 -20.10 30.42 -0.16
N LYS C 210 -20.54 30.02 -1.34
CA LYS C 210 -21.72 29.11 -1.46
C LYS C 210 -21.28 27.90 -2.30
N ASN C 211 -22.15 27.38 -3.16
CA ASN C 211 -21.83 26.27 -4.09
C ASN C 211 -21.34 25.04 -3.31
N GLU C 212 -21.93 24.75 -2.14
CA GLU C 212 -21.57 23.53 -1.39
C GLU C 212 -22.05 22.29 -2.16
N ASN C 213 -23.00 22.46 -3.08
CA ASN C 213 -23.66 21.34 -3.80
C ASN C 213 -23.30 21.40 -5.28
N THR C 214 -22.23 22.12 -5.62
CA THR C 214 -21.76 22.29 -7.01
C THR C 214 -20.24 22.14 -7.00
N ARG C 215 -19.68 21.56 -8.05
CA ARG C 215 -18.22 21.60 -8.27
C ARG C 215 -17.97 22.47 -9.50
N TYR C 216 -17.07 23.42 -9.39
CA TYR C 216 -16.71 24.30 -10.53
C TYR C 216 -15.20 24.37 -10.67
N PHE C 217 -14.80 24.59 -11.92
CA PHE C 217 -13.40 24.57 -12.39
C PHE C 217 -13.26 25.65 -13.45
N GLY C 218 -12.25 26.51 -13.32
CA GLY C 218 -12.03 27.55 -14.33
C GLY C 218 -10.56 27.87 -14.53
N GLN C 219 -10.27 28.30 -15.75
CA GLN C 219 -8.92 28.73 -16.17
C GLN C 219 -9.07 29.97 -17.05
N TYR C 220 -8.30 31.01 -16.75
CA TYR C 220 -8.21 32.22 -17.57
C TYR C 220 -6.74 32.40 -18.00
N THR C 221 -6.51 32.55 -19.29
CA THR C 221 -5.24 33.10 -19.81
C THR C 221 -5.59 34.34 -20.61
N GLY C 222 -5.00 35.46 -20.22
CA GLY C 222 -5.34 36.74 -20.86
C GLY C 222 -4.44 37.00 -22.06
N GLY C 223 -4.47 38.27 -22.48
CA GLY C 223 -3.73 38.76 -23.65
C GLY C 223 -4.66 38.86 -24.85
N THR C 224 -4.13 39.43 -25.93
CA THR C 224 -4.86 39.57 -27.21
C THR C 224 -4.08 38.87 -28.33
N GLN C 225 -2.79 38.58 -28.13
CA GLN C 225 -1.96 37.80 -29.09
C GLN C 225 -1.60 36.41 -28.53
N THR C 226 -2.09 36.00 -27.37
CA THR C 226 -1.77 34.70 -26.72
C THR C 226 -2.25 33.55 -27.59
N PRO C 227 -1.45 32.49 -27.85
CA PRO C 227 -1.99 31.33 -28.56
C PRO C 227 -2.96 30.56 -27.68
N PRO C 228 -4.14 30.17 -28.20
CA PRO C 228 -5.05 29.25 -27.53
C PRO C 228 -4.35 27.91 -27.28
N VAL C 229 -4.62 27.32 -26.12
CA VAL C 229 -4.11 25.98 -25.74
C VAL C 229 -5.29 25.14 -25.29
N LEU C 230 -5.59 24.08 -26.03
CA LEU C 230 -6.76 23.23 -25.74
C LEU C 230 -6.38 21.77 -25.90
N THR C 231 -6.92 20.92 -25.05
CA THR C 231 -6.74 19.46 -25.10
C THR C 231 -8.10 18.83 -25.21
N PHE C 232 -8.18 17.63 -25.76
CA PHE C 232 -9.45 16.89 -25.89
C PHE C 232 -9.10 15.41 -25.86
N THR C 233 -9.83 14.64 -25.06
CA THR C 233 -9.64 13.19 -24.95
C THR C 233 -10.93 12.63 -24.37
N ASN C 234 -11.26 11.40 -24.74
CA ASN C 234 -12.42 10.68 -24.14
C ASN C 234 -11.95 9.79 -22.98
N THR C 235 -10.75 10.00 -22.43
CA THR C 235 -10.16 9.06 -21.44
C THR C 235 -10.02 9.68 -20.05
N GLN C 236 -10.44 10.93 -19.84
CA GLN C 236 -10.20 11.66 -18.57
C GLN C 236 -11.49 11.77 -17.76
N THR C 237 -11.48 11.29 -16.52
CA THR C 237 -12.64 11.35 -15.59
C THR C 237 -12.32 12.31 -14.43
N THR C 238 -13.26 13.18 -14.08
CA THR C 238 -13.15 14.07 -12.91
C THR C 238 -14.06 13.51 -11.81
N ILE C 239 -13.51 13.16 -10.66
CA ILE C 239 -14.36 12.66 -9.52
C ILE C 239 -15.05 13.89 -8.91
N LEU C 240 -16.34 13.78 -8.59
CA LEU C 240 -17.14 14.92 -8.05
C LEU C 240 -17.41 14.74 -6.56
N LEU C 241 -16.90 13.65 -5.96
CA LEU C 241 -17.05 13.44 -4.51
C LEU C 241 -16.28 14.50 -3.73
N ASP C 242 -16.85 14.98 -2.62
CA ASP C 242 -16.23 16.01 -1.75
C ASP C 242 -15.36 15.29 -0.70
N GLU C 243 -14.86 16.05 0.29
CA GLU C 243 -13.93 15.52 1.33
C GLU C 243 -14.60 14.37 2.09
N ASN C 244 -15.94 14.35 2.14
CA ASN C 244 -16.77 13.35 2.90
C ASN C 244 -17.28 12.21 2.00
N GLY C 245 -16.83 12.14 0.74
CA GLY C 245 -17.20 11.03 -0.17
C GLY C 245 -18.58 11.23 -0.77
N VAL C 246 -19.05 12.48 -0.82
CA VAL C 246 -20.43 12.82 -1.28
C VAL C 246 -20.34 13.71 -2.53
N GLY C 247 -21.03 13.31 -3.60
CA GLY C 247 -21.12 14.12 -4.82
C GLY C 247 -22.29 15.09 -4.74
N PRO C 248 -22.42 15.99 -5.72
CA PRO C 248 -23.60 16.86 -5.81
C PRO C 248 -24.87 16.01 -5.74
N LEU C 249 -25.82 16.48 -4.93
CA LEU C 249 -27.13 15.81 -4.73
C LEU C 249 -28.18 16.62 -5.47
N CYS C 250 -28.90 16.00 -6.40
CA CYS C 250 -29.73 16.69 -7.42
C CYS C 250 -31.09 17.05 -6.84
N LYS C 251 -31.23 18.30 -6.40
CA LYS C 251 -32.50 18.81 -5.81
C LYS C 251 -33.55 18.83 -6.90
N GLY C 252 -34.73 18.29 -6.59
CA GLY C 252 -35.84 18.22 -7.54
C GLY C 252 -35.54 17.32 -8.72
N ASP C 253 -34.57 16.38 -8.58
CA ASP C 253 -34.15 15.45 -9.66
C ASP C 253 -33.67 16.27 -10.88
N GLY C 254 -32.98 17.38 -10.61
CA GLY C 254 -32.38 18.21 -11.67
C GLY C 254 -30.86 18.21 -11.56
N LEU C 255 -30.18 17.99 -12.68
CA LEU C 255 -28.71 18.13 -12.76
C LEU C 255 -28.38 19.46 -13.48
N PHE C 256 -27.59 20.33 -12.84
CA PHE C 256 -27.32 21.68 -13.38
C PHE C 256 -25.93 21.72 -14.00
N LEU C 257 -25.87 22.08 -15.28
CA LEU C 257 -24.62 22.17 -16.07
C LEU C 257 -24.43 23.62 -16.50
N SER C 258 -23.24 24.17 -16.28
CA SER C 258 -22.90 25.57 -16.66
C SER C 258 -21.49 25.60 -17.26
N CYS C 259 -21.26 26.53 -18.18
CA CYS C 259 -19.90 26.72 -18.74
C CYS C 259 -19.77 28.04 -19.46
N ALA C 260 -18.53 28.42 -19.68
CA ALA C 260 -18.14 29.46 -20.64
C ALA C 260 -16.84 28.99 -21.26
N ASP C 261 -16.75 29.03 -22.59
CA ASP C 261 -15.58 28.56 -23.35
C ASP C 261 -15.21 29.59 -24.44
N ILE C 262 -14.65 30.69 -23.99
CA ILE C 262 -14.07 31.74 -24.88
C ILE C 262 -12.73 31.19 -25.36
N VAL C 263 -12.55 31.01 -26.65
CA VAL C 263 -11.25 30.45 -27.09
CA VAL C 263 -11.30 30.46 -27.22
C VAL C 263 -10.31 31.60 -27.44
N GLY C 264 -10.84 32.75 -27.87
CA GLY C 264 -10.03 33.93 -28.18
C GLY C 264 -10.78 34.82 -29.14
N PHE C 265 -10.06 35.63 -29.88
CA PHE C 265 -10.63 36.62 -30.82
C PHE C 265 -10.34 36.22 -32.26
N PHE C 266 -11.31 36.50 -33.09
CA PHE C 266 -11.22 36.48 -34.57
C PHE C 266 -10.97 37.91 -35.04
N THR C 267 -9.95 38.12 -35.85
CA THR C 267 -9.52 39.45 -36.36
C THR C 267 -9.75 39.49 -37.88
N GLN C 268 -10.64 40.37 -38.32
CA GLN C 268 -10.94 40.62 -39.76
C GLN C 268 -9.77 41.37 -40.40
N HIS C 269 -9.75 41.41 -41.74
CA HIS C 269 -8.75 42.18 -42.51
C HIS C 269 -8.71 43.65 -42.04
N ASN C 270 -9.85 44.20 -41.69
CA ASN C 270 -9.96 45.64 -41.30
C ASN C 270 -9.68 45.82 -39.80
N LYS C 271 -9.18 44.77 -39.14
CA LYS C 271 -8.72 44.80 -37.72
C LYS C 271 -9.88 44.77 -36.72
N LYS C 272 -11.13 44.64 -37.15
CA LYS C 272 -12.26 44.46 -36.21
C LYS C 272 -12.14 43.08 -35.56
N MET C 273 -12.43 43.01 -34.26
CA MET C 273 -12.17 41.80 -33.45
C MET C 273 -13.46 41.35 -32.79
N SER C 274 -13.69 40.04 -32.77
CA SER C 274 -14.89 39.41 -32.16
C SER C 274 -14.46 38.20 -31.33
N PHE C 275 -15.18 37.92 -30.24
CA PHE C 275 -15.03 36.66 -29.46
C PHE C 275 -15.43 35.47 -30.32
N ARG C 276 -14.69 34.37 -30.20
CA ARG C 276 -15.07 33.04 -30.76
C ARG C 276 -15.16 32.05 -29.59
N GLY C 277 -16.25 31.30 -29.53
CA GLY C 277 -16.50 30.29 -28.48
C GLY C 277 -16.64 28.91 -29.08
N LEU C 278 -16.52 27.90 -28.22
CA LEU C 278 -16.74 26.49 -28.61
C LEU C 278 -17.74 25.87 -27.66
N PRO C 279 -18.46 24.84 -28.14
CA PRO C 279 -19.39 24.08 -27.32
C PRO C 279 -18.68 23.08 -26.41
N ARG C 280 -19.36 22.65 -25.36
CA ARG C 280 -18.76 21.78 -24.35
C ARG C 280 -19.66 20.57 -24.21
N TYR C 281 -19.04 19.40 -24.16
CA TYR C 281 -19.63 18.08 -23.90
C TYR C 281 -19.56 17.78 -22.40
N PHE C 282 -20.62 17.17 -21.88
CA PHE C 282 -20.67 16.62 -20.51
C PHE C 282 -21.17 15.19 -20.57
N ARG C 283 -20.49 14.33 -19.83
CA ARG C 283 -20.98 13.00 -19.44
C ARG C 283 -20.98 12.96 -17.92
N VAL C 284 -22.13 12.68 -17.31
CA VAL C 284 -22.15 12.68 -15.83
C VAL C 284 -22.68 11.31 -15.40
N THR C 285 -21.97 10.68 -14.46
CA THR C 285 -22.35 9.38 -13.87
C THR C 285 -23.06 9.64 -12.54
N LEU C 286 -24.28 9.12 -12.39
CA LEU C 286 -25.06 9.34 -11.16
C LEU C 286 -25.49 8.00 -10.56
N ARG C 287 -25.76 8.01 -9.27
CA ARG C 287 -26.30 6.83 -8.57
C ARG C 287 -27.43 7.31 -7.66
N LYS C 288 -28.42 6.46 -7.42
CA LYS C 288 -29.45 6.74 -6.40
C LYS C 288 -28.81 6.60 -5.01
N ARG C 289 -28.92 7.63 -4.16
CA ARG C 289 -28.34 7.59 -2.80
C ARG C 289 -29.46 7.85 -1.79
N VAL C 290 -29.47 7.09 -0.70
CA VAL C 290 -30.39 7.32 0.44
C VAL C 290 -29.72 8.37 1.34
N VAL C 291 -30.37 9.52 1.49
CA VAL C 291 -29.80 10.74 2.14
C VAL C 291 -30.60 11.04 3.40
N LYS C 292 -29.91 11.36 4.52
CA LYS C 292 -30.53 11.81 5.80
C LYS C 292 -31.32 13.09 5.52
N ASN C 293 -32.57 13.13 6.01
CA ASN C 293 -33.62 14.14 5.67
C ASN C 293 -34.17 14.77 6.95
N ILE D 36 -1.04 -13.14 -27.21
CA ILE D 36 -0.74 -11.65 -27.09
C ILE D 36 0.17 -11.22 -28.25
N THR D 37 -0.29 -10.30 -29.09
CA THR D 37 0.35 -9.91 -30.37
C THR D 37 0.63 -8.40 -30.35
N GLU D 38 1.74 -7.99 -30.98
CA GLU D 38 2.14 -6.57 -31.06
C GLU D 38 2.11 -6.18 -32.52
N ILE D 39 1.51 -5.04 -32.84
CA ILE D 39 1.62 -4.53 -34.23
C ILE D 39 2.33 -3.17 -34.17
N GLU D 40 3.13 -2.90 -35.18
CA GLU D 40 3.72 -1.56 -35.38
C GLU D 40 3.20 -1.03 -36.69
N ALA D 41 2.98 0.27 -36.78
CA ALA D 41 2.42 0.92 -37.98
C ALA D 41 2.87 2.37 -38.00
N TYR D 42 2.82 2.98 -39.17
CA TYR D 42 2.98 4.45 -39.27
C TYR D 42 1.82 5.04 -40.05
N LEU D 43 1.57 6.32 -39.80
CA LEU D 43 0.69 7.16 -40.64
C LEU D 43 1.49 8.36 -41.08
N ASN D 44 1.61 8.53 -42.39
CA ASN D 44 2.21 9.75 -42.95
C ASN D 44 1.18 10.87 -42.91
N PRO D 45 1.64 12.13 -42.79
CA PRO D 45 0.73 13.26 -42.75
C PRO D 45 0.09 13.51 -44.12
N ARG D 46 -1.07 14.15 -44.11
CA ARG D 46 -1.81 14.53 -45.33
C ARG D 46 -2.04 16.05 -45.30
N MET D 47 -0.96 16.82 -45.44
CA MET D 47 -0.99 18.29 -45.30
C MET D 47 -1.52 18.98 -46.57
N GLY D 48 -1.53 18.28 -47.72
CA GLY D 48 -2.20 18.81 -48.93
C GLY D 48 -1.46 18.46 -50.21
N GLN D 49 -0.14 18.60 -50.24
CA GLN D 49 0.66 18.29 -51.46
C GLN D 49 0.75 16.78 -51.65
N PRO D 50 0.75 16.33 -52.93
CA PRO D 50 0.75 14.90 -53.23
C PRO D 50 2.04 14.18 -52.85
N GLN D 51 1.91 12.88 -52.62
CA GLN D 51 3.04 11.96 -52.37
C GLN D 51 3.92 11.90 -53.61
N ASN D 52 5.19 11.53 -53.43
CA ASN D 52 6.11 11.23 -54.55
C ASN D 52 6.32 12.49 -55.39
N GLU D 53 6.15 13.68 -54.79
CA GLU D 53 6.45 14.99 -55.43
C GLU D 53 7.17 15.86 -54.39
N ASP D 54 7.74 16.97 -54.82
CA ASP D 54 8.81 17.66 -54.08
C ASP D 54 8.29 18.26 -52.77
N PHE D 55 6.99 18.50 -52.61
CA PHE D 55 6.47 19.16 -51.38
C PHE D 55 5.66 18.20 -50.51
N TYR D 56 5.94 16.90 -50.62
CA TYR D 56 5.31 15.87 -49.75
C TYR D 56 5.64 16.21 -48.29
N GLY D 57 4.62 16.27 -47.45
CA GLY D 57 4.74 16.65 -46.02
C GLY D 57 4.29 18.09 -45.81
N PHE D 58 4.11 18.86 -46.87
CA PHE D 58 3.64 20.27 -46.80
C PHE D 58 2.24 20.41 -47.42
N SER D 59 1.54 21.47 -47.06
CA SER D 59 0.41 22.00 -47.86
C SER D 59 0.97 22.85 -49.00
N ASP D 60 0.12 23.16 -49.97
CA ASP D 60 0.39 24.27 -50.92
C ASP D 60 0.30 25.58 -50.12
N ASN D 61 0.82 26.66 -50.69
CA ASN D 61 0.80 27.98 -50.03
C ASN D 61 -0.64 28.38 -49.75
N VAL D 62 -0.90 28.84 -48.52
CA VAL D 62 -2.27 29.15 -48.04
C VAL D 62 -2.74 30.47 -48.61
N THR D 63 -3.93 30.47 -49.19
CA THR D 63 -4.64 31.68 -49.61
C THR D 63 -5.72 31.99 -48.58
N VAL D 64 -6.06 33.26 -48.45
CA VAL D 64 -7.01 33.76 -47.44
C VAL D 64 -8.11 34.53 -48.18
N SER D 65 -9.36 34.24 -47.85
CA SER D 65 -10.54 34.89 -48.48
C SER D 65 -10.73 36.29 -47.92
N ASP D 66 -11.58 37.08 -48.59
CA ASP D 66 -11.86 38.48 -48.18
C ASP D 66 -13.04 38.53 -47.20
N ASP D 67 -13.94 37.54 -47.27
CA ASP D 67 -15.23 37.54 -46.53
C ASP D 67 -15.63 36.07 -46.33
N PHE D 68 -16.45 35.78 -45.33
CA PHE D 68 -16.98 34.42 -45.08
C PHE D 68 -17.85 33.95 -46.26
N GLY D 69 -18.49 34.89 -46.96
CA GLY D 69 -19.41 34.55 -48.07
C GLY D 69 -18.69 34.27 -49.39
N SER D 70 -17.38 34.51 -49.49
CA SER D 70 -16.53 34.23 -50.68
C SER D 70 -15.28 33.47 -50.25
N ASP D 71 -15.50 32.42 -49.46
CA ASP D 71 -14.43 31.61 -48.82
C ASP D 71 -14.42 30.23 -49.47
N ALA D 72 -13.36 29.89 -50.20
CA ALA D 72 -13.22 28.60 -50.88
C ALA D 72 -11.77 28.15 -50.80
N PRO D 73 -11.38 27.42 -49.72
CA PRO D 73 -10.00 27.00 -49.58
C PRO D 73 -9.71 26.00 -50.69
N PRO D 74 -8.73 26.28 -51.60
CA PRO D 74 -8.45 25.34 -52.69
C PRO D 74 -7.88 24.02 -52.16
N TRP D 75 -8.15 22.93 -52.87
CA TRP D 75 -7.50 21.64 -52.60
C TRP D 75 -5.97 21.81 -52.56
N LYS D 76 -5.36 21.11 -51.59
CA LYS D 76 -3.91 21.05 -51.32
C LYS D 76 -3.52 22.12 -50.29
N GLN D 77 -4.38 23.10 -50.00
CA GLN D 77 -4.00 24.23 -49.10
C GLN D 77 -4.42 23.99 -47.64
N PHE D 78 -4.96 22.83 -47.31
CA PHE D 78 -5.39 22.54 -45.92
C PHE D 78 -5.15 21.07 -45.62
N PRO D 79 -4.84 20.78 -44.35
CA PRO D 79 -4.60 19.41 -43.90
C PRO D 79 -5.86 18.57 -43.74
N CYS D 80 -5.70 17.28 -43.97
CA CYS D 80 -6.75 16.24 -43.77
C CYS D 80 -6.26 15.22 -42.75
N TYR D 81 -7.18 14.48 -42.13
CA TYR D 81 -6.81 13.38 -41.21
C TYR D 81 -6.16 12.22 -41.98
N SER D 82 -5.23 11.58 -41.30
CA SER D 82 -4.59 10.30 -41.72
C SER D 82 -5.34 9.16 -41.02
N THR D 83 -5.51 8.02 -41.71
CA THR D 83 -6.16 6.84 -41.11
C THR D 83 -5.68 5.59 -41.84
N ALA D 84 -5.65 4.48 -41.13
CA ALA D 84 -5.36 3.16 -41.73
C ALA D 84 -6.07 2.10 -40.87
N ARG D 85 -6.52 1.05 -41.53
CA ARG D 85 -7.02 -0.17 -40.87
C ARG D 85 -5.92 -1.23 -40.96
N ILE D 86 -5.48 -1.75 -39.83
CA ILE D 86 -4.47 -2.85 -39.78
C ILE D 86 -5.25 -4.17 -39.73
N SER D 87 -5.00 -5.07 -40.68
CA SER D 87 -5.58 -6.42 -40.66
C SER D 87 -4.90 -7.23 -39.56
N LEU D 88 -5.66 -7.77 -38.62
CA LEU D 88 -5.10 -8.60 -37.53
C LEU D 88 -5.29 -10.06 -37.90
N PRO D 89 -4.56 -11.00 -37.26
CA PRO D 89 -4.77 -12.42 -37.53
C PRO D 89 -6.25 -12.79 -37.38
N MET D 90 -6.81 -13.52 -38.35
CA MET D 90 -8.25 -13.89 -38.37
C MET D 90 -8.57 -14.74 -37.14
N LEU D 91 -9.75 -14.53 -36.55
CA LEU D 91 -10.22 -15.25 -35.33
C LEU D 91 -11.51 -16.00 -35.66
N ILE D 100 -17.29 -16.39 -29.09
CA ILE D 100 -16.63 -15.47 -30.07
C ILE D 100 -15.38 -14.83 -29.46
N LEU D 101 -14.29 -14.82 -30.23
CA LEU D 101 -13.00 -14.19 -29.87
C LEU D 101 -12.84 -12.88 -30.64
N MET D 102 -12.33 -11.87 -29.96
CA MET D 102 -11.93 -10.61 -30.63
C MET D 102 -10.57 -10.20 -30.10
N TRP D 103 -9.78 -9.51 -30.94
CA TRP D 103 -8.54 -8.84 -30.51
C TRP D 103 -8.91 -7.62 -29.65
N GLU D 104 -8.35 -7.53 -28.46
CA GLU D 104 -8.53 -6.39 -27.53
C GLU D 104 -7.23 -5.60 -27.46
N ALA D 105 -7.27 -4.31 -27.79
CA ALA D 105 -6.08 -3.41 -27.71
C ALA D 105 -5.92 -3.01 -26.24
N ILE D 106 -4.85 -3.41 -25.56
CA ILE D 106 -4.74 -3.19 -24.09
C ILE D 106 -3.79 -2.02 -23.80
N SER D 107 -2.89 -1.69 -24.71
CA SER D 107 -1.92 -0.58 -24.51
C SER D 107 -1.33 -0.20 -25.86
N CYS D 108 -0.64 0.92 -25.87
CA CYS D 108 0.02 1.37 -27.10
C CYS D 108 1.21 2.21 -26.69
N ARG D 109 2.11 2.40 -27.65
CA ARG D 109 3.07 3.51 -27.62
C ARG D 109 2.85 4.26 -28.91
N THR D 110 3.01 5.57 -28.88
CA THR D 110 2.93 6.40 -30.09
C THR D 110 3.99 7.47 -30.00
N GLU D 111 4.62 7.78 -31.12
CA GLU D 111 5.70 8.80 -31.19
C GLU D 111 5.50 9.59 -32.47
N VAL D 112 5.70 10.90 -32.41
CA VAL D 112 5.88 11.73 -33.62
C VAL D 112 7.31 11.51 -34.12
N MET D 113 7.46 11.12 -35.37
CA MET D 113 8.79 10.81 -35.97
C MET D 113 9.29 12.03 -36.75
N GLY D 114 10.60 12.13 -36.88
CA GLY D 114 11.21 13.17 -37.71
C GLY D 114 11.28 14.53 -37.04
N VAL D 115 11.09 14.61 -35.72
CA VAL D 115 11.24 15.88 -34.98
C VAL D 115 12.62 16.47 -35.32
N ASN D 116 13.62 15.61 -35.48
CA ASN D 116 15.00 16.02 -35.82
C ASN D 116 15.01 17.00 -37.02
N MET D 117 14.07 16.90 -37.95
CA MET D 117 14.17 17.70 -39.21
C MET D 117 13.99 19.18 -38.91
N LEU D 118 13.37 19.52 -37.77
CA LEU D 118 12.98 20.92 -37.45
C LEU D 118 14.21 21.71 -36.99
N THR D 119 15.38 21.08 -36.93
CA THR D 119 16.68 21.76 -36.66
C THR D 119 17.25 22.35 -37.95
N ASN D 120 16.58 22.14 -39.08
CA ASN D 120 16.95 22.75 -40.38
C ASN D 120 16.49 24.21 -40.39
N VAL D 121 17.44 25.13 -40.39
CA VAL D 121 17.15 26.58 -40.55
C VAL D 121 17.90 27.11 -41.77
N HIS D 122 18.17 26.27 -42.77
CA HIS D 122 18.89 26.70 -44.00
C HIS D 122 18.03 26.58 -45.26
N SER D 123 16.95 25.81 -45.27
CA SER D 123 16.23 25.45 -46.53
C SER D 123 15.15 26.49 -46.88
N ALA D 124 15.50 27.48 -47.69
CA ALA D 124 14.56 28.38 -48.39
C ALA D 124 13.56 29.04 -47.41
N GLN D 125 14.04 29.49 -46.26
CA GLN D 125 13.17 30.02 -45.17
C GLN D 125 13.36 31.54 -45.11
N LYS D 126 12.29 32.29 -44.90
CA LYS D 126 12.39 33.69 -44.43
C LYS D 126 13.43 33.78 -43.31
N ARG D 127 14.32 34.77 -43.36
CA ARG D 127 15.43 34.88 -42.37
C ARG D 127 15.00 35.71 -41.16
N VAL D 128 15.69 35.50 -40.04
CA VAL D 128 15.43 36.26 -38.80
C VAL D 128 15.58 37.74 -39.10
N TYR D 129 16.57 38.12 -39.89
CA TYR D 129 16.85 39.54 -40.25
C TYR D 129 16.69 39.69 -41.76
N GLU D 130 15.49 39.44 -42.30
CA GLU D 130 15.25 39.21 -43.76
C GLU D 130 15.53 40.52 -44.51
N ASN D 131 15.19 41.67 -43.92
CA ASN D 131 15.46 43.03 -44.44
C ASN D 131 16.95 43.14 -44.75
N ASP D 132 17.81 42.64 -43.85
CA ASP D 132 19.30 42.68 -43.91
C ASP D 132 19.89 41.46 -44.62
N ARG D 133 19.04 40.56 -45.13
CA ARG D 133 19.44 39.30 -45.80
C ARG D 133 20.37 38.51 -44.86
N GLU D 134 20.05 38.45 -43.56
CA GLU D 134 21.01 37.84 -42.59
C GLU D 134 20.26 37.02 -41.54
N GLY D 135 21.00 36.14 -40.89
CA GLY D 135 20.50 35.29 -39.80
C GLY D 135 20.07 33.92 -40.29
N THR D 136 19.69 33.05 -39.37
CA THR D 136 19.15 31.71 -39.74
C THR D 136 17.80 31.90 -40.43
N GLY D 137 17.27 30.84 -41.04
CA GLY D 137 15.84 30.79 -41.33
C GLY D 137 15.03 30.83 -40.04
N ILE D 138 13.79 31.28 -40.10
CA ILE D 138 12.92 31.29 -38.88
C ILE D 138 12.46 29.87 -38.56
N GLY D 139 12.62 28.91 -39.48
CA GLY D 139 12.26 27.51 -39.22
C GLY D 139 10.75 27.37 -39.22
N VAL D 140 10.24 26.27 -38.69
CA VAL D 140 8.78 26.04 -38.58
C VAL D 140 8.26 26.69 -37.30
N GLU D 141 7.19 27.45 -37.42
CA GLU D 141 6.57 28.16 -36.27
C GLU D 141 5.06 28.17 -36.47
N GLY D 142 4.34 28.32 -35.36
CA GLY D 142 2.89 28.53 -35.37
C GLY D 142 2.17 27.33 -34.80
N MET D 143 0.95 27.10 -35.29
CA MET D 143 0.03 26.16 -34.62
C MET D 143 0.58 24.73 -34.64
N GLY D 144 0.37 24.04 -33.53
CA GLY D 144 0.55 22.61 -33.40
C GLY D 144 -0.81 21.97 -33.17
N TYR D 145 -1.19 21.01 -33.99
CA TYR D 145 -2.40 20.20 -33.78
C TYR D 145 -1.94 18.75 -33.84
N HIS D 146 -2.03 18.07 -32.72
CA HIS D 146 -1.55 16.69 -32.58
C HIS D 146 -2.66 15.86 -31.96
N MET D 147 -3.19 14.91 -32.71
N MET D 147 -3.19 14.94 -32.76
CA MET D 147 -4.26 14.06 -32.17
CA MET D 147 -4.31 14.05 -32.37
C MET D 147 -4.11 12.66 -32.78
C MET D 147 -3.92 12.62 -32.76
N PHE D 148 -4.32 11.65 -31.96
CA PHE D 148 -4.25 10.25 -32.42
C PHE D 148 -5.44 9.54 -31.82
N ALA D 149 -5.86 8.49 -32.52
CA ALA D 149 -6.96 7.64 -32.07
C ALA D 149 -6.63 6.20 -32.41
N ILE D 150 -7.00 5.32 -31.49
CA ILE D 150 -6.83 3.85 -31.65
C ILE D 150 -8.16 3.20 -31.28
N GLY D 151 -8.70 2.40 -32.20
CA GLY D 151 -10.03 1.83 -32.00
C GLY D 151 -10.26 0.53 -32.73
N GLY D 152 -11.38 -0.09 -32.42
CA GLY D 152 -11.81 -1.36 -33.04
C GLY D 152 -12.80 -1.11 -34.16
N GLU D 153 -13.01 0.14 -34.53
CA GLU D 153 -13.91 0.54 -35.64
C GLU D 153 -13.48 1.92 -36.07
N PRO D 154 -13.93 2.44 -37.24
CA PRO D 154 -13.57 3.79 -37.64
C PRO D 154 -13.89 4.84 -36.58
N LEU D 155 -13.03 5.84 -36.48
CA LEU D 155 -13.24 6.99 -35.58
C LEU D 155 -14.56 7.67 -35.96
N GLU D 156 -15.41 7.93 -34.98
CA GLU D 156 -16.70 8.65 -35.16
C GLU D 156 -16.44 10.16 -35.00
N LEU D 157 -16.97 10.93 -35.95
CA LEU D 157 -16.65 12.36 -36.11
C LEU D 157 -17.88 13.23 -35.88
N GLN D 158 -17.62 14.40 -35.34
CA GLN D 158 -18.56 15.54 -35.32
C GLN D 158 -18.08 16.56 -36.36
N PHE D 159 -18.97 16.98 -37.24
CA PHE D 159 -18.70 18.06 -38.21
C PHE D 159 -18.79 19.38 -37.46
N MET D 160 -17.76 20.22 -37.56
CA MET D 160 -17.78 21.58 -36.97
C MET D 160 -16.75 22.42 -37.71
N VAL D 161 -17.18 23.61 -38.14
CA VAL D 161 -16.34 24.50 -38.99
C VAL D 161 -16.34 25.91 -38.40
N PHE D 162 -15.28 26.65 -38.71
CA PHE D 162 -15.12 28.04 -38.26
C PHE D 162 -16.14 28.92 -38.97
N ASN D 163 -16.34 28.68 -40.27
CA ASN D 163 -17.23 29.47 -41.16
C ASN D 163 -18.07 28.49 -42.00
N HIS D 164 -19.37 28.39 -41.73
CA HIS D 164 -20.29 27.43 -42.38
C HIS D 164 -20.36 27.71 -43.89
N ARG D 165 -20.06 28.93 -44.32
CA ARG D 165 -20.24 29.31 -45.76
C ARG D 165 -18.99 28.96 -46.58
N ALA D 166 -17.95 28.41 -45.96
CA ALA D 166 -16.78 27.93 -46.72
C ALA D 166 -17.24 26.88 -47.72
N THR D 167 -16.78 26.97 -48.96
CA THR D 167 -17.06 25.93 -49.98
C THR D 167 -15.81 25.08 -50.11
N TYR D 168 -15.86 23.85 -49.64
CA TYR D 168 -14.69 22.92 -49.67
C TYR D 168 -14.64 22.32 -51.07
N PRO D 169 -13.44 21.91 -51.52
CA PRO D 169 -13.25 21.40 -52.88
C PRO D 169 -13.82 19.99 -53.02
N ALA D 170 -14.02 19.60 -54.28
CA ALA D 170 -14.64 18.31 -54.63
C ALA D 170 -13.82 17.15 -54.05
N GLU D 171 -12.49 17.27 -53.93
CA GLU D 171 -11.62 16.18 -53.44
C GLU D 171 -11.92 15.83 -51.98
N ALA D 172 -12.43 16.78 -51.19
CA ALA D 172 -12.60 16.62 -49.73
C ALA D 172 -13.93 15.95 -49.43
N THR D 173 -14.03 15.29 -48.28
CA THR D 173 -15.30 14.79 -47.71
C THR D 173 -15.76 15.75 -46.62
N VAL D 174 -16.91 16.37 -46.84
CA VAL D 174 -17.53 17.33 -45.90
C VAL D 174 -19.03 17.13 -45.97
N ILE D 175 -19.77 17.80 -45.08
CA ILE D 175 -21.23 17.99 -45.21
C ILE D 175 -21.43 19.27 -46.01
N LYS D 176 -22.10 19.17 -47.16
CA LYS D 176 -22.34 20.34 -48.05
C LYS D 176 -23.48 21.18 -47.46
N ASN D 177 -23.40 22.50 -47.59
CA ASN D 177 -24.44 23.45 -47.10
C ASN D 177 -24.82 23.08 -45.68
N PRO D 178 -23.84 23.00 -44.76
CA PRO D 178 -24.09 22.48 -43.41
C PRO D 178 -24.96 23.40 -42.55
N GLY D 179 -24.99 24.70 -42.88
CA GLY D 179 -25.83 25.69 -42.18
C GLY D 179 -25.12 26.29 -40.98
N ALA D 180 -25.66 27.38 -40.45
CA ALA D 180 -25.05 28.17 -39.37
C ALA D 180 -24.78 27.31 -38.13
N SER D 181 -25.62 26.30 -37.86
CA SER D 181 -25.56 25.43 -36.66
C SER D 181 -24.20 24.69 -36.64
N SER D 182 -23.56 24.54 -37.80
CA SER D 182 -22.30 23.78 -37.93
C SER D 182 -21.12 24.56 -37.37
N GLN D 183 -21.32 25.82 -37.00
CA GLN D 183 -20.25 26.68 -36.41
C GLN D 183 -20.11 26.38 -34.92
N VAL D 184 -21.11 25.69 -34.37
CA VAL D 184 -21.09 25.14 -32.99
C VAL D 184 -21.57 23.68 -33.06
N PHE D 185 -22.11 23.13 -31.99
CA PHE D 185 -22.55 21.70 -31.95
C PHE D 185 -23.96 21.59 -32.53
N ASP D 186 -24.08 20.78 -33.57
CA ASP D 186 -25.39 20.36 -34.16
C ASP D 186 -25.42 18.84 -34.14
N PRO D 187 -26.33 18.21 -33.36
CA PRO D 187 -26.32 16.76 -33.21
C PRO D 187 -26.60 16.01 -34.52
N ASN D 188 -27.10 16.69 -35.56
CA ASN D 188 -27.39 16.05 -36.88
C ASN D 188 -26.13 15.84 -37.72
N LEU D 189 -25.02 16.51 -37.41
CA LEU D 189 -23.87 16.64 -38.34
C LEU D 189 -22.75 15.68 -37.93
N LYS D 190 -22.90 14.43 -38.33
CA LYS D 190 -22.05 13.30 -37.93
C LYS D 190 -21.35 12.73 -39.16
N GLY D 191 -20.24 12.06 -38.91
CA GLY D 191 -19.56 11.27 -39.92
C GLY D 191 -18.65 10.25 -39.28
N THR D 192 -17.98 9.47 -40.11
CA THR D 192 -16.98 8.48 -39.65
C THR D 192 -15.78 8.57 -40.56
N LEU D 193 -14.60 8.38 -39.99
CA LEU D 193 -13.32 8.59 -40.69
C LEU D 193 -13.02 7.34 -41.51
N THR D 194 -13.49 7.33 -42.75
CA THR D 194 -13.53 6.10 -43.59
C THR D 194 -12.51 6.20 -44.73
N ALA D 195 -11.76 7.28 -44.83
CA ALA D 195 -10.77 7.44 -45.90
C ALA D 195 -9.64 8.34 -45.44
N ASP D 196 -8.44 7.98 -45.88
CA ASP D 196 -7.19 8.71 -45.59
C ASP D 196 -7.14 9.96 -46.47
N GLY D 197 -6.66 11.07 -45.92
CA GLY D 197 -6.21 12.21 -46.73
C GLY D 197 -7.33 13.03 -47.36
N VAL D 198 -8.58 12.94 -46.89
CA VAL D 198 -9.70 13.68 -47.56
C VAL D 198 -10.68 14.34 -46.57
N PHE D 199 -10.66 13.99 -45.28
CA PHE D 199 -11.50 14.63 -44.25
C PHE D 199 -10.73 15.83 -43.70
N PRO D 200 -11.15 17.08 -43.99
CA PRO D 200 -10.36 18.24 -43.56
C PRO D 200 -10.31 18.27 -42.04
N VAL D 201 -9.12 18.54 -41.51
CA VAL D 201 -8.96 18.71 -40.05
C VAL D 201 -9.88 19.85 -39.60
N GLU D 202 -9.94 20.94 -40.34
CA GLU D 202 -10.71 22.11 -39.90
C GLU D 202 -12.22 21.88 -40.00
N ALA D 203 -12.71 20.74 -40.49
CA ALA D 203 -14.16 20.48 -40.61
C ALA D 203 -14.64 19.31 -39.75
N TRP D 204 -13.74 18.49 -39.19
CA TRP D 204 -14.17 17.30 -38.43
C TRP D 204 -13.31 17.15 -37.17
N GLY D 205 -13.93 16.73 -36.08
CA GLY D 205 -13.18 16.31 -34.89
C GLY D 205 -13.83 15.08 -34.29
N PRO D 206 -13.17 14.44 -33.31
CA PRO D 206 -13.74 13.28 -32.66
C PRO D 206 -15.07 13.62 -31.96
N ASP D 207 -16.04 12.71 -32.11
CA ASP D 207 -17.39 12.86 -31.53
C ASP D 207 -17.39 12.29 -30.12
N PRO D 208 -17.50 13.11 -29.06
CA PRO D 208 -17.50 12.59 -27.71
C PRO D 208 -18.78 11.85 -27.33
N PHE D 209 -19.85 12.01 -28.11
CA PHE D 209 -21.14 11.30 -27.89
C PHE D 209 -21.04 9.84 -28.35
N LYS D 210 -20.01 9.51 -29.10
CA LYS D 210 -19.81 8.12 -29.62
C LYS D 210 -18.41 7.66 -29.23
N ASN D 211 -17.74 6.90 -30.08
CA ASN D 211 -16.37 6.42 -29.82
C ASN D 211 -16.29 5.63 -28.51
N GLU D 212 -17.29 4.78 -28.23
CA GLU D 212 -17.24 3.87 -27.06
C GLU D 212 -16.11 2.86 -27.27
N ASN D 213 -15.73 2.61 -28.52
CA ASN D 213 -14.77 1.53 -28.83
C ASN D 213 -13.50 2.11 -29.46
N THR D 214 -13.23 3.39 -29.21
CA THR D 214 -12.02 4.09 -29.66
C THR D 214 -11.49 4.95 -28.53
N ARG D 215 -10.18 5.03 -28.34
CA ARG D 215 -9.58 6.03 -27.43
C ARG D 215 -8.93 7.10 -28.32
N TYR D 216 -9.20 8.37 -28.04
CA TYR D 216 -8.60 9.47 -28.81
C TYR D 216 -8.02 10.49 -27.84
N PHE D 217 -6.97 11.16 -28.31
CA PHE D 217 -6.17 12.10 -27.51
C PHE D 217 -5.73 13.23 -28.43
N GLY D 218 -5.96 14.45 -28.01
CA GLY D 218 -5.64 15.62 -28.86
C GLY D 218 -5.09 16.79 -28.07
N GLN D 219 -4.20 17.53 -28.72
CA GLN D 219 -3.64 18.77 -28.14
C GLN D 219 -3.53 19.80 -29.26
N TYR D 220 -3.94 21.03 -28.99
CA TYR D 220 -3.86 22.15 -29.94
C TYR D 220 -3.20 23.34 -29.25
N THR D 221 -2.18 23.89 -29.88
CA THR D 221 -1.64 25.22 -29.50
C THR D 221 -1.71 26.06 -30.76
N GLY D 222 -2.36 27.21 -30.69
CA GLY D 222 -2.61 28.02 -31.88
C GLY D 222 -1.48 28.97 -32.17
N GLY D 223 -1.80 29.98 -32.98
CA GLY D 223 -0.89 31.06 -33.37
C GLY D 223 -0.17 30.78 -34.67
N THR D 224 0.64 31.73 -35.11
CA THR D 224 1.42 31.64 -36.37
C THR D 224 2.93 31.83 -36.13
N GLN D 225 3.34 32.46 -35.02
CA GLN D 225 4.77 32.63 -34.61
C GLN D 225 5.07 31.78 -33.36
N THR D 226 4.15 30.93 -32.92
CA THR D 226 4.33 30.10 -31.71
C THR D 226 5.50 29.12 -31.89
N PRO D 227 6.41 28.96 -30.91
CA PRO D 227 7.44 27.94 -30.97
C PRO D 227 6.85 26.54 -30.88
N PRO D 228 7.15 25.64 -31.83
CA PRO D 228 6.71 24.26 -31.73
C PRO D 228 7.41 23.61 -30.55
N VAL D 229 6.67 22.77 -29.81
CA VAL D 229 7.22 21.98 -28.70
C VAL D 229 6.88 20.52 -28.96
N LEU D 230 7.89 19.65 -29.10
CA LEU D 230 7.65 18.21 -29.36
C LEU D 230 8.58 17.40 -28.52
N THR D 231 8.11 16.26 -28.02
CA THR D 231 8.96 15.29 -27.29
C THR D 231 8.91 13.98 -28.05
N PHE D 232 9.89 13.13 -27.80
CA PHE D 232 9.98 11.78 -28.43
C PHE D 232 10.75 10.89 -27.48
N THR D 233 10.21 9.71 -27.23
CA THR D 233 10.89 8.69 -26.38
C THR D 233 10.28 7.35 -26.76
N ASN D 234 11.04 6.28 -26.60
CA ASN D 234 10.51 4.90 -26.77
C ASN D 234 10.14 4.28 -25.43
N THR D 235 10.02 5.08 -24.36
CA THR D 235 9.87 4.59 -22.98
C THR D 235 8.46 4.83 -22.44
N GLN D 236 7.53 5.39 -23.22
CA GLN D 236 6.21 5.81 -22.67
C GLN D 236 5.10 4.89 -23.19
N THR D 237 4.28 4.33 -22.29
CA THR D 237 3.13 3.46 -22.66
C THR D 237 1.82 4.14 -22.25
N THR D 238 0.83 4.08 -23.12
CA THR D 238 -0.55 4.52 -22.82
C THR D 238 -1.44 3.30 -22.67
N ILE D 239 -2.10 3.13 -21.52
CA ILE D 239 -3.04 2.00 -21.28
C ILE D 239 -4.35 2.36 -22.00
N LEU D 240 -4.98 1.42 -22.71
CA LEU D 240 -6.19 1.68 -23.52
C LEU D 240 -7.41 1.07 -22.83
N LEU D 241 -7.23 0.44 -21.67
CA LEU D 241 -8.38 -0.13 -20.92
C LEU D 241 -9.31 1.01 -20.47
N ASP D 242 -10.62 0.78 -20.51
CA ASP D 242 -11.60 1.77 -19.98
C ASP D 242 -11.78 1.53 -18.48
N GLU D 243 -12.75 2.22 -17.88
CA GLU D 243 -13.11 2.16 -16.43
C GLU D 243 -13.44 0.71 -16.04
N ASN D 244 -13.94 -0.10 -16.98
CA ASN D 244 -14.35 -1.51 -16.72
C ASN D 244 -13.22 -2.50 -17.04
N GLY D 245 -12.00 -2.02 -17.37
CA GLY D 245 -10.81 -2.88 -17.59
C GLY D 245 -10.81 -3.53 -18.96
N VAL D 246 -11.54 -2.93 -19.91
CA VAL D 246 -11.70 -3.44 -21.30
C VAL D 246 -11.10 -2.43 -22.30
N GLY D 247 -10.25 -2.92 -23.19
CA GLY D 247 -9.69 -2.10 -24.27
C GLY D 247 -10.61 -2.11 -25.46
N PRO D 248 -10.31 -1.30 -26.51
CA PRO D 248 -11.01 -1.40 -27.78
C PRO D 248 -11.01 -2.85 -28.31
N LEU D 249 -12.17 -3.27 -28.82
CA LEU D 249 -12.38 -4.63 -29.38
C LEU D 249 -12.47 -4.51 -30.90
N CYS D 250 -11.61 -5.25 -31.59
CA CYS D 250 -11.37 -5.09 -33.04
C CYS D 250 -12.45 -5.79 -33.87
N LYS D 251 -13.48 -5.05 -34.26
CA LYS D 251 -14.61 -5.55 -35.10
C LYS D 251 -14.05 -5.98 -36.45
N GLY D 252 -14.37 -7.20 -36.88
CA GLY D 252 -13.91 -7.72 -38.17
C GLY D 252 -12.41 -7.96 -38.21
N ASP D 253 -11.75 -8.10 -37.05
CA ASP D 253 -10.28 -8.29 -36.93
C ASP D 253 -9.55 -7.11 -37.60
N GLY D 254 -10.10 -5.91 -37.45
CA GLY D 254 -9.46 -4.67 -37.91
C GLY D 254 -9.09 -3.73 -36.76
N LEU D 255 -7.85 -3.22 -36.77
CA LEU D 255 -7.39 -2.20 -35.80
C LEU D 255 -7.33 -0.86 -36.54
N PHE D 256 -8.01 0.17 -36.03
CA PHE D 256 -8.20 1.45 -36.72
C PHE D 256 -7.30 2.50 -36.06
N LEU D 257 -6.38 3.05 -36.83
CA LEU D 257 -5.42 4.08 -36.39
C LEU D 257 -5.72 5.38 -37.14
N SER D 258 -5.79 6.49 -36.41
CA SER D 258 -6.11 7.82 -37.01
C SER D 258 -5.21 8.87 -36.36
N CYS D 259 -4.84 9.88 -37.10
CA CYS D 259 -4.07 10.99 -36.51
C CYS D 259 -4.08 12.24 -37.41
N ALA D 260 -3.65 13.34 -36.80
CA ALA D 260 -3.23 14.56 -37.49
C ALA D 260 -2.08 15.14 -36.68
N ASP D 261 -0.99 15.49 -37.34
CA ASP D 261 0.22 16.05 -36.69
C ASP D 261 0.71 17.24 -37.50
N ILE D 262 0.00 18.34 -37.36
CA ILE D 262 0.41 19.68 -37.87
C ILE D 262 1.47 20.21 -36.92
N VAL D 263 2.67 20.52 -37.42
CA VAL D 263 3.76 20.96 -36.51
CA VAL D 263 3.83 20.96 -36.59
C VAL D 263 3.85 22.48 -36.55
N GLY D 264 3.44 23.11 -37.64
CA GLY D 264 3.41 24.57 -37.78
C GLY D 264 3.50 24.95 -39.24
N PHE D 265 3.99 26.16 -39.49
CA PHE D 265 4.04 26.72 -40.86
C PHE D 265 5.48 26.89 -41.30
N PHE D 266 5.71 26.63 -42.58
CA PHE D 266 6.94 26.97 -43.32
C PHE D 266 6.68 28.31 -44.01
N THR D 267 7.57 29.27 -43.80
CA THR D 267 7.49 30.62 -44.39
C THR D 267 8.65 30.82 -45.37
N GLN D 268 8.32 31.03 -46.64
CA GLN D 268 9.30 31.28 -47.73
C GLN D 268 9.83 32.72 -47.60
N HIS D 269 10.88 33.04 -48.34
CA HIS D 269 11.44 34.42 -48.39
C HIS D 269 10.34 35.40 -48.81
N ASN D 270 9.45 34.98 -49.72
CA ASN D 270 8.41 35.87 -50.27
C ASN D 270 7.19 35.92 -49.33
N LYS D 271 7.31 35.33 -48.13
CA LYS D 271 6.29 35.33 -47.03
C LYS D 271 5.11 34.39 -47.31
N LYS D 272 5.08 33.65 -48.41
CA LYS D 272 4.07 32.59 -48.60
C LYS D 272 4.25 31.52 -47.52
N MET D 273 3.15 31.06 -46.92
CA MET D 273 3.20 30.12 -45.76
C MET D 273 2.44 28.84 -46.11
N SER D 274 2.97 27.72 -45.67
CA SER D 274 2.39 26.39 -45.91
C SER D 274 2.41 25.59 -44.60
N PHE D 275 1.44 24.71 -44.43
CA PHE D 275 1.45 23.75 -43.31
C PHE D 275 2.60 22.75 -43.50
N ARG D 276 3.25 22.35 -42.40
CA ARG D 276 4.19 21.22 -42.39
C ARG D 276 3.70 20.20 -41.37
N GLY D 277 3.69 18.94 -41.75
CA GLY D 277 3.31 17.82 -40.87
C GLY D 277 4.43 16.82 -40.69
N LEU D 278 4.24 15.93 -39.72
CA LEU D 278 5.21 14.84 -39.43
C LEU D 278 4.43 13.54 -39.33
N PRO D 279 5.08 12.43 -39.67
CA PRO D 279 4.46 11.12 -39.54
C PRO D 279 4.43 10.66 -38.09
N ARG D 280 3.55 9.68 -37.82
CA ARG D 280 3.33 9.14 -36.46
C ARG D 280 3.52 7.64 -36.44
N TYR D 281 4.27 7.18 -35.44
CA TYR D 281 4.50 5.75 -35.14
C TYR D 281 3.44 5.27 -34.16
N PHE D 282 2.97 4.05 -34.37
CA PHE D 282 2.09 3.35 -33.41
C PHE D 282 2.67 1.99 -33.12
N ARG D 283 2.70 1.64 -31.84
CA ARG D 283 2.88 0.23 -31.41
C ARG D 283 1.64 -0.13 -30.60
N VAL D 284 0.93 -1.18 -30.97
CA VAL D 284 -0.30 -1.57 -30.21
C VAL D 284 -0.14 -3.01 -29.76
N THR D 285 -0.40 -3.25 -28.48
CA THR D 285 -0.39 -4.58 -27.85
C THR D 285 -1.82 -5.10 -27.77
N LEU D 286 -2.09 -6.29 -28.32
CA LEU D 286 -3.44 -6.86 -28.31
C LEU D 286 -3.43 -8.26 -27.71
N ARG D 287 -4.56 -8.64 -27.14
CA ARG D 287 -4.76 -9.98 -26.57
C ARG D 287 -6.10 -10.52 -27.09
N LYS D 288 -6.19 -11.83 -27.26
CA LYS D 288 -7.48 -12.47 -27.61
C LYS D 288 -8.38 -12.42 -26.38
N ARG D 289 -9.63 -12.00 -26.57
CA ARG D 289 -10.61 -11.85 -25.48
C ARG D 289 -11.87 -12.62 -25.88
N VAL D 290 -12.40 -13.44 -24.98
CA VAL D 290 -13.75 -14.06 -25.13
C VAL D 290 -14.80 -12.96 -24.91
N VAL D 291 -15.69 -12.76 -25.86
CA VAL D 291 -16.70 -11.65 -25.85
C VAL D 291 -18.12 -12.25 -25.81
N ILE E 36 27.51 -4.53 -9.00
CA ILE E 36 27.12 -3.22 -9.64
C ILE E 36 28.39 -2.45 -10.01
N THR E 37 28.53 -2.05 -11.27
CA THR E 37 29.60 -1.16 -11.77
C THR E 37 28.99 0.15 -12.26
N GLU E 38 29.62 1.28 -11.96
CA GLU E 38 29.18 2.60 -12.45
C GLU E 38 30.22 3.12 -13.44
N ILE E 39 29.77 3.67 -14.55
CA ILE E 39 30.68 4.39 -15.48
C ILE E 39 30.22 5.85 -15.57
N GLU E 40 31.18 6.76 -15.74
CA GLU E 40 30.90 8.17 -16.03
C GLU E 40 31.59 8.50 -17.34
N ALA E 41 30.93 9.30 -18.17
CA ALA E 41 31.44 9.69 -19.50
C ALA E 41 30.85 11.05 -19.87
N TYR E 42 31.46 11.70 -20.85
CA TYR E 42 30.91 12.94 -21.43
C TYR E 42 30.84 12.80 -22.94
N LEU E 43 29.96 13.58 -23.53
CA LEU E 43 29.96 13.80 -24.98
C LEU E 43 30.02 15.31 -25.23
N ASN E 44 31.08 15.73 -25.89
CA ASN E 44 31.14 17.13 -26.38
C ASN E 44 30.22 17.27 -27.56
N PRO E 45 29.69 18.50 -27.75
CA PRO E 45 28.81 18.79 -28.87
C PRO E 45 29.58 18.85 -30.19
N ARG E 46 28.86 18.64 -31.29
CA ARG E 46 29.42 18.61 -32.66
C ARG E 46 28.58 19.56 -33.50
N MET E 47 28.69 20.86 -33.19
CA MET E 47 27.85 21.92 -33.78
C MET E 47 28.38 22.31 -35.17
N GLY E 48 29.63 21.96 -35.49
CA GLY E 48 30.17 22.14 -36.85
C GLY E 48 31.60 22.64 -36.88
N GLN E 49 31.99 23.58 -36.02
CA GLN E 49 33.36 24.17 -36.06
C GLN E 49 34.31 23.16 -35.44
N PRO E 50 35.58 23.11 -35.90
CA PRO E 50 36.49 22.05 -35.45
C PRO E 50 36.96 22.21 -34.01
N GLN E 51 37.30 21.06 -33.40
CA GLN E 51 37.92 20.96 -32.06
C GLN E 51 39.23 21.74 -32.02
N ASN E 52 39.61 22.20 -30.83
CA ASN E 52 40.93 22.82 -30.54
C ASN E 52 41.09 24.14 -31.30
N GLU E 53 39.99 24.72 -31.79
CA GLU E 53 40.03 26.02 -32.53
C GLU E 53 39.03 26.98 -31.87
N ASP E 54 39.06 28.24 -32.28
CA ASP E 54 38.50 29.34 -31.45
C ASP E 54 36.99 29.22 -31.32
N PHE E 55 36.30 28.51 -32.23
CA PHE E 55 34.81 28.46 -32.23
C PHE E 55 34.31 27.04 -31.93
N TYR E 56 35.13 26.22 -31.27
CA TYR E 56 34.71 24.90 -30.76
C TYR E 56 33.47 25.08 -29.86
N GLY E 57 32.40 24.35 -30.16
CA GLY E 57 31.11 24.50 -29.44
C GLY E 57 30.07 25.21 -30.29
N PHE E 58 30.49 25.87 -31.37
CA PHE E 58 29.61 26.65 -32.28
C PHE E 58 29.60 26.00 -33.65
N SER E 59 28.55 26.28 -34.44
CA SER E 59 28.59 26.07 -35.89
C SER E 59 29.31 27.27 -36.50
N ASP E 60 29.66 27.12 -37.78
CA ASP E 60 29.96 28.31 -38.61
C ASP E 60 28.65 29.09 -38.80
N ASN E 61 28.76 30.32 -39.28
CA ASN E 61 27.60 31.20 -39.53
C ASN E 61 26.68 30.56 -40.55
N VAL E 62 25.39 30.49 -40.21
CA VAL E 62 24.38 29.78 -41.03
C VAL E 62 24.04 30.66 -42.24
N THR E 63 24.07 30.07 -43.43
CA THR E 63 23.57 30.68 -44.67
C THR E 63 22.29 29.95 -45.09
N VAL E 64 21.41 30.65 -45.78
CA VAL E 64 20.05 30.18 -46.10
C VAL E 64 19.89 30.20 -47.63
N SER E 65 19.40 29.11 -48.18
CA SER E 65 19.18 28.97 -49.64
C SER E 65 17.96 29.80 -50.05
N ASP E 66 17.87 30.11 -51.36
CA ASP E 66 16.72 30.85 -51.94
C ASP E 66 15.57 29.90 -52.26
N ASP E 67 15.87 28.61 -52.47
CA ASP E 67 14.98 27.61 -53.12
C ASP E 67 15.34 26.22 -52.57
N PHE E 68 14.38 25.32 -52.45
CA PHE E 68 14.66 23.90 -52.11
C PHE E 68 15.56 23.24 -53.17
N GLY E 69 15.51 23.73 -54.41
CA GLY E 69 16.21 23.11 -55.55
C GLY E 69 17.66 23.54 -55.65
N SER E 70 18.09 24.53 -54.87
CA SER E 70 19.49 25.00 -54.84
CA SER E 70 19.48 25.04 -54.84
C SER E 70 19.90 25.22 -53.38
N ASP E 71 19.92 24.11 -52.64
CA ASP E 71 20.08 24.10 -51.16
C ASP E 71 21.24 23.17 -50.82
N ALA E 72 22.39 23.71 -50.46
CA ALA E 72 23.59 22.91 -50.18
C ALA E 72 24.26 23.50 -48.96
N PRO E 73 23.84 23.08 -47.75
CA PRO E 73 24.41 23.67 -46.54
C PRO E 73 25.87 23.30 -46.40
N PRO E 74 26.82 24.26 -46.42
CA PRO E 74 28.23 23.93 -46.33
C PRO E 74 28.60 23.20 -45.03
N TRP E 75 29.60 22.33 -45.14
CA TRP E 75 30.22 21.70 -43.96
C TRP E 75 30.59 22.78 -42.94
N LYS E 76 30.28 22.49 -41.67
CA LYS E 76 30.51 23.35 -40.47
C LYS E 76 29.27 24.19 -40.12
N GLN E 77 28.27 24.30 -41.00
CA GLN E 77 27.13 25.23 -40.75
C GLN E 77 25.96 24.49 -40.10
N PHE E 78 26.09 23.21 -39.80
CA PHE E 78 24.96 22.48 -39.18
C PHE E 78 25.50 21.46 -38.18
N PRO E 79 24.72 21.21 -37.11
CA PRO E 79 25.10 20.26 -36.09
C PRO E 79 24.90 18.81 -36.51
N CYS E 80 25.72 17.96 -35.91
CA CYS E 80 25.72 16.49 -36.06
C CYS E 80 25.59 15.86 -34.68
N TYR E 81 25.15 14.62 -34.64
CA TYR E 81 25.04 13.83 -33.38
C TYR E 81 26.44 13.53 -32.83
N SER E 82 26.52 13.54 -31.50
CA SER E 82 27.65 13.02 -30.74
C SER E 82 27.38 11.56 -30.38
N THR E 83 28.43 10.76 -30.33
CA THR E 83 28.31 9.35 -29.88
C THR E 83 29.68 8.84 -29.44
N ALA E 84 29.62 7.89 -28.53
CA ALA E 84 30.81 7.15 -28.08
C ALA E 84 30.39 5.76 -27.63
N ARG E 85 31.29 4.81 -27.84
CA ARG E 85 31.20 3.46 -27.26
C ARG E 85 32.17 3.41 -26.09
N ILE E 86 31.65 3.08 -24.92
CA ILE E 86 32.45 2.89 -23.70
C ILE E 86 32.79 1.40 -23.60
N SER E 87 34.08 1.07 -23.53
CA SER E 87 34.53 -0.34 -23.33
C SER E 87 34.27 -0.70 -21.88
N LEU E 88 33.47 -1.73 -21.66
CA LEU E 88 33.20 -2.25 -20.30
C LEU E 88 34.17 -3.40 -20.02
N PRO E 89 34.34 -3.81 -18.75
CA PRO E 89 35.15 -4.98 -18.43
C PRO E 89 34.71 -6.21 -19.25
N MET E 90 35.67 -6.91 -19.85
CA MET E 90 35.38 -8.09 -20.70
C MET E 90 34.76 -9.18 -19.82
N LEU E 91 33.65 -9.78 -20.23
CA LEU E 91 32.91 -10.75 -19.40
C LEU E 91 33.14 -12.18 -19.89
N ASN E 92 33.32 -12.39 -21.20
CA ASN E 92 33.28 -13.74 -21.81
C ASN E 92 34.47 -13.95 -22.72
N GLN E 93 35.03 -15.16 -22.71
CA GLN E 93 36.00 -15.66 -23.72
C GLN E 93 35.37 -15.61 -25.12
N ASP E 94 34.06 -15.87 -25.25
CA ASP E 94 33.40 -15.97 -26.59
C ASP E 94 31.94 -15.54 -26.51
N MET E 95 31.57 -14.59 -27.38
CA MET E 95 30.22 -13.98 -27.44
C MET E 95 29.18 -14.99 -27.92
N THR E 96 29.57 -16.15 -28.47
CA THR E 96 28.59 -17.15 -29.00
C THR E 96 28.20 -18.18 -27.95
N SER E 97 28.80 -18.19 -26.75
CA SER E 97 28.63 -19.29 -25.75
C SER E 97 27.14 -19.49 -25.42
N ASP E 98 26.75 -20.72 -25.08
CA ASP E 98 25.34 -21.13 -24.78
C ASP E 98 24.69 -20.05 -23.91
N THR E 99 25.35 -19.74 -22.80
CA THR E 99 24.94 -18.63 -21.91
C THR E 99 26.17 -17.75 -21.70
N ILE E 100 25.94 -16.46 -21.60
CA ILE E 100 27.03 -15.46 -21.48
C ILE E 100 26.63 -14.53 -20.35
N LEU E 101 27.60 -13.80 -19.83
CA LEU E 101 27.30 -12.67 -18.94
C LEU E 101 27.25 -11.43 -19.83
N MET E 102 26.30 -10.54 -19.56
CA MET E 102 26.25 -9.23 -20.25
C MET E 102 26.08 -8.17 -19.18
N TRP E 103 26.75 -7.05 -19.34
CA TRP E 103 26.44 -5.83 -18.55
C TRP E 103 25.06 -5.35 -18.93
N GLU E 104 24.21 -5.16 -17.93
CA GLU E 104 22.85 -4.60 -18.08
C GLU E 104 22.84 -3.17 -17.50
N ALA E 105 22.44 -2.20 -18.31
CA ALA E 105 22.29 -0.80 -17.88
C ALA E 105 20.94 -0.70 -17.18
N ILE E 106 20.93 -0.57 -15.86
CA ILE E 106 19.66 -0.59 -15.08
C ILE E 106 19.19 0.84 -14.84
N SER E 107 20.09 1.81 -14.80
CA SER E 107 19.69 3.20 -14.54
C SER E 107 20.80 4.15 -14.96
N CYS E 108 20.45 5.42 -15.02
CA CYS E 108 21.45 6.43 -15.38
C CYS E 108 21.11 7.75 -14.72
N ARG E 109 22.08 8.64 -14.71
CA ARG E 109 21.83 10.09 -14.55
C ARG E 109 22.49 10.74 -15.75
N THR E 110 21.91 11.80 -16.25
CA THR E 110 22.50 12.58 -17.34
C THR E 110 22.27 14.05 -17.03
N GLU E 111 23.25 14.88 -17.31
CA GLU E 111 23.18 16.33 -17.02
C GLU E 111 23.74 17.06 -18.23
N VAL E 112 23.11 18.15 -18.62
CA VAL E 112 23.78 19.10 -19.54
C VAL E 112 24.77 19.91 -18.71
N MET E 113 26.01 19.97 -19.16
CA MET E 113 27.08 20.75 -18.47
C MET E 113 27.28 22.11 -19.12
N GLY E 114 27.83 23.04 -18.35
CA GLY E 114 28.18 24.38 -18.85
C GLY E 114 26.98 25.29 -19.00
N VAL E 115 25.84 24.99 -18.36
CA VAL E 115 24.67 25.89 -18.43
C VAL E 115 25.06 27.27 -17.92
N ASN E 116 25.94 27.33 -16.91
CA ASN E 116 26.49 28.57 -16.32
C ASN E 116 26.98 29.55 -17.40
N MET E 117 27.52 29.06 -18.52
CA MET E 117 28.18 29.98 -19.50
C MET E 117 27.15 30.88 -20.17
N LEU E 118 25.87 30.51 -20.15
CA LEU E 118 24.78 31.24 -20.83
C LEU E 118 24.42 32.51 -20.05
N THR E 119 25.06 32.76 -18.90
CA THR E 119 24.91 34.03 -18.16
C THR E 119 25.85 35.11 -18.75
N ASN E 120 26.64 34.75 -19.75
CA ASN E 120 27.54 35.69 -20.48
C ASN E 120 26.69 36.50 -21.47
N VAL E 121 26.54 37.80 -21.23
CA VAL E 121 25.86 38.72 -22.17
C VAL E 121 26.82 39.84 -22.59
N HIS E 122 28.12 39.58 -22.56
CA HIS E 122 29.12 40.61 -22.97
C HIS E 122 29.94 40.20 -24.19
N SER E 123 29.98 38.93 -24.56
CA SER E 123 30.92 38.40 -25.59
C SER E 123 30.39 38.62 -27.01
N ALA E 124 30.72 39.76 -27.65
CA ALA E 124 30.50 39.99 -29.09
C ALA E 124 29.08 39.61 -29.54
N GLN E 125 28.05 40.01 -28.80
CA GLN E 125 26.64 39.67 -29.08
C GLN E 125 25.93 40.92 -29.60
N LYS E 126 25.04 40.78 -30.58
CA LYS E 126 24.05 41.83 -30.87
C LYS E 126 23.43 42.30 -29.55
N ARG E 127 23.32 43.62 -29.38
CA ARG E 127 22.80 44.20 -28.11
C ARG E 127 21.28 44.35 -28.18
N VAL E 128 20.67 44.43 -27.01
CA VAL E 128 19.20 44.59 -26.87
C VAL E 128 18.77 45.87 -27.61
N TYR E 129 19.54 46.96 -27.50
CA TYR E 129 19.23 48.25 -28.15
C TYR E 129 20.36 48.56 -29.14
N GLU E 130 20.53 47.70 -30.17
CA GLU E 130 21.74 47.72 -31.04
C GLU E 130 21.77 49.04 -31.80
N ASN E 131 20.59 49.63 -32.09
CA ASN E 131 20.47 50.95 -32.79
C ASN E 131 21.02 52.08 -31.91
N ASP E 132 21.05 51.89 -30.59
CA ASP E 132 21.58 52.88 -29.62
C ASP E 132 22.97 52.43 -29.15
N ARG E 133 23.48 51.31 -29.67
CA ARG E 133 24.75 50.67 -29.22
C ARG E 133 24.66 50.54 -27.70
N GLU E 134 23.53 50.07 -27.19
CA GLU E 134 23.35 50.02 -25.71
C GLU E 134 22.61 48.73 -25.31
N GLY E 135 22.79 48.39 -24.03
CA GLY E 135 22.14 47.25 -23.40
C GLY E 135 23.07 46.07 -23.34
N THR E 136 22.62 44.99 -22.71
CA THR E 136 23.38 43.72 -22.70
C THR E 136 23.36 43.13 -24.11
N GLY E 137 24.19 42.13 -24.33
CA GLY E 137 24.00 41.21 -25.47
C GLY E 137 22.69 40.49 -25.32
N ILE E 138 22.11 40.06 -26.44
CA ILE E 138 20.83 39.28 -26.38
C ILE E 138 21.07 37.85 -25.88
N GLY E 139 22.30 37.41 -25.79
CA GLY E 139 22.66 36.05 -25.37
C GLY E 139 22.22 35.01 -26.38
N VAL E 140 22.24 33.75 -25.97
CA VAL E 140 21.82 32.59 -26.80
C VAL E 140 20.28 32.51 -26.74
N GLU E 141 19.63 32.48 -27.88
CA GLU E 141 18.15 32.36 -27.96
C GLU E 141 17.83 31.46 -29.15
N GLY E 142 16.62 30.93 -29.15
CA GLY E 142 16.06 30.20 -30.30
C GLY E 142 15.92 28.74 -29.95
N MET E 143 16.02 27.88 -30.95
CA MET E 143 15.60 26.47 -30.80
C MET E 143 16.50 25.72 -29.80
N GLY E 144 15.86 24.84 -29.05
CA GLY E 144 16.52 23.85 -28.19
C GLY E 144 16.21 22.50 -28.77
N TYR E 145 17.23 21.69 -28.96
CA TYR E 145 17.04 20.27 -29.32
C TYR E 145 17.95 19.50 -28.39
N HIS E 146 17.35 18.70 -27.51
CA HIS E 146 18.08 17.95 -26.46
C HIS E 146 17.61 16.52 -26.54
N MET E 147 18.52 15.61 -26.87
N MET E 147 18.53 15.64 -26.93
CA MET E 147 18.15 14.19 -26.92
CA MET E 147 18.29 14.18 -27.08
C MET E 147 19.36 13.37 -26.51
C MET E 147 19.43 13.45 -26.36
N PHE E 148 19.12 12.33 -25.73
CA PHE E 148 20.19 11.38 -25.33
C PHE E 148 19.66 9.97 -25.52
N ALA E 149 20.59 9.06 -25.75
CA ALA E 149 20.26 7.64 -25.89
C ALA E 149 21.36 6.84 -25.20
N ILE E 150 20.95 5.79 -24.51
CA ILE E 150 21.83 4.83 -23.81
C ILE E 150 21.40 3.45 -24.29
N GLY E 151 22.32 2.67 -24.86
CA GLY E 151 21.98 1.35 -25.38
C GLY E 151 23.15 0.38 -25.36
N GLY E 152 22.85 -0.87 -25.68
CA GLY E 152 23.82 -1.97 -25.73
C GLY E 152 24.31 -2.22 -27.15
N GLU E 153 23.97 -1.32 -28.07
CA GLU E 153 24.39 -1.37 -29.49
C GLU E 153 24.17 0.02 -30.05
N PRO E 154 24.70 0.34 -31.25
CA PRO E 154 24.52 1.67 -31.82
C PRO E 154 23.04 2.03 -31.95
N LEU E 155 22.77 3.31 -31.72
CA LEU E 155 21.42 3.88 -31.91
C LEU E 155 20.97 3.66 -33.35
N GLU E 156 19.76 3.13 -33.52
CA GLU E 156 19.16 2.85 -34.84
C GLU E 156 18.40 4.10 -35.29
N LEU E 157 18.66 4.54 -36.51
CA LEU E 157 18.17 5.84 -37.00
C LEU E 157 17.14 5.69 -38.11
N GLN E 158 16.26 6.66 -38.19
CA GLN E 158 15.34 6.85 -39.34
C GLN E 158 15.82 8.10 -40.07
N PHE E 159 16.08 7.99 -41.37
CA PHE E 159 16.45 9.17 -42.18
C PHE E 159 15.19 9.98 -42.43
N MET E 160 15.21 11.28 -42.14
CA MET E 160 14.06 12.14 -42.46
C MET E 160 14.54 13.59 -42.48
N VAL E 161 14.15 14.30 -43.54
CA VAL E 161 14.66 15.66 -43.82
C VAL E 161 13.51 16.59 -44.14
N PHE E 162 13.75 17.87 -43.96
CA PHE E 162 12.78 18.94 -44.23
C PHE E 162 12.60 19.10 -45.74
N ASN E 163 13.71 19.02 -46.46
CA ASN E 163 13.82 19.20 -47.94
C ASN E 163 14.71 18.08 -48.50
N HIS E 164 14.11 17.16 -49.24
CA HIS E 164 14.81 15.96 -49.77
C HIS E 164 15.86 16.39 -50.79
N ARG E 165 15.70 17.57 -51.40
CA ARG E 165 16.64 18.06 -52.45
C ARG E 165 17.88 18.74 -51.83
N ALA E 166 17.94 18.91 -50.52
CA ALA E 166 19.16 19.42 -49.87
C ALA E 166 20.34 18.52 -50.25
N THR E 167 21.44 19.11 -50.68
CA THR E 167 22.69 18.38 -50.96
C THR E 167 23.62 18.54 -49.76
N TYR E 168 23.90 17.45 -49.06
CA TYR E 168 24.77 17.44 -47.86
C TYR E 168 26.22 17.32 -48.33
N PRO E 169 27.17 17.88 -47.58
CA PRO E 169 28.57 17.81 -47.96
C PRO E 169 29.13 16.40 -47.78
N ALA E 170 30.25 16.14 -48.43
CA ALA E 170 30.92 14.82 -48.46
C ALA E 170 31.33 14.38 -47.06
N GLU E 171 31.57 15.32 -46.15
CA GLU E 171 31.99 15.05 -44.75
C GLU E 171 30.85 14.38 -43.99
N ALA E 172 29.61 14.62 -44.39
CA ALA E 172 28.41 14.15 -43.64
C ALA E 172 28.03 12.75 -44.09
N THR E 173 27.52 11.95 -43.16
CA THR E 173 26.88 10.65 -43.49
C THR E 173 25.39 10.88 -43.63
N VAL E 174 24.88 10.64 -44.84
CA VAL E 174 23.45 10.80 -45.21
C VAL E 174 23.10 9.70 -46.20
N ILE E 175 21.81 9.55 -46.48
CA ILE E 175 21.33 8.77 -47.64
C ILE E 175 21.34 9.73 -48.83
N LYS E 176 22.07 9.43 -49.90
CA LYS E 176 22.13 10.38 -51.05
C LYS E 176 20.98 10.02 -51.99
N ASN E 177 20.43 11.02 -52.69
CA ASN E 177 19.25 10.85 -53.59
C ASN E 177 18.14 10.14 -52.83
N PRO E 178 17.76 10.61 -51.62
CA PRO E 178 16.76 9.90 -50.82
C PRO E 178 15.32 9.88 -51.36
N GLY E 179 14.94 10.87 -52.16
CA GLY E 179 13.62 10.98 -52.80
C GLY E 179 12.63 11.72 -51.93
N ALA E 180 11.50 12.12 -52.51
CA ALA E 180 10.45 12.95 -51.87
C ALA E 180 9.90 12.27 -50.61
N SER E 181 9.86 10.93 -50.64
N SER E 181 9.84 10.94 -50.56
CA SER E 181 9.44 10.02 -49.54
CA SER E 181 9.26 10.22 -49.40
C SER E 181 10.14 10.40 -48.23
C SER E 181 10.16 10.37 -48.16
N SER E 182 11.40 10.83 -48.32
CA SER E 182 12.29 11.13 -47.16
C SER E 182 11.83 12.38 -46.41
N GLN E 183 10.87 13.15 -46.91
CA GLN E 183 10.33 14.33 -46.17
C GLN E 183 9.32 13.86 -45.13
N VAL E 184 8.87 12.61 -45.24
CA VAL E 184 7.98 11.95 -44.25
C VAL E 184 8.59 10.58 -43.96
N PHE E 185 7.80 9.59 -43.55
CA PHE E 185 8.34 8.26 -43.20
C PHE E 185 8.39 7.36 -44.42
N ASP E 186 9.59 6.85 -44.71
CA ASP E 186 9.88 5.83 -45.75
C ASP E 186 10.61 4.68 -45.07
N PRO E 187 9.98 3.48 -44.98
CA PRO E 187 10.58 2.35 -44.27
C PRO E 187 11.91 1.87 -44.84
N ASN E 188 12.27 2.29 -46.06
CA ASN E 188 13.56 1.90 -46.68
C ASN E 188 14.74 2.71 -46.13
N LEU E 189 14.51 3.85 -45.49
CA LEU E 189 15.58 4.87 -45.26
C LEU E 189 16.08 4.78 -43.81
N LYS E 190 16.94 3.81 -43.59
CA LYS E 190 17.43 3.43 -42.25
C LYS E 190 18.92 3.73 -42.16
N GLY E 191 19.40 3.82 -40.93
CA GLY E 191 20.83 3.93 -40.62
C GLY E 191 21.11 3.56 -39.18
N THR E 192 22.38 3.55 -38.81
CA THR E 192 22.82 3.37 -37.41
C THR E 192 23.89 4.42 -37.11
N LEU E 193 23.88 4.92 -35.88
CA LEU E 193 24.77 6.02 -35.48
C LEU E 193 26.13 5.42 -35.11
N THR E 194 27.00 5.27 -36.11
CA THR E 194 28.25 4.48 -35.98
C THR E 194 29.45 5.42 -35.97
N ALA E 195 29.24 6.73 -36.07
CA ALA E 195 30.36 7.70 -36.07
C ALA E 195 29.94 9.02 -35.44
N ASP E 196 30.86 9.59 -34.66
CA ASP E 196 30.71 10.89 -33.96
C ASP E 196 30.89 12.04 -34.95
N GLY E 197 30.03 13.04 -34.85
CA GLY E 197 30.22 14.35 -35.49
C GLY E 197 29.99 14.36 -36.98
N VAL E 198 29.27 13.38 -37.57
CA VAL E 198 29.10 13.34 -39.06
C VAL E 198 27.65 13.06 -39.48
N PHE E 199 26.79 12.56 -38.58
CA PHE E 199 25.36 12.34 -38.90
C PHE E 199 24.59 13.62 -38.63
N PRO E 200 24.09 14.35 -39.64
CA PRO E 200 23.43 15.62 -39.37
C PRO E 200 22.17 15.40 -38.52
N VAL E 201 22.02 16.22 -37.51
CA VAL E 201 20.81 16.21 -36.65
C VAL E 201 19.58 16.42 -37.55
N GLU E 202 19.66 17.28 -38.54
CA GLU E 202 18.48 17.64 -39.37
C GLU E 202 18.13 16.53 -40.39
N ALA E 203 18.91 15.45 -40.46
CA ALA E 203 18.66 14.35 -41.43
C ALA E 203 18.36 13.01 -40.75
N TRP E 204 18.65 12.85 -39.47
CA TRP E 204 18.50 11.56 -38.77
C TRP E 204 17.81 11.78 -37.42
N GLY E 205 16.93 10.84 -37.07
CA GLY E 205 16.35 10.77 -35.72
C GLY E 205 16.26 9.32 -35.28
N PRO E 206 15.97 9.05 -33.99
CA PRO E 206 15.81 7.67 -33.53
C PRO E 206 14.65 6.98 -34.25
N ASP E 207 14.88 5.72 -34.59
CA ASP E 207 13.89 4.88 -35.30
C ASP E 207 13.02 4.13 -34.27
N PRO E 208 11.72 4.46 -34.13
CA PRO E 208 10.87 3.80 -33.13
C PRO E 208 10.51 2.36 -33.48
N PHE E 209 10.74 1.96 -34.73
CA PHE E 209 10.50 0.59 -35.21
C PHE E 209 11.60 -0.34 -34.72
N LYS E 210 12.74 0.21 -34.27
CA LYS E 210 13.87 -0.62 -33.79
C LYS E 210 14.19 -0.15 -32.38
N ASN E 211 15.47 -0.14 -32.03
CA ASN E 211 15.97 0.33 -30.71
C ASN E 211 15.33 -0.45 -29.56
N GLU E 212 15.18 -1.77 -29.70
CA GLU E 212 14.69 -2.66 -28.62
C GLU E 212 15.69 -2.65 -27.46
N ASN E 213 16.95 -2.35 -27.76
CA ASN E 213 18.08 -2.49 -26.80
C ASN E 213 18.68 -1.11 -26.52
N THR E 214 17.91 -0.06 -26.74
CA THR E 214 18.35 1.31 -26.48
C THR E 214 17.17 2.08 -25.90
N ARG E 215 17.41 2.96 -24.95
CA ARG E 215 16.39 3.92 -24.47
C ARG E 215 16.78 5.30 -24.98
N TYR E 216 15.87 6.02 -25.62
CA TYR E 216 16.15 7.39 -26.07
C TYR E 216 15.06 8.34 -25.58
N PHE E 217 15.48 9.58 -25.39
CA PHE E 217 14.66 10.67 -24.82
C PHE E 217 15.02 11.94 -25.57
N GLY E 218 14.01 12.67 -26.03
CA GLY E 218 14.23 13.89 -26.82
C GLY E 218 13.18 14.94 -26.58
N GLN E 219 13.61 16.19 -26.61
CA GLN E 219 12.76 17.39 -26.43
C GLN E 219 13.23 18.40 -27.47
N TYR E 220 12.28 18.95 -28.22
CA TYR E 220 12.51 20.05 -29.18
C TYR E 220 11.62 21.21 -28.79
N THR E 221 12.21 22.40 -28.65
CA THR E 221 11.44 23.67 -28.65
C THR E 221 11.99 24.54 -29.77
N GLY E 222 11.13 24.97 -30.68
CA GLY E 222 11.55 25.70 -31.88
C GLY E 222 11.66 27.19 -31.68
N GLY E 223 11.79 27.89 -32.81
CA GLY E 223 11.95 29.35 -32.83
C GLY E 223 13.40 29.78 -32.97
N THR E 224 13.57 31.10 -33.08
CA THR E 224 14.88 31.76 -33.24
C THR E 224 15.11 32.84 -32.17
N GLN E 225 14.05 33.29 -31.49
CA GLN E 225 14.14 34.19 -30.29
C GLN E 225 13.53 33.53 -29.04
N THR E 226 13.24 32.23 -29.07
CA THR E 226 12.73 31.50 -27.90
C THR E 226 13.74 31.55 -26.77
N PRO E 227 13.32 31.83 -25.50
CA PRO E 227 14.23 31.68 -24.36
C PRO E 227 14.70 30.24 -24.14
N PRO E 228 16.01 29.95 -24.01
CA PRO E 228 16.47 28.62 -23.60
C PRO E 228 16.06 28.36 -22.15
N VAL E 229 15.61 27.14 -21.89
CA VAL E 229 15.24 26.70 -20.52
C VAL E 229 16.01 25.42 -20.24
N LEU E 230 16.89 25.44 -19.25
CA LEU E 230 17.78 24.30 -18.95
C LEU E 230 17.79 24.11 -17.44
N THR E 231 17.74 22.87 -16.99
CA THR E 231 17.89 22.53 -15.56
C THR E 231 19.13 21.66 -15.39
N PHE E 232 19.67 21.61 -14.19
CA PHE E 232 20.85 20.77 -13.89
C PHE E 232 20.80 20.40 -12.41
N THR E 233 20.95 19.13 -12.11
CA THR E 233 21.02 18.64 -10.73
C THR E 233 21.77 17.33 -10.75
N ASN E 234 22.41 16.97 -9.64
CA ASN E 234 23.03 15.63 -9.49
C ASN E 234 22.11 14.65 -8.76
N THR E 235 20.82 14.96 -8.62
CA THR E 235 19.89 14.19 -7.76
C THR E 235 18.86 13.38 -8.57
N GLN E 236 18.88 13.39 -9.91
CA GLN E 236 17.79 12.82 -10.73
C GLN E 236 18.28 11.52 -11.40
N THR E 237 17.59 10.40 -11.17
CA THR E 237 17.91 9.07 -11.76
C THR E 237 16.81 8.66 -12.73
N THR E 238 17.20 8.19 -13.91
CA THR E 238 16.30 7.62 -14.92
C THR E 238 16.48 6.10 -14.93
N ILE E 239 15.41 5.37 -14.63
CA ILE E 239 15.41 3.89 -14.67
C ILE E 239 15.41 3.48 -16.14
N LEU E 240 16.23 2.49 -16.51
CA LEU E 240 16.37 2.09 -17.94
C LEU E 240 15.73 0.72 -18.19
N LEU E 241 15.12 0.11 -17.18
CA LEU E 241 14.45 -1.21 -17.33
C LEU E 241 13.21 -1.05 -18.21
N ASP E 242 12.94 -2.03 -19.06
CA ASP E 242 11.76 -2.02 -19.95
C ASP E 242 10.57 -2.59 -19.17
N GLU E 243 9.45 -2.81 -19.86
CA GLU E 243 8.19 -3.37 -19.30
C GLU E 243 8.45 -4.76 -18.69
N ASN E 244 9.49 -5.48 -19.12
CA ASN E 244 9.84 -6.82 -18.60
C ASN E 244 10.91 -6.77 -17.50
N GLY E 245 11.34 -5.57 -17.07
CA GLY E 245 12.32 -5.42 -15.99
C GLY E 245 13.75 -5.60 -16.47
N VAL E 246 13.99 -5.45 -17.77
CA VAL E 246 15.34 -5.67 -18.37
C VAL E 246 15.85 -4.35 -18.95
N GLY E 247 17.08 -3.98 -18.57
CA GLY E 247 17.78 -2.81 -19.12
C GLY E 247 18.46 -3.15 -20.42
N PRO E 248 18.99 -2.15 -21.14
CA PRO E 248 19.86 -2.42 -22.29
C PRO E 248 20.97 -3.41 -21.92
N LEU E 249 21.22 -4.37 -22.79
CA LEU E 249 22.28 -5.41 -22.65
C LEU E 249 23.41 -5.09 -23.60
N CYS E 250 24.62 -4.95 -23.07
CA CYS E 250 25.78 -4.36 -23.78
C CYS E 250 26.46 -5.44 -24.62
N LYS E 251 26.09 -5.53 -25.89
CA LYS E 251 26.63 -6.54 -26.83
C LYS E 251 28.12 -6.25 -27.02
N GLY E 252 28.95 -7.29 -26.91
CA GLY E 252 30.42 -7.17 -27.06
C GLY E 252 31.02 -6.29 -25.99
N ASP E 253 30.36 -6.20 -24.83
CA ASP E 253 30.81 -5.41 -23.65
C ASP E 253 31.04 -3.94 -24.05
N GLY E 254 30.16 -3.40 -24.88
CA GLY E 254 30.16 -1.98 -25.27
C GLY E 254 28.88 -1.30 -24.79
N LEU E 255 29.05 -0.14 -24.17
CA LEU E 255 27.92 0.75 -23.81
C LEU E 255 27.90 1.93 -24.77
N PHE E 256 26.76 2.17 -25.42
CA PHE E 256 26.64 3.15 -26.50
C PHE E 256 25.88 4.36 -25.95
N LEU E 257 26.53 5.51 -26.02
CA LEU E 257 25.99 6.81 -25.57
C LEU E 257 25.89 7.72 -26.78
N SER E 258 24.75 8.41 -26.94
CA SER E 258 24.51 9.30 -28.09
C SER E 258 23.78 10.53 -27.57
N CYS E 259 24.02 11.69 -28.17
CA CYS E 259 23.21 12.88 -27.80
C CYS E 259 23.31 13.97 -28.86
N ALA E 260 22.45 14.97 -28.69
CA ALA E 260 22.57 16.27 -29.37
C ALA E 260 21.99 17.27 -28.40
N ASP E 261 22.72 18.33 -28.15
CA ASP E 261 22.30 19.38 -27.19
C ASP E 261 22.55 20.75 -27.82
N ILE E 262 21.68 21.11 -28.76
CA ILE E 262 21.59 22.46 -29.38
C ILE E 262 20.90 23.36 -28.35
N VAL E 263 21.61 24.38 -27.87
CA VAL E 263 20.98 25.24 -26.83
CA VAL E 263 21.08 25.31 -26.84
C VAL E 263 20.26 26.39 -27.53
N GLY E 264 20.73 26.85 -28.68
CA GLY E 264 20.11 27.96 -29.42
C GLY E 264 21.12 28.58 -30.33
N PHE E 265 20.95 29.84 -30.68
CA PHE E 265 21.83 30.56 -31.62
C PHE E 265 22.57 31.68 -30.91
N PHE E 266 23.80 31.89 -31.34
CA PHE E 266 24.63 33.07 -31.02
C PHE E 266 24.46 34.05 -32.18
N THR E 267 24.08 35.30 -31.87
CA THR E 267 23.87 36.35 -32.88
C THR E 267 24.97 37.41 -32.70
N GLN E 268 25.78 37.60 -33.72
CA GLN E 268 26.83 38.66 -33.78
C GLN E 268 26.20 40.03 -34.02
N HIS E 269 26.99 41.09 -33.82
CA HIS E 269 26.56 42.48 -34.11
C HIS E 269 26.10 42.62 -35.57
N ASN E 270 26.68 41.88 -36.49
CA ASN E 270 26.35 41.99 -37.94
C ASN E 270 25.18 41.06 -38.27
N LYS E 271 24.54 40.48 -37.25
CA LYS E 271 23.28 39.68 -37.35
C LYS E 271 23.59 38.29 -37.90
N LYS E 272 24.86 37.92 -38.09
CA LYS E 272 25.20 36.52 -38.45
C LYS E 272 24.93 35.62 -37.24
N MET E 273 24.33 34.45 -37.49
CA MET E 273 23.84 33.53 -36.43
C MET E 273 24.50 32.16 -36.59
N SER E 274 24.84 31.54 -35.46
CA SER E 274 25.53 30.23 -35.40
C SER E 274 24.88 29.41 -34.28
N PHE E 275 24.79 28.10 -34.49
CA PHE E 275 24.38 27.15 -33.44
C PHE E 275 25.36 27.22 -32.30
N ARG E 276 24.87 27.13 -31.05
CA ARG E 276 25.72 26.88 -29.87
C ARG E 276 25.25 25.60 -29.18
N GLY E 277 26.18 24.72 -28.83
CA GLY E 277 25.88 23.46 -28.14
C GLY E 277 26.55 23.38 -26.79
N LEU E 278 26.12 22.43 -25.96
CA LEU E 278 26.77 22.16 -24.65
C LEU E 278 27.07 20.68 -24.56
N PRO E 279 28.08 20.31 -23.75
CA PRO E 279 28.41 18.93 -23.53
C PRO E 279 27.41 18.30 -22.55
N ARG E 280 27.37 16.98 -22.60
CA ARG E 280 26.48 16.17 -21.75
C ARG E 280 27.26 15.15 -20.92
N TYR E 281 26.92 15.08 -19.64
CA TYR E 281 27.45 14.11 -18.68
C TYR E 281 26.53 12.90 -18.64
N PHE E 282 27.13 11.71 -18.56
CA PHE E 282 26.41 10.44 -18.34
C PHE E 282 27.02 9.70 -17.15
N ARG E 283 26.16 9.16 -16.29
CA ARG E 283 26.52 8.18 -15.26
C ARG E 283 25.61 6.99 -15.48
N VAL E 284 26.18 5.81 -15.74
CA VAL E 284 25.34 4.63 -16.03
C VAL E 284 25.71 3.54 -15.02
N THR E 285 24.68 3.01 -14.36
CA THR E 285 24.81 1.91 -13.37
C THR E 285 24.55 0.60 -14.09
N LEU E 286 25.51 -0.32 -14.08
CA LEU E 286 25.35 -1.62 -14.76
C LEU E 286 25.53 -2.76 -13.77
N ARG E 287 24.85 -3.86 -14.04
CA ARG E 287 25.01 -5.11 -13.27
C ARG E 287 25.29 -6.22 -14.27
N LYS E 288 26.01 -7.24 -13.85
CA LYS E 288 26.23 -8.45 -14.67
C LYS E 288 24.93 -9.25 -14.72
N ARG E 289 24.45 -9.60 -15.92
CA ARG E 289 23.22 -10.41 -16.11
C ARG E 289 23.57 -11.69 -16.88
N VAL E 290 23.02 -12.82 -16.43
CA VAL E 290 23.09 -14.12 -17.16
C VAL E 290 22.14 -14.05 -18.36
N VAL E 291 22.65 -14.26 -19.57
CA VAL E 291 21.83 -14.20 -20.81
C VAL E 291 21.97 -15.52 -21.57
N LYS E 292 20.82 -16.16 -21.88
CA LYS E 292 20.73 -17.36 -22.76
C LYS E 292 20.89 -16.90 -24.21
N ASN E 293 21.81 -17.49 -24.98
CA ASN E 293 22.01 -17.14 -26.41
C ASN E 293 21.02 -17.97 -27.24
N SER F 35 16.94 -18.68 -17.18
CA SER F 35 17.99 -19.18 -16.22
C SER F 35 17.34 -19.52 -14.85
N ILE F 36 16.14 -20.10 -14.90
CA ILE F 36 15.42 -20.74 -13.76
C ILE F 36 15.48 -22.24 -13.99
N THR F 37 15.59 -23.03 -12.92
CA THR F 37 15.50 -24.51 -13.01
C THR F 37 14.68 -25.01 -11.83
N GLU F 38 13.93 -26.08 -12.03
CA GLU F 38 13.13 -26.68 -10.93
C GLU F 38 13.63 -28.11 -10.76
N ILE F 39 13.81 -28.54 -9.53
CA ILE F 39 14.13 -29.95 -9.25
C ILE F 39 13.03 -30.53 -8.35
N GLU F 40 12.77 -31.82 -8.52
CA GLU F 40 11.90 -32.60 -7.63
C GLU F 40 12.72 -33.75 -7.08
N ALA F 41 12.53 -34.09 -5.81
CA ALA F 41 13.23 -35.22 -5.18
C ALA F 41 12.39 -35.79 -4.06
N TYR F 42 12.72 -37.00 -3.64
CA TYR F 42 12.15 -37.60 -2.42
C TYR F 42 13.30 -38.04 -1.52
N LEU F 43 12.98 -38.10 -0.23
CA LEU F 43 13.81 -38.80 0.77
C LEU F 43 12.93 -39.81 1.49
N ASN F 44 13.31 -41.08 1.40
CA ASN F 44 12.66 -42.16 2.16
C ASN F 44 13.13 -42.07 3.60
N PRO F 45 12.29 -42.50 4.56
CA PRO F 45 12.66 -42.43 5.98
C PRO F 45 13.70 -43.52 6.29
N ARG F 46 14.45 -43.31 7.36
CA ARG F 46 15.49 -44.24 7.87
C ARG F 46 15.16 -44.54 9.33
N MET F 47 14.06 -45.24 9.55
CA MET F 47 13.54 -45.58 10.90
C MET F 47 14.31 -46.72 11.54
N GLY F 48 15.07 -47.50 10.76
CA GLY F 48 15.98 -48.52 11.34
C GLY F 48 15.98 -49.83 10.60
N GLN F 49 14.81 -50.33 10.18
CA GLN F 49 14.76 -51.64 9.48
C GLN F 49 15.26 -51.45 8.06
N PRO F 50 15.96 -52.47 7.51
CA PRO F 50 16.57 -52.34 6.20
C PRO F 50 15.57 -52.21 5.05
N GLN F 51 16.05 -51.58 3.98
CA GLN F 51 15.39 -51.44 2.67
C GLN F 51 15.11 -52.82 2.08
N ASN F 52 14.01 -52.93 1.33
CA ASN F 52 13.74 -54.09 0.45
C ASN F 52 13.38 -55.29 1.31
N GLU F 53 13.06 -55.09 2.60
CA GLU F 53 12.66 -56.16 3.55
C GLU F 53 11.36 -55.78 4.23
N ASP F 54 10.75 -56.70 4.96
CA ASP F 54 9.29 -56.66 5.23
C ASP F 54 8.94 -55.44 6.10
N PHE F 55 9.90 -54.91 6.86
CA PHE F 55 9.61 -53.84 7.86
C PHE F 55 10.21 -52.51 7.41
N TYR F 56 10.46 -52.34 6.11
CA TYR F 56 10.98 -51.07 5.56
C TYR F 56 9.98 -49.94 5.90
N GLY F 57 10.46 -48.88 6.54
CA GLY F 57 9.61 -47.77 7.01
C GLY F 57 9.41 -47.81 8.52
N PHE F 58 9.75 -48.92 9.15
CA PHE F 58 9.65 -49.11 10.61
C PHE F 58 11.05 -49.18 11.22
N SER F 59 11.14 -48.92 12.52
CA SER F 59 12.26 -49.42 13.34
C SER F 59 11.99 -50.86 13.73
N ASP F 60 13.00 -51.54 14.23
CA ASP F 60 12.82 -52.80 14.98
C ASP F 60 12.19 -52.45 16.33
N ASN F 61 11.67 -53.43 17.04
CA ASN F 61 10.93 -53.22 18.29
C ASN F 61 11.86 -52.55 19.30
N VAL F 62 11.34 -51.55 20.01
CA VAL F 62 12.19 -50.70 20.89
C VAL F 62 12.39 -51.43 22.22
N THR F 63 13.66 -51.53 22.64
CA THR F 63 14.04 -52.01 23.99
C THR F 63 14.42 -50.79 24.83
N VAL F 64 14.27 -50.94 26.14
CA VAL F 64 14.48 -49.85 27.12
C VAL F 64 15.43 -50.35 28.19
N SER F 65 16.44 -49.54 28.50
CA SER F 65 17.49 -49.85 29.49
C SER F 65 16.92 -49.67 30.91
N ASP F 66 17.57 -50.26 31.90
CA ASP F 66 17.15 -50.11 33.33
C ASP F 66 17.83 -48.89 33.96
N ASP F 67 18.92 -48.40 33.38
CA ASP F 67 19.74 -47.30 33.99
C ASP F 67 20.44 -46.55 32.87
N PHE F 68 20.80 -45.28 33.09
CA PHE F 68 21.60 -44.49 32.14
C PHE F 68 22.98 -45.13 31.93
N GLY F 69 23.49 -45.81 32.96
CA GLY F 69 24.84 -46.42 32.93
C GLY F 69 24.90 -47.73 32.16
N SER F 70 23.75 -48.34 31.85
CA SER F 70 23.69 -49.62 31.11
C SER F 70 22.73 -49.45 29.94
N ASP F 71 22.96 -48.41 29.13
CA ASP F 71 22.06 -47.98 28.03
C ASP F 71 22.80 -48.14 26.70
N ALA F 72 22.33 -49.06 25.85
CA ALA F 72 22.94 -49.32 24.54
C ALA F 72 21.82 -49.59 23.55
N PRO F 73 21.31 -48.57 22.85
CA PRO F 73 20.25 -48.81 21.88
C PRO F 73 20.78 -49.64 20.73
N PRO F 74 20.25 -50.85 20.50
CA PRO F 74 20.72 -51.66 19.40
C PRO F 74 20.42 -51.04 18.03
N TRP F 75 21.33 -51.27 17.09
CA TRP F 75 21.14 -50.86 15.69
C TRP F 75 19.77 -51.39 15.23
N LYS F 76 19.04 -50.52 14.53
CA LYS F 76 17.72 -50.76 13.89
C LYS F 76 16.58 -50.30 14.81
N GLN F 77 16.84 -49.97 16.08
CA GLN F 77 15.77 -49.67 17.07
C GLN F 77 15.55 -48.16 17.19
N PHE F 78 16.27 -47.35 16.42
CA PHE F 78 16.11 -45.88 16.50
C PHE F 78 16.25 -45.26 15.12
N PRO F 79 15.53 -44.15 14.86
CA PRO F 79 15.61 -43.49 13.56
C PRO F 79 16.85 -42.61 13.37
N CYS F 80 17.25 -42.47 12.11
CA CYS F 80 18.38 -41.64 11.66
C CYS F 80 17.87 -40.61 10.66
N TYR F 81 18.62 -39.53 10.46
CA TYR F 81 18.29 -38.51 9.43
C TYR F 81 18.44 -39.12 8.04
N SER F 82 17.59 -38.63 7.15
CA SER F 82 17.64 -38.85 5.69
C SER F 82 18.34 -37.65 5.07
N THR F 83 19.16 -37.86 4.05
CA THR F 83 19.82 -36.76 3.33
C THR F 83 20.20 -37.22 1.92
N ALA F 84 20.22 -36.26 0.99
CA ALA F 84 20.68 -36.45 -0.40
C ALA F 84 21.27 -35.14 -0.90
N ARG F 85 22.26 -35.26 -1.80
CA ARG F 85 22.77 -34.12 -2.58
C ARG F 85 22.20 -34.28 -3.98
N ILE F 86 21.51 -33.27 -4.48
CA ILE F 86 20.97 -33.27 -5.87
C ILE F 86 21.98 -32.55 -6.77
N SER F 87 22.46 -33.22 -7.82
CA SER F 87 23.35 -32.61 -8.84
C SER F 87 22.55 -31.61 -9.66
N LEU F 88 22.98 -30.36 -9.67
CA LEU F 88 22.38 -29.28 -10.51
C LEU F 88 23.22 -29.13 -11.78
N PRO F 89 22.65 -28.54 -12.86
CA PRO F 89 23.43 -28.30 -14.08
C PRO F 89 24.74 -27.56 -13.78
N MET F 90 25.84 -27.97 -14.41
CA MET F 90 27.20 -27.39 -14.19
C MET F 90 27.21 -25.97 -14.74
N LEU F 91 27.79 -25.03 -13.99
CA LEU F 91 28.00 -23.63 -14.40
C LEU F 91 29.50 -23.41 -14.61
N ASN F 92 29.89 -22.64 -15.62
CA ASN F 92 31.33 -22.38 -15.93
C ASN F 92 31.74 -21.09 -15.23
N GLN F 93 32.89 -21.11 -14.56
CA GLN F 93 33.45 -19.97 -13.77
C GLN F 93 34.48 -19.21 -14.62
N ASP F 94 34.58 -17.90 -14.42
CA ASP F 94 35.73 -17.06 -14.87
C ASP F 94 36.63 -16.85 -13.66
N MET F 95 37.76 -17.58 -13.58
CA MET F 95 38.67 -17.58 -12.40
C MET F 95 39.42 -16.25 -12.28
N THR F 96 39.38 -15.39 -13.31
CA THR F 96 40.03 -14.05 -13.30
C THR F 96 39.10 -12.99 -12.69
N SER F 97 37.78 -13.23 -12.60
CA SER F 97 36.79 -12.25 -12.10
C SER F 97 36.73 -12.30 -10.56
N ASP F 98 36.13 -11.28 -9.94
CA ASP F 98 35.92 -11.22 -8.46
C ASP F 98 34.48 -11.62 -8.12
N THR F 99 33.73 -12.18 -9.09
CA THR F 99 32.37 -12.73 -8.90
C THR F 99 32.35 -14.20 -9.33
N ILE F 100 31.39 -14.96 -8.79
CA ILE F 100 31.16 -16.41 -9.07
C ILE F 100 29.72 -16.57 -9.58
N LEU F 101 29.47 -17.54 -10.45
CA LEU F 101 28.10 -17.92 -10.89
C LEU F 101 27.61 -19.13 -10.08
N MET F 102 26.51 -18.98 -9.33
CA MET F 102 25.98 -20.10 -8.52
C MET F 102 24.46 -20.21 -8.67
N TRP F 103 23.95 -21.42 -8.47
CA TRP F 103 22.50 -21.70 -8.34
C TRP F 103 22.04 -21.19 -6.97
N GLU F 104 20.97 -20.40 -6.96
CA GLU F 104 20.34 -19.84 -5.75
C GLU F 104 18.97 -20.50 -5.57
N ALA F 105 18.74 -21.13 -4.43
CA ALA F 105 17.42 -21.73 -4.14
C ALA F 105 16.53 -20.60 -3.62
N ILE F 106 15.49 -20.24 -4.38
CA ILE F 106 14.66 -19.05 -4.04
C ILE F 106 13.37 -19.48 -3.35
N SER F 107 12.87 -20.67 -3.63
CA SER F 107 11.60 -21.15 -3.03
C SER F 107 11.53 -22.66 -3.09
N CYS F 108 10.62 -23.24 -2.31
CA CYS F 108 10.42 -24.69 -2.35
C CYS F 108 8.96 -25.01 -2.01
N ARG F 109 8.59 -26.25 -2.32
CA ARG F 109 7.42 -26.91 -1.72
C ARG F 109 7.96 -28.20 -1.11
N THR F 110 7.41 -28.61 0.00
CA THR F 110 7.72 -29.94 0.57
C THR F 110 6.44 -30.51 1.13
N GLU F 111 6.25 -31.82 0.95
CA GLU F 111 5.03 -32.53 1.40
C GLU F 111 5.49 -33.83 2.04
N VAL F 112 4.88 -34.22 3.14
CA VAL F 112 4.97 -35.61 3.66
C VAL F 112 4.07 -36.48 2.78
N MET F 113 4.63 -37.55 2.24
CA MET F 113 3.89 -38.47 1.36
C MET F 113 3.42 -39.68 2.16
N GLY F 114 2.35 -40.32 1.69
CA GLY F 114 1.87 -41.56 2.31
C GLY F 114 1.00 -41.33 3.53
N VAL F 115 0.56 -40.09 3.81
CA VAL F 115 -0.29 -39.85 5.00
C VAL F 115 -1.52 -40.77 4.93
N ASN F 116 -1.99 -41.05 3.72
CA ASN F 116 -3.15 -41.93 3.47
C ASN F 116 -2.98 -43.26 4.22
N MET F 117 -1.78 -43.79 4.34
CA MET F 117 -1.61 -45.18 4.83
C MET F 117 -2.05 -45.24 6.30
N LEU F 118 -2.10 -44.10 7.00
CA LEU F 118 -2.36 -44.07 8.45
C LEU F 118 -3.85 -44.26 8.75
N THR F 119 -4.68 -44.40 7.72
CA THR F 119 -6.10 -44.79 7.91
C THR F 119 -6.24 -46.32 8.06
N ASN F 120 -5.12 -47.03 7.99
CA ASN F 120 -5.07 -48.50 8.23
C ASN F 120 -5.16 -48.78 9.73
N VAL F 121 -6.26 -49.38 10.17
CA VAL F 121 -6.42 -49.83 11.57
C VAL F 121 -6.75 -51.33 11.60
N HIS F 122 -6.25 -52.10 10.63
CA HIS F 122 -6.48 -53.57 10.60
C HIS F 122 -5.19 -54.39 10.65
N SER F 123 -4.02 -53.80 10.40
CA SER F 123 -2.74 -54.56 10.24
C SER F 123 -2.05 -54.83 11.58
N ALA F 124 -2.38 -55.95 12.21
CA ALA F 124 -1.62 -56.56 13.33
C ALA F 124 -1.40 -55.53 14.44
N GLN F 125 -2.43 -54.74 14.73
CA GLN F 125 -2.33 -53.65 15.74
C GLN F 125 -3.03 -54.08 17.03
N LYS F 126 -2.44 -53.75 18.18
CA LYS F 126 -3.18 -53.75 19.46
C LYS F 126 -4.52 -53.05 19.22
N ARG F 127 -5.60 -53.62 19.72
CA ARG F 127 -6.97 -53.12 19.48
C ARG F 127 -7.38 -52.14 20.57
N VAL F 128 -8.36 -51.30 20.24
CA VAL F 128 -8.94 -50.32 21.20
C VAL F 128 -9.44 -51.07 22.43
N TYR F 129 -10.10 -52.22 22.24
CA TYR F 129 -10.60 -53.08 23.34
C TYR F 129 -9.87 -54.42 23.29
N GLU F 130 -8.54 -54.40 23.45
CA GLU F 130 -7.65 -55.58 23.25
C GLU F 130 -8.07 -56.69 24.23
N ASN F 131 -8.50 -56.33 25.45
CA ASN F 131 -8.92 -57.34 26.47
C ASN F 131 -10.17 -58.09 25.99
N ASP F 132 -10.99 -57.47 25.14
CA ASP F 132 -12.22 -58.08 24.56
C ASP F 132 -11.96 -58.54 23.13
N ARG F 133 -10.70 -58.53 22.67
CA ARG F 133 -10.31 -58.84 21.27
C ARG F 133 -11.28 -58.09 20.34
N GLU F 134 -11.53 -56.81 20.60
CA GLU F 134 -12.53 -56.06 19.81
C GLU F 134 -12.09 -54.61 19.55
N GLY F 135 -12.72 -54.02 18.56
CA GLY F 135 -12.49 -52.65 18.11
C GLY F 135 -11.46 -52.59 17.00
N THR F 136 -11.26 -51.39 16.48
CA THR F 136 -10.18 -51.17 15.49
C THR F 136 -8.82 -51.39 16.15
N GLY F 137 -7.80 -51.50 15.32
CA GLY F 137 -6.42 -51.25 15.76
C GLY F 137 -6.32 -49.84 16.33
N ILE F 138 -5.38 -49.60 17.22
CA ILE F 138 -5.15 -48.22 17.75
C ILE F 138 -4.42 -47.37 16.70
N GLY F 139 -3.92 -47.97 15.63
CA GLY F 139 -3.18 -47.23 14.60
C GLY F 139 -1.86 -46.69 15.13
N VAL F 140 -1.28 -45.76 14.40
CA VAL F 140 0.04 -45.17 14.75
C VAL F 140 -0.26 -44.02 15.70
N GLU F 141 0.42 -43.96 16.84
CA GLU F 141 0.25 -42.82 17.76
C GLU F 141 1.53 -42.63 18.54
N GLY F 142 1.65 -41.47 19.17
CA GLY F 142 2.85 -41.11 19.95
C GLY F 142 3.57 -39.93 19.31
N MET F 143 4.85 -39.80 19.60
CA MET F 143 5.59 -38.59 19.19
C MET F 143 5.63 -38.43 17.66
N GLY F 144 5.58 -37.19 17.24
CA GLY F 144 5.82 -36.71 15.88
C GLY F 144 7.10 -35.93 15.93
N TYR F 145 8.02 -36.17 15.01
CA TYR F 145 9.19 -35.29 14.83
C TYR F 145 9.34 -35.11 13.34
N HIS F 146 9.09 -33.89 12.88
CA HIS F 146 9.09 -33.55 11.45
C HIS F 146 10.03 -32.38 11.25
N MET F 147 11.10 -32.61 10.51
N MET F 147 11.11 -32.64 10.52
CA MET F 147 12.00 -31.48 10.18
CA MET F 147 12.15 -31.62 10.22
C MET F 147 12.55 -31.69 8.79
C MET F 147 12.49 -31.73 8.74
N PHE F 148 12.75 -30.59 8.09
CA PHE F 148 13.41 -30.60 6.78
C PHE F 148 14.38 -29.43 6.69
N ALA F 149 15.38 -29.62 5.86
CA ALA F 149 16.42 -28.60 5.61
C ALA F 149 16.71 -28.57 4.11
N ILE F 150 16.87 -27.38 3.60
CA ILE F 150 17.26 -27.15 2.18
C ILE F 150 18.43 -26.19 2.19
N GLY F 151 19.56 -26.59 1.60
CA GLY F 151 20.76 -25.75 1.66
C GLY F 151 21.69 -25.95 0.47
N GLY F 152 22.71 -25.10 0.42
CA GLY F 152 23.75 -25.08 -0.61
C GLY F 152 24.98 -25.84 -0.16
N GLU F 153 24.91 -26.49 1.00
CA GLU F 153 26.02 -27.30 1.58
C GLU F 153 25.40 -28.22 2.62
N PRO F 154 26.14 -29.24 3.12
CA PRO F 154 25.56 -30.16 4.08
C PRO F 154 25.06 -29.47 5.34
N LEU F 155 23.95 -29.99 5.88
CA LEU F 155 23.35 -29.45 7.12
C LEU F 155 24.38 -29.55 8.25
N GLU F 156 24.57 -28.45 8.97
CA GLU F 156 25.55 -28.38 10.08
C GLU F 156 24.82 -28.76 11.36
N LEU F 157 25.42 -29.65 12.14
CA LEU F 157 24.76 -30.32 13.27
C LEU F 157 25.41 -29.93 14.60
N GLN F 158 24.59 -29.89 15.62
CA GLN F 158 25.01 -29.86 17.03
C GLN F 158 24.70 -31.24 17.60
N PHE F 159 25.71 -31.89 18.19
CA PHE F 159 25.51 -33.16 18.92
C PHE F 159 24.84 -32.83 20.26
N MET F 160 23.76 -33.53 20.59
CA MET F 160 23.12 -33.36 21.91
C MET F 160 22.23 -34.58 22.16
N VAL F 161 22.38 -35.19 23.33
CA VAL F 161 21.73 -36.47 23.66
C VAL F 161 21.02 -36.32 24.99
N PHE F 162 20.03 -37.16 25.22
CA PHE F 162 19.26 -37.26 26.46
C PHE F 162 20.18 -37.75 27.58
N ASN F 163 20.97 -38.78 27.28
CA ASN F 163 21.83 -39.51 28.25
C ASN F 163 23.20 -39.74 27.62
N HIS F 164 24.22 -39.02 28.10
CA HIS F 164 25.56 -39.00 27.46
C HIS F 164 26.21 -40.37 27.55
N ARG F 165 25.75 -41.21 28.49
CA ARG F 165 26.39 -42.53 28.74
C ARG F 165 25.83 -43.59 27.78
N ALA F 166 24.84 -43.26 26.93
CA ALA F 166 24.34 -44.21 25.93
C ALA F 166 25.49 -44.66 25.04
N THR F 167 25.59 -45.95 24.79
CA THR F 167 26.56 -46.52 23.82
C THR F 167 25.80 -46.80 22.52
N TYR F 168 26.09 -46.01 21.48
CA TYR F 168 25.49 -46.15 20.14
C TYR F 168 26.23 -47.23 19.39
N PRO F 169 25.53 -47.93 18.49
CA PRO F 169 26.14 -49.01 17.72
C PRO F 169 27.17 -48.51 16.69
N ALA F 170 28.07 -49.40 16.31
CA ALA F 170 29.11 -49.11 15.31
C ALA F 170 28.51 -48.58 14.01
N GLU F 171 27.30 -48.99 13.65
CA GLU F 171 26.63 -48.58 12.39
C GLU F 171 26.30 -47.08 12.41
N ALA F 172 26.13 -46.51 13.60
CA ALA F 172 25.67 -45.11 13.75
C ALA F 172 26.86 -44.15 13.72
N THR F 173 26.69 -42.94 13.20
CA THR F 173 27.70 -41.85 13.29
C THR F 173 27.36 -40.98 14.51
N VAL F 174 28.23 -40.99 15.51
CA VAL F 174 28.03 -40.21 16.77
C VAL F 174 29.40 -39.69 17.21
N ILE F 175 29.42 -38.83 18.22
CA ILE F 175 30.65 -38.50 18.97
C ILE F 175 30.74 -39.52 20.10
N LYS F 176 31.78 -40.36 20.12
CA LYS F 176 31.94 -41.40 21.17
C LYS F 176 32.42 -40.73 22.46
N ASN F 177 31.99 -41.24 23.61
CA ASN F 177 32.35 -40.75 24.97
C ASN F 177 32.25 -39.23 25.00
N PRO F 178 31.07 -38.69 24.65
CA PRO F 178 30.90 -37.24 24.53
C PRO F 178 30.95 -36.44 25.84
N GLY F 179 30.72 -37.09 26.99
CA GLY F 179 30.76 -36.47 28.31
C GLY F 179 29.44 -35.82 28.71
N ALA F 180 29.31 -35.46 29.99
CA ALA F 180 28.05 -34.97 30.56
C ALA F 180 27.58 -33.68 29.86
N SER F 181 28.50 -32.86 29.35
CA SER F 181 28.15 -31.55 28.72
C SER F 181 27.31 -31.78 27.45
N SER F 182 27.36 -32.99 26.87
CA SER F 182 26.59 -33.31 25.65
C SER F 182 25.09 -33.44 25.97
N GLN F 183 24.68 -33.43 27.25
CA GLN F 183 23.24 -33.46 27.62
C GLN F 183 22.63 -32.07 27.46
N VAL F 184 23.46 -31.04 27.30
CA VAL F 184 23.05 -29.66 26.94
C VAL F 184 23.98 -29.16 25.84
N PHE F 185 24.13 -27.85 25.68
CA PHE F 185 24.95 -27.28 24.59
C PHE F 185 26.42 -27.25 25.00
N ASP F 186 27.27 -27.86 24.19
CA ASP F 186 28.75 -27.76 24.30
C ASP F 186 29.28 -27.33 22.95
N PRO F 187 29.91 -26.14 22.80
CA PRO F 187 30.33 -25.66 21.49
C PRO F 187 31.39 -26.56 20.80
N ASN F 188 31.94 -27.54 21.51
CA ASN F 188 32.95 -28.44 20.89
C ASN F 188 32.28 -29.55 20.11
N LEU F 189 30.98 -29.79 20.30
CA LEU F 189 30.36 -31.06 19.86
C LEU F 189 29.57 -30.84 18.57
N LYS F 190 30.30 -30.73 17.45
CA LYS F 190 29.80 -30.34 16.12
C LYS F 190 29.90 -31.53 15.17
N GLY F 191 29.10 -31.48 14.12
CA GLY F 191 29.15 -32.44 13.01
C GLY F 191 28.52 -31.82 11.80
N THR F 192 28.52 -32.56 10.69
CA THR F 192 27.82 -32.19 9.44
C THR F 192 27.12 -33.44 8.90
N LEU F 193 25.93 -33.27 8.35
CA LEU F 193 25.10 -34.42 7.91
C LEU F 193 25.60 -34.86 6.54
N THR F 194 26.55 -35.80 6.52
CA THR F 194 27.25 -36.15 5.26
C THR F 194 26.94 -37.60 4.84
N ALA F 195 25.98 -38.25 5.48
CA ALA F 195 25.58 -39.62 5.10
C ALA F 195 24.14 -39.86 5.47
N ASP F 196 23.40 -40.52 4.59
CA ASP F 196 22.00 -40.93 4.79
C ASP F 196 21.92 -42.11 5.75
N GLY F 197 20.92 -42.09 6.63
CA GLY F 197 20.51 -43.25 7.43
C GLY F 197 21.49 -43.70 8.51
N VAL F 198 22.41 -42.83 8.98
CA VAL F 198 23.39 -43.25 10.03
C VAL F 198 23.54 -42.22 11.16
N PHE F 199 23.07 -40.98 11.04
CA PHE F 199 23.14 -39.98 12.13
C PHE F 199 21.86 -40.11 12.95
N PRO F 200 21.92 -40.58 14.21
CA PRO F 200 20.71 -40.79 15.00
C PRO F 200 19.99 -39.45 15.20
N VAL F 201 18.68 -39.46 14.99
CA VAL F 201 17.88 -38.24 15.26
C VAL F 201 18.08 -37.87 16.71
N GLU F 202 18.17 -38.85 17.61
CA GLU F 202 18.17 -38.53 19.05
C GLU F 202 19.54 -37.99 19.50
N ALA F 203 20.55 -37.98 18.63
CA ALA F 203 21.91 -37.55 18.97
C ALA F 203 22.30 -36.26 18.26
N TRP F 204 21.59 -35.86 17.21
CA TRP F 204 21.98 -34.70 16.38
C TRP F 204 20.76 -33.80 16.08
N GLY F 205 20.99 -32.51 16.05
CA GLY F 205 19.99 -31.52 15.60
C GLY F 205 20.67 -30.40 14.83
N PRO F 206 19.92 -29.56 14.12
CA PRO F 206 20.50 -28.43 13.41
C PRO F 206 21.24 -27.49 14.36
N ASP F 207 22.38 -26.97 13.90
CA ASP F 207 23.25 -26.06 14.68
C ASP F 207 22.87 -24.61 14.36
N PRO F 208 22.23 -23.87 15.28
CA PRO F 208 21.79 -22.51 14.97
C PRO F 208 22.97 -21.52 14.86
N PHE F 209 24.17 -21.92 15.31
CA PHE F 209 25.37 -21.07 15.25
C PHE F 209 25.98 -21.11 13.83
N LYS F 210 25.55 -22.04 12.99
CA LYS F 210 26.06 -22.17 11.60
C LYS F 210 24.85 -22.14 10.68
N ASN F 211 24.86 -22.94 9.62
CA ASN F 211 23.75 -23.04 8.65
C ASN F 211 23.35 -21.66 8.11
N GLU F 212 24.31 -20.79 7.81
CA GLU F 212 24.04 -19.50 7.14
C GLU F 212 23.54 -19.74 5.72
N ASN F 213 23.80 -20.92 5.16
CA ASN F 213 23.52 -21.23 3.74
C ASN F 213 22.51 -22.40 3.63
N THR F 214 21.77 -22.64 4.71
CA THR F 214 20.71 -23.67 4.79
C THR F 214 19.51 -23.04 5.50
N ARG F 215 18.30 -23.37 5.07
CA ARG F 215 17.09 -23.08 5.87
C ARG F 215 16.57 -24.38 6.45
N TYR F 216 16.29 -24.42 7.75
CA TYR F 216 15.71 -25.63 8.39
C TYR F 216 14.50 -25.23 9.23
N PHE F 217 13.59 -26.20 9.34
CA PHE F 217 12.24 -26.05 9.93
C PHE F 217 11.93 -27.35 10.63
N GLY F 218 11.55 -27.30 11.90
CA GLY F 218 11.31 -28.50 12.68
C GLY F 218 10.12 -28.36 13.60
N GLN F 219 9.42 -29.47 13.84
CA GLN F 219 8.30 -29.53 14.82
C GLN F 219 8.36 -30.86 15.55
N TYR F 220 8.28 -30.81 16.89
CA TYR F 220 8.20 -32.00 17.76
C TYR F 220 6.91 -31.93 18.56
N THR F 221 6.10 -32.98 18.48
CA THR F 221 4.99 -33.19 19.44
C THR F 221 5.25 -34.53 20.12
N GLY F 222 5.41 -34.55 21.44
CA GLY F 222 5.77 -35.77 22.19
C GLY F 222 4.54 -36.53 22.65
N GLY F 223 4.74 -37.51 23.56
N GLY F 223 4.75 -37.39 23.65
CA GLY F 223 3.65 -38.24 24.24
CA GLY F 223 3.73 -38.31 24.16
C GLY F 223 3.15 -39.46 23.45
C GLY F 223 3.85 -39.66 23.48
N THR F 224 3.20 -40.68 24.05
CA THR F 224 3.05 -41.96 23.33
C THR F 224 1.59 -42.26 22.99
N GLN F 225 0.62 -41.50 23.50
CA GLN F 225 -0.83 -41.60 23.10
C GLN F 225 -1.22 -40.48 22.13
N THR F 226 -0.30 -39.60 21.76
CA THR F 226 -0.67 -38.39 20.98
C THR F 226 -1.09 -38.79 19.58
N PRO F 227 -2.20 -38.24 19.03
CA PRO F 227 -2.56 -38.55 17.64
C PRO F 227 -1.63 -37.82 16.70
N PRO F 228 -1.14 -38.48 15.63
CA PRO F 228 -0.42 -37.77 14.59
C PRO F 228 -1.33 -36.71 13.97
N VAL F 229 -0.74 -35.58 13.64
CA VAL F 229 -1.41 -34.49 12.91
C VAL F 229 -0.55 -34.13 11.70
N LEU F 230 -1.08 -34.40 10.51
CA LEU F 230 -0.33 -34.18 9.25
C LEU F 230 -1.22 -33.48 8.23
N THR F 231 -0.64 -32.58 7.45
CA THR F 231 -1.34 -31.91 6.33
C THR F 231 -0.57 -32.20 5.06
N PHE F 232 -1.23 -32.14 3.93
CA PHE F 232 -0.61 -32.38 2.60
C PHE F 232 -1.38 -31.56 1.57
N THR F 233 -0.65 -30.79 0.77
CA THR F 233 -1.22 -30.03 -0.35
C THR F 233 -0.11 -29.76 -1.35
N ASN F 234 -0.48 -29.57 -2.60
CA ASN F 234 0.48 -29.18 -3.67
C ASN F 234 0.45 -27.67 -3.88
N THR F 235 -0.13 -26.89 -2.95
CA THR F 235 -0.41 -25.46 -3.20
C THR F 235 0.38 -24.54 -2.26
N GLN F 236 1.28 -25.05 -1.42
CA GLN F 236 1.99 -24.24 -0.38
C GLN F 236 3.46 -24.05 -0.78
N THR F 237 3.92 -22.81 -0.88
CA THR F 237 5.32 -22.44 -1.24
C THR F 237 5.97 -21.85 0.00
N THR F 238 7.20 -22.27 0.30
CA THR F 238 8.06 -21.65 1.33
C THR F 238 9.15 -20.85 0.61
N ILE F 239 9.22 -19.55 0.85
CA ILE F 239 10.29 -18.69 0.26
C ILE F 239 11.57 -18.93 1.07
N LEU F 240 12.71 -19.08 0.40
CA LEU F 240 13.99 -19.45 1.06
C LEU F 240 14.92 -18.24 1.12
N LEU F 241 14.48 -17.09 0.61
CA LEU F 241 15.29 -15.84 0.68
C LEU F 241 15.47 -15.43 2.15
N ASP F 242 16.66 -14.98 2.52
CA ASP F 242 16.95 -14.45 3.88
C ASP F 242 16.53 -12.97 3.92
N GLU F 243 16.83 -12.27 5.02
CA GLU F 243 16.44 -10.84 5.24
C GLU F 243 16.98 -9.97 4.09
N ASN F 244 18.10 -10.34 3.48
CA ASN F 244 18.78 -9.58 2.39
C ASN F 244 18.29 -10.01 1.01
N GLY F 245 17.27 -10.86 0.91
CA GLY F 245 16.71 -11.29 -0.39
C GLY F 245 17.62 -12.28 -1.10
N VAL F 246 18.45 -13.00 -0.34
CA VAL F 246 19.38 -14.04 -0.88
C VAL F 246 18.95 -15.42 -0.38
N GLY F 247 18.82 -16.38 -1.28
CA GLY F 247 18.53 -17.78 -0.92
C GLY F 247 19.81 -18.59 -0.74
N PRO F 248 19.71 -19.86 -0.31
CA PRO F 248 20.87 -20.74 -0.28
C PRO F 248 21.60 -20.74 -1.62
N LEU F 249 22.94 -20.71 -1.56
CA LEU F 249 23.80 -20.69 -2.77
C LEU F 249 24.51 -22.04 -2.86
N CYS F 250 24.34 -22.74 -3.99
CA CYS F 250 24.67 -24.18 -4.10
C CYS F 250 26.16 -24.39 -4.40
N LYS F 251 26.92 -24.73 -3.37
CA LYS F 251 28.39 -24.97 -3.51
C LYS F 251 28.60 -26.21 -4.39
N GLY F 252 29.42 -26.09 -5.44
CA GLY F 252 29.73 -27.25 -6.29
C GLY F 252 28.52 -27.70 -7.08
N ASP F 253 27.54 -26.81 -7.28
CA ASP F 253 26.33 -27.10 -8.10
C ASP F 253 25.61 -28.28 -7.46
N GLY F 254 25.62 -28.32 -6.13
CA GLY F 254 24.92 -29.31 -5.30
C GLY F 254 23.83 -28.67 -4.45
N LEU F 255 22.65 -29.30 -4.42
CA LEU F 255 21.52 -28.89 -3.56
C LEU F 255 21.35 -29.96 -2.51
N PHE F 256 21.33 -29.54 -1.25
CA PHE F 256 21.37 -30.48 -0.10
C PHE F 256 19.99 -30.52 0.54
N LEU F 257 19.42 -31.71 0.61
CA LEU F 257 18.06 -31.94 1.16
C LEU F 257 18.22 -32.88 2.35
N SER F 258 17.62 -32.51 3.49
CA SER F 258 17.69 -33.33 4.71
C SER F 258 16.30 -33.41 5.36
N CYS F 259 16.00 -34.50 6.01
CA CYS F 259 14.74 -34.56 6.80
C CYS F 259 14.73 -35.74 7.79
N ALA F 260 13.77 -35.67 8.68
CA ALA F 260 13.32 -36.78 9.56
C ALA F 260 11.81 -36.62 9.71
N ASP F 261 11.07 -37.69 9.47
CA ASP F 261 9.58 -37.68 9.55
C ASP F 261 9.13 -38.90 10.33
N ILE F 262 9.32 -38.82 11.64
CA ILE F 262 8.81 -39.81 12.62
C ILE F 262 7.33 -39.50 12.79
N VAL F 263 6.44 -40.43 12.43
CA VAL F 263 4.99 -40.09 12.54
CA VAL F 263 4.97 -40.22 12.50
C VAL F 263 4.49 -40.54 13.92
N GLY F 264 5.07 -41.59 14.51
CA GLY F 264 4.65 -42.16 15.79
C GLY F 264 5.04 -43.62 15.87
N PHE F 265 4.37 -44.35 16.75
CA PHE F 265 4.71 -45.76 17.04
C PHE F 265 3.61 -46.68 16.54
N PHE F 266 4.04 -47.83 16.04
CA PHE F 266 3.22 -49.01 15.76
C PHE F 266 3.25 -49.93 16.99
N THR F 267 2.09 -50.29 17.53
CA THR F 267 1.98 -51.18 18.71
C THR F 267 1.36 -52.50 18.25
N GLN F 268 2.09 -53.59 18.43
CA GLN F 268 1.61 -54.96 18.14
C GLN F 268 0.68 -55.44 19.26
N HIS F 269 -0.02 -56.55 19.02
CA HIS F 269 -0.91 -57.17 20.04
C HIS F 269 -0.11 -57.51 21.30
N ASN F 270 1.16 -57.86 21.17
CA ASN F 270 2.02 -58.25 22.32
C ASN F 270 2.64 -57.01 22.96
N LYS F 271 2.18 -55.81 22.57
CA LYS F 271 2.57 -54.51 23.19
C LYS F 271 3.97 -54.10 22.74
N LYS F 272 4.66 -54.85 21.87
CA LYS F 272 5.93 -54.39 21.28
C LYS F 272 5.67 -53.18 20.37
N MET F 273 6.55 -52.19 20.46
CA MET F 273 6.36 -50.88 19.81
C MET F 273 7.56 -50.56 18.92
N SER F 274 7.30 -49.99 17.74
CA SER F 274 8.33 -49.62 16.74
C SER F 274 8.02 -48.24 16.18
N PHE F 275 9.05 -47.48 15.82
CA PHE F 275 8.89 -46.21 15.08
C PHE F 275 8.32 -46.49 13.69
N ARG F 276 7.41 -45.63 13.22
CA ARG F 276 6.97 -45.61 11.81
C ARG F 276 7.30 -44.23 11.24
N GLY F 277 7.86 -44.21 10.03
CA GLY F 277 8.21 -42.96 9.33
C GLY F 277 7.55 -42.89 7.98
N LEU F 278 7.58 -41.71 7.38
CA LEU F 278 7.02 -41.48 6.04
C LEU F 278 8.03 -40.75 5.18
N PRO F 279 7.97 -40.98 3.86
CA PRO F 279 8.85 -40.26 2.95
C PRO F 279 8.42 -38.81 2.73
N ARG F 280 9.36 -38.01 2.25
CA ARG F 280 9.15 -36.55 2.04
C ARG F 280 9.48 -36.18 0.60
N TYR F 281 8.59 -35.40 0.02
CA TYR F 281 8.74 -34.78 -1.32
C TYR F 281 9.35 -33.40 -1.17
N PHE F 282 10.23 -33.05 -2.09
CA PHE F 282 10.77 -31.69 -2.25
C PHE F 282 10.62 -31.22 -3.69
N ARG F 283 10.21 -29.97 -3.85
CA ARG F 283 10.29 -29.23 -5.13
C ARG F 283 11.05 -27.95 -4.82
N VAL F 284 12.18 -27.73 -5.50
CA VAL F 284 12.99 -26.51 -5.23
C VAL F 284 13.18 -25.76 -6.53
N THR F 285 12.93 -24.46 -6.50
CA THR F 285 13.07 -23.54 -7.65
C THR F 285 14.40 -22.81 -7.46
N LEU F 286 15.25 -22.82 -8.47
CA LEU F 286 16.58 -22.15 -8.38
C LEU F 286 16.79 -21.19 -9.54
N ARG F 287 17.62 -20.19 -9.32
CA ARG F 287 17.98 -19.21 -10.37
C ARG F 287 19.51 -19.08 -10.36
N LYS F 288 20.10 -18.88 -11.52
CA LYS F 288 21.55 -18.58 -11.63
C LYS F 288 21.77 -17.19 -11.04
N ARG F 289 22.73 -17.04 -10.13
CA ARG F 289 23.03 -15.76 -9.47
C ARG F 289 24.52 -15.46 -9.63
N VAL F 290 24.87 -14.22 -9.98
CA VAL F 290 26.28 -13.72 -9.98
C VAL F 290 26.61 -13.30 -8.55
N VAL F 291 27.65 -13.88 -7.93
CA VAL F 291 27.95 -13.72 -6.48
C VAL F 291 29.27 -12.97 -6.31
N LYS F 292 29.30 -11.91 -5.48
CA LYS F 292 30.50 -11.05 -5.25
C LYS F 292 31.62 -11.88 -4.60
N SER G 35 -17.17 -14.62 -19.65
CA SER G 35 -17.77 -15.98 -19.81
C SER G 35 -17.36 -16.86 -18.63
N ILE G 36 -18.14 -16.75 -17.53
CA ILE G 36 -17.84 -17.35 -16.19
C ILE G 36 -19.06 -18.16 -15.73
N THR G 37 -18.82 -19.44 -15.41
CA THR G 37 -19.88 -20.43 -15.10
C THR G 37 -19.56 -21.04 -13.73
N GLU G 38 -20.59 -21.35 -12.97
CA GLU G 38 -20.43 -21.94 -11.63
C GLU G 38 -21.04 -23.32 -11.69
N ILE G 39 -20.37 -24.32 -11.16
CA ILE G 39 -21.01 -25.66 -11.02
C ILE G 39 -21.06 -25.96 -9.53
N GLU G 40 -22.09 -26.66 -9.10
CA GLU G 40 -22.20 -27.21 -7.75
C GLU G 40 -22.34 -28.72 -7.90
N ALA G 41 -21.73 -29.46 -7.01
CA ALA G 41 -21.74 -30.92 -7.02
C ALA G 41 -21.56 -31.43 -5.61
N TYR G 42 -21.88 -32.69 -5.40
CA TYR G 42 -21.55 -33.37 -4.12
C TYR G 42 -20.84 -34.68 -4.43
N LEU G 43 -20.08 -35.14 -3.45
CA LEU G 43 -19.59 -36.54 -3.40
C LEU G 43 -20.01 -37.17 -2.08
N ASN G 44 -20.75 -38.25 -2.17
CA ASN G 44 -21.10 -39.07 -0.99
C ASN G 44 -19.88 -39.89 -0.60
N PRO G 45 -19.73 -40.20 0.69
CA PRO G 45 -18.61 -40.99 1.17
C PRO G 45 -18.75 -42.46 0.73
N ARG G 46 -17.61 -43.14 0.71
CA ARG G 46 -17.51 -44.58 0.35
C ARG G 46 -16.76 -45.30 1.47
N MET G 47 -17.40 -45.41 2.61
CA MET G 47 -16.79 -45.97 3.82
C MET G 47 -16.85 -47.49 3.80
N GLY G 48 -17.67 -48.11 2.94
CA GLY G 48 -17.60 -49.58 2.80
C GLY G 48 -18.96 -50.20 2.64
N GLN G 49 -19.94 -49.82 3.44
CA GLN G 49 -21.30 -50.44 3.37
C GLN G 49 -22.00 -49.93 2.12
N PRO G 50 -22.87 -50.77 1.51
CA PRO G 50 -23.52 -50.41 0.27
C PRO G 50 -24.57 -49.30 0.39
N GLN G 51 -24.75 -48.57 -0.71
CA GLN G 51 -25.83 -47.57 -0.90
C GLN G 51 -27.20 -48.22 -0.71
N ASN G 52 -28.19 -47.43 -0.28
CA ASN G 52 -29.63 -47.83 -0.30
C ASN G 52 -29.88 -48.96 0.70
N GLU G 53 -28.98 -49.11 1.69
CA GLU G 53 -29.10 -50.11 2.77
C GLU G 53 -28.75 -49.43 4.10
N ASP G 54 -29.04 -50.12 5.19
CA ASP G 54 -29.24 -49.45 6.51
C ASP G 54 -27.95 -48.80 7.01
N PHE G 55 -26.79 -49.22 6.54
CA PHE G 55 -25.48 -48.77 7.09
C PHE G 55 -24.75 -47.86 6.09
N TYR G 56 -25.47 -47.31 5.13
CA TYR G 56 -24.88 -46.36 4.15
C TYR G 56 -24.27 -45.19 4.91
N GLY G 57 -23.00 -44.89 4.64
CA GLY G 57 -22.22 -43.86 5.33
C GLY G 57 -21.25 -44.46 6.33
N PHE G 58 -21.37 -45.75 6.62
CA PHE G 58 -20.49 -46.47 7.57
C PHE G 58 -19.67 -47.50 6.81
N SER G 59 -18.55 -47.92 7.38
CA SER G 59 -17.92 -49.21 7.05
C SER G 59 -18.69 -50.32 7.77
N ASP G 60 -18.42 -51.56 7.39
CA ASP G 60 -18.75 -52.72 8.23
C ASP G 60 -17.80 -52.72 9.42
N ASN G 61 -18.10 -53.52 10.43
CA ASN G 61 -17.28 -53.60 11.65
C ASN G 61 -15.85 -54.03 11.30
N VAL G 62 -14.87 -53.35 11.87
CA VAL G 62 -13.44 -53.54 11.50
C VAL G 62 -12.90 -54.77 12.22
N THR G 63 -12.32 -55.70 11.45
CA THR G 63 -11.54 -56.83 11.99
C THR G 63 -10.06 -56.50 11.86
N VAL G 64 -9.29 -57.12 12.73
CA VAL G 64 -7.85 -56.80 12.88
C VAL G 64 -7.06 -58.11 12.81
N SER G 65 -5.97 -58.12 12.04
CA SER G 65 -5.18 -59.35 11.82
C SER G 65 -4.23 -59.56 13.00
N ASP G 66 -3.68 -60.76 13.08
CA ASP G 66 -2.73 -61.12 14.16
C ASP G 66 -1.28 -60.81 13.73
N ASP G 67 -1.00 -60.75 12.42
N ASP G 67 -1.01 -60.70 12.43
CA ASP G 67 0.37 -60.61 11.86
CA ASP G 67 0.35 -60.44 11.93
C ASP G 67 0.29 -59.91 10.50
C ASP G 67 0.28 -59.91 10.49
N PHE G 68 1.35 -59.26 10.05
CA PHE G 68 1.44 -58.65 8.71
C PHE G 68 1.32 -59.73 7.62
N GLY G 69 1.75 -60.96 7.92
CA GLY G 69 1.79 -62.05 6.92
C GLY G 69 0.46 -62.74 6.76
N SER G 70 -0.52 -62.46 7.60
CA SER G 70 -1.89 -63.04 7.54
C SER G 70 -2.89 -61.89 7.68
N ASP G 71 -2.70 -60.86 6.88
CA ASP G 71 -3.46 -59.60 6.95
C ASP G 71 -4.29 -59.48 5.67
N ALA G 72 -5.62 -59.52 5.80
CA ALA G 72 -6.55 -59.44 4.67
C ALA G 72 -7.78 -58.66 5.13
N PRO G 73 -7.81 -57.33 4.91
CA PRO G 73 -8.98 -56.53 5.28
C PRO G 73 -10.14 -56.91 4.38
N PRO G 74 -11.23 -57.46 4.92
CA PRO G 74 -12.38 -57.80 4.07
C PRO G 74 -13.03 -56.57 3.46
N TRP G 75 -13.59 -56.80 2.27
CA TRP G 75 -14.41 -55.79 1.58
C TRP G 75 -15.48 -55.29 2.55
N LYS G 76 -15.65 -53.97 2.55
CA LYS G 76 -16.67 -53.20 3.29
C LYS G 76 -16.09 -52.70 4.60
N GLN G 77 -14.93 -53.21 5.02
CA GLN G 77 -14.36 -52.84 6.35
C GLN G 77 -13.39 -51.67 6.25
N PHE G 78 -13.19 -51.06 5.08
CA PHE G 78 -12.25 -49.91 4.96
C PHE G 78 -12.81 -48.91 3.95
N PRO G 79 -12.48 -47.62 4.12
CA PRO G 79 -12.94 -46.60 3.19
C PRO G 79 -12.15 -46.55 1.89
N CYS G 80 -12.85 -46.12 0.83
CA CYS G 80 -12.29 -45.83 -0.51
C CYS G 80 -12.51 -44.35 -0.86
N TYR G 81 -11.77 -43.85 -1.83
CA TYR G 81 -11.94 -42.47 -2.34
C TYR G 81 -13.27 -42.37 -3.08
N SER G 82 -13.84 -41.17 -2.99
CA SER G 82 -15.00 -40.72 -3.81
C SER G 82 -14.48 -39.92 -4.99
N THR G 83 -15.08 -40.08 -6.17
CA THR G 83 -14.68 -39.25 -7.32
C THR G 83 -15.84 -39.14 -8.31
N ALA G 84 -15.89 -38.02 -9.02
CA ALA G 84 -16.87 -37.79 -10.10
C ALA G 84 -16.24 -36.88 -11.14
N ARG G 85 -16.66 -37.07 -12.38
CA ARG G 85 -16.34 -36.16 -13.49
C ARG G 85 -17.61 -35.39 -13.82
N ILE G 86 -17.53 -34.06 -13.76
CA ILE G 86 -18.66 -33.16 -14.13
C ILE G 86 -18.48 -32.79 -15.60
N SER G 87 -19.51 -33.01 -16.42
CA SER G 87 -19.51 -32.58 -17.85
C SER G 87 -19.75 -31.08 -17.91
N LEU G 88 -18.83 -30.33 -18.51
CA LEU G 88 -18.98 -28.86 -18.67
C LEU G 88 -19.54 -28.57 -20.05
N PRO G 89 -20.10 -27.35 -20.29
CA PRO G 89 -20.56 -27.00 -21.64
C PRO G 89 -19.46 -27.22 -22.70
N MET G 90 -19.79 -27.89 -23.81
CA MET G 90 -18.80 -28.20 -24.88
C MET G 90 -18.31 -26.88 -25.47
N LEU G 91 -17.01 -26.73 -25.70
CA LEU G 91 -16.42 -25.47 -26.24
C LEU G 91 -16.13 -25.60 -27.75
N ILE G 100 -8.88 -24.45 -28.99
CA ILE G 100 -7.95 -23.46 -28.35
C ILE G 100 -8.60 -22.87 -27.08
N LEU G 101 -9.91 -23.08 -26.85
CA LEU G 101 -10.66 -22.65 -25.62
C LEU G 101 -10.82 -23.83 -24.64
N MET G 102 -10.49 -23.60 -23.37
CA MET G 102 -10.74 -24.60 -22.29
C MET G 102 -11.39 -23.89 -21.10
N TRP G 103 -12.21 -24.61 -20.36
CA TRP G 103 -12.68 -24.14 -19.03
C TRP G 103 -11.52 -24.18 -18.04
N GLU G 104 -11.33 -23.06 -17.34
CA GLU G 104 -10.27 -22.89 -16.32
C GLU G 104 -10.96 -22.75 -14.98
N ALA G 105 -10.69 -23.64 -14.02
CA ALA G 105 -11.22 -23.51 -12.64
C ALA G 105 -10.41 -22.44 -11.91
N ILE G 106 -11.01 -21.32 -11.55
CA ILE G 106 -10.26 -20.19 -10.95
C ILE G 106 -10.40 -20.19 -9.43
N SER G 107 -11.49 -20.75 -8.91
CA SER G 107 -11.74 -20.70 -7.45
C SER G 107 -12.77 -21.76 -7.10
N CYS G 108 -12.86 -22.09 -5.83
CA CYS G 108 -13.89 -23.03 -5.38
C CYS G 108 -14.30 -22.69 -3.96
N ARG G 109 -15.46 -23.21 -3.57
CA ARG G 109 -15.80 -23.38 -2.16
C ARG G 109 -16.05 -24.86 -1.97
N THR G 110 -15.72 -25.37 -0.81
CA THR G 110 -16.05 -26.76 -0.47
C THR G 110 -16.44 -26.81 1.00
N GLU G 111 -17.41 -27.67 1.31
CA GLU G 111 -17.92 -27.77 2.69
C GLU G 111 -18.16 -29.24 2.98
N VAL G 112 -17.82 -29.68 4.18
CA VAL G 112 -18.30 -30.99 4.67
C VAL G 112 -19.74 -30.80 5.09
N MET G 113 -20.63 -31.62 4.57
CA MET G 113 -22.07 -31.52 4.91
C MET G 113 -22.43 -32.56 5.99
N GLY G 114 -23.50 -32.28 6.73
CA GLY G 114 -24.04 -33.24 7.71
C GLY G 114 -23.29 -33.21 9.02
N VAL G 115 -22.44 -32.20 9.28
CA VAL G 115 -21.72 -32.12 10.57
C VAL G 115 -22.75 -32.19 11.72
N ASN G 116 -23.91 -31.57 11.53
CA ASN G 116 -25.03 -31.58 12.50
C ASN G 116 -25.30 -32.98 13.05
N MET G 117 -25.12 -34.03 12.25
CA MET G 117 -25.55 -35.38 12.66
C MET G 117 -24.73 -35.87 13.84
N LEU G 118 -23.53 -35.29 14.05
CA LEU G 118 -22.59 -35.77 15.09
C LEU G 118 -23.04 -35.30 16.48
N THR G 119 -24.13 -34.52 16.59
CA THR G 119 -24.75 -34.17 17.89
C THR G 119 -25.64 -35.33 18.40
N ASN G 120 -25.76 -36.41 17.63
CA ASN G 120 -26.55 -37.60 18.05
C ASN G 120 -25.69 -38.44 18.99
N VAL G 121 -26.10 -38.56 20.27
CA VAL G 121 -25.41 -39.45 21.24
C VAL G 121 -26.42 -40.46 21.80
N HIS G 122 -27.43 -40.82 21.02
CA HIS G 122 -28.46 -41.78 21.47
C HIS G 122 -28.51 -43.04 20.59
N SER G 123 -27.94 -43.06 19.39
CA SER G 123 -28.20 -44.15 18.40
C SER G 123 -27.21 -45.31 18.61
N ALA G 124 -27.55 -46.25 19.50
CA ALA G 124 -26.87 -47.57 19.62
C ALA G 124 -25.39 -47.41 19.85
N GLN G 125 -25.00 -46.46 20.69
CA GLN G 125 -23.58 -46.16 20.93
C GLN G 125 -23.17 -46.69 22.30
N LYS G 126 -21.97 -47.24 22.40
CA LYS G 126 -21.34 -47.48 23.73
C LYS G 126 -21.52 -46.23 24.59
N ARG G 127 -21.89 -46.42 25.84
CA ARG G 127 -22.21 -45.28 26.73
C ARG G 127 -20.95 -44.82 27.45
N VAL G 128 -20.98 -43.58 27.90
CA VAL G 128 -19.86 -43.00 28.71
C VAL G 128 -19.62 -43.89 29.94
N TYR G 129 -20.68 -44.38 30.58
CA TYR G 129 -20.57 -45.21 31.81
C TYR G 129 -21.19 -46.58 31.50
N GLU G 130 -20.61 -47.29 30.53
CA GLU G 130 -21.22 -48.49 29.90
C GLU G 130 -21.41 -49.55 30.99
N ASN G 131 -20.49 -49.64 31.96
CA ASN G 131 -20.56 -50.65 33.06
C ASN G 131 -21.74 -50.36 34.00
N ASP G 132 -22.20 -49.11 34.07
CA ASP G 132 -23.37 -48.67 34.87
C ASP G 132 -24.61 -48.56 33.96
N ARG G 133 -24.49 -48.87 32.67
CA ARG G 133 -25.56 -48.69 31.66
C ARG G 133 -26.07 -47.25 31.74
N GLU G 134 -25.17 -46.28 31.80
CA GLU G 134 -25.57 -44.89 32.06
C GLU G 134 -24.73 -43.90 31.25
N GLY G 135 -25.30 -42.73 31.03
CA GLY G 135 -24.63 -41.64 30.32
C GLY G 135 -25.03 -41.57 28.87
N THR G 136 -24.53 -40.56 28.18
CA THR G 136 -24.79 -40.43 26.73
C THR G 136 -24.01 -41.54 26.01
N GLY G 137 -24.30 -41.73 24.73
CA GLY G 137 -23.35 -42.43 23.86
C GLY G 137 -22.05 -41.66 23.78
N ILE G 138 -20.97 -42.34 23.41
CA ILE G 138 -19.64 -41.67 23.30
C ILE G 138 -19.56 -40.93 21.96
N GLY G 139 -20.52 -41.16 21.06
CA GLY G 139 -20.58 -40.48 19.75
C GLY G 139 -19.45 -40.95 18.87
N VAL G 140 -19.19 -40.22 17.80
CA VAL G 140 -18.11 -40.54 16.85
C VAL G 140 -16.81 -39.97 17.39
N GLU G 141 -15.78 -40.79 17.47
CA GLU G 141 -14.44 -40.37 17.95
C GLU G 141 -13.37 -41.05 17.10
N GLY G 142 -12.17 -40.48 17.10
CA GLY G 142 -11.01 -41.09 16.48
C GLY G 142 -10.58 -40.30 15.26
N MET G 143 -9.93 -40.99 14.33
CA MET G 143 -9.15 -40.33 13.26
C MET G 143 -10.07 -39.55 12.33
N GLY G 144 -9.58 -38.39 11.90
CA GLY G 144 -10.19 -37.59 10.83
C GLY G 144 -9.27 -37.56 9.64
N TYR G 145 -9.76 -37.93 8.47
CA TYR G 145 -8.96 -37.84 7.23
C TYR G 145 -9.84 -37.12 6.24
N HIS G 146 -9.46 -35.90 5.93
CA HIS G 146 -10.26 -35.00 5.07
C HIS G 146 -9.37 -34.53 3.95
N MET G 147 -9.68 -34.91 2.72
N MET G 147 -9.69 -34.97 2.72
CA MET G 147 -8.90 -34.43 1.58
CA MET G 147 -8.94 -34.64 1.49
C MET G 147 -9.84 -34.25 0.40
C MET G 147 -9.94 -34.19 0.44
N PHE G 148 -9.59 -33.21 -0.38
CA PHE G 148 -10.35 -32.95 -1.61
C PHE G 148 -9.36 -32.56 -2.69
N ALA G 149 -9.75 -32.83 -3.93
CA ALA G 149 -8.98 -32.46 -5.11
C ALA G 149 -9.91 -31.94 -6.18
N ILE G 150 -9.46 -30.92 -6.89
CA ILE G 150 -10.23 -30.33 -8.01
C ILE G 150 -9.26 -30.21 -9.17
N GLY G 151 -9.57 -30.84 -10.30
CA GLY G 151 -8.63 -30.85 -11.42
C GLY G 151 -9.29 -30.96 -12.77
N GLY G 152 -8.48 -30.78 -13.81
CA GLY G 152 -8.90 -30.86 -15.22
C GLY G 152 -8.66 -32.23 -15.80
N GLU G 153 -8.22 -33.18 -14.99
CA GLU G 153 -7.98 -34.57 -15.39
C GLU G 153 -8.06 -35.41 -14.12
N PRO G 154 -8.13 -36.76 -14.23
CA PRO G 154 -8.16 -37.57 -13.03
C PRO G 154 -6.98 -37.30 -12.08
N LEU G 155 -7.27 -37.39 -10.78
CA LEU G 155 -6.25 -37.24 -9.72
C LEU G 155 -5.19 -38.32 -9.92
N GLU G 156 -3.93 -37.92 -9.91
CA GLU G 156 -2.80 -38.85 -10.05
C GLU G 156 -2.38 -39.31 -8.66
N LEU G 157 -2.18 -40.61 -8.52
CA LEU G 157 -2.02 -41.29 -7.22
C LEU G 157 -0.62 -41.88 -7.11
N GLN G 158 -0.11 -41.89 -5.88
CA GLN G 158 1.05 -42.68 -5.45
C GLN G 158 0.52 -43.83 -4.59
N PHE G 159 0.88 -45.06 -4.93
CA PHE G 159 0.54 -46.25 -4.11
C PHE G 159 1.46 -46.26 -2.90
N MET G 160 0.89 -46.36 -1.70
CA MET G 160 1.71 -46.49 -0.47
C MET G 160 0.85 -47.10 0.62
N VAL G 161 1.37 -48.13 1.27
CA VAL G 161 0.63 -48.95 2.27
C VAL G 161 1.43 -49.08 3.55
N PHE G 162 0.72 -49.29 4.64
CA PHE G 162 1.31 -49.52 5.98
C PHE G 162 2.03 -50.87 5.96
N ASN G 163 1.41 -51.88 5.38
CA ASN G 163 1.93 -53.28 5.36
C ASN G 163 1.78 -53.82 3.93
N HIS G 164 2.91 -54.01 3.25
CA HIS G 164 2.91 -54.42 1.83
C HIS G 164 2.29 -55.81 1.70
N ARG G 165 2.32 -56.62 2.76
CA ARG G 165 1.83 -58.03 2.66
C ARG G 165 0.32 -58.10 2.83
N ALA G 166 -0.36 -56.98 3.08
CA ALA G 166 -1.84 -57.00 3.16
C ALA G 166 -2.40 -57.52 1.83
N THR G 167 -3.34 -58.45 1.92
CA THR G 167 -4.07 -58.94 0.73
C THR G 167 -5.39 -58.17 0.63
N TYR G 168 -5.50 -57.22 -0.28
CA TYR G 168 -6.75 -56.44 -0.45
C TYR G 168 -7.76 -57.31 -1.16
N PRO G 169 -9.06 -57.08 -0.90
CA PRO G 169 -10.10 -57.94 -1.47
C PRO G 169 -10.29 -57.66 -2.96
N ALA G 170 -10.97 -58.59 -3.63
CA ALA G 170 -11.15 -58.60 -5.10
C ALA G 170 -11.81 -57.31 -5.59
N GLU G 171 -12.69 -56.72 -4.77
CA GLU G 171 -13.50 -55.56 -5.17
C GLU G 171 -12.64 -54.27 -5.22
N ALA G 172 -11.51 -54.24 -4.54
CA ALA G 172 -10.63 -53.06 -4.40
C ALA G 172 -9.68 -52.95 -5.59
N THR G 173 -9.36 -51.72 -6.00
CA THR G 173 -8.29 -51.45 -6.99
C THR G 173 -7.00 -51.14 -6.24
N VAL G 174 -6.03 -52.04 -6.33
CA VAL G 174 -4.70 -51.82 -5.73
C VAL G 174 -3.63 -52.31 -6.70
N ILE G 175 -2.38 -52.16 -6.32
CA ILE G 175 -1.25 -52.88 -6.98
C ILE G 175 -1.04 -54.18 -6.23
N LYS G 176 -1.19 -55.31 -6.93
CA LYS G 176 -0.98 -56.66 -6.34
C LYS G 176 0.52 -56.92 -6.14
N ASN G 177 0.87 -57.64 -5.07
CA ASN G 177 2.28 -58.00 -4.74
C ASN G 177 3.18 -56.79 -4.93
N PRO G 178 2.88 -55.66 -4.27
CA PRO G 178 3.60 -54.42 -4.54
C PRO G 178 5.05 -54.42 -4.00
N GLY G 179 5.33 -55.24 -3.00
CA GLY G 179 6.70 -55.43 -2.50
C GLY G 179 7.02 -54.46 -1.36
N ALA G 180 8.10 -54.72 -0.63
CA ALA G 180 8.46 -53.97 0.60
C ALA G 180 8.57 -52.47 0.31
N SER G 181 9.01 -52.08 -0.88
CA SER G 181 9.27 -50.67 -1.27
C SER G 181 7.97 -49.86 -1.18
N SER G 182 6.80 -50.50 -1.22
CA SER G 182 5.47 -49.85 -1.25
C SER G 182 5.13 -49.31 0.15
N GLN G 183 5.94 -49.65 1.16
CA GLN G 183 5.72 -49.18 2.55
C GLN G 183 6.29 -47.77 2.70
N VAL G 184 7.08 -47.33 1.72
CA VAL G 184 7.60 -45.94 1.63
C VAL G 184 7.46 -45.53 0.16
N PHE G 185 8.23 -44.58 -0.32
CA PHE G 185 8.09 -44.09 -1.71
C PHE G 185 8.81 -45.00 -2.70
N ASP G 186 8.05 -45.51 -3.68
CA ASP G 186 8.59 -46.29 -4.82
C ASP G 186 8.09 -45.61 -6.08
N PRO G 187 8.99 -45.00 -6.87
CA PRO G 187 8.57 -44.23 -8.05
C PRO G 187 7.84 -45.06 -9.10
N ASN G 188 7.94 -46.39 -9.02
CA ASN G 188 7.28 -47.31 -9.99
C ASN G 188 5.79 -47.48 -9.69
N LEU G 189 5.32 -47.13 -8.48
CA LEU G 189 3.99 -47.55 -8.00
C LEU G 189 2.99 -46.39 -8.12
N LYS G 190 2.45 -46.21 -9.32
CA LYS G 190 1.60 -45.07 -9.70
C LYS G 190 0.21 -45.57 -10.06
N GLY G 191 -0.77 -44.69 -9.97
CA GLY G 191 -2.14 -44.96 -10.44
C GLY G 191 -2.83 -43.66 -10.73
N THR G 192 -4.05 -43.74 -11.24
CA THR G 192 -4.93 -42.57 -11.40
C THR G 192 -6.32 -42.94 -10.86
N LEU G 193 -6.97 -41.98 -10.24
CA LEU G 193 -8.26 -42.22 -9.57
C LEU G 193 -9.36 -42.21 -10.64
N THR G 194 -9.65 -43.39 -11.18
CA THR G 194 -10.52 -43.54 -12.38
C THR G 194 -11.88 -44.14 -12.01
N ALA G 195 -12.13 -44.47 -10.74
CA ALA G 195 -13.40 -45.09 -10.33
C ALA G 195 -13.72 -44.70 -8.90
N ASP G 196 -15.00 -44.53 -8.66
CA ASP G 196 -15.54 -44.11 -7.35
C ASP G 196 -15.66 -45.34 -6.46
N GLY G 197 -15.33 -45.21 -5.18
CA GLY G 197 -15.67 -46.25 -4.19
C GLY G 197 -14.84 -47.54 -4.25
N VAL G 198 -13.69 -47.60 -4.93
CA VAL G 198 -12.90 -48.86 -5.03
C VAL G 198 -11.40 -48.70 -4.77
N PHE G 199 -10.86 -47.47 -4.76
CA PHE G 199 -9.43 -47.22 -4.45
C PHE G 199 -9.32 -47.02 -2.95
N PRO G 200 -8.73 -47.97 -2.19
CA PRO G 200 -8.68 -47.82 -0.74
C PRO G 200 -7.89 -46.57 -0.34
N VAL G 201 -8.46 -45.82 0.60
CA VAL G 201 -7.76 -44.64 1.16
C VAL G 201 -6.41 -45.10 1.71
N GLU G 202 -6.35 -46.23 2.38
CA GLU G 202 -5.11 -46.65 3.06
C GLU G 202 -4.04 -47.13 2.08
N ALA G 203 -4.35 -47.23 0.78
CA ALA G 203 -3.38 -47.73 -0.22
C ALA G 203 -2.96 -46.66 -1.23
N TRP G 204 -3.68 -45.56 -1.35
CA TRP G 204 -3.41 -44.53 -2.36
C TRP G 204 -3.45 -43.12 -1.76
N GLY G 205 -2.55 -42.26 -2.19
CA GLY G 205 -2.61 -40.83 -1.86
C GLY G 205 -2.23 -40.01 -3.08
N PRO G 206 -2.45 -38.69 -3.04
CA PRO G 206 -2.10 -37.84 -4.16
C PRO G 206 -0.59 -37.86 -4.44
N ASP G 207 -0.24 -37.91 -5.72
CA ASP G 207 1.17 -38.00 -6.18
C ASP G 207 1.73 -36.59 -6.36
N PRO G 208 2.67 -36.13 -5.50
CA PRO G 208 3.20 -34.76 -5.60
C PRO G 208 4.14 -34.54 -6.79
N PHE G 209 4.62 -35.64 -7.38
CA PHE G 209 5.46 -35.60 -8.60
C PHE G 209 4.63 -35.32 -9.84
N LYS G 210 3.30 -35.45 -9.76
CA LYS G 210 2.40 -35.17 -10.91
C LYS G 210 1.36 -34.14 -10.47
N ASN G 211 0.13 -34.24 -10.97
CA ASN G 211 -0.98 -33.33 -10.57
C ASN G 211 -0.63 -31.86 -10.86
N GLU G 212 0.02 -31.59 -11.99
CA GLU G 212 0.27 -30.20 -12.44
C GLU G 212 -1.06 -29.52 -12.75
N ASN G 213 -2.11 -30.29 -13.06
CA ASN G 213 -3.42 -29.75 -13.50
C ASN G 213 -4.53 -30.06 -12.47
N THR G 214 -4.15 -30.30 -11.21
CA THR G 214 -5.08 -30.61 -10.10
C THR G 214 -4.56 -29.90 -8.84
N ARG G 215 -5.46 -29.33 -8.06
CA ARG G 215 -5.10 -28.83 -6.71
C ARG G 215 -5.66 -29.80 -5.69
N TYR G 216 -4.86 -30.26 -4.75
CA TYR G 216 -5.34 -31.18 -3.70
C TYR G 216 -4.91 -30.63 -2.35
N PHE G 217 -5.74 -30.92 -1.35
CA PHE G 217 -5.66 -30.38 0.02
C PHE G 217 -6.06 -31.51 0.96
N GLY G 218 -5.23 -31.80 1.94
CA GLY G 218 -5.50 -32.91 2.87
C GLY G 218 -5.13 -32.56 4.29
N GLN G 219 -5.92 -33.06 5.24
CA GLN G 219 -5.61 -32.97 6.69
C GLN G 219 -5.91 -34.33 7.33
N TYR G 220 -4.98 -34.80 8.17
CA TYR G 220 -5.15 -36.04 8.98
C TYR G 220 -4.87 -35.74 10.44
N THR G 221 -5.78 -36.17 11.28
CA THR G 221 -5.56 -36.35 12.73
C THR G 221 -5.84 -37.81 13.05
N GLY G 222 -4.89 -38.49 13.66
CA GLY G 222 -5.05 -39.93 13.97
C GLY G 222 -5.76 -40.22 15.26
N GLY G 223 -5.54 -41.44 15.75
CA GLY G 223 -6.14 -41.92 17.00
C GLY G 223 -7.49 -42.59 16.84
N THR G 224 -7.99 -43.10 17.97
CA THR G 224 -9.25 -43.85 18.07
C THR G 224 -10.21 -43.21 19.08
N GLN G 225 -9.71 -42.40 20.02
CA GLN G 225 -10.51 -41.65 21.03
C GLN G 225 -10.47 -40.14 20.75
N THR G 226 -9.80 -39.71 19.68
CA THR G 226 -9.60 -38.29 19.36
C THR G 226 -10.94 -37.59 19.16
N PRO G 227 -11.15 -36.41 19.78
CA PRO G 227 -12.35 -35.63 19.52
C PRO G 227 -12.37 -35.15 18.08
N PRO G 228 -13.43 -35.40 17.28
CA PRO G 228 -13.53 -34.85 15.94
C PRO G 228 -13.69 -33.33 15.97
N VAL G 229 -13.07 -32.64 15.04
CA VAL G 229 -13.15 -31.15 14.94
C VAL G 229 -13.51 -30.80 13.52
N LEU G 230 -14.69 -30.23 13.32
CA LEU G 230 -15.16 -29.91 11.96
C LEU G 230 -15.72 -28.50 11.95
N THR G 231 -15.50 -27.77 10.86
CA THR G 231 -16.09 -26.42 10.69
C THR G 231 -16.90 -26.43 9.41
N PHE G 232 -17.87 -25.53 9.30
CA PHE G 232 -18.68 -25.39 8.07
C PHE G 232 -19.11 -23.94 7.95
N THR G 233 -18.95 -23.37 6.77
CA THR G 233 -19.40 -22.00 6.47
C THR G 233 -19.60 -21.90 4.97
N ASN G 234 -20.46 -20.99 4.54
CA ASN G 234 -20.64 -20.74 3.10
C ASN G 234 -19.86 -19.49 2.70
N THR G 235 -18.92 -19.02 3.52
CA THR G 235 -18.24 -17.72 3.30
C THR G 235 -16.78 -17.87 2.88
N GLN G 236 -16.26 -19.08 2.71
CA GLN G 236 -14.79 -19.27 2.50
C GLN G 236 -14.53 -19.67 1.04
N THR G 237 -13.64 -18.97 0.36
CA THR G 237 -13.26 -19.28 -1.04
C THR G 237 -11.80 -19.70 -1.08
N THR G 238 -11.49 -20.75 -1.84
CA THR G 238 -10.11 -21.19 -2.12
C THR G 238 -9.77 -20.83 -3.57
N ILE G 239 -8.73 -20.02 -3.77
CA ILE G 239 -8.21 -19.68 -5.11
C ILE G 239 -7.45 -20.90 -5.66
N LEU G 240 -7.70 -21.26 -6.91
CA LEU G 240 -7.12 -22.46 -7.56
C LEU G 240 -6.04 -22.06 -8.59
N LEU G 241 -5.77 -20.78 -8.74
CA LEU G 241 -4.70 -20.29 -9.65
C LEU G 241 -3.34 -20.72 -9.08
N ASP G 242 -2.41 -21.14 -9.95
CA ASP G 242 -1.04 -21.55 -9.57
C ASP G 242 -0.15 -20.30 -9.51
N GLU G 243 1.17 -20.48 -9.38
CA GLU G 243 2.17 -19.37 -9.28
C GLU G 243 2.13 -18.48 -10.54
N ASN G 244 1.74 -19.02 -11.70
CA ASN G 244 1.66 -18.27 -12.98
C ASN G 244 0.27 -17.68 -13.24
N GLY G 245 -0.68 -17.74 -12.28
CA GLY G 245 -2.04 -17.19 -12.43
C GLY G 245 -2.94 -18.09 -13.27
N VAL G 246 -2.67 -19.38 -13.32
CA VAL G 246 -3.44 -20.33 -14.16
C VAL G 246 -4.11 -21.36 -13.25
N GLY G 247 -5.42 -21.55 -13.40
CA GLY G 247 -6.14 -22.61 -12.67
C GLY G 247 -6.10 -23.91 -13.46
N PRO G 248 -6.58 -25.03 -12.88
CA PRO G 248 -6.75 -26.26 -13.62
C PRO G 248 -7.50 -26.02 -14.93
N LEU G 249 -7.06 -26.67 -16.00
CA LEU G 249 -7.67 -26.56 -17.35
C LEU G 249 -8.38 -27.88 -17.67
N CYS G 250 -9.67 -27.82 -18.01
CA CYS G 250 -10.56 -29.00 -18.03
C CYS G 250 -10.43 -29.74 -19.37
N LYS G 251 -9.59 -30.78 -19.41
CA LYS G 251 -9.35 -31.58 -20.65
C LYS G 251 -10.64 -32.32 -21.00
N GLY G 252 -11.03 -32.27 -22.27
CA GLY G 252 -12.27 -32.90 -22.74
C GLY G 252 -13.50 -32.27 -22.10
N ASP G 253 -13.39 -31.04 -21.59
CA ASP G 253 -14.50 -30.30 -20.95
C ASP G 253 -15.03 -31.12 -19.76
N GLY G 254 -14.13 -31.74 -19.00
CA GLY G 254 -14.44 -32.49 -17.77
C GLY G 254 -13.79 -31.84 -16.56
N LEU G 255 -14.55 -31.69 -15.49
CA LEU G 255 -14.04 -31.21 -14.19
C LEU G 255 -14.04 -32.40 -13.23
N PHE G 256 -12.88 -32.67 -12.62
CA PHE G 256 -12.68 -33.91 -11.83
C PHE G 256 -12.65 -33.53 -10.36
N LEU G 257 -13.56 -34.12 -9.60
CA LEU G 257 -13.70 -33.86 -8.16
C LEU G 257 -13.41 -35.16 -7.43
N SER G 258 -12.59 -35.08 -6.40
CA SER G 258 -12.17 -36.27 -5.62
C SER G 258 -12.17 -35.89 -4.15
N CYS G 259 -12.50 -36.83 -3.29
CA CYS G 259 -12.37 -36.58 -1.84
C CYS G 259 -12.36 -37.86 -1.01
N ALA G 260 -12.00 -37.70 0.26
CA ALA G 260 -12.27 -38.68 1.32
C ALA G 260 -12.54 -37.87 2.58
N ASP G 261 -13.58 -38.22 3.33
CA ASP G 261 -13.99 -37.47 4.54
C ASP G 261 -14.37 -38.51 5.59
N ILE G 262 -13.34 -39.10 6.19
CA ILE G 262 -13.48 -39.99 7.37
C ILE G 262 -13.62 -39.09 8.58
N VAL G 263 -14.74 -39.19 9.32
CA VAL G 263 -15.03 -38.32 10.50
CA VAL G 263 -14.93 -38.26 10.48
C VAL G 263 -14.50 -38.98 11.76
N GLY G 264 -14.43 -40.30 11.77
CA GLY G 264 -13.99 -41.07 12.95
C GLY G 264 -14.73 -42.38 13.01
N PHE G 265 -14.82 -42.96 14.19
CA PHE G 265 -15.40 -44.31 14.40
C PHE G 265 -16.71 -44.23 15.19
N PHE G 266 -17.62 -45.09 14.81
CA PHE G 266 -18.84 -45.46 15.56
C PHE G 266 -18.55 -46.73 16.37
N THR G 267 -18.78 -46.68 17.69
CA THR G 267 -18.52 -47.81 18.62
C THR G 267 -19.85 -48.29 19.17
N GLN G 268 -20.17 -49.55 18.89
CA GLN G 268 -21.42 -50.19 19.36
C GLN G 268 -21.23 -50.61 20.82
N HIS G 269 -22.33 -50.95 21.49
CA HIS G 269 -22.30 -51.42 22.89
C HIS G 269 -21.37 -52.62 23.02
N ASN G 270 -21.31 -53.49 22.00
CA ASN G 270 -20.47 -54.71 22.03
C ASN G 270 -19.01 -54.38 21.66
N LYS G 271 -18.65 -53.09 21.53
CA LYS G 271 -17.29 -52.55 21.26
C LYS G 271 -16.87 -52.75 19.80
N LYS G 272 -17.75 -53.25 18.95
CA LYS G 272 -17.45 -53.28 17.50
C LYS G 272 -17.40 -51.85 16.97
N MET G 273 -16.44 -51.56 16.11
CA MET G 273 -16.12 -50.20 15.61
C MET G 273 -16.17 -50.17 14.09
N SER G 274 -16.73 -49.10 13.55
CA SER G 274 -16.88 -48.89 12.09
C SER G 274 -16.53 -47.44 11.75
N PHE G 275 -15.99 -47.24 10.56
CA PHE G 275 -15.72 -45.89 10.05
C PHE G 275 -17.05 -45.20 9.79
N ARG G 276 -17.13 -43.89 10.06
CA ARG G 276 -18.26 -43.06 9.61
C ARG G 276 -17.68 -41.95 8.72
N GLY G 277 -18.35 -41.68 7.62
CA GLY G 277 -17.95 -40.62 6.66
C GLY G 277 -19.08 -39.61 6.44
N LEU G 278 -18.73 -38.45 5.89
CA LEU G 278 -19.71 -37.41 5.54
C LEU G 278 -19.52 -37.02 4.11
N PRO G 279 -20.60 -36.58 3.45
CA PRO G 279 -20.51 -36.12 2.08
C PRO G 279 -19.92 -34.72 1.99
N ARG G 280 -19.41 -34.40 0.82
CA ARG G 280 -18.71 -33.11 0.60
C ARG G 280 -19.42 -32.34 -0.51
N TYR G 281 -19.61 -31.04 -0.30
CA TYR G 281 -20.15 -30.08 -1.28
C TYR G 281 -18.99 -29.39 -2.01
N PHE G 282 -19.16 -29.20 -3.32
CA PHE G 282 -18.21 -28.43 -4.14
C PHE G 282 -18.96 -27.35 -4.91
N ARG G 283 -18.41 -26.14 -4.89
CA ARG G 283 -18.81 -25.07 -5.82
C ARG G 283 -17.55 -24.66 -6.56
N VAL G 284 -17.55 -24.77 -7.88
CA VAL G 284 -16.34 -24.41 -8.65
C VAL G 284 -16.72 -23.31 -9.64
N THR G 285 -15.92 -22.25 -9.67
CA THR G 285 -16.11 -21.12 -10.60
C THR G 285 -15.12 -21.31 -11.76
N LEU G 286 -15.62 -21.32 -13.00
CA LEU G 286 -14.78 -21.54 -14.20
C LEU G 286 -14.93 -20.38 -15.18
N ARG G 287 -13.88 -20.12 -15.95
CA ARG G 287 -13.91 -19.10 -17.03
C ARG G 287 -13.34 -19.76 -18.29
N LYS G 288 -13.76 -19.28 -19.46
CA LYS G 288 -13.20 -19.74 -20.73
C LYS G 288 -11.83 -19.12 -20.90
N ARG G 289 -10.81 -19.93 -21.19
CA ARG G 289 -9.43 -19.45 -21.34
C ARG G 289 -8.94 -19.83 -22.74
N VAL G 290 -8.29 -18.90 -23.42
CA VAL G 290 -7.60 -19.16 -24.72
C VAL G 290 -6.33 -19.94 -24.42
N VAL G 291 -6.23 -21.15 -24.98
CA VAL G 291 -5.08 -22.10 -24.83
C VAL G 291 -4.61 -22.48 -26.24
N ILE H 36 -27.28 4.20 8.68
CA ILE H 36 -27.33 2.76 9.07
C ILE H 36 -28.27 2.60 10.26
N THR H 37 -28.93 1.43 10.36
CA THR H 37 -29.75 1.01 11.53
C THR H 37 -29.07 -0.21 12.17
N GLU H 38 -29.03 -0.25 13.50
CA GLU H 38 -28.45 -1.38 14.26
C GLU H 38 -29.60 -2.11 14.94
N ILE H 39 -29.64 -3.42 14.86
CA ILE H 39 -30.60 -4.20 15.70
C ILE H 39 -29.77 -5.08 16.63
N GLU H 40 -30.29 -5.31 17.83
CA GLU H 40 -29.72 -6.25 18.79
C GLU H 40 -30.81 -7.26 19.11
N ALA H 41 -30.45 -8.52 19.27
CA ALA H 41 -31.41 -9.61 19.53
C ALA H 41 -30.70 -10.71 20.30
N TYR H 42 -31.47 -11.58 20.93
CA TYR H 42 -30.90 -12.80 21.54
C TYR H 42 -31.70 -13.98 21.03
N LEU H 43 -31.08 -15.16 21.03
CA LEU H 43 -31.78 -16.44 20.92
C LEU H 43 -31.43 -17.28 22.15
N ASN H 44 -32.43 -17.68 22.90
CA ASN H 44 -32.22 -18.64 23.98
C ASN H 44 -32.08 -20.04 23.41
N PRO H 45 -31.32 -20.94 24.07
CA PRO H 45 -31.13 -22.29 23.57
C PRO H 45 -32.43 -23.10 23.69
N ARG H 46 -32.55 -24.14 22.88
CA ARG H 46 -33.69 -25.09 22.88
C ARG H 46 -33.14 -26.51 23.05
N MET H 47 -32.64 -26.78 24.24
CA MET H 47 -31.95 -28.04 24.57
C MET H 47 -32.92 -29.18 24.87
N GLY H 48 -34.19 -28.90 25.15
CA GLY H 48 -35.22 -29.95 25.28
C GLY H 48 -36.19 -29.69 26.40
N GLN H 49 -35.71 -29.26 27.56
CA GLN H 49 -36.61 -29.04 28.73
C GLN H 49 -37.37 -27.73 28.54
N PRO H 50 -38.62 -27.64 29.05
CA PRO H 50 -39.42 -26.45 28.81
C PRO H 50 -38.98 -25.19 29.56
N GLN H 51 -39.34 -24.05 28.97
CA GLN H 51 -39.17 -22.70 29.56
C GLN H 51 -39.88 -22.56 30.91
N ASN H 52 -39.36 -21.65 31.74
CA ASN H 52 -39.99 -21.25 33.02
C ASN H 52 -40.16 -22.48 33.93
N GLU H 53 -39.37 -23.54 33.72
CA GLU H 53 -39.30 -24.71 34.64
C GLU H 53 -37.85 -24.95 35.00
N ASP H 54 -37.59 -25.79 36.00
CA ASP H 54 -36.31 -25.78 36.75
C ASP H 54 -35.12 -26.16 35.86
N PHE H 55 -35.35 -26.83 34.73
CA PHE H 55 -34.24 -27.37 33.90
C PHE H 55 -34.18 -26.62 32.58
N TYR H 56 -34.72 -25.41 32.51
CA TYR H 56 -34.61 -24.55 31.30
C TYR H 56 -33.12 -24.32 30.99
N GLY H 57 -32.70 -24.59 29.75
CA GLY H 57 -31.28 -24.53 29.34
C GLY H 57 -30.67 -25.91 29.21
N PHE H 58 -31.36 -26.94 29.70
CA PHE H 58 -30.86 -28.34 29.69
C PHE H 58 -31.79 -29.18 28.81
N SER H 59 -31.29 -30.31 28.33
CA SER H 59 -32.14 -31.42 27.86
C SER H 59 -32.59 -32.24 29.06
N ASP H 60 -33.60 -33.09 28.84
CA ASP H 60 -33.85 -34.21 29.77
C ASP H 60 -32.66 -35.16 29.70
N ASN H 61 -32.55 -36.05 30.66
CA ASN H 61 -31.47 -37.06 30.71
C ASN H 61 -31.55 -37.94 29.48
N VAL H 62 -30.39 -38.22 28.90
CA VAL H 62 -30.33 -38.88 27.57
C VAL H 62 -30.40 -40.39 27.76
N THR H 63 -31.35 -41.03 27.08
CA THR H 63 -31.48 -42.49 26.95
C THR H 63 -30.76 -42.92 25.67
N VAL H 64 -30.03 -44.03 25.73
CA VAL H 64 -29.28 -44.56 24.56
C VAL H 64 -29.93 -45.87 24.13
N SER H 65 -30.24 -45.99 22.84
CA SER H 65 -30.86 -47.23 22.31
C SER H 65 -29.81 -48.34 22.18
N ASP H 66 -30.28 -49.57 22.00
CA ASP H 66 -29.39 -50.77 21.89
C ASP H 66 -29.19 -51.11 20.43
N ASP H 67 -30.00 -50.55 19.52
CA ASP H 67 -29.95 -50.93 18.09
C ASP H 67 -30.49 -49.77 17.26
N PHE H 68 -29.94 -49.55 16.06
CA PHE H 68 -30.49 -48.56 15.11
C PHE H 68 -31.97 -48.84 14.82
N GLY H 69 -32.41 -50.09 14.93
CA GLY H 69 -33.80 -50.49 14.63
C GLY H 69 -34.73 -50.31 15.80
N SER H 70 -34.24 -49.89 16.96
CA SER H 70 -35.08 -49.66 18.16
C SER H 70 -34.66 -48.34 18.78
N ASP H 71 -34.62 -47.30 17.94
CA ASP H 71 -33.97 -46.02 18.30
C ASP H 71 -35.02 -44.90 18.26
N ALA H 72 -35.54 -44.50 19.40
CA ALA H 72 -36.62 -43.49 19.48
C ALA H 72 -36.26 -42.52 20.59
N PRO H 73 -35.57 -41.41 20.28
CA PRO H 73 -35.17 -40.48 21.32
C PRO H 73 -36.41 -39.70 21.76
N PRO H 74 -36.83 -39.81 23.03
CA PRO H 74 -38.05 -39.10 23.42
C PRO H 74 -37.94 -37.58 23.33
N TRP H 75 -39.06 -36.94 23.11
CA TRP H 75 -39.17 -35.48 23.20
C TRP H 75 -38.54 -35.02 24.51
N LYS H 76 -37.74 -33.95 24.41
CA LYS H 76 -37.01 -33.23 25.49
C LYS H 76 -35.57 -33.77 25.64
N GLN H 77 -35.19 -34.88 24.99
CA GLN H 77 -33.85 -35.50 25.23
C GLN H 77 -32.84 -35.02 24.20
N PHE H 78 -33.25 -34.18 23.26
CA PHE H 78 -32.30 -33.75 22.20
C PHE H 78 -32.51 -32.29 21.89
N PRO H 79 -31.43 -31.57 21.53
CA PRO H 79 -31.54 -30.17 21.18
C PRO H 79 -32.12 -29.89 19.79
N CYS H 80 -32.75 -28.74 19.68
CA CYS H 80 -33.33 -28.24 18.42
C CYS H 80 -32.74 -26.88 18.10
N TYR H 81 -32.84 -26.42 16.88
CA TYR H 81 -32.34 -25.10 16.49
C TYR H 81 -33.22 -24.00 17.10
N SER H 82 -32.58 -22.87 17.40
CA SER H 82 -33.24 -21.60 17.80
C SER H 82 -33.37 -20.73 16.55
N THR H 83 -34.47 -20.00 16.43
CA THR H 83 -34.60 -19.06 15.31
C THR H 83 -35.60 -17.96 15.68
N ALA H 84 -35.38 -16.79 15.10
CA ALA H 84 -36.32 -15.66 15.20
C ALA H 84 -36.24 -14.83 13.92
N ARG H 85 -37.37 -14.25 13.55
CA ARG H 85 -37.43 -13.18 12.56
C ARG H 85 -37.60 -11.85 13.29
N ILE H 86 -36.69 -10.92 13.00
CA ILE H 86 -36.77 -9.53 13.53
C ILE H 86 -37.49 -8.68 12.50
N SER H 87 -38.56 -8.00 12.90
CA SER H 87 -39.27 -7.00 12.07
C SER H 87 -38.42 -5.75 11.98
N LEU H 88 -37.94 -5.39 10.80
CA LEU H 88 -37.15 -4.17 10.58
C LEU H 88 -38.10 -3.00 10.32
N PRO H 89 -37.63 -1.75 10.42
CA PRO H 89 -38.45 -0.58 10.12
C PRO H 89 -39.06 -0.74 8.72
N MET H 90 -40.37 -0.62 8.63
CA MET H 90 -41.08 -0.81 7.35
C MET H 90 -40.55 0.20 6.34
N LEU H 91 -40.21 -0.26 5.14
CA LEU H 91 -39.81 0.60 4.01
C LEU H 91 -41.08 0.88 3.18
N ASN H 92 -41.45 2.15 3.00
CA ASN H 92 -42.63 2.54 2.17
C ASN H 92 -42.13 2.63 0.73
N GLN H 93 -42.50 1.67 -0.10
CA GLN H 93 -41.93 1.48 -1.45
C GLN H 93 -42.53 2.50 -2.43
N ASP H 94 -41.87 2.63 -3.57
CA ASP H 94 -42.33 3.46 -4.69
C ASP H 94 -43.35 2.63 -5.46
N MET H 95 -44.60 3.07 -5.50
CA MET H 95 -45.69 2.25 -6.09
C MET H 95 -45.64 2.35 -7.62
N THR H 96 -44.72 3.12 -8.20
CA THR H 96 -44.44 3.10 -9.66
C THR H 96 -43.36 2.05 -9.97
N SER H 97 -42.75 1.51 -8.90
CA SER H 97 -41.64 0.50 -8.84
C SER H 97 -40.39 1.03 -9.51
N ASP H 98 -40.27 2.34 -9.72
CA ASP H 98 -39.08 2.96 -10.38
C ASP H 98 -37.87 2.78 -9.43
N THR H 99 -38.11 2.86 -8.12
CA THR H 99 -37.07 2.58 -7.09
C THR H 99 -37.58 1.56 -6.06
N ILE H 100 -36.83 0.48 -5.85
CA ILE H 100 -37.11 -0.56 -4.82
C ILE H 100 -36.02 -0.53 -3.75
N LEU H 101 -36.44 -0.55 -2.47
CA LEU H 101 -35.55 -0.42 -1.29
C LEU H 101 -35.59 -1.71 -0.47
N MET H 102 -34.43 -2.19 -0.01
CA MET H 102 -34.36 -3.31 0.95
C MET H 102 -33.32 -2.98 2.02
N TRP H 103 -33.52 -3.47 3.22
CA TRP H 103 -32.45 -3.51 4.24
C TRP H 103 -31.41 -4.54 3.83
N GLU H 104 -30.16 -4.11 3.87
CA GLU H 104 -28.98 -4.96 3.58
C GLU H 104 -28.16 -5.12 4.87
N ALA H 105 -27.96 -6.35 5.30
CA ALA H 105 -27.13 -6.65 6.49
C ALA H 105 -25.67 -6.58 6.06
N ILE H 106 -24.91 -5.61 6.55
CA ILE H 106 -23.52 -5.43 6.06
C ILE H 106 -22.51 -6.04 7.04
N SER H 107 -22.87 -6.10 8.31
CA SER H 107 -21.93 -6.64 9.32
C SER H 107 -22.70 -7.06 10.56
N CYS H 108 -22.03 -7.82 11.40
CA CYS H 108 -22.65 -8.27 12.65
C CYS H 108 -21.59 -8.43 13.71
N ARG H 109 -22.03 -8.45 14.95
CA ARG H 109 -21.27 -9.02 16.08
C ARG H 109 -22.15 -10.09 16.67
N THR H 110 -21.56 -11.19 17.09
CA THR H 110 -22.33 -12.24 17.81
C THR H 110 -21.47 -12.74 18.95
N GLU H 111 -22.13 -13.05 20.06
CA GLU H 111 -21.42 -13.50 21.28
C GLU H 111 -22.27 -14.60 21.90
N VAL H 112 -21.62 -15.62 22.41
CA VAL H 112 -22.25 -16.60 23.33
C VAL H 112 -22.30 -15.95 24.70
N MET H 113 -23.48 -15.86 25.30
CA MET H 113 -23.65 -15.22 26.63
C MET H 113 -23.67 -16.29 27.71
N GLY H 114 -23.36 -15.89 28.93
CA GLY H 114 -23.42 -16.77 30.12
C GLY H 114 -22.26 -17.72 30.20
N VAL H 115 -21.16 -17.48 29.46
CA VAL H 115 -19.97 -18.38 29.57
C VAL H 115 -19.55 -18.44 31.04
N ASN H 116 -19.70 -17.33 31.79
CA ASN H 116 -19.39 -17.22 33.23
C ASN H 116 -19.98 -18.40 34.01
N MET H 117 -21.15 -18.92 33.61
CA MET H 117 -21.86 -19.86 34.50
C MET H 117 -21.08 -21.18 34.56
N LEU H 118 -20.21 -21.45 33.58
CA LEU H 118 -19.46 -22.74 33.49
C LEU H 118 -18.32 -22.81 34.51
N THR H 119 -18.12 -21.77 35.30
CA THR H 119 -17.18 -21.80 36.44
C THR H 119 -17.84 -22.42 37.68
N ASN H 120 -19.11 -22.81 37.58
CA ASN H 120 -19.86 -23.51 38.64
C ASN H 120 -19.45 -24.99 38.63
N VAL H 121 -18.76 -25.42 39.68
CA VAL H 121 -18.42 -26.86 39.88
C VAL H 121 -18.97 -27.35 41.23
N HIS H 122 -20.06 -26.76 41.70
CA HIS H 122 -20.71 -27.21 42.98
C HIS H 122 -22.13 -27.72 42.77
N SER H 123 -22.80 -27.47 41.65
CA SER H 123 -24.27 -27.71 41.51
C SER H 123 -24.52 -29.17 41.08
N ALA H 124 -24.65 -30.06 42.06
CA ALA H 124 -25.21 -31.43 41.90
C ALA H 124 -24.51 -32.17 40.76
N GLN H 125 -23.19 -32.05 40.69
CA GLN H 125 -22.38 -32.62 39.59
C GLN H 125 -21.64 -33.87 40.08
N LYS H 126 -21.51 -34.89 39.24
CA LYS H 126 -20.53 -35.97 39.49
C LYS H 126 -19.17 -35.33 39.84
N ARG H 127 -18.51 -35.85 40.88
CA ARG H 127 -17.27 -35.24 41.36
C ARG H 127 -16.06 -35.85 40.66
N VAL H 128 -14.95 -35.12 40.67
CA VAL H 128 -13.67 -35.58 40.08
C VAL H 128 -13.29 -36.91 40.73
N TYR H 129 -13.51 -37.04 42.05
CA TYR H 129 -13.16 -38.24 42.85
C TYR H 129 -14.45 -38.82 43.45
N GLU H 130 -15.41 -39.19 42.59
CA GLU H 130 -16.79 -39.54 43.04
C GLU H 130 -16.71 -40.76 43.97
N ASN H 131 -15.79 -41.68 43.71
CA ASN H 131 -15.63 -42.90 44.55
C ASN H 131 -15.24 -42.51 45.98
N ASP H 132 -14.59 -41.35 46.17
CA ASP H 132 -14.15 -40.86 47.49
C ASP H 132 -15.05 -39.72 47.98
N ARG H 133 -16.13 -39.42 47.26
CA ARG H 133 -17.07 -38.32 47.57
C ARG H 133 -16.25 -37.05 47.73
N GLU H 134 -15.31 -36.81 46.81
CA GLU H 134 -14.35 -35.69 46.99
C GLU H 134 -14.06 -35.02 45.64
N GLY H 135 -13.60 -33.79 45.75
CA GLY H 135 -13.18 -32.96 44.61
C GLY H 135 -14.29 -32.05 44.15
N THR H 136 -14.00 -31.20 43.18
CA THR H 136 -15.02 -30.35 42.56
C THR H 136 -15.96 -31.26 41.75
N GLY H 137 -17.08 -30.72 41.36
CA GLY H 137 -17.84 -31.24 40.21
C GLY H 137 -16.97 -31.27 38.97
N ILE H 138 -17.28 -32.17 38.04
CA ILE H 138 -16.50 -32.26 36.77
C ILE H 138 -16.94 -31.12 35.84
N GLY H 139 -18.01 -30.40 36.17
CA GLY H 139 -18.58 -29.33 35.35
C GLY H 139 -19.08 -29.84 34.01
N VAL H 140 -19.30 -28.92 33.08
CA VAL H 140 -19.83 -29.25 31.73
C VAL H 140 -18.66 -29.69 30.86
N GLU H 141 -18.76 -30.85 30.22
CA GLU H 141 -17.72 -31.29 29.26
C GLU H 141 -18.40 -32.12 28.18
N GLY H 142 -17.63 -32.32 27.12
CA GLY H 142 -18.08 -33.12 25.97
C GLY H 142 -18.29 -32.24 24.77
N MET H 143 -19.17 -32.65 23.87
CA MET H 143 -19.22 -32.05 22.52
C MET H 143 -19.66 -30.59 22.61
N GLY H 144 -19.08 -29.77 21.76
CA GLY H 144 -19.51 -28.40 21.51
C GLY H 144 -20.05 -28.34 20.10
N TYR H 145 -21.19 -27.73 19.90
CA TYR H 145 -21.72 -27.45 18.54
C TYR H 145 -22.21 -26.03 18.59
N HIS H 146 -21.54 -25.17 17.84
CA HIS H 146 -21.83 -23.72 17.85
C HIS H 146 -22.00 -23.31 16.41
N MET H 147 -23.17 -22.84 16.07
N MET H 147 -23.21 -22.90 16.07
CA MET H 147 -23.37 -22.30 14.72
CA MET H 147 -23.59 -22.44 14.71
C MET H 147 -24.39 -21.18 14.79
C MET H 147 -24.38 -21.15 14.86
N PHE H 148 -24.22 -20.21 13.92
CA PHE H 148 -25.20 -19.11 13.76
C PHE H 148 -25.38 -18.86 12.28
N ALA H 149 -26.50 -18.24 11.96
CA ALA H 149 -26.82 -17.83 10.59
C ALA H 149 -27.60 -16.51 10.66
N ILE H 150 -27.27 -15.64 9.74
CA ILE H 150 -27.92 -14.33 9.56
C ILE H 150 -28.29 -14.21 8.11
N GLY H 151 -29.57 -13.95 7.83
CA GLY H 151 -30.03 -13.89 6.44
C GLY H 151 -31.25 -13.03 6.25
N GLY H 152 -31.62 -12.86 5.00
CA GLY H 152 -32.81 -12.07 4.61
C GLY H 152 -34.00 -12.96 4.36
N GLU H 153 -33.91 -14.22 4.75
CA GLU H 153 -34.99 -15.23 4.56
C GLU H 153 -34.64 -16.42 5.44
N PRO H 154 -35.60 -17.33 5.70
CA PRO H 154 -35.32 -18.49 6.54
C PRO H 154 -34.08 -19.26 6.07
N LEU H 155 -33.31 -19.75 7.05
CA LEU H 155 -32.18 -20.65 6.77
C LEU H 155 -32.66 -21.89 6.01
N GLU H 156 -32.00 -22.19 4.91
CA GLU H 156 -32.31 -23.39 4.09
C GLU H 156 -31.52 -24.57 4.62
N LEU H 157 -32.22 -25.67 4.82
CA LEU H 157 -31.68 -26.85 5.52
C LEU H 157 -31.55 -28.06 4.60
N GLN H 158 -30.56 -28.88 4.90
CA GLN H 158 -30.39 -30.24 4.34
C GLN H 158 -30.71 -31.20 5.49
N PHE H 159 -31.63 -32.12 5.27
CA PHE H 159 -31.93 -33.20 6.25
C PHE H 159 -30.81 -34.23 6.14
N MET H 160 -30.17 -34.56 7.26
CA MET H 160 -29.14 -35.61 7.30
C MET H 160 -29.02 -36.11 8.73
N VAL H 161 -28.99 -37.44 8.87
CA VAL H 161 -29.06 -38.11 10.19
C VAL H 161 -28.00 -39.19 10.29
N PHE H 162 -27.58 -39.46 11.53
CA PHE H 162 -26.61 -40.53 11.84
C PHE H 162 -27.23 -41.89 11.49
N ASN H 163 -28.50 -42.09 11.86
CA ASN H 163 -29.27 -43.35 11.73
C ASN H 163 -30.63 -42.97 11.15
N HIS H 164 -30.91 -43.38 9.92
CA HIS H 164 -32.19 -43.06 9.24
C HIS H 164 -33.38 -43.71 9.95
N ARG H 165 -33.14 -44.77 10.73
CA ARG H 165 -34.26 -45.47 11.39
C ARG H 165 -34.58 -44.84 12.73
N ALA H 166 -33.92 -43.75 13.11
CA ALA H 166 -34.32 -43.03 14.32
C ALA H 166 -35.78 -42.60 14.13
N THR H 167 -36.62 -42.94 15.12
CA THR H 167 -38.02 -42.51 15.15
C THR H 167 -38.12 -41.25 15.99
N TYR H 168 -38.29 -40.08 15.36
CA TYR H 168 -38.39 -38.80 16.09
C TYR H 168 -39.81 -38.63 16.61
N PRO H 169 -39.97 -37.92 17.74
CA PRO H 169 -41.29 -37.73 18.31
C PRO H 169 -42.11 -36.74 17.49
N ALA H 170 -43.43 -36.81 17.70
CA ALA H 170 -44.41 -36.04 16.94
C ALA H 170 -44.15 -34.54 17.07
N GLU H 171 -43.57 -34.10 18.19
CA GLU H 171 -43.33 -32.67 18.51
C GLU H 171 -42.26 -32.07 17.59
N ALA H 172 -41.41 -32.93 17.03
CA ALA H 172 -40.23 -32.52 16.23
C ALA H 172 -40.63 -32.39 14.78
N THR H 173 -40.01 -31.46 14.08
CA THR H 173 -40.17 -31.32 12.62
C THR H 173 -39.03 -32.07 11.96
N VAL H 174 -39.36 -33.12 11.22
CA VAL H 174 -38.36 -33.96 10.51
C VAL H 174 -38.96 -34.37 9.16
N ILE H 175 -38.16 -35.04 8.36
CA ILE H 175 -38.66 -35.81 7.19
C ILE H 175 -39.00 -37.20 7.69
N LYS H 176 -40.26 -37.61 7.54
CA LYS H 176 -40.74 -38.94 8.00
C LYS H 176 -40.28 -40.03 7.04
N ASN H 177 -39.86 -41.16 7.60
CA ASN H 177 -39.43 -42.38 6.88
C ASN H 177 -38.48 -41.98 5.77
N PRO H 178 -37.38 -41.29 6.10
CA PRO H 178 -36.52 -40.65 5.10
C PRO H 178 -35.70 -41.61 4.23
N GLY H 179 -35.46 -42.81 4.72
CA GLY H 179 -34.71 -43.84 3.98
C GLY H 179 -33.21 -43.74 4.19
N ALA H 180 -32.50 -44.79 3.79
CA ALA H 180 -31.05 -44.96 4.05
C ALA H 180 -30.24 -43.80 3.43
N SER H 181 -30.68 -43.23 2.30
CA SER H 181 -29.99 -42.12 1.61
C SER H 181 -29.81 -40.94 2.57
N SER H 182 -30.66 -40.79 3.58
CA SER H 182 -30.62 -39.64 4.52
C SER H 182 -29.42 -39.75 5.47
N GLN H 183 -28.67 -40.84 5.46
CA GLN H 183 -27.44 -40.98 6.29
C GLN H 183 -26.29 -40.24 5.62
N VAL H 184 -26.44 -39.92 4.34
CA VAL H 184 -25.48 -39.09 3.59
C VAL H 184 -26.30 -38.05 2.81
N PHE H 185 -25.76 -37.53 1.71
CA PHE H 185 -26.45 -36.46 0.94
C PHE H 185 -27.48 -37.07 -0.02
N ASP H 186 -28.73 -36.63 0.13
CA ASP H 186 -29.82 -36.92 -0.83
C ASP H 186 -30.44 -35.59 -1.24
N PRO H 187 -30.34 -35.20 -2.53
CA PRO H 187 -30.84 -33.90 -2.95
C PRO H 187 -32.35 -33.69 -2.76
N ASN H 188 -33.11 -34.76 -2.53
CA ASN H 188 -34.57 -34.66 -2.29
C ASN H 188 -34.90 -34.19 -0.88
N LEU H 189 -33.95 -34.18 0.04
CA LEU H 189 -34.29 -34.08 1.48
C LEU H 189 -33.98 -32.68 2.02
N LYS H 190 -34.86 -31.75 1.70
CA LYS H 190 -34.71 -30.30 1.97
C LYS H 190 -35.73 -29.86 3.02
N GLY H 191 -35.43 -28.75 3.68
CA GLY H 191 -36.38 -28.03 4.52
C GLY H 191 -35.91 -26.61 4.71
N THR H 192 -36.68 -25.84 5.47
CA THR H 192 -36.33 -24.47 5.86
C THR H 192 -36.65 -24.31 7.32
N LEU H 193 -35.82 -23.55 8.02
CA LEU H 193 -35.94 -23.37 9.48
C LEU H 193 -37.01 -22.32 9.77
N THR H 194 -38.26 -22.77 9.87
CA THR H 194 -39.45 -21.88 9.95
C THR H 194 -40.04 -21.86 11.36
N ALA H 195 -39.46 -22.58 12.30
CA ALA H 195 -40.03 -22.61 13.67
C ALA H 195 -38.92 -22.87 14.67
N ASP H 196 -39.00 -22.17 15.79
CA ASP H 196 -38.05 -22.24 16.91
C ASP H 196 -38.30 -23.50 17.74
N GLY H 197 -37.22 -24.19 18.14
CA GLY H 197 -37.24 -25.24 19.17
C GLY H 197 -37.88 -26.55 18.71
N VAL H 198 -37.99 -26.82 17.40
CA VAL H 198 -38.62 -28.09 16.94
C VAL H 198 -37.82 -28.82 15.85
N PHE H 199 -36.85 -28.17 15.20
CA PHE H 199 -36.01 -28.84 14.18
C PHE H 199 -34.82 -29.44 14.91
N PRO H 200 -34.69 -30.79 15.03
CA PRO H 200 -33.58 -31.38 15.77
C PRO H 200 -32.22 -31.03 15.16
N VAL H 201 -31.28 -30.59 15.98
CA VAL H 201 -29.92 -30.29 15.47
C VAL H 201 -29.37 -31.55 14.79
N GLU H 202 -29.62 -32.72 15.33
CA GLU H 202 -29.00 -33.97 14.84
C GLU H 202 -29.64 -34.39 13.51
N ALA H 203 -30.67 -33.71 13.01
CA ALA H 203 -31.39 -34.15 11.78
C ALA H 203 -31.30 -33.11 10.66
N TRP H 204 -30.89 -31.88 10.96
CA TRP H 204 -30.84 -30.77 9.99
C TRP H 204 -29.52 -30.00 10.10
N GLY H 205 -28.97 -29.65 8.95
CA GLY H 205 -27.86 -28.70 8.85
C GLY H 205 -28.09 -27.71 7.72
N PRO H 206 -27.28 -26.64 7.66
CA PRO H 206 -27.37 -25.67 6.57
C PRO H 206 -27.08 -26.36 5.24
N ASP H 207 -27.89 -26.02 4.26
CA ASP H 207 -27.81 -26.52 2.86
C ASP H 207 -26.86 -25.65 2.06
N PRO H 208 -25.66 -26.14 1.68
CA PRO H 208 -24.72 -25.30 0.95
C PRO H 208 -25.13 -25.09 -0.52
N PHE H 209 -26.07 -25.88 -1.04
CA PHE H 209 -26.60 -25.69 -2.41
C PHE H 209 -27.52 -24.47 -2.47
N LYS H 210 -27.94 -23.94 -1.32
CA LYS H 210 -28.87 -22.79 -1.30
C LYS H 210 -28.24 -21.72 -0.41
N ASN H 211 -29.04 -20.99 0.34
CA ASN H 211 -28.53 -19.96 1.29
C ASN H 211 -27.71 -18.90 0.55
N GLU H 212 -28.14 -18.47 -0.63
CA GLU H 212 -27.45 -17.38 -1.35
C GLU H 212 -27.66 -16.06 -0.59
N ASN H 213 -28.67 -15.98 0.27
CA ASN H 213 -29.08 -14.72 0.94
C ASN H 213 -28.94 -14.87 2.45
N THR H 214 -28.11 -15.83 2.88
CA THR H 214 -27.82 -16.09 4.30
C THR H 214 -26.32 -16.34 4.42
N ARG H 215 -25.72 -15.88 5.51
CA ARG H 215 -24.36 -16.32 5.86
C ARG H 215 -24.48 -17.22 7.07
N TYR H 216 -23.82 -18.37 7.05
CA TYR H 216 -23.81 -19.27 8.22
C TYR H 216 -22.39 -19.70 8.53
N PHE H 217 -22.16 -19.96 9.80
CA PHE H 217 -20.85 -20.31 10.36
C PHE H 217 -21.06 -21.38 11.42
N GLY H 218 -20.26 -22.42 11.43
CA GLY H 218 -20.47 -23.52 12.40
C GLY H 218 -19.17 -24.18 12.78
N GLN H 219 -19.11 -24.64 14.04
CA GLN H 219 -17.95 -25.42 14.56
C GLN H 219 -18.48 -26.54 15.44
N TYR H 220 -17.96 -27.75 15.23
CA TYR H 220 -18.26 -28.94 16.04
C TYR H 220 -16.95 -29.45 16.63
N THR H 221 -16.91 -29.62 17.94
CA THR H 221 -15.85 -30.39 18.59
C THR H 221 -16.54 -31.50 19.36
N GLY H 222 -16.18 -32.75 19.08
CA GLY H 222 -16.88 -33.89 19.69
C GLY H 222 -16.20 -34.38 20.94
N GLY H 223 -16.59 -35.57 21.42
N GLY H 223 -16.52 -35.63 21.27
CA GLY H 223 -15.93 -36.24 22.57
CA GLY H 223 -16.10 -36.28 22.53
C GLY H 223 -16.49 -35.83 23.94
C GLY H 223 -17.16 -36.08 23.61
N THR H 224 -17.00 -36.78 24.73
CA THR H 224 -17.89 -36.56 25.90
C THR H 224 -17.14 -36.05 27.15
N GLN H 225 -15.81 -36.13 27.17
CA GLN H 225 -14.90 -35.55 28.21
C GLN H 225 -14.10 -34.33 27.69
N THR H 226 -14.36 -33.87 26.46
CA THR H 226 -13.62 -32.74 25.84
C THR H 226 -13.91 -31.49 26.64
N PRO H 227 -12.90 -30.65 26.97
CA PRO H 227 -13.19 -29.39 27.64
C PRO H 227 -13.84 -28.41 26.70
N PRO H 228 -14.90 -27.70 27.15
CA PRO H 228 -15.45 -26.64 26.33
C PRO H 228 -14.43 -25.51 26.20
N VAL H 229 -14.41 -24.90 25.03
CA VAL H 229 -13.53 -23.75 24.74
C VAL H 229 -14.40 -22.64 24.18
N LEU H 230 -14.54 -21.55 24.92
CA LEU H 230 -15.44 -20.46 24.50
C LEU H 230 -14.73 -19.13 24.66
N THR H 231 -14.98 -18.19 23.76
CA THR H 231 -14.47 -16.82 23.90
C THR H 231 -15.65 -15.85 23.88
N PHE H 232 -15.42 -14.66 24.39
CA PHE H 232 -16.47 -13.61 24.39
C PHE H 232 -15.77 -12.27 24.44
N THR H 233 -16.17 -11.37 23.54
CA THR H 233 -15.67 -9.99 23.51
C THR H 233 -16.73 -9.14 22.81
N ASN H 234 -16.76 -7.85 23.09
CA ASN H 234 -17.63 -6.90 22.38
C ASN H 234 -16.83 -6.18 21.27
N THR H 235 -15.67 -6.70 20.87
CA THR H 235 -14.75 -5.97 19.97
C THR H 235 -14.62 -6.61 18.58
N GLN H 236 -15.34 -7.70 18.30
CA GLN H 236 -15.14 -8.48 17.05
C GLN H 236 -16.33 -8.29 16.12
N THR H 237 -16.06 -7.88 14.88
CA THR H 237 -17.07 -7.70 13.80
C THR H 237 -16.83 -8.76 12.72
N THR H 238 -17.93 -9.35 12.25
CA THR H 238 -17.93 -10.24 11.06
C THR H 238 -18.59 -9.46 9.92
N ILE H 239 -17.87 -9.24 8.83
CA ILE H 239 -18.43 -8.57 7.62
C ILE H 239 -19.34 -9.59 6.93
N LEU H 240 -20.52 -9.19 6.47
CA LEU H 240 -21.50 -10.11 5.85
C LEU H 240 -21.58 -9.89 4.34
N LEU H 241 -20.82 -8.94 3.81
CA LEU H 241 -20.77 -8.74 2.33
C LEU H 241 -20.19 -9.99 1.65
N ASP H 242 -20.75 -10.35 0.49
CA ASP H 242 -20.23 -11.43 -0.37
C ASP H 242 -19.09 -10.86 -1.25
N GLU H 243 -18.63 -11.66 -2.21
CA GLU H 243 -17.51 -11.33 -3.12
C GLU H 243 -17.87 -10.15 -4.03
N ASN H 244 -19.16 -9.79 -4.14
CA ASN H 244 -19.64 -8.66 -4.98
C ASN H 244 -19.98 -7.45 -4.11
N GLY H 245 -19.65 -7.46 -2.81
CA GLY H 245 -19.90 -6.33 -1.90
C GLY H 245 -21.36 -6.25 -1.48
N VAL H 246 -22.11 -7.34 -1.55
CA VAL H 246 -23.57 -7.33 -1.21
C VAL H 246 -23.81 -8.19 0.04
N GLY H 247 -24.46 -7.62 1.03
CA GLY H 247 -24.88 -8.33 2.25
C GLY H 247 -26.20 -9.03 2.01
N PRO H 248 -26.66 -9.89 2.94
CA PRO H 248 -28.03 -10.40 2.89
C PRO H 248 -29.05 -9.27 2.76
N LEU H 249 -30.05 -9.50 1.90
CA LEU H 249 -31.11 -8.53 1.55
C LEU H 249 -32.41 -9.03 2.18
N CYS H 250 -33.01 -8.21 3.03
CA CYS H 250 -34.08 -8.64 3.97
C CYS H 250 -35.43 -8.63 3.26
N LYS H 251 -35.85 -9.80 2.77
CA LYS H 251 -37.16 -9.96 2.08
C LYS H 251 -38.26 -9.66 3.08
N GLY H 252 -39.27 -8.88 2.66
CA GLY H 252 -40.41 -8.52 3.51
C GLY H 252 -39.98 -7.80 4.78
N ASP H 253 -38.82 -7.13 4.75
CA ASP H 253 -38.32 -6.28 5.85
C ASP H 253 -38.16 -7.17 7.11
N GLY H 254 -37.70 -8.40 6.91
CA GLY H 254 -37.45 -9.36 7.99
C GLY H 254 -35.98 -9.77 8.01
N LEU H 255 -35.38 -9.77 9.20
CA LEU H 255 -34.00 -10.25 9.43
C LEU H 255 -34.10 -11.59 10.15
N PHE H 256 -33.50 -12.64 9.61
CA PHE H 256 -33.64 -14.02 10.11
C PHE H 256 -32.36 -14.42 10.83
N LEU H 257 -32.51 -14.75 12.11
CA LEU H 257 -31.39 -15.14 13.00
C LEU H 257 -31.63 -16.59 13.41
N SER H 258 -30.60 -17.41 13.33
CA SER H 258 -30.69 -18.84 13.69
C SER H 258 -29.42 -19.23 14.43
N CYS H 259 -29.54 -20.16 15.37
CA CYS H 259 -28.32 -20.69 16.03
C CYS H 259 -28.57 -22.01 16.73
N ALA H 260 -27.47 -22.66 17.09
CA ALA H 260 -27.45 -23.76 18.07
C ALA H 260 -26.14 -23.62 18.83
N ASP H 261 -26.20 -23.65 20.15
CA ASP H 261 -25.03 -23.44 21.02
C ASP H 261 -25.08 -24.50 22.12
N ILE H 262 -24.75 -25.74 21.76
CA ILE H 262 -24.58 -26.87 22.69
C ILE H 262 -23.20 -26.72 23.31
N VAL H 263 -23.11 -26.54 24.62
CA VAL H 263 -21.78 -26.31 25.22
CA VAL H 263 -21.83 -26.32 25.34
C VAL H 263 -21.18 -27.65 25.67
N GLY H 264 -22.00 -28.65 25.97
CA GLY H 264 -21.52 -29.96 26.42
C GLY H 264 -22.58 -30.60 27.30
N PHE H 265 -22.18 -31.56 28.12
CA PHE H 265 -23.10 -32.35 28.96
C PHE H 265 -22.90 -32.01 30.43
N PHE H 266 -24.03 -32.01 31.14
CA PHE H 266 -24.10 -32.03 32.61
C PHE H 266 -24.23 -33.48 33.07
N THR H 267 -23.36 -33.91 33.97
CA THR H 267 -23.34 -35.29 34.52
C THR H 267 -23.73 -35.23 36.01
N GLN H 268 -24.85 -35.87 36.34
CA GLN H 268 -25.35 -35.99 37.74
C GLN H 268 -24.50 -37.01 38.51
N HIS H 269 -24.64 -37.03 39.84
CA HIS H 269 -23.93 -38.04 40.67
C HIS H 269 -24.29 -39.46 40.22
N ASN H 270 -25.52 -39.67 39.75
CA ASN H 270 -25.98 -41.01 39.32
C ASN H 270 -25.56 -41.30 37.88
N LYS H 271 -24.72 -40.44 37.28
CA LYS H 271 -24.10 -40.61 35.94
C LYS H 271 -25.12 -40.36 34.81
N LYS H 272 -26.34 -39.92 35.11
CA LYS H 272 -27.27 -39.45 34.07
C LYS H 272 -26.71 -38.15 33.47
N MET H 273 -26.83 -38.02 32.16
CA MET H 273 -26.21 -36.91 31.42
C MET H 273 -27.26 -36.19 30.60
N SER H 274 -27.12 -34.87 30.50
CA SER H 274 -28.04 -34.01 29.74
C SER H 274 -27.24 -32.98 28.95
N PHE H 275 -27.77 -32.54 27.84
CA PHE H 275 -27.21 -31.36 27.10
C PHE H 275 -27.41 -30.10 27.93
N ARG H 276 -26.40 -29.21 27.87
CA ARG H 276 -26.52 -27.83 28.38
C ARG H 276 -26.22 -26.87 27.22
N GLY H 277 -27.05 -25.84 27.06
CA GLY H 277 -26.92 -24.82 26.03
C GLY H 277 -26.78 -23.44 26.61
N LEU H 278 -26.28 -22.51 25.80
CA LEU H 278 -26.18 -21.10 26.19
C LEU H 278 -26.89 -20.26 25.16
N PRO H 279 -27.39 -19.08 25.59
CA PRO H 279 -27.97 -18.14 24.67
C PRO H 279 -26.92 -17.38 23.85
N ARG H 280 -27.39 -16.83 22.73
CA ARG H 280 -26.52 -16.09 21.79
C ARG H 280 -27.07 -14.68 21.56
N TYR H 281 -26.15 -13.72 21.62
CA TYR H 281 -26.39 -12.29 21.32
C TYR H 281 -26.07 -12.04 19.85
N PHE H 282 -26.89 -11.21 19.20
CA PHE H 282 -26.64 -10.73 17.83
C PHE H 282 -26.73 -9.22 17.83
N ARG H 283 -25.78 -8.59 17.15
CA ARG H 283 -25.87 -7.16 16.75
C ARG H 283 -25.72 -7.13 15.24
N VAL H 284 -26.70 -6.60 14.53
CA VAL H 284 -26.58 -6.58 13.05
C VAL H 284 -26.73 -5.13 12.60
N THR H 285 -25.81 -4.70 11.75
CA THR H 285 -25.77 -3.35 11.15
C THR H 285 -26.38 -3.46 9.75
N LEU H 286 -27.39 -2.65 9.47
CA LEU H 286 -28.12 -2.67 8.19
C LEU H 286 -28.09 -1.28 7.57
N ARG H 287 -28.11 -1.24 6.24
CA ARG H 287 -28.30 0.01 5.46
C ARG H 287 -29.42 -0.22 4.44
N LYS H 288 -30.09 0.85 4.03
CA LYS H 288 -31.09 0.80 2.93
C LYS H 288 -30.34 0.72 1.60
N ARG H 289 -30.68 -0.28 0.79
CA ARG H 289 -30.04 -0.54 -0.52
C ARG H 289 -31.11 -0.47 -1.59
N VAL H 290 -30.86 0.31 -2.64
CA VAL H 290 -31.69 0.33 -3.87
C VAL H 290 -31.34 -0.96 -4.61
N VAL H 291 -32.33 -1.80 -4.87
CA VAL H 291 -32.18 -3.08 -5.62
C VAL H 291 -32.97 -2.97 -6.94
N LYS H 292 -32.50 -3.62 -8.01
CA LYS H 292 -33.17 -3.58 -9.35
C LYS H 292 -33.81 -4.94 -9.66
N ILE I 36 0.18 12.44 26.08
CA ILE I 36 -0.55 11.21 26.53
C ILE I 36 -0.18 10.93 28.00
N THR I 37 -1.11 10.33 28.77
CA THR I 37 -0.87 9.88 30.16
C THR I 37 -1.01 8.37 30.24
N GLU I 38 -0.09 7.71 30.94
CA GLU I 38 -0.09 6.24 31.14
C GLU I 38 -0.41 5.96 32.62
N ILE I 39 -1.30 5.00 32.87
CA ILE I 39 -1.53 4.54 34.26
C ILE I 39 -1.19 3.05 34.26
N GLU I 40 -0.63 2.61 35.39
CA GLU I 40 -0.37 1.18 35.65
C GLU I 40 -1.14 0.77 36.90
N ALA I 41 -1.70 -0.41 36.90
CA ALA I 41 -2.50 -0.90 38.04
C ALA I 41 -2.44 -2.41 38.05
N TYR I 42 -2.79 -2.97 39.20
CA TYR I 42 -3.00 -4.43 39.29
C TYR I 42 -4.35 -4.70 39.93
N LEU I 43 -4.89 -5.87 39.64
CA LEU I 43 -5.99 -6.45 40.41
C LEU I 43 -5.57 -7.82 40.92
N ASN I 44 -5.61 -8.01 42.22
CA ASN I 44 -5.41 -9.32 42.86
C ASN I 44 -6.68 -10.14 42.65
N PRO I 45 -6.51 -11.48 42.56
CA PRO I 45 -7.66 -12.36 42.41
C PRO I 45 -8.49 -12.44 43.70
N ARG I 46 -9.77 -12.75 43.54
CA ARG I 46 -10.75 -12.90 44.64
C ARG I 46 -11.35 -14.29 44.56
N MET I 47 -10.52 -15.31 44.82
CA MET I 47 -10.94 -16.73 44.68
C MET I 47 -11.73 -17.25 45.89
N GLY I 48 -11.69 -16.54 47.02
CA GLY I 48 -12.58 -16.84 48.15
C GLY I 48 -11.93 -16.68 49.50
N GLN I 49 -10.71 -17.17 49.69
CA GLN I 49 -10.05 -17.11 51.00
C GLN I 49 -9.60 -15.67 51.25
N PRO I 50 -9.61 -15.24 52.51
CA PRO I 50 -9.23 -13.87 52.85
C PRO I 50 -7.78 -13.50 52.60
N GLN I 51 -7.59 -12.21 52.37
CA GLN I 51 -6.27 -11.52 52.28
C GLN I 51 -5.49 -11.70 53.59
N ASN I 52 -4.16 -11.69 53.53
CA ASN I 52 -3.28 -11.64 54.75
C ASN I 52 -3.47 -12.92 55.56
N GLU I 53 -3.89 -14.01 54.92
CA GLU I 53 -4.02 -15.34 55.54
C GLU I 53 -3.44 -16.38 54.58
N ASP I 54 -3.21 -17.58 55.08
CA ASP I 54 -2.25 -18.53 54.47
C ASP I 54 -2.74 -19.00 53.08
N PHE I 55 -4.02 -18.87 52.78
CA PHE I 55 -4.57 -19.41 51.51
C PHE I 55 -5.02 -18.28 50.60
N TYR I 56 -4.49 -17.07 50.78
CA TYR I 56 -4.77 -15.94 49.87
C TYR I 56 -4.37 -16.36 48.44
N GLY I 57 -5.28 -16.19 47.48
CA GLY I 57 -5.06 -16.60 46.09
C GLY I 57 -5.86 -17.87 45.76
N PHE I 58 -6.37 -18.56 46.78
CA PHE I 58 -7.11 -19.82 46.64
C PHE I 58 -8.56 -19.61 47.08
N SER I 59 -9.45 -20.48 46.65
CA SER I 59 -10.76 -20.63 47.34
C SER I 59 -10.56 -21.57 48.53
N ASP I 60 -11.57 -21.63 49.40
CA ASP I 60 -11.73 -22.75 50.35
C ASP I 60 -12.03 -24.01 49.52
N ASN I 61 -11.83 -25.17 50.13
CA ASN I 61 -12.12 -26.46 49.48
C ASN I 61 -13.58 -26.51 49.03
N VAL I 62 -13.81 -26.97 47.81
CA VAL I 62 -15.12 -26.93 47.15
C VAL I 62 -15.97 -28.11 47.63
N THR I 63 -17.18 -27.80 48.09
CA THR I 63 -18.13 -28.89 48.37
CA THR I 63 -18.25 -28.76 48.47
C THR I 63 -19.19 -28.90 47.27
N VAL I 64 -19.68 -30.08 46.99
CA VAL I 64 -20.63 -30.29 45.87
C VAL I 64 -21.96 -30.76 46.45
N SER I 65 -23.03 -30.09 46.03
CA SER I 65 -24.40 -30.42 46.47
C SER I 65 -24.87 -31.73 45.83
N ASP I 66 -25.89 -32.34 46.44
CA ASP I 66 -26.46 -33.60 45.90
C ASP I 66 -27.61 -33.33 44.92
N ASP I 67 -28.18 -32.13 44.95
CA ASP I 67 -29.39 -31.79 44.17
C ASP I 67 -29.38 -30.30 43.88
N PHE I 68 -29.95 -29.87 42.76
CA PHE I 68 -30.13 -28.43 42.44
C PHE I 68 -30.96 -27.74 43.54
N GLY I 69 -31.84 -28.48 44.23
CA GLY I 69 -32.77 -27.91 45.21
C GLY I 69 -32.14 -27.80 46.60
N SER I 70 -30.93 -28.29 46.80
CA SER I 70 -30.22 -28.24 48.10
C SER I 70 -28.79 -27.78 47.86
N ASP I 71 -28.68 -26.65 47.15
CA ASP I 71 -27.41 -26.18 46.54
C ASP I 71 -27.05 -24.84 47.17
N ALA I 72 -26.15 -24.81 48.13
CA ALA I 72 -25.81 -23.57 48.85
C ALA I 72 -24.30 -23.51 49.01
N PRO I 73 -23.57 -22.95 48.02
CA PRO I 73 -22.11 -22.91 48.12
C PRO I 73 -21.69 -21.92 49.20
N PRO I 74 -20.99 -22.35 50.27
CA PRO I 74 -20.65 -21.40 51.33
C PRO I 74 -19.71 -20.30 50.83
N TRP I 75 -19.80 -19.15 51.49
CA TRP I 75 -18.82 -18.08 51.30
C TRP I 75 -17.41 -18.66 51.46
N LYS I 76 -16.54 -18.24 50.53
CA LYS I 76 -15.11 -18.57 50.39
C LYS I 76 -14.91 -19.71 49.40
N GLN I 77 -15.96 -20.44 49.00
CA GLN I 77 -15.76 -21.62 48.14
C GLN I 77 -15.89 -21.31 46.64
N PHE I 78 -16.09 -20.05 46.28
CA PHE I 78 -16.26 -19.70 44.85
C PHE I 78 -15.64 -18.36 44.55
N PRO I 79 -15.09 -18.21 43.33
CA PRO I 79 -14.46 -16.95 42.96
C PRO I 79 -15.45 -15.83 42.63
N CYS I 80 -14.99 -14.60 42.84
CA CYS I 80 -15.75 -13.38 42.49
C CYS I 80 -14.89 -12.51 41.58
N TYR I 81 -15.50 -11.56 40.90
CA TYR I 81 -14.79 -10.62 40.02
C TYR I 81 -13.95 -9.67 40.86
N SER I 82 -12.80 -9.31 40.33
CA SER I 82 -11.95 -8.21 40.82
C SER I 82 -12.33 -6.92 40.08
N THR I 83 -12.28 -5.78 40.77
CA THR I 83 -12.54 -4.48 40.11
C THR I 83 -11.87 -3.37 40.90
N ALA I 84 -11.49 -2.31 40.20
CA ALA I 84 -10.98 -1.07 40.81
C ALA I 84 -11.32 0.10 39.91
N ARG I 85 -11.58 1.23 40.53
CA ARG I 85 -11.68 2.52 39.85
C ARG I 85 -10.39 3.29 40.11
N ILE I 86 -9.72 3.66 39.03
CA ILE I 86 -8.49 4.49 39.07
C ILE I 86 -8.93 5.96 38.95
N SER I 87 -8.55 6.79 39.92
CA SER I 87 -8.81 8.24 39.89
C SER I 87 -7.81 8.87 38.92
N LEU I 88 -8.29 9.50 37.86
CA LEU I 88 -7.42 10.19 36.87
C LEU I 88 -7.33 11.65 37.27
N PRO I 89 -6.35 12.40 36.72
CA PRO I 89 -6.23 13.83 37.02
C PRO I 89 -7.55 14.54 36.72
N MET I 90 -7.99 15.43 37.61
CA MET I 90 -9.29 16.12 37.47
C MET I 90 -9.22 17.02 36.24
N LEU I 91 -10.24 16.98 35.40
CA LEU I 91 -10.37 17.87 34.22
C LEU I 91 -11.40 18.96 34.53
N ASN I 92 -11.02 20.21 34.25
CA ASN I 92 -11.92 21.40 34.33
C ASN I 92 -13.00 21.29 33.25
N GLN I 93 -14.26 21.53 33.62
CA GLN I 93 -15.41 21.60 32.68
C GLN I 93 -15.88 23.06 32.54
N ASP I 94 -16.49 23.39 31.41
CA ASP I 94 -17.09 24.73 31.13
C ASP I 94 -18.62 24.60 31.27
N MET I 95 -19.39 25.56 30.71
CA MET I 95 -20.86 25.62 30.98
C MET I 95 -21.69 25.31 29.72
N THR I 96 -21.03 24.98 28.61
CA THR I 96 -21.65 24.45 27.37
C THR I 96 -22.19 23.04 27.64
N SER I 97 -23.51 22.84 27.53
CA SER I 97 -24.27 21.58 27.78
C SER I 97 -23.71 20.40 26.95
N ILE I 100 -18.12 17.62 27.06
CA ILE I 100 -17.20 17.52 28.24
C ILE I 100 -15.79 17.22 27.73
N LEU I 101 -14.76 17.82 28.34
CA LEU I 101 -13.34 17.39 28.24
C LEU I 101 -13.18 16.09 29.03
N MET I 102 -12.71 15.00 28.42
CA MET I 102 -12.67 13.69 29.11
C MET I 102 -11.39 12.96 28.78
N TRP I 103 -10.92 12.13 29.71
CA TRP I 103 -9.83 11.17 29.42
C TRP I 103 -10.39 10.07 28.54
N GLU I 104 -9.70 9.79 27.44
CA GLU I 104 -10.03 8.73 26.47
C GLU I 104 -8.97 7.62 26.56
N ALA I 105 -9.40 6.40 26.83
CA ALA I 105 -8.50 5.22 26.84
C ALA I 105 -8.31 4.75 25.40
N ILE I 106 -7.10 4.91 24.85
CA ILE I 106 -6.88 4.63 23.40
C ILE I 106 -6.26 3.24 23.21
N SER I 107 -5.54 2.76 24.22
CA SER I 107 -4.85 1.46 24.13
C SER I 107 -4.49 0.96 25.52
N CYS I 108 -4.20 -0.32 25.59
CA CYS I 108 -3.75 -0.92 26.86
C CYS I 108 -2.79 -2.05 26.58
N ARG I 109 -2.08 -2.41 27.63
CA ARG I 109 -1.42 -3.72 27.72
C ARG I 109 -1.93 -4.38 28.99
N THR I 110 -2.10 -5.68 28.95
CA THR I 110 -2.49 -6.42 30.18
C THR I 110 -1.76 -7.75 30.19
N GLU I 111 -1.39 -8.19 31.38
CA GLU I 111 -0.57 -9.41 31.56
C GLU I 111 -1.11 -10.13 32.78
N VAL I 112 -1.21 -11.44 32.71
CA VAL I 112 -1.40 -12.28 33.91
C VAL I 112 -0.02 -12.41 34.56
N MET I 113 0.08 -12.05 35.83
CA MET I 113 1.34 -12.09 36.59
C MET I 113 1.40 -13.39 37.40
N GLY I 114 2.61 -13.82 37.75
CA GLY I 114 2.81 -15.01 38.60
C GLY I 114 2.68 -16.33 37.86
N VAL I 115 2.68 -16.34 36.53
CA VAL I 115 2.58 -17.62 35.77
C VAL I 115 3.72 -18.55 36.21
N ASN I 116 4.88 -17.97 36.50
CA ASN I 116 6.07 -18.69 37.00
C ASN I 116 5.71 -19.63 38.16
N MET I 117 4.75 -19.27 39.02
CA MET I 117 4.53 -20.05 40.27
C MET I 117 3.97 -21.43 39.92
N LEU I 118 3.42 -21.60 38.71
CA LEU I 118 2.75 -22.86 38.34
C LEU I 118 3.78 -23.95 38.01
N THR I 119 5.08 -23.63 38.05
CA THR I 119 6.18 -24.62 37.91
C THR I 119 6.44 -25.37 39.21
N ASN I 120 5.73 -25.02 40.27
CA ASN I 120 5.80 -25.67 41.61
C ASN I 120 4.96 -26.94 41.59
N VAL I 121 5.62 -28.09 41.68
CA VAL I 121 4.94 -29.40 41.80
C VAL I 121 5.46 -30.12 43.05
N HIS I 122 5.80 -29.35 44.09
CA HIS I 122 6.27 -29.96 45.38
C HIS I 122 5.35 -29.57 46.55
N SER I 123 4.52 -28.53 46.45
CA SER I 123 3.72 -27.99 47.59
C SER I 123 2.44 -28.79 47.84
N ALA I 124 2.49 -29.83 48.67
CA ALA I 124 1.30 -30.53 49.22
C ALA I 124 0.28 -30.88 48.15
N GLN I 125 0.71 -31.39 47.01
CA GLN I 125 -0.19 -31.71 45.87
C GLN I 125 -0.41 -33.23 45.76
N LYS I 126 -1.61 -33.66 45.41
CA LYS I 126 -1.82 -35.08 44.98
C LYS I 126 -0.73 -35.48 43.98
N ARG I 127 -0.12 -36.65 44.15
CA ARG I 127 1.05 -37.06 43.33
C ARG I 127 0.55 -37.71 42.03
N VAL I 128 1.40 -37.72 41.01
CA VAL I 128 1.07 -38.30 39.67
C VAL I 128 0.78 -39.80 39.85
N TYR I 129 1.58 -40.49 40.64
CA TYR I 129 1.47 -41.96 40.90
C TYR I 129 1.06 -42.17 42.36
N GLU I 130 -0.20 -41.86 42.65
CA GLU I 130 -0.83 -41.92 43.99
C GLU I 130 -0.70 -43.34 44.54
N ASN I 131 -1.02 -44.35 43.74
CA ASN I 131 -1.02 -45.77 44.16
C ASN I 131 0.40 -46.18 44.57
N ASP I 132 1.44 -45.51 44.06
CA ASP I 132 2.86 -45.82 44.37
C ASP I 132 3.49 -44.74 45.28
N ARG I 133 2.69 -43.77 45.73
CA ARG I 133 3.15 -42.58 46.50
C ARG I 133 4.44 -42.03 45.87
N GLU I 134 4.43 -41.76 44.56
CA GLU I 134 5.65 -41.33 43.85
C GLU I 134 5.26 -40.33 42.76
N GLY I 135 6.26 -39.67 42.20
CA GLY I 135 6.08 -38.68 41.14
C GLY I 135 6.02 -37.28 41.70
N THR I 136 6.01 -36.31 40.82
CA THR I 136 5.73 -34.92 41.22
C THR I 136 4.29 -34.79 41.71
N GLY I 137 3.97 -33.63 42.26
CA GLY I 137 2.58 -33.21 42.38
C GLY I 137 1.97 -33.06 41.00
N ILE I 138 0.67 -33.13 40.90
CA ILE I 138 -0.01 -32.92 39.59
C ILE I 138 -0.06 -31.44 39.23
N GLY I 139 0.23 -30.55 40.17
CA GLY I 139 0.17 -29.10 39.93
C GLY I 139 -1.25 -28.61 39.77
N VAL I 140 -1.40 -27.39 39.26
CA VAL I 140 -2.71 -26.81 38.99
C VAL I 140 -3.20 -27.38 37.65
N GLU I 141 -4.43 -27.85 37.62
CA GLU I 141 -5.06 -28.35 36.38
C GLU I 141 -6.53 -27.97 36.42
N GLY I 142 -7.16 -27.97 35.26
CA GLY I 142 -8.60 -27.73 35.16
C GLY I 142 -8.90 -26.42 34.47
N MET I 143 -10.08 -25.90 34.73
CA MET I 143 -10.66 -24.80 33.94
C MET I 143 -9.80 -23.54 34.06
N GLY I 144 -9.70 -22.84 32.94
CA GLY I 144 -9.18 -21.47 32.89
C GLY I 144 -10.31 -20.53 32.57
N TYR I 145 -10.51 -19.49 33.37
CA TYR I 145 -11.47 -18.42 33.02
C TYR I 145 -10.70 -17.13 33.15
N HIS I 146 -10.44 -16.49 32.02
CA HIS I 146 -9.59 -15.28 31.98
C HIS I 146 -10.38 -14.23 31.25
N MET I 147 -10.72 -13.16 31.94
N MET I 147 -10.78 -13.19 31.99
CA MET I 147 -11.44 -12.05 31.28
CA MET I 147 -11.58 -12.05 31.50
C MET I 147 -11.03 -10.75 31.95
C MET I 147 -10.89 -10.77 31.96
N PHE I 148 -10.93 -9.72 31.14
CA PHE I 148 -10.59 -8.37 31.62
C PHE I 148 -11.49 -7.39 30.87
N ALA I 149 -11.69 -6.26 31.50
CA ALA I 149 -12.49 -5.17 30.94
C ALA I 149 -11.85 -3.84 31.33
N ILE I 150 -11.90 -2.89 30.41
CA ILE I 150 -11.39 -1.52 30.60
C ILE I 150 -12.50 -0.59 30.14
N GLY I 151 -12.95 0.31 31.00
CA GLY I 151 -14.04 1.20 30.60
C GLY I 151 -14.04 2.50 31.34
N GLY I 152 -14.95 3.38 30.90
CA GLY I 152 -15.09 4.74 31.46
C GLY I 152 -16.23 4.79 32.47
N GLU I 153 -16.76 3.63 32.82
CA GLU I 153 -17.84 3.47 33.82
C GLU I 153 -17.83 2.01 34.26
N PRO I 154 -18.52 1.66 35.36
CA PRO I 154 -18.56 0.27 35.78
C PRO I 154 -19.01 -0.69 34.67
N LEU I 155 -18.41 -1.86 34.67
CA LEU I 155 -18.78 -2.94 33.73
C LEU I 155 -20.25 -3.30 33.94
N GLU I 156 -21.00 -3.35 32.85
CA GLU I 156 -22.43 -3.72 32.89
C GLU I 156 -22.55 -5.22 32.77
N LEU I 157 -23.36 -5.82 33.63
CA LEU I 157 -23.43 -7.28 33.83
C LEU I 157 -24.79 -7.81 33.44
N GLN I 158 -24.76 -9.03 32.93
CA GLN I 158 -25.94 -9.89 32.76
C GLN I 158 -25.86 -10.97 33.83
N PHE I 159 -26.92 -11.14 34.61
CA PHE I 159 -27.00 -12.25 35.58
C PHE I 159 -27.34 -13.53 34.81
N MET I 160 -26.58 -14.58 35.04
CA MET I 160 -26.90 -15.89 34.41
C MET I 160 -26.18 -16.98 35.18
N VAL I 161 -26.93 -18.03 35.53
CA VAL I 161 -26.45 -19.07 36.45
C VAL I 161 -26.72 -20.43 35.86
N PHE I 162 -25.91 -21.40 36.26
CA PHE I 162 -26.05 -22.80 35.83
C PHE I 162 -27.35 -23.38 36.43
N ASN I 163 -27.62 -23.08 37.70
CA ASN I 163 -28.75 -23.61 38.50
C ASN I 163 -29.40 -22.44 39.23
N HIS I 164 -30.60 -22.04 38.83
CA HIS I 164 -31.30 -20.87 39.41
C HIS I 164 -31.59 -21.08 40.92
N ARG I 165 -31.62 -22.34 41.37
CA ARG I 165 -31.92 -22.64 42.80
C ARG I 165 -30.65 -22.63 43.66
N ALA I 166 -29.50 -22.24 43.13
CA ALA I 166 -28.30 -22.07 43.98
C ALA I 166 -28.63 -20.96 44.98
N THR I 167 -28.37 -21.20 46.25
CA THR I 167 -28.57 -20.19 47.31
C THR I 167 -27.22 -19.56 47.63
N TYR I 168 -26.98 -18.34 47.15
CA TYR I 168 -25.70 -17.65 47.39
C TYR I 168 -25.71 -17.09 48.81
N PRO I 169 -24.53 -17.01 49.40
CA PRO I 169 -24.41 -16.46 50.77
C PRO I 169 -24.62 -14.95 50.78
N ALA I 170 -24.94 -14.40 51.96
CA ALA I 170 -25.28 -12.98 52.13
C ALA I 170 -24.12 -12.07 51.73
N GLU I 171 -22.88 -12.55 51.80
CA GLU I 171 -21.66 -11.77 51.47
C GLU I 171 -21.65 -11.45 49.98
N ALA I 172 -22.31 -12.28 49.17
CA ALA I 172 -22.26 -12.15 47.69
C ALA I 172 -23.31 -11.17 47.21
N THR I 173 -23.04 -10.48 46.10
CA THR I 173 -24.04 -9.63 45.43
C THR I 173 -24.59 -10.46 44.27
N VAL I 174 -25.88 -10.75 44.31
CA VAL I 174 -26.59 -11.57 43.29
C VAL I 174 -27.97 -10.98 43.09
N ILE I 175 -28.68 -11.46 42.10
CA ILE I 175 -30.13 -11.26 42.00
C ILE I 175 -30.81 -12.32 42.87
N LYS I 176 -31.61 -11.89 43.83
CA LYS I 176 -32.27 -12.82 44.79
C LYS I 176 -33.48 -13.49 44.11
N ASN I 177 -33.61 -14.80 44.29
CA ASN I 177 -34.78 -15.57 43.80
C ASN I 177 -35.00 -15.26 42.33
N PRO I 178 -33.97 -15.47 41.49
CA PRO I 178 -34.04 -15.03 40.10
C PRO I 178 -35.03 -15.79 39.21
N GLY I 179 -35.30 -17.05 39.54
CA GLY I 179 -36.25 -17.89 38.78
C GLY I 179 -35.58 -18.59 37.61
N ALA I 180 -36.28 -19.55 37.02
CA ALA I 180 -35.71 -20.48 36.01
C ALA I 180 -35.18 -19.72 34.79
N SER I 181 -35.77 -18.58 34.42
CA SER I 181 -35.33 -17.78 33.24
C SER I 181 -33.86 -17.38 33.37
N SER I 182 -33.32 -17.32 34.59
CA SER I 182 -31.91 -16.93 34.86
C SER I 182 -30.92 -18.03 34.42
N GLN I 183 -31.39 -19.21 33.99
CA GLN I 183 -30.51 -20.30 33.51
C GLN I 183 -30.11 -20.00 32.06
N VAL I 184 -30.82 -19.07 31.42
CA VAL I 184 -30.52 -18.58 30.06
C VAL I 184 -30.69 -17.08 30.09
N PHE I 185 -30.90 -16.43 28.94
CA PHE I 185 -30.98 -14.97 28.90
C PHE I 185 -32.36 -14.49 29.31
N ASP I 186 -32.39 -13.61 30.31
CA ASP I 186 -33.59 -12.87 30.75
C ASP I 186 -33.23 -11.40 30.74
N PRO I 187 -33.85 -10.58 29.86
CA PRO I 187 -33.50 -9.17 29.77
C PRO I 187 -33.78 -8.33 31.03
N ASN I 188 -34.49 -8.87 32.02
CA ASN I 188 -34.74 -8.13 33.29
C ASN I 188 -33.56 -8.27 34.25
N LEU I 189 -32.64 -9.21 34.03
CA LEU I 189 -31.68 -9.61 35.08
C LEU I 189 -30.31 -8.95 34.83
N LYS I 190 -30.19 -7.71 35.26
CA LYS I 190 -29.04 -6.83 34.97
C LYS I 190 -28.35 -6.43 36.28
N GLY I 191 -27.09 -6.05 36.16
CA GLY I 191 -26.36 -5.42 37.27
C GLY I 191 -25.16 -4.67 36.73
N THR I 192 -24.41 -4.05 37.63
CA THR I 192 -23.16 -3.35 37.30
C THR I 192 -22.12 -3.74 38.35
N LEU I 193 -20.89 -3.86 37.91
CA LEU I 193 -19.80 -4.38 38.77
C LEU I 193 -19.27 -3.21 39.59
N THR I 194 -19.87 -3.02 40.77
CA THR I 194 -19.63 -1.82 41.61
C THR I 194 -18.83 -2.15 42.85
N ALA I 195 -18.42 -3.39 43.07
CA ALA I 195 -17.64 -3.75 44.27
C ALA I 195 -16.73 -4.92 43.95
N ASP I 196 -15.54 -4.87 44.51
CA ASP I 196 -14.51 -5.91 44.37
C ASP I 196 -14.85 -7.12 45.25
N GLY I 197 -14.64 -8.33 44.74
CA GLY I 197 -14.59 -9.54 45.56
C GLY I 197 -15.94 -10.04 46.06
N VAL I 198 -17.06 -9.60 45.50
CA VAL I 198 -18.41 -10.05 45.98
C VAL I 198 -19.37 -10.46 44.86
N PHE I 199 -19.10 -10.16 43.59
CA PHE I 199 -19.98 -10.62 42.48
C PHE I 199 -19.47 -11.99 42.04
N PRO I 200 -20.21 -13.10 42.25
CA PRO I 200 -19.67 -14.41 41.88
C PRO I 200 -19.47 -14.50 40.36
N VAL I 201 -18.31 -15.04 39.99
CA VAL I 201 -18.01 -15.26 38.55
C VAL I 201 -19.11 -16.15 37.98
N GLU I 202 -19.57 -17.13 38.74
CA GLU I 202 -20.52 -18.13 38.18
C GLU I 202 -21.92 -17.55 38.03
N ALA I 203 -22.18 -16.32 38.48
CA ALA I 203 -23.54 -15.72 38.42
C ALA I 203 -23.62 -14.48 37.53
N TRP I 204 -22.49 -13.92 37.11
CA TRP I 204 -22.49 -12.66 36.32
C TRP I 204 -21.50 -12.77 35.18
N GLY I 205 -21.88 -12.22 34.04
CA GLY I 205 -20.98 -12.05 32.89
C GLY I 205 -21.19 -10.68 32.27
N PRO I 206 -20.29 -10.23 31.38
CA PRO I 206 -20.49 -8.96 30.70
C PRO I 206 -21.76 -8.96 29.85
N ASP I 207 -22.48 -7.85 29.88
CA ASP I 207 -23.76 -7.70 29.14
C ASP I 207 -23.46 -7.16 27.75
N PRO I 208 -23.62 -7.95 26.67
CA PRO I 208 -23.35 -7.43 25.34
C PRO I 208 -24.38 -6.43 24.82
N PHE I 209 -25.53 -6.32 25.48
CA PHE I 209 -26.56 -5.32 25.09
C PHE I 209 -26.14 -3.92 25.58
N LYS I 210 -25.18 -3.85 26.49
CA LYS I 210 -24.70 -2.56 27.05
C LYS I 210 -23.20 -2.46 26.81
N ASN I 211 -22.46 -1.87 27.75
CA ASN I 211 -21.00 -1.72 27.64
C ASN I 211 -20.60 -0.99 26.36
N GLU I 212 -21.32 0.07 25.98
CA GLU I 212 -20.89 0.90 24.82
C GLU I 212 -19.56 1.60 25.15
N ASN I 213 -19.26 1.78 26.44
CA ASN I 213 -18.15 2.62 26.94
C ASN I 213 -17.13 1.76 27.69
N THR I 214 -17.14 0.46 27.42
CA THR I 214 -16.20 -0.53 28.02
C THR I 214 -15.80 -1.50 26.94
N ARG I 215 -14.56 -1.93 26.91
CA ARG I 215 -14.14 -3.06 26.07
C ARG I 215 -13.87 -4.23 27.01
N TYR I 216 -14.39 -5.40 26.68
CA TYR I 216 -14.18 -6.63 27.47
C TYR I 216 -13.78 -7.78 26.56
N PHE I 217 -12.96 -8.65 27.12
CA PHE I 217 -12.32 -9.79 26.44
C PHE I 217 -12.33 -10.97 27.40
N GLY I 218 -12.76 -12.14 26.96
CA GLY I 218 -12.85 -13.32 27.83
C GLY I 218 -12.55 -14.60 27.10
N GLN I 219 -11.93 -15.53 27.81
CA GLN I 219 -11.64 -16.89 27.28
C GLN I 219 -11.91 -17.88 28.40
N TYR I 220 -12.60 -18.95 28.06
CA TYR I 220 -12.90 -20.05 29.00
C TYR I 220 -12.43 -21.34 28.35
N THR I 221 -11.67 -22.13 29.09
CA THR I 221 -11.40 -23.54 28.74
C THR I 221 -11.84 -24.32 29.97
N GLY I 222 -12.75 -25.27 29.80
CA GLY I 222 -13.29 -25.99 30.96
C GLY I 222 -12.50 -27.22 31.34
N GLY I 223 -13.14 -28.10 32.11
CA GLY I 223 -12.56 -29.35 32.62
C GLY I 223 -11.94 -29.21 34.01
N THR I 224 -11.48 -30.32 34.55
CA THR I 224 -10.87 -30.40 35.91
C THR I 224 -9.46 -30.97 35.84
N GLN I 225 -9.07 -31.63 34.75
CA GLN I 225 -7.70 -32.15 34.50
C GLN I 225 -7.06 -31.48 33.26
N THR I 226 -7.69 -30.48 32.65
CA THR I 226 -7.13 -29.72 31.53
C THR I 226 -5.80 -29.06 31.89
N PRO I 227 -4.76 -29.13 31.05
CA PRO I 227 -3.54 -28.40 31.33
C PRO I 227 -3.78 -26.91 31.19
N PRO I 228 -3.39 -26.10 32.19
CA PRO I 228 -3.45 -24.65 32.03
C PRO I 228 -2.51 -24.18 30.91
N VAL I 229 -2.95 -23.18 30.17
CA VAL I 229 -2.14 -22.57 29.09
C VAL I 229 -2.15 -21.06 29.28
N LEU I 230 -0.97 -20.48 29.51
CA LEU I 230 -0.87 -19.03 29.76
C LEU I 230 0.33 -18.49 29.00
N THR I 231 0.20 -17.26 28.53
CA THR I 231 1.33 -16.54 27.92
C THR I 231 1.53 -15.23 28.66
N PHE I 232 2.72 -14.68 28.55
CA PHE I 232 3.04 -13.39 29.18
C PHE I 232 4.14 -12.72 28.37
N THR I 233 3.94 -11.45 28.06
CA THR I 233 4.94 -10.64 27.33
C THR I 233 4.67 -9.18 27.68
N ASN I 234 5.68 -8.32 27.58
CA ASN I 234 5.50 -6.87 27.75
C ASN I 234 5.44 -6.19 26.37
N THR I 235 5.21 -6.94 25.29
CA THR I 235 5.32 -6.39 23.91
C THR I 235 3.97 -6.31 23.18
N GLN I 236 2.86 -6.68 23.81
CA GLN I 236 1.55 -6.78 23.11
C GLN I 236 0.63 -5.62 23.52
N THR I 237 0.17 -4.84 22.54
CA THR I 237 -0.77 -3.71 22.79
C THR I 237 -2.13 -4.09 22.23
N THR I 238 -3.19 -3.78 22.98
CA THR I 238 -4.60 -3.93 22.52
C THR I 238 -5.13 -2.52 22.28
N ILE I 239 -5.54 -2.21 21.06
CA ILE I 239 -6.15 -0.89 20.76
C ILE I 239 -7.58 -0.90 21.33
N LEU I 240 -8.01 0.21 21.92
CA LEU I 240 -9.34 0.26 22.57
C LEU I 240 -10.31 1.16 21.78
N LEU I 241 -9.85 1.73 20.68
CA LEU I 241 -10.71 2.55 19.79
C LEU I 241 -11.81 1.65 19.20
N ASP I 242 -13.02 2.18 19.07
CA ASP I 242 -14.16 1.45 18.45
C ASP I 242 -14.11 1.65 16.93
N GLU I 243 -15.14 1.18 16.24
CA GLU I 243 -15.35 1.35 14.77
C GLU I 243 -15.13 2.84 14.39
N ASN I 244 -15.54 3.79 15.23
CA ASN I 244 -15.52 5.25 14.90
C ASN I 244 -14.25 5.93 15.40
N GLY I 245 -13.27 5.17 15.90
CA GLY I 245 -11.96 5.70 16.33
C GLY I 245 -12.05 6.35 17.70
N VAL I 246 -13.01 5.94 18.52
CA VAL I 246 -13.20 6.49 19.89
C VAL I 246 -12.99 5.39 20.93
N GLY I 247 -12.16 5.68 21.92
CA GLY I 247 -11.90 4.80 23.05
C GLY I 247 -12.92 5.04 24.15
N PRO I 248 -12.93 4.20 25.20
CA PRO I 248 -13.73 4.48 26.40
C PRO I 248 -13.45 5.89 26.91
N LEU I 249 -14.53 6.60 27.31
CA LEU I 249 -14.45 7.97 27.84
C LEU I 249 -14.72 7.92 29.33
N CYS I 250 -13.79 8.42 30.14
CA CYS I 250 -13.81 8.17 31.61
C CYS I 250 -14.76 9.14 32.30
N LYS I 251 -15.96 8.66 32.65
CA LYS I 251 -17.00 9.49 33.32
C LYS I 251 -16.50 9.80 34.72
N GLY I 252 -16.60 11.07 35.11
CA GLY I 252 -16.12 11.54 36.41
C GLY I 252 -14.62 11.35 36.59
N ASP I 253 -13.84 11.30 35.49
CA ASP I 253 -12.36 11.15 35.55
C ASP I 253 -12.01 9.86 36.32
N GLY I 254 -12.80 8.81 36.07
CA GLY I 254 -12.59 7.47 36.64
C GLY I 254 -12.31 6.46 35.54
N LEU I 255 -11.28 5.64 35.69
CA LEU I 255 -10.98 4.53 34.75
C LEU I 255 -11.34 3.24 35.48
N PHE I 256 -12.12 2.38 34.86
CA PHE I 256 -12.70 1.19 35.52
C PHE I 256 -12.04 -0.06 34.96
N LEU I 257 -11.40 -0.81 35.85
CA LEU I 257 -10.68 -2.03 35.47
C LEU I 257 -11.38 -3.19 36.16
N SER I 258 -11.58 -4.28 35.43
CA SER I 258 -12.26 -5.48 35.97
C SER I 258 -11.59 -6.72 35.41
N CYS I 259 -11.56 -7.79 36.19
CA CYS I 259 -11.05 -9.07 35.68
C CYS I 259 -11.49 -10.26 36.53
N ALA I 260 -11.23 -11.41 35.99
CA ALA I 260 -11.21 -12.68 36.72
C ALA I 260 -10.18 -13.55 36.03
N ASP I 261 -9.31 -14.18 36.82
CA ASP I 261 -8.20 -15.02 36.30
C ASP I 261 -8.13 -16.30 37.13
N ILE I 262 -9.09 -17.18 36.90
CA ILE I 262 -9.10 -18.55 37.45
C ILE I 262 -8.11 -19.36 36.63
N VAL I 263 -7.07 -19.91 37.25
CA VAL I 263 -6.05 -20.65 36.44
CA VAL I 263 -5.99 -20.66 36.55
C VAL I 263 -6.34 -22.14 36.50
N GLY I 264 -7.05 -22.63 37.53
CA GLY I 264 -7.45 -24.04 37.60
C GLY I 264 -7.62 -24.43 39.04
N PHE I 265 -7.46 -25.72 39.35
CA PHE I 265 -7.67 -26.25 40.71
C PHE I 265 -6.36 -26.78 41.29
N PHE I 266 -6.23 -26.57 42.59
CA PHE I 266 -5.25 -27.21 43.48
C PHE I 266 -5.89 -28.44 44.10
N THR I 267 -5.26 -29.60 43.97
CA THR I 267 -5.72 -30.88 44.55
C THR I 267 -4.75 -31.33 45.63
N GLN I 268 -5.23 -31.41 46.86
CA GLN I 268 -4.50 -31.91 48.05
C GLN I 268 -4.38 -33.43 47.98
N HIS I 269 -3.52 -33.98 48.81
CA HIS I 269 -3.32 -35.45 48.91
C HIS I 269 -4.65 -36.15 49.22
N ASN I 270 -5.52 -35.51 50.00
CA ASN I 270 -6.83 -36.09 50.41
C ASN I 270 -7.91 -35.82 49.36
N LYS I 271 -7.53 -35.31 48.18
CA LYS I 271 -8.42 -35.09 46.99
C LYS I 271 -9.33 -33.87 47.16
N LYS I 272 -9.19 -33.09 48.23
CA LYS I 272 -9.97 -31.83 48.31
C LYS I 272 -9.39 -30.85 47.28
N MET I 273 -10.25 -30.08 46.66
CA MET I 273 -9.89 -29.23 45.51
C MET I 273 -10.36 -27.81 45.77
N SER I 274 -9.52 -26.86 45.34
CA SER I 274 -9.73 -25.42 45.55
C SER I 274 -9.38 -24.69 44.24
N PHE I 275 -10.08 -23.62 43.96
CA PHE I 275 -9.71 -22.69 42.86
C PHE I 275 -8.38 -22.02 43.20
N ARG I 276 -7.54 -21.80 42.20
CA ARG I 276 -6.34 -20.95 42.30
C ARG I 276 -6.43 -19.84 41.25
N GLY I 277 -6.17 -18.61 41.65
CA GLY I 277 -6.18 -17.47 40.74
C GLY I 277 -4.85 -16.75 40.70
N LEU I 278 -4.69 -15.88 39.72
CA LEU I 278 -3.47 -15.06 39.58
C LEU I 278 -3.88 -13.61 39.41
N PRO I 279 -2.99 -12.70 39.84
CA PRO I 279 -3.22 -11.28 39.63
C PRO I 279 -2.98 -10.84 38.18
N ARG I 280 -3.54 -9.69 37.86
CA ARG I 280 -3.50 -9.12 36.48
C ARG I 280 -2.95 -7.72 36.54
N TYR I 281 -2.01 -7.48 35.65
CA TYR I 281 -1.40 -6.16 35.38
C TYR I 281 -2.19 -5.46 34.28
N PHE I 282 -2.33 -4.15 34.45
CA PHE I 282 -2.91 -3.26 33.42
C PHE I 282 -2.00 -2.06 33.21
N ARG I 283 -1.75 -1.77 31.95
CA ARG I 283 -1.20 -0.47 31.53
C ARG I 283 -2.21 0.17 30.58
N VAL I 284 -2.68 1.37 30.87
CA VAL I 284 -3.68 2.02 29.99
C VAL I 284 -3.13 3.37 29.56
N THR I 285 -3.21 3.64 28.25
CA THR I 285 -2.74 4.91 27.65
C THR I 285 -3.95 5.78 27.41
N LEU I 286 -3.96 7.00 27.97
CA LEU I 286 -5.12 7.91 27.82
C LEU I 286 -4.68 9.25 27.25
N ARG I 287 -5.57 9.89 26.53
CA ARG I 287 -5.39 11.26 26.01
C ARG I 287 -6.61 12.09 26.40
N LYS I 288 -6.41 13.39 26.61
CA LYS I 288 -7.52 14.34 26.81
C LYS I 288 -8.25 14.53 25.47
N ARG I 289 -9.57 14.36 25.47
CA ARG I 289 -10.42 14.52 24.28
C ARG I 289 -11.48 15.58 24.59
N VAL I 290 -11.68 16.49 23.64
CA VAL I 290 -12.82 17.45 23.64
C VAL I 290 -14.04 16.67 23.13
N VAL I 291 -15.06 16.45 23.98
CA VAL I 291 -16.29 15.67 23.61
C VAL I 291 -17.46 16.65 23.48
N ILE J 36 25.71 -2.36 11.73
CA ILE J 36 25.06 -3.31 12.70
C ILE J 36 26.09 -4.36 13.15
N THR J 37 26.18 -4.62 14.45
CA THR J 37 26.96 -5.75 15.05
C THR J 37 25.99 -6.87 15.43
N GLU J 38 26.36 -8.12 15.14
CA GLU J 38 25.56 -9.32 15.48
C GLU J 38 26.29 -10.10 16.56
N ILE J 39 25.58 -10.50 17.62
CA ILE J 39 26.16 -11.40 18.65
C ILE J 39 25.33 -12.68 18.67
N GLU J 40 26.01 -13.80 18.95
CA GLU J 40 25.37 -15.13 19.12
C GLU J 40 25.80 -15.65 20.49
N ALA J 41 24.86 -16.20 21.24
CA ALA J 41 25.15 -16.69 22.60
C ALA J 41 24.25 -17.88 22.86
N TYR J 42 24.62 -18.71 23.81
CA TYR J 42 23.75 -19.79 24.32
C TYR J 42 23.58 -19.61 25.82
N LEU J 43 22.45 -20.08 26.33
CA LEU J 43 22.23 -20.26 27.78
C LEU J 43 21.87 -21.71 28.01
N ASN J 44 22.70 -22.42 28.78
CA ASN J 44 22.36 -23.79 29.20
C ASN J 44 21.31 -23.73 30.29
N PRO J 45 20.44 -24.75 30.36
CA PRO J 45 19.41 -24.80 31.39
C PRO J 45 20.03 -25.00 32.78
N ARG J 46 19.30 -24.55 33.80
CA ARG J 46 19.70 -24.73 35.22
C ARG J 46 18.55 -25.43 35.94
N MET J 47 18.34 -26.71 35.63
CA MET J 47 17.21 -27.52 36.13
C MET J 47 17.48 -28.06 37.54
N GLY J 48 18.73 -28.04 38.03
CA GLY J 48 19.00 -28.37 39.43
C GLY J 48 20.28 -29.17 39.61
N GLN J 49 20.52 -30.18 38.80
CA GLN J 49 21.75 -31.02 38.91
C GLN J 49 22.95 -30.23 38.40
N PRO J 50 24.13 -30.42 39.01
CA PRO J 50 25.29 -29.62 38.64
C PRO J 50 25.88 -29.91 37.25
N GLN J 51 26.62 -28.92 36.74
CA GLN J 51 27.36 -29.00 35.46
C GLN J 51 28.37 -30.16 35.53
N ASN J 52 28.66 -30.78 34.38
CA ASN J 52 29.81 -31.71 34.23
C ASN J 52 29.58 -32.96 35.09
N GLU J 53 28.33 -33.29 35.40
CA GLU J 53 27.96 -34.52 36.12
C GLU J 53 26.84 -35.21 35.37
N ASP J 54 26.58 -36.48 35.71
CA ASP J 54 25.84 -37.43 34.84
C ASP J 54 24.40 -36.95 34.61
N PHE J 55 23.85 -36.11 35.49
CA PHE J 55 22.43 -35.68 35.39
C PHE J 55 22.33 -34.21 34.98
N TYR J 56 23.37 -33.66 34.39
CA TYR J 56 23.36 -32.26 33.88
C TYR J 56 22.25 -32.13 32.84
N GLY J 57 21.39 -31.11 32.98
CA GLY J 57 20.19 -30.96 32.12
C GLY J 57 18.92 -31.36 32.85
N PHE J 58 19.04 -32.07 33.97
CA PHE J 58 17.90 -32.60 34.75
C PHE J 58 17.89 -31.92 36.13
N SER J 59 16.75 -31.96 36.79
CA SER J 59 16.68 -31.77 38.27
C SER J 59 17.01 -33.11 38.93
N ASP J 60 17.23 -33.07 40.22
CA ASP J 60 17.18 -34.28 41.08
C ASP J 60 15.71 -34.72 41.13
N ASN J 61 15.44 -35.94 41.59
CA ASN J 61 14.07 -36.49 41.70
C ASN J 61 13.25 -35.63 42.65
N VAL J 62 12.05 -35.26 42.21
CA VAL J 62 11.19 -34.30 42.93
C VAL J 62 10.51 -34.96 44.12
N THR J 63 10.63 -34.35 45.30
CA THR J 63 9.88 -34.75 46.50
C THR J 63 8.72 -33.80 46.73
N VAL J 64 7.68 -34.29 47.37
CA VAL J 64 6.40 -33.57 47.56
C VAL J 64 6.09 -33.55 49.04
N SER J 65 5.78 -32.37 49.55
CA SER J 65 5.48 -32.17 50.99
C SER J 65 4.06 -32.67 51.28
N ASP J 66 3.74 -32.85 52.57
CA ASP J 66 2.39 -33.28 53.01
C ASP J 66 1.47 -32.09 53.29
N ASP J 67 2.03 -30.91 53.59
N ASP J 67 2.03 -30.90 53.52
CA ASP J 67 1.28 -29.71 54.00
CA ASP J 67 1.23 -29.71 53.89
C ASP J 67 2.07 -28.47 53.57
C ASP J 67 2.07 -28.45 53.66
N PHE J 68 1.39 -27.35 53.38
CA PHE J 68 2.06 -26.06 53.06
C PHE J 68 2.97 -25.61 54.20
N GLY J 69 2.63 -25.98 55.44
CA GLY J 69 3.41 -25.57 56.62
C GLY J 69 4.66 -26.39 56.82
N SER J 70 4.83 -27.51 56.11
CA SER J 70 6.04 -28.35 56.22
C SER J 70 6.60 -28.57 54.81
N ASP J 71 6.77 -27.49 54.06
CA ASP J 71 7.15 -27.58 52.63
C ASP J 71 8.55 -26.98 52.46
N ALA J 72 9.52 -27.80 52.06
CA ALA J 72 10.91 -27.36 51.87
C ALA J 72 11.49 -28.10 50.68
N PRO J 73 11.44 -27.50 49.47
CA PRO J 73 11.98 -28.18 48.30
C PRO J 73 13.50 -28.21 48.43
N PRO J 74 14.14 -29.39 48.51
CA PRO J 74 15.59 -29.42 48.63
C PRO J 74 16.30 -28.87 47.40
N TRP J 75 17.49 -28.33 47.61
CA TRP J 75 18.36 -27.86 46.51
C TRP J 75 18.55 -28.98 45.49
N LYS J 76 18.50 -28.60 44.21
CA LYS J 76 18.67 -29.44 43.01
C LYS J 76 17.32 -30.01 42.55
N GLN J 77 16.22 -29.86 43.30
CA GLN J 77 14.93 -30.49 42.91
C GLN J 77 14.03 -29.51 42.17
N PHE J 78 14.49 -28.31 41.87
CA PHE J 78 13.65 -27.30 41.16
C PHE J 78 14.52 -26.47 40.25
N PRO J 79 13.95 -26.06 39.11
CA PRO J 79 14.68 -25.23 38.16
C PRO J 79 14.81 -23.77 38.60
N CYS J 80 15.87 -23.15 38.10
CA CYS J 80 16.20 -21.73 38.28
C CYS J 80 16.39 -21.10 36.90
N TYR J 81 16.28 -19.79 36.84
CA TYR J 81 16.55 -19.03 35.60
C TYR J 81 18.03 -19.12 35.21
N SER J 82 18.24 -19.15 33.90
CA SER J 82 19.55 -18.91 33.25
C SER J 82 19.70 -17.44 32.92
N THR J 83 20.89 -16.89 33.08
CA THR J 83 21.14 -15.50 32.65
C THR J 83 22.62 -15.32 32.35
N ALA J 84 22.93 -14.41 31.44
CA ALA J 84 24.31 -13.99 31.14
C ALA J 84 24.31 -12.55 30.66
N ARG J 85 25.41 -11.85 30.95
CA ARG J 85 25.70 -10.52 30.41
C ARG J 85 26.73 -10.70 29.30
N ILE J 86 26.38 -10.28 28.10
CA ILE J 86 27.32 -10.26 26.94
C ILE J 86 28.01 -8.89 26.93
N SER J 87 29.35 -8.88 27.01
CA SER J 87 30.17 -7.66 26.82
C SER J 87 30.09 -7.25 25.35
N LEU J 88 29.67 -6.02 25.09
CA LEU J 88 29.66 -5.46 23.71
C LEU J 88 30.90 -4.60 23.51
N PRO J 89 31.27 -4.29 22.25
CA PRO J 89 32.38 -3.37 21.99
C PRO J 89 32.22 -2.07 22.78
N MET J 90 33.28 -1.63 23.47
CA MET J 90 33.27 -0.39 24.26
C MET J 90 33.00 0.81 23.34
N LEU J 91 32.19 1.77 23.79
CA LEU J 91 31.84 2.97 22.98
C LEU J 91 32.47 4.24 23.59
N THR J 99 26.91 13.94 24.26
CA THR J 99 27.02 12.88 23.22
C THR J 99 27.40 11.54 23.85
N ILE J 100 26.42 10.72 24.22
CA ILE J 100 26.59 9.30 24.64
C ILE J 100 26.20 8.40 23.47
N LEU J 101 27.03 7.42 23.13
CA LEU J 101 26.68 6.33 22.19
C LEU J 101 26.33 5.09 23.02
N MET J 102 25.27 4.40 22.62
CA MET J 102 24.88 3.10 23.23
C MET J 102 24.52 2.13 22.12
N TRP J 103 24.77 0.85 22.37
CA TRP J 103 24.29 -0.26 21.53
C TRP J 103 22.78 -0.38 21.75
N GLU J 104 22.04 -0.45 20.65
CA GLU J 104 20.57 -0.61 20.66
C GLU J 104 20.27 -1.97 20.04
N ALA J 105 19.60 -2.85 20.78
CA ALA J 105 19.17 -4.17 20.27
C ALA J 105 17.93 -3.96 19.41
N ILE J 106 18.02 -4.16 18.10
CA ILE J 106 16.90 -3.84 17.18
C ILE J 106 16.10 -5.10 16.86
N SER J 107 16.72 -6.27 16.89
CA SER J 107 16.00 -7.51 16.55
C SER J 107 16.78 -8.71 17.12
N CYS J 108 16.14 -9.86 17.12
CA CYS J 108 16.79 -11.09 17.56
C CYS J 108 16.20 -12.27 16.79
N ARG J 109 16.92 -13.37 16.87
CA ARG J 109 16.37 -14.72 16.66
C ARG J 109 16.68 -15.51 17.91
N THR J 110 15.79 -16.41 18.28
CA THR J 110 16.05 -17.32 19.42
C THR J 110 15.48 -18.68 19.05
N GLU J 111 16.18 -19.73 19.43
CA GLU J 111 15.79 -21.13 19.16
C GLU J 111 16.04 -21.93 20.43
N VAL J 112 15.17 -22.86 20.72
CA VAL J 112 15.44 -23.93 21.69
C VAL J 112 16.28 -24.99 20.94
N MET J 113 17.44 -25.33 21.49
CA MET J 113 18.32 -26.35 20.85
C MET J 113 18.13 -27.72 21.51
N GLY J 114 18.47 -28.78 20.78
CA GLY J 114 18.44 -30.14 21.34
C GLY J 114 17.06 -30.77 21.32
N VAL J 115 16.08 -30.15 20.66
CA VAL J 115 14.72 -30.78 20.57
C VAL J 115 14.85 -32.23 20.05
N ASN J 116 15.80 -32.46 19.14
CA ASN J 116 16.08 -33.80 18.57
C ASN J 116 16.20 -34.85 19.68
N MET J 117 16.71 -34.51 20.87
CA MET J 117 17.03 -35.54 21.89
C MET J 117 15.76 -36.17 22.43
N LEU J 118 14.61 -35.48 22.29
CA LEU J 118 13.33 -35.96 22.86
C LEU J 118 12.77 -37.12 22.03
N THR J 119 13.43 -37.54 20.96
CA THR J 119 13.04 -38.75 20.22
C THR J 119 13.64 -40.03 20.85
N ASN J 120 14.39 -39.87 21.94
CA ASN J 120 14.94 -40.99 22.74
C ASN J 120 13.84 -41.57 23.63
N VAL J 121 13.42 -42.80 23.34
CA VAL J 121 12.46 -43.52 24.20
C VAL J 121 13.09 -44.85 24.70
N HIS J 122 14.42 -44.91 24.79
CA HIS J 122 15.14 -46.13 25.28
C HIS J 122 15.87 -45.90 26.62
N SER J 123 16.20 -44.65 26.99
CA SER J 123 17.10 -44.37 28.15
C SER J 123 16.36 -44.42 29.49
N ALA J 124 16.31 -45.61 30.13
CA ALA J 124 15.87 -45.84 31.54
C ALA J 124 14.57 -45.11 31.87
N GLN J 125 13.56 -45.22 31.01
CA GLN J 125 12.26 -44.52 31.16
C GLN J 125 11.21 -45.54 31.60
N LYS J 126 10.29 -45.16 32.48
CA LYS J 126 9.02 -45.89 32.66
C LYS J 126 8.46 -46.20 31.26
N ARG J 127 8.01 -47.44 31.04
CA ARG J 127 7.55 -47.89 29.71
C ARG J 127 6.04 -47.67 29.60
N VAL J 128 5.55 -47.65 28.36
CA VAL J 128 4.10 -47.44 28.08
C VAL J 128 3.31 -48.53 28.79
N TYR J 129 3.83 -49.76 28.77
CA TYR J 129 3.20 -50.97 29.35
C TYR J 129 4.16 -51.49 30.43
N GLU J 130 4.43 -50.64 31.43
CA GLU J 130 5.50 -50.90 32.43
C GLU J 130 5.16 -52.19 33.19
N ASN J 131 3.88 -52.42 33.48
CA ASN J 131 3.35 -53.64 34.15
C ASN J 131 3.78 -54.88 33.36
N ASP J 132 3.79 -54.80 32.02
CA ASP J 132 4.10 -55.92 31.11
C ASP J 132 5.59 -55.86 30.72
N ARG J 133 6.36 -54.92 31.29
CA ARG J 133 7.77 -54.65 30.91
C ARG J 133 7.88 -54.54 29.38
N GLU J 134 6.93 -53.85 28.74
CA GLU J 134 6.93 -53.76 27.26
C GLU J 134 6.60 -52.34 26.81
N GLY J 135 6.95 -52.04 25.56
CA GLY J 135 6.67 -50.78 24.90
C GLY J 135 7.89 -49.86 24.93
N THR J 136 7.76 -48.70 24.31
CA THR J 136 8.79 -47.64 24.39
C THR J 136 8.82 -47.08 25.81
N GLY J 137 9.86 -46.33 26.12
CA GLY J 137 9.80 -45.36 27.23
C GLY J 137 8.67 -44.38 26.96
N ILE J 138 8.13 -43.77 28.00
CA ILE J 138 7.06 -42.74 27.82
C ILE J 138 7.69 -41.42 27.35
N GLY J 139 9.01 -41.28 27.41
CA GLY J 139 9.69 -40.06 26.99
C GLY J 139 9.40 -38.92 27.95
N VAL J 140 9.78 -37.72 27.57
CA VAL J 140 9.53 -36.51 28.39
C VAL J 140 8.08 -36.07 28.19
N GLU J 141 7.36 -35.82 29.29
CA GLU J 141 5.95 -35.38 29.20
C GLU J 141 5.73 -34.37 30.31
N GLY J 142 4.69 -33.58 30.18
CA GLY J 142 4.25 -32.66 31.23
C GLY J 142 4.55 -31.22 30.87
N MET J 143 4.76 -30.41 31.90
CA MET J 143 4.66 -28.94 31.74
C MET J 143 5.79 -28.43 30.84
N GLY J 144 5.46 -27.42 30.05
CA GLY J 144 6.41 -26.63 29.28
C GLY J 144 6.42 -25.22 29.81
N TYR J 145 7.57 -24.70 30.21
CA TYR J 145 7.69 -23.29 30.64
C TYR J 145 8.87 -22.75 29.85
N HIS J 146 8.58 -21.88 28.91
CA HIS J 146 9.57 -21.32 27.96
C HIS J 146 9.46 -19.80 28.00
N MET J 147 10.50 -19.16 28.48
N MET J 147 10.51 -19.19 28.53
CA MET J 147 10.52 -17.68 28.52
CA MET J 147 10.65 -17.72 28.66
C MET J 147 11.94 -17.21 28.22
C MET J 147 11.98 -17.31 28.06
N PHE J 148 12.05 -16.13 27.46
CA PHE J 148 13.35 -15.49 27.20
C PHE J 148 13.16 -13.99 27.35
N ALA J 149 14.25 -13.32 27.74
CA ALA J 149 14.29 -11.87 27.85
C ALA J 149 15.60 -11.36 27.29
N ILE J 150 15.50 -10.24 26.59
CA ILE J 150 16.65 -9.52 25.99
C ILE J 150 16.57 -8.08 26.44
N GLY J 151 17.60 -7.60 27.15
CA GLY J 151 17.54 -6.23 27.65
C GLY J 151 18.91 -5.57 27.76
N GLY J 152 18.86 -4.28 28.10
CA GLY J 152 20.03 -3.42 28.25
C GLY J 152 20.43 -3.30 29.69
N GLU J 153 19.79 -4.07 30.56
CA GLU J 153 20.09 -4.14 32.01
C GLU J 153 19.50 -5.44 32.54
N PRO J 154 19.81 -5.85 33.78
CA PRO J 154 19.24 -7.08 34.33
C PRO J 154 17.70 -7.07 34.28
N LEU J 155 17.15 -8.25 34.01
CA LEU J 155 15.70 -8.50 34.03
C LEU J 155 15.17 -8.15 35.42
N GLU J 156 14.13 -7.32 35.47
CA GLU J 156 13.48 -6.92 36.73
C GLU J 156 12.41 -7.95 37.07
N LEU J 157 12.40 -8.40 38.33
CA LEU J 157 11.57 -9.55 38.75
C LEU J 157 10.52 -9.12 39.77
N GLN J 158 9.40 -9.82 39.71
CA GLN J 158 8.35 -9.78 40.73
C GLN J 158 8.41 -11.13 41.44
N PHE J 159 8.53 -11.11 42.75
CA PHE J 159 8.49 -12.35 43.57
C PHE J 159 7.05 -12.83 43.68
N MET J 160 6.80 -14.10 43.42
CA MET J 160 5.43 -14.65 43.58
C MET J 160 5.50 -16.17 43.62
N VAL J 161 4.86 -16.75 44.63
CA VAL J 161 5.01 -18.19 44.95
C VAL J 161 3.63 -18.79 45.14
N PHE J 162 3.54 -20.08 44.89
CA PHE J 162 2.30 -20.87 45.07
C PHE J 162 1.96 -20.95 46.55
N ASN J 163 2.97 -21.18 47.39
CA ASN J 163 2.80 -21.38 48.85
C ASN J 163 3.84 -20.52 49.57
N HIS J 164 3.42 -19.48 50.25
CA HIS J 164 4.36 -18.52 50.88
C HIS J 164 5.18 -19.20 51.98
N ARG J 165 4.66 -20.27 52.55
CA ARG J 165 5.34 -20.92 53.70
C ARG J 165 6.44 -21.87 53.24
N ALA J 166 6.62 -22.05 51.92
CA ALA J 166 7.73 -22.89 51.42
C ALA J 166 9.04 -22.32 51.94
N THR J 167 9.95 -23.19 52.40
CA THR J 167 11.30 -22.80 52.82
C THR J 167 12.27 -23.25 51.73
N TYR J 168 12.81 -22.30 51.00
CA TYR J 168 13.76 -22.53 49.91
C TYR J 168 15.13 -22.76 50.54
N PRO J 169 16.00 -23.52 49.85
CA PRO J 169 17.31 -23.82 50.41
C PRO J 169 18.24 -22.62 50.31
N ALA J 170 19.34 -22.67 51.07
CA ALA J 170 20.27 -21.55 51.25
C ALA J 170 20.94 -21.18 49.93
N GLU J 171 21.05 -22.15 49.01
CA GLU J 171 21.74 -21.98 47.70
C GLU J 171 20.92 -21.08 46.79
N ALA J 172 19.61 -21.01 47.03
CA ALA J 172 18.67 -20.29 46.16
C ALA J 172 18.58 -18.82 46.59
N THR J 173 18.33 -17.91 45.65
CA THR J 173 18.04 -16.49 45.94
C THR J 173 16.52 -16.31 45.93
N VAL J 174 15.95 -16.00 47.10
CA VAL J 174 14.50 -15.75 47.27
C VAL J 174 14.31 -14.62 48.27
N ILE J 175 13.09 -14.13 48.38
CA ILE J 175 12.65 -13.31 49.53
C ILE J 175 12.21 -14.29 50.62
N LYS J 176 12.95 -14.35 51.72
CA LYS J 176 12.63 -15.30 52.82
C LYS J 176 11.48 -14.75 53.67
N ASN J 177 10.70 -15.66 54.27
CA ASN J 177 9.45 -15.34 55.01
C ASN J 177 8.70 -14.21 54.30
N PRO J 178 8.32 -14.41 53.02
CA PRO J 178 7.75 -13.35 52.20
C PRO J 178 6.32 -12.93 52.58
N GLY J 179 5.61 -13.79 53.31
CA GLY J 179 4.27 -13.47 53.82
C GLY J 179 3.18 -13.87 52.85
N ALA J 180 1.95 -13.94 53.34
CA ALA J 180 0.80 -14.46 52.57
C ALA J 180 0.58 -13.65 51.29
N SER J 181 0.84 -12.35 51.31
CA SER J 181 0.65 -11.44 50.15
C SER J 181 1.47 -11.93 48.95
N SER J 182 2.55 -12.69 49.16
CA SER J 182 3.47 -13.17 48.10
C SER J 182 2.79 -14.25 47.25
N GLN J 183 1.64 -14.76 47.67
CA GLN J 183 0.87 -15.76 46.88
C GLN J 183 0.16 -15.06 45.72
N VAL J 184 0.03 -13.74 45.78
CA VAL J 184 -0.53 -12.92 44.67
C VAL J 184 0.39 -11.71 44.52
N PHE J 185 -0.07 -10.59 44.02
CA PHE J 185 0.82 -9.44 43.75
C PHE J 185 0.99 -8.61 45.02
N ASP J 186 2.24 -8.37 45.41
CA ASP J 186 2.63 -7.46 46.52
C ASP J 186 3.68 -6.52 45.96
N PRO J 187 3.38 -5.22 45.83
CA PRO J 187 4.32 -4.29 45.20
C PRO J 187 5.65 -4.16 45.94
N ASN J 188 5.75 -4.67 47.17
CA ASN J 188 7.02 -4.57 47.94
C ASN J 188 8.02 -5.65 47.53
N LEU J 189 7.60 -6.70 46.82
CA LEU J 189 8.41 -7.94 46.68
C LEU J 189 9.06 -7.97 45.29
N LYS J 190 10.16 -7.24 45.16
CA LYS J 190 10.87 -7.06 43.87
C LYS J 190 12.25 -7.69 43.94
N GLY J 191 12.82 -7.95 42.78
CA GLY J 191 14.23 -8.37 42.64
C GLY J 191 14.71 -8.07 41.25
N THR J 192 15.97 -8.38 41.00
CA THR J 192 16.56 -8.31 39.65
C THR J 192 17.37 -9.57 39.43
N LEU J 193 17.37 -10.07 38.19
CA LEU J 193 18.01 -11.37 37.88
C LEU J 193 19.51 -11.11 37.69
N THR J 194 20.26 -11.18 38.79
CA THR J 194 21.68 -10.78 38.85
C THR J 194 22.62 -12.00 38.92
N ALA J 195 22.12 -13.23 38.93
CA ALA J 195 22.98 -14.42 39.00
C ALA J 195 22.30 -15.58 38.28
N ASP J 196 23.11 -16.39 37.64
CA ASP J 196 22.69 -17.59 36.87
C ASP J 196 22.43 -18.77 37.84
N GLY J 197 21.37 -19.54 37.57
CA GLY J 197 21.09 -20.83 38.22
C GLY J 197 20.79 -20.78 39.70
N VAL J 198 20.30 -19.66 40.25
CA VAL J 198 19.96 -19.58 41.70
C VAL J 198 18.61 -18.91 41.99
N PHE J 199 17.98 -18.24 41.01
CA PHE J 199 16.63 -17.67 41.20
C PHE J 199 15.60 -18.72 40.80
N PRO J 200 14.81 -19.32 41.73
CA PRO J 200 13.88 -20.38 41.38
C PRO J 200 12.84 -19.85 40.39
N VAL J 201 12.57 -20.63 39.36
CA VAL J 201 11.51 -20.27 38.40
C VAL J 201 10.21 -20.11 39.18
N GLU J 202 9.93 -21.02 40.13
CA GLU J 202 8.62 -21.03 40.81
C GLU J 202 8.47 -19.87 41.80
N ALA J 203 9.49 -19.03 41.99
CA ALA J 203 9.39 -17.92 42.95
C ALA J 203 9.50 -16.54 42.30
N TRP J 204 9.96 -16.46 41.05
CA TRP J 204 10.22 -15.18 40.37
C TRP J 204 9.64 -15.22 38.96
N GLY J 205 9.11 -14.09 38.55
CA GLY J 205 8.69 -13.90 37.16
C GLY J 205 8.98 -12.46 36.75
N PRO J 206 8.90 -12.14 35.44
CA PRO J 206 9.18 -10.79 34.98
C PRO J 206 8.18 -9.82 35.58
N ASP J 207 8.68 -8.64 35.94
CA ASP J 207 7.89 -7.57 36.58
C ASP J 207 7.32 -6.65 35.50
N PRO J 208 6.01 -6.68 35.20
CA PRO J 208 5.47 -5.83 34.14
C PRO J 208 5.39 -4.35 34.51
N PHE J 209 5.59 -4.01 35.78
CA PHE J 209 5.65 -2.60 36.23
C PHE J 209 7.00 -1.97 35.90
N LYS J 210 8.00 -2.77 35.56
CA LYS J 210 9.36 -2.27 35.22
C LYS J 210 9.71 -2.81 33.83
N ASN J 211 10.97 -3.14 33.62
CA ASN J 211 11.43 -3.71 32.33
C ASN J 211 11.12 -2.79 31.14
N GLU J 212 11.29 -1.48 31.31
CA GLU J 212 11.14 -0.52 30.18
C GLU J 212 12.26 -0.73 29.18
N ASN J 213 13.37 -1.34 29.61
CA ASN J 213 14.56 -1.51 28.76
C ASN J 213 14.86 -2.98 28.49
N THR J 214 13.86 -3.84 28.65
CA THR J 214 13.96 -5.30 28.39
C THR J 214 12.71 -5.74 27.65
N ARG J 215 12.83 -6.64 26.70
CA ARG J 215 11.66 -7.30 26.10
C ARG J 215 11.64 -8.73 26.62
N TYR J 216 10.50 -9.20 27.14
CA TYR J 216 10.39 -10.60 27.60
C TYR J 216 9.16 -11.24 26.99
N PHE J 217 9.24 -12.55 26.87
CA PHE J 217 8.25 -13.41 26.20
C PHE J 217 8.18 -14.74 26.95
N GLY J 218 6.98 -15.20 27.27
CA GLY J 218 6.83 -16.46 28.00
C GLY J 218 5.61 -17.22 27.57
N GLN J 219 5.72 -18.52 27.63
CA GLN J 219 4.59 -19.46 27.39
C GLN J 219 4.67 -20.54 28.43
N TYR J 220 3.52 -20.90 29.00
CA TYR J 220 3.39 -22.00 29.98
C TYR J 220 2.24 -22.91 29.53
N THR J 221 2.54 -24.18 29.45
CA THR J 221 1.49 -25.23 29.43
C THR J 221 1.76 -26.15 30.60
N GLY J 222 0.75 -26.34 31.44
CA GLY J 222 0.91 -27.14 32.67
C GLY J 222 0.69 -28.63 32.46
N GLY J 223 0.45 -29.33 33.57
CA GLY J 223 0.24 -30.78 33.60
C GLY J 223 1.53 -31.57 33.77
N THR J 224 1.37 -32.88 33.89
CA THR J 224 2.47 -33.84 34.18
C THR J 224 2.55 -34.94 33.12
N GLN J 225 1.48 -35.15 32.36
CA GLN J 225 1.48 -36.13 31.24
C GLN J 225 1.19 -35.41 29.92
N THR J 226 1.17 -34.09 29.91
CA THR J 226 0.93 -33.26 28.71
C THR J 226 1.95 -33.54 27.62
N PRO J 227 1.54 -33.72 26.35
CA PRO J 227 2.47 -33.79 25.24
C PRO J 227 3.30 -32.52 25.12
N PRO J 228 4.65 -32.62 25.10
CA PRO J 228 5.49 -31.48 24.76
C PRO J 228 5.34 -31.09 23.28
N VAL J 229 5.30 -29.79 23.05
CA VAL J 229 5.22 -29.22 21.68
C VAL J 229 6.34 -28.20 21.54
N LEU J 230 7.27 -28.44 20.62
CA LEU J 230 8.40 -27.52 20.40
C LEU J 230 8.59 -27.32 18.90
N THR J 231 9.01 -26.14 18.49
CA THR J 231 9.34 -25.85 17.09
C THR J 231 10.74 -25.28 17.06
N PHE J 232 11.39 -25.38 15.91
CA PHE J 232 12.75 -24.83 15.75
C PHE J 232 12.95 -24.51 14.28
N THR J 233 13.48 -23.33 14.02
CA THR J 233 13.79 -22.87 12.65
C THR J 233 14.81 -21.76 12.79
N ASN J 234 15.63 -21.58 11.76
CA ASN J 234 16.61 -20.48 11.69
C ASN J 234 16.04 -19.31 10.88
N THR J 235 14.73 -19.29 10.62
CA THR J 235 14.13 -18.33 9.66
C THR J 235 13.26 -17.27 10.34
N GLN J 236 13.15 -17.24 11.67
CA GLN J 236 12.18 -16.36 12.36
C GLN J 236 12.91 -15.25 13.12
N THR J 237 12.53 -14.00 12.87
CA THR J 237 13.11 -12.79 13.51
C THR J 237 12.05 -12.13 14.37
N THR J 238 12.43 -11.74 15.58
CA THR J 238 11.61 -10.93 16.50
C THR J 238 12.17 -9.51 16.53
N ILE J 239 11.36 -8.53 16.15
CA ILE J 239 11.75 -7.09 16.24
C ILE J 239 11.66 -6.68 17.72
N LEU J 240 12.65 -5.94 18.21
CA LEU J 240 12.74 -5.56 19.65
C LEU J 240 12.44 -4.07 19.85
N LEU J 241 12.15 -3.35 18.77
CA LEU J 241 11.78 -1.91 18.84
C LEU J 241 10.45 -1.80 19.59
N ASP J 242 10.33 -0.81 20.47
CA ASP J 242 9.06 -0.49 21.18
C ASP J 242 8.18 0.34 20.23
N GLU J 243 7.06 0.86 20.76
CA GLU J 243 6.05 1.64 19.99
C GLU J 243 6.69 2.92 19.46
N ASN J 244 7.81 3.36 20.05
CA ASN J 244 8.54 4.61 19.69
C ASN J 244 9.67 4.31 18.69
N GLY J 245 9.86 3.06 18.28
CA GLY J 245 10.92 2.66 17.33
C GLY J 245 12.28 2.58 18.02
N VAL J 246 12.29 2.38 19.33
CA VAL J 246 13.56 2.27 20.10
C VAL J 246 13.68 0.86 20.68
N GLY J 247 14.81 0.22 20.45
CA GLY J 247 15.11 -1.09 21.06
C GLY J 247 15.74 -0.92 22.43
N PRO J 248 15.97 -2.03 23.17
CA PRO J 248 16.75 -1.97 24.40
C PRO J 248 18.11 -1.28 24.20
N LEU J 249 18.46 -0.40 25.12
CA LEU J 249 19.73 0.35 25.08
C LEU J 249 20.65 -0.24 26.17
N CYS J 250 21.84 -0.68 25.75
CA CYS J 250 22.74 -1.51 26.59
C CYS J 250 23.56 -0.62 27.50
N LYS J 251 23.15 -0.51 28.76
CA LYS J 251 23.85 0.32 29.77
C LYS J 251 25.18 -0.33 30.12
N GLY J 252 26.26 0.46 30.10
CA GLY J 252 27.61 -0.05 30.38
C GLY J 252 28.07 -1.04 29.32
N ASP J 253 27.49 -0.99 28.10
CA ASP J 253 27.85 -1.88 26.96
C ASP J 253 27.64 -3.36 27.34
N GLY J 254 26.60 -3.62 28.14
CA GLY J 254 26.19 -5.00 28.47
C GLY J 254 24.84 -5.34 27.82
N LEU J 255 24.79 -6.49 27.16
CA LEU J 255 23.54 -7.09 26.64
C LEU J 255 23.12 -8.20 27.60
N PHE J 256 21.91 -8.13 28.15
CA PHE J 256 21.45 -9.09 29.18
C PHE J 256 20.49 -10.09 28.54
N LEU J 257 20.83 -11.37 28.63
CA LEU J 257 20.02 -12.51 28.12
C LEU J 257 19.55 -13.34 29.30
N SER J 258 18.27 -13.71 29.30
CA SER J 258 17.72 -14.54 30.38
C SER J 258 16.76 -15.55 29.77
N CYS J 259 16.61 -16.70 30.40
CA CYS J 259 15.61 -17.68 29.93
C CYS J 259 15.30 -18.74 30.98
N ALA J 260 14.24 -19.48 30.72
CA ALA J 260 13.97 -20.78 31.34
C ALA J 260 13.28 -21.62 30.29
N ASP J 261 13.72 -22.86 30.13
CA ASP J 261 13.19 -23.79 29.10
C ASP J 261 13.00 -25.16 29.72
N ILE J 262 11.98 -25.26 30.56
CA ILE J 262 11.51 -26.56 31.12
C ILE J 262 10.74 -27.23 29.99
N VAL J 263 11.19 -28.42 29.59
CA VAL J 263 10.48 -29.14 28.49
CA VAL J 263 10.56 -29.20 28.49
C VAL J 263 9.51 -30.16 29.07
N GLY J 264 9.72 -30.61 30.30
CA GLY J 264 8.77 -31.52 30.96
C GLY J 264 9.51 -32.39 31.95
N PHE J 265 8.95 -33.56 32.23
CA PHE J 265 9.50 -34.47 33.26
C PHE J 265 10.02 -35.74 32.61
N PHE J 266 11.13 -36.20 33.15
CA PHE J 266 11.69 -37.55 32.95
C PHE J 266 11.13 -38.47 34.04
N THR J 267 10.54 -39.62 33.65
CA THR J 267 9.98 -40.60 34.60
C THR J 267 10.80 -41.89 34.56
N GLN J 268 11.44 -42.23 35.67
CA GLN J 268 12.20 -43.50 35.82
C GLN J 268 11.23 -44.69 35.95
N HIS J 269 11.73 -45.90 35.76
CA HIS J 269 10.96 -47.16 35.96
C HIS J 269 10.27 -47.17 37.32
N ASN J 270 10.94 -46.64 38.34
CA ASN J 270 10.41 -46.61 39.73
C ASN J 270 9.47 -45.42 39.94
N LYS J 271 9.14 -44.68 38.89
CA LYS J 271 8.11 -43.61 38.86
C LYS J 271 8.64 -42.32 39.51
N LYS J 272 9.90 -42.28 39.89
CA LYS J 272 10.54 -41.00 40.31
C LYS J 272 10.65 -40.09 39.09
N MET J 273 10.36 -38.81 39.31
CA MET J 273 10.22 -37.80 38.24
C MET J 273 11.18 -36.65 38.49
N SER J 274 11.74 -36.12 37.40
CA SER J 274 12.70 -35.00 37.46
C SER J 274 12.41 -34.05 36.31
N PHE J 275 12.69 -32.76 36.47
CA PHE J 275 12.62 -31.77 35.38
C PHE J 275 13.70 -32.06 34.33
N ARG J 276 13.37 -31.87 33.06
CA ARG J 276 14.37 -31.84 31.97
C ARG J 276 14.26 -30.50 31.26
N GLY J 277 15.42 -29.87 31.03
CA GLY J 277 15.55 -28.58 30.34
C GLY J 277 16.39 -28.70 29.10
N LEU J 278 16.27 -27.71 28.22
CA LEU J 278 17.07 -27.60 26.98
C LEU J 278 17.72 -26.23 26.93
N PRO J 279 18.88 -26.15 26.25
CA PRO J 279 19.56 -24.88 26.08
C PRO J 279 18.86 -24.01 25.03
N ARG J 280 19.15 -22.73 25.09
CA ARG J 280 18.57 -21.73 24.17
C ARG J 280 19.67 -20.93 23.48
N TYR J 281 19.49 -20.80 22.17
CA TYR J 281 20.30 -19.98 21.25
C TYR J 281 19.71 -18.59 21.18
N PHE J 282 20.60 -17.59 21.16
CA PHE J 282 20.28 -16.18 20.90
C PHE J 282 21.15 -15.62 19.79
N ARG J 283 20.51 -14.93 18.86
CA ARG J 283 21.19 -14.05 17.89
C ARG J 283 20.60 -12.66 18.10
N VAL J 284 21.43 -11.67 18.39
CA VAL J 284 20.91 -10.31 18.64
C VAL J 284 21.63 -9.37 17.69
N THR J 285 20.85 -8.57 16.97
CA THR J 285 21.40 -7.55 16.04
C THR J 285 21.35 -6.20 16.74
N LEU J 286 22.48 -5.50 16.80
CA LEU J 286 22.55 -4.20 17.50
C LEU J 286 23.10 -3.14 16.55
N ARG J 287 22.71 -1.90 16.80
CA ARG J 287 23.26 -0.74 16.06
C ARG J 287 23.73 0.28 17.09
N LYS J 288 24.70 1.09 16.72
CA LYS J 288 25.13 2.24 17.55
C LYS J 288 24.07 3.34 17.43
N ARG J 289 23.65 3.89 18.57
CA ARG J 289 22.64 4.96 18.64
C ARG J 289 23.20 6.12 19.46
N VAL J 290 23.03 7.34 18.96
CA VAL J 290 23.35 8.60 19.70
C VAL J 290 22.25 8.79 20.74
N VAL J 291 22.64 8.87 22.02
CA VAL J 291 21.74 9.06 23.18
C VAL J 291 22.31 10.20 24.03
C1 GAL K . -9.56 35.82 -59.20
C2 GAL K . -8.73 37.03 -59.66
C3 GAL K . -7.23 36.71 -59.79
C4 GAL K . -6.74 35.89 -58.60
C5 GAL K . -7.75 34.79 -58.27
C6 GAL K . -7.30 33.90 -57.12
O1 GAL K . -10.96 36.14 -59.08
O2 GAL K . -9.21 37.39 -60.95
O3 GAL K . -6.45 37.92 -59.87
O4 GAL K . -6.51 36.76 -57.50
O5 GAL K . -9.02 35.36 -57.95
O6 GAL K . -8.38 33.00 -56.76
C1 SIA K . -6.88 31.63 -55.67
C2 SIA K . -8.20 32.34 -55.59
C3 SIA K . -9.34 31.36 -55.33
C4 SIA K . -9.37 30.86 -53.89
C5 SIA K . -9.31 32.01 -52.89
C6 SIA K . -8.15 32.96 -53.22
C7 SIA K . -8.18 34.24 -52.40
C8 SIA K . -7.08 35.20 -52.84
C9 SIA K . -7.18 36.52 -52.09
C10 SIA K . -10.08 31.43 -50.61
C11 SIA K . -9.54 30.77 -49.34
N5 SIA K . -9.14 31.49 -51.54
O1A SIA K . -6.83 30.61 -56.35
O1B SIA K . -5.88 32.11 -55.11
O4 SIA K . -10.57 30.10 -53.72
O6 SIA K . -8.21 33.36 -54.59
O7 SIA K . -9.44 34.90 -52.60
O8 SIA K . -5.82 34.54 -52.68
O9 SIA K . -6.09 37.38 -52.44
O10 SIA K . -11.26 31.81 -50.70
C1 GAL L . 20.80 -59.11 29.38
C2 GAL L . 20.05 -60.34 29.90
C3 GAL L . 19.71 -61.30 28.76
C4 GAL L . 19.06 -60.59 27.57
C5 GAL L . 19.84 -59.32 27.22
C6 GAL L . 19.16 -58.49 26.14
O1 GAL L . 21.12 -58.16 30.42
O2 GAL L . 20.84 -61.01 30.89
O3 GAL L . 18.82 -62.32 29.21
O4 GAL L . 17.69 -60.27 27.87
O5 GAL L . 20.00 -58.50 28.37
O6 GAL L . 20.02 -57.36 25.84
C1 SIA L . 18.68 -56.59 24.00
C2 SIA L . 19.47 -56.29 25.25
C3 SIA L . 20.67 -55.40 24.95
C4 SIA L . 20.22 -53.99 24.61
C5 SIA L . 19.36 -53.38 25.75
C6 SIA L . 18.21 -54.36 26.06
C7 SIA L . 17.39 -54.00 27.31
C8 SIA L . 16.36 -55.10 27.62
C9 SIA L . 15.42 -54.71 28.77
C10 SIA L . 19.16 -50.92 25.81
C11 SIA L . 18.42 -49.73 25.22
N5 SIA L . 18.80 -52.10 25.31
O1A SIA L . 17.42 -56.54 24.05
O1B SIA L . 19.30 -56.89 22.98
O4 SIA L . 21.41 -53.24 24.34
O6 SIA L . 18.64 -55.71 26.25
O7 SIA L . 18.26 -53.87 28.43
O8 SIA L . 15.64 -55.48 26.44
O9 SIA L . 14.57 -55.82 29.12
O10 SIA L . 20.00 -50.76 26.68
C1 NAG M . -5.37 -66.82 9.56
C2 NAG M . -6.63 -66.31 8.84
C3 NAG M . -7.75 -66.30 9.86
C4 NAG M . -7.90 -67.69 10.51
C5 NAG M . -6.56 -68.25 10.99
C6 NAG M . -6.68 -69.69 11.49
C7 NAG M . -6.33 -64.79 6.93
C8 NAG M . -6.19 -63.37 6.49
N2 NAG M . -6.46 -64.99 8.25
O1 NAG M . -4.23 -66.72 8.72
O3 NAG M . -8.96 -65.86 9.23
O4 NAG M . -8.74 -67.61 11.67
O5 NAG M . -5.61 -68.19 9.93
O6 NAG M . -5.36 -70.23 11.58
O7 NAG M . -6.32 -65.71 6.12
C1 GAL M . -10.13 -67.82 11.37
C2 GAL M . -10.77 -68.38 12.63
C3 GAL M . -12.29 -68.47 12.48
C4 GAL M . -12.85 -67.12 12.05
C5 GAL M . -12.16 -66.61 10.80
C6 GAL M . -12.60 -65.17 10.48
O2 GAL M . -10.21 -69.67 12.88
O3 GAL M . -12.85 -68.79 13.78
O4 GAL M . -12.60 -66.19 13.13
O5 GAL M . -10.75 -66.58 11.02
O6 GAL M . -11.70 -64.61 9.51
C1 SIA M . -12.83 -62.48 9.59
C2 SIA M . -11.56 -63.27 9.36
C3 SIA M . -10.89 -63.02 7.99
C4 SIA M . -10.28 -61.62 7.84
C5 SIA M . -9.43 -61.27 9.07
C6 SIA M . -10.16 -61.60 10.38
C7 SIA M . -9.30 -61.40 11.63
C8 SIA M . -10.13 -61.87 12.81
C9 SIA M . -9.36 -61.59 14.09
C10 SIA M . -7.93 -59.37 8.73
C11 SIA M . -7.84 -57.88 8.74
N5 SIA M . -9.13 -59.84 9.09
O1A SIA M . -13.12 -62.01 10.72
O1B SIA M . -13.58 -62.38 8.60
O4 SIA M . -9.49 -61.58 6.63
O6 SIA M . -10.65 -62.95 10.41
O7 SIA M . -8.10 -62.15 11.56
O8 SIA M . -11.40 -61.21 12.80
O9 SIA M . -10.08 -62.25 15.14
O10 SIA M . -6.96 -60.05 8.37
C1 GAL N . 11.34 -36.92 57.65
C2 GAL N . 11.28 -38.41 57.95
C3 GAL N . 12.51 -39.12 57.38
C4 GAL N . 12.71 -38.78 55.90
C5 GAL N . 12.67 -37.26 55.74
C6 GAL N . 12.85 -36.87 54.28
O1 GAL N . 10.19 -36.23 58.16
O2 GAL N . 11.19 -38.60 59.38
O3 GAL N . 12.39 -40.54 57.50
O4 GAL N . 11.71 -39.40 55.06
O5 GAL N . 11.41 -36.76 56.23
O6 GAL N . 12.92 -35.44 54.22
C1 SIA N . 13.59 -35.32 52.00
C2 SIA N . 12.61 -34.84 53.04
C3 SIA N . 12.76 -33.36 53.30
C4 SIA N . 12.22 -32.60 52.11
C5 SIA N . 10.78 -32.99 51.86
C6 SIA N . 10.65 -34.50 51.67
C7 SIA N . 9.21 -34.96 51.63
C8 SIA N . 9.16 -36.48 51.47
C9 SIA N . 7.73 -37.01 51.48
C10 SIA N . 9.51 -31.26 50.64
C11 SIA N . 9.16 -30.75 49.26
N5 SIA N . 10.28 -32.33 50.65
O1A SIA N . 13.22 -36.07 51.07
O1B SIA N . 14.78 -35.00 52.13
O4 SIA N . 12.35 -31.23 52.54
O6 SIA N . 11.26 -35.19 52.77
O7 SIA N . 8.54 -34.63 52.86
O8 SIA N . 9.83 -36.88 50.28
O9 SIA N . 7.72 -38.44 51.43
O10 SIA N . 9.08 -30.71 51.62
C1 GOL O . 33.12 43.44 -22.59
O1 GOL O . 33.72 42.23 -22.15
C2 GOL O . 34.19 44.48 -22.89
O2 GOL O . 35.21 43.92 -23.72
C3 GOL O . 33.61 45.71 -23.55
O3 GOL O . 34.47 46.84 -23.39
C1 GOL P . 25.20 33.03 6.86
O1 GOL P . 23.88 33.34 7.32
C2 GOL P . 26.07 34.26 6.81
O2 GOL P . 26.95 34.27 7.93
C3 GOL P . 26.89 34.36 5.54
O3 GOL P . 26.14 34.96 4.49
C1 EDO Q . 27.91 10.91 1.45
O1 EDO Q . 29.19 11.52 1.57
C2 EDO Q . 26.94 11.73 0.66
O2 EDO Q . 26.08 10.98 -0.19
MG MG R . 13.36 30.15 12.12
MG MG S . 31.75 10.79 -9.80
C1 SIA T . 4.63 63.70 -9.72
C2 SIA T . 6.08 64.04 -9.42
C3 SIA T . 6.41 63.62 -7.99
C4 SIA T . 6.62 62.10 -7.88
C5 SIA T . 7.52 61.54 -9.01
C6 SIA T . 7.09 62.05 -10.39
C7 SIA T . 8.01 61.65 -11.53
C8 SIA T . 7.57 62.26 -12.86
C9 SIA T . 8.46 61.71 -13.97
C10 SIA T . 8.42 59.33 -8.51
C11 SIA T . 8.11 57.84 -8.58
N5 SIA T . 7.44 60.06 -9.01
O1A SIA T . 3.78 63.84 -8.82
O1B SIA T . 4.30 63.30 -10.86
O2 SIA T . 6.29 65.47 -9.48
O4 SIA T . 7.19 61.91 -6.58
O6 SIA T . 6.98 63.47 -10.38
O7 SIA T . 9.37 62.06 -11.28
O8 SIA T . 6.19 62.01 -13.06
O9 SIA T . 8.58 62.64 -15.06
O10 SIA T . 9.50 59.76 -8.07
C1 GOL U . -3.70 32.89 -8.59
O1 GOL U . -2.40 32.35 -8.30
C2 GOL U . -4.70 31.81 -8.95
O2 GOL U . -4.42 31.31 -10.26
C3 GOL U . -4.72 30.64 -7.98
O3 GOL U . -5.42 30.94 -6.78
C1 EDO V . 2.73 25.55 13.98
O1 EDO V . 3.40 24.55 13.23
C2 EDO V . 2.57 25.20 15.41
O2 EDO V . 2.78 26.28 16.30
MG MG W . -19.81 28.24 2.32
C1 SIA X . -20.87 52.39 -30.98
C2 SIA X . -21.08 53.50 -29.95
C3 SIA X . -21.99 53.09 -28.77
C4 SIA X . -21.34 52.06 -27.82
C5 SIA X . -19.88 52.41 -27.48
C6 SIA X . -19.10 52.84 -28.74
C7 SIA X . -17.73 53.43 -28.44
C8 SIA X . -17.07 53.93 -29.73
C9 SIA X . -15.63 54.34 -29.50
C10 SIA X . -18.91 51.24 -25.55
C11 SIA X . -18.25 49.96 -25.05
N5 SIA X . -19.20 51.26 -26.85
O1A SIA X . -21.81 51.60 -31.16
O1B SIA X . -19.77 52.32 -31.61
O2 SIA X . -21.63 54.65 -30.62
O4 SIA X . -22.10 51.99 -26.59
O6 SIA X . -19.81 53.88 -29.45
O7 SIA X . -17.90 54.54 -27.55
O8 SIA X . -17.15 52.91 -30.73
O9 SIA X . -15.19 55.25 -30.50
O10 SIA X . -19.16 52.15 -24.75
C1 EDO Y . -10.15 23.81 -22.26
O1 EDO Y . -9.60 24.23 -21.03
C2 EDO Y . -9.56 22.55 -22.83
O2 EDO Y . -8.16 22.48 -22.78
C1 EDO Z . -22.35 17.93 -2.16
O1 EDO Z . -21.15 17.88 -1.40
C2 EDO Z . -23.54 17.36 -1.49
O2 EDO Z . -24.53 18.29 -1.10
MG MG AA . -21.96 8.07 -25.70
MG MG BA . -31.01 33.85 -10.64
C1 GOL CA . 3.43 15.54 -30.07
O1 GOL CA . 2.37 16.07 -29.28
C2 GOL CA . 4.59 15.05 -29.21
O2 GOL CA . 5.10 16.13 -28.41
C3 GOL CA . 4.23 13.91 -28.28
O3 GOL CA . 3.85 12.73 -28.99
C1 GOL DA . 0.55 1.37 -41.66
O1 GOL DA . 1.94 1.17 -41.42
C2 GOL DA . 0.24 1.57 -43.13
O2 GOL DA . 0.66 0.43 -43.87
C3 GOL DA . 0.88 2.82 -43.72
O3 GOL DA . 0.13 3.99 -43.43
C1 EDO EA . -14.99 -1.98 -25.53
O1 EDO EA . -15.76 -1.99 -26.72
C2 EDO EA . -14.19 -0.74 -25.38
O2 EDO EA . -14.27 -0.13 -24.10
MG MG FA . 10.02 -2.79 -33.09
C1 GOL GA . 22.30 26.80 -47.60
O1 GOL GA . 21.93 25.43 -47.68
C2 GOL GA . 23.11 27.19 -48.82
O2 GOL GA . 22.52 26.64 -50.00
C3 GOL GA . 23.26 28.69 -48.94
O3 GOL GA . 24.26 29.03 -49.90
C1 GOL HA . 34.44 10.49 -25.24
O1 GOL HA . 33.53 11.56 -25.47
C2 GOL HA . 34.21 9.83 -23.90
O2 GOL HA . 35.05 8.69 -23.76
C3 GOL HA . 34.45 10.77 -22.73
O3 GOL HA . 33.86 10.26 -21.55
C1 EDO IA . 17.18 -5.70 -23.41
O1 EDO IA . 17.60 -6.15 -24.69
C2 EDO IA . 16.67 -4.30 -23.42
O2 EDO IA . 15.32 -4.11 -23.00
C1 EDO JA . 17.95 18.71 -18.74
O1 EDO JA . 18.99 17.75 -18.84
C2 EDO JA . 18.35 20.04 -19.28
O2 EDO JA . 17.29 20.96 -19.32
C1 GOL KA . 4.41 -32.54 8.75
O1 GOL KA . 4.75 -31.56 9.72
C2 GOL KA . 3.26 -32.09 7.85
O2 GOL KA . 2.08 -31.96 8.62
C3 GOL KA . 3.52 -30.79 7.13
O3 GOL KA . 4.26 -30.98 5.92
C1 EDO LA . 23.27 -17.04 1.22
O1 EDO LA . 24.61 -17.16 1.63
C2 EDO LA . 22.31 -17.63 2.18
O2 EDO LA . 21.56 -16.70 2.96
MG MG MA . 6.09 -32.57 -11.22
MG MG NA . 29.97 -34.95 8.47
MG MG OA . 26.19 -17.90 12.94
C1 GOL PA . -21.31 -36.71 -8.04
O1 GOL PA . -21.82 -37.43 -6.92
C2 GOL PA . -22.40 -35.93 -8.74
O2 GOL PA . -23.16 -36.81 -9.58
C3 GOL PA . -23.34 -35.21 -7.80
O3 GOL PA . -23.12 -33.80 -7.77
C1 GOL QA . -13.19 -30.71 7.40
O1 GOL QA . -11.77 -30.61 7.46
C2 GOL QA . -13.87 -29.44 7.86
O2 GOL QA . -13.46 -29.11 9.18
C3 GOL QA . -13.56 -28.26 6.95
O3 GOL QA . -14.07 -28.46 5.64
C1 EDO RA . -2.76 -25.57 -15.66
O1 EDO RA . -2.77 -26.78 -16.38
C2 EDO RA . -2.84 -25.76 -14.19
O2 EDO RA . -1.86 -25.05 -13.44
MG MG SA . -26.40 -22.57 -4.92
C1 GOL TA . -35.72 -46.92 25.18
O1 GOL TA . -35.18 -47.78 26.18
C2 GOL TA . -34.94 -46.96 23.90
O2 GOL TA . -35.00 -48.26 23.31
C3 GOL TA . -35.41 -45.91 22.91
O3 GOL TA . -34.74 -45.98 21.64
C1 GOL UA . -41.38 -39.74 12.91
O1 GOL UA . -41.37 -40.71 13.96
C2 GOL UA . -40.29 -40.01 11.90
O2 GOL UA . -39.02 -39.85 12.53
C3 GOL UA . -40.38 -41.40 11.30
O3 GOL UA . -39.39 -41.67 10.32
C1 GOL VA . -35.01 -11.54 19.92
O1 GOL VA . -34.35 -10.72 20.87
C2 GOL VA . -36.23 -12.24 20.51
O2 GOL VA . -37.00 -12.83 19.48
C3 GOL VA . -35.87 -13.28 21.55
O3 GOL VA . -35.56 -14.54 20.95
C1 GOL WA . -18.34 -20.25 20.38
C1 GOL WA . -18.07 -20.21 20.34
O1 GOL WA . -17.60 -20.76 19.27
O1 GOL WA . -17.75 -20.80 19.08
C2 GOL WA . -17.66 -19.04 20.98
C2 GOL WA . -16.97 -19.29 20.82
O2 GOL WA . -16.40 -19.42 21.55
O2 GOL WA . -17.25 -18.86 22.15
C3 GOL WA . -17.44 -17.93 19.99
C3 GOL WA . -15.60 -19.95 20.77
O3 GOL WA . -18.57 -17.07 19.91
O3 GOL WA . -14.59 -19.03 20.35
C1 EDO XA . -26.77 -11.63 -0.65
O1 EDO XA . -25.47 -11.88 -1.21
C2 EDO XA . -27.62 -10.78 -1.51
O2 EDO XA . -28.81 -11.41 -2.02
MG MG YA . -26.35 -1.98 22.90
MG MG ZA . -39.94 -25.13 6.87
C1 GOL AB . -24.10 -28.81 52.28
O1 GOL AB . -23.61 -30.11 52.63
C2 GOL AB . -24.58 -28.75 50.85
O2 GOL AB . -25.77 -29.52 50.69
C3 GOL AB . -24.84 -27.33 50.39
O3 GOL AB . -25.23 -27.25 49.02
C1 GOL BB . -29.41 -15.32 48.09
O1 GOL BB . -29.31 -16.50 48.89
C2 GOL BB . -29.96 -15.64 46.71
O2 GOL BB . -29.01 -16.44 46.02
C3 GOL BB . -31.30 -16.34 46.78
O3 GOL BB . -31.88 -16.54 45.50
C1 GOL CB . -20.77 -15.83 58.06
O1 GOL CB . -21.78 -16.74 57.59
C2 GOL CB . -19.37 -16.31 57.74
O2 GOL CB . -19.07 -17.45 58.55
C3 GOL CB . -19.14 -16.62 56.27
O3 GOL CB . -17.85 -17.19 56.03
C1 GOL DB . -5.03 -2.27 43.46
O1 GOL DB . -6.06 -3.19 43.09
C2 GOL DB . -5.24 -0.91 42.84
O2 GOL DB . -4.64 0.08 43.67
C3 GOL DB . -4.69 -0.78 41.43
O3 GOL DB . -3.26 -0.90 41.38
C1 GOL EB . -4.45 -15.50 30.00
O1 GOL EB . -5.45 -15.67 29.00
C2 GOL EB . -3.07 -15.26 29.41
O2 GOL EB . -2.61 -16.43 28.74
C3 GOL EB . -3.01 -14.11 28.43
O3 GOL EB . -2.99 -12.85 29.09
C1 EDO FB . -16.66 4.45 23.62
O1 EDO FB . -16.79 3.85 22.34
C2 EDO FB . -17.11 5.87 23.68
O2 EDO FB . -18.10 6.17 24.67
MG MG GB . 6.27 0.76 34.15
MG MG HB . -23.91 -2.56 40.93
C1 GOL IB . 9.86 -22.17 20.36
O1 GOL IB . 11.06 -21.45 20.64
C2 GOL IB . 9.78 -23.44 21.18
O2 GOL IB . 8.67 -24.21 20.73
C3 GOL IB . 9.67 -23.19 22.67
O3 GOL IB . 8.62 -22.29 23.01
C1 EDO JB . 14.68 1.96 25.32
O1 EDO JB . 15.08 2.36 26.62
C2 EDO JB . 13.87 0.72 25.33
O2 EDO JB . 12.54 0.85 24.80
#